data_6V0A
#
_entry.id   6V0A
#
_cell.length_a   110.859
_cell.length_b   144.616
_cell.length_c   234.887
_cell.angle_alpha   90.000
_cell.angle_beta   90.000
_cell.angle_gamma   90.000
#
_symmetry.space_group_name_H-M   'P 21 21 21'
#
loop_
_entity.id
_entity.type
_entity.pdbx_description
1 polymer 'Nitrite reductase (cytochrome; ammonia-forming)'
2 non-polymer 'HEME C'
3 non-polymer 'SULFATE ION'
4 water water
#
_entity_poly.entity_id   1
_entity_poly.type   'polypeptide(L)'
_entity_poly.pdbx_seq_one_letter_code
;MRSKLLVPLVAAALCGAAITACAPPKAEQAKIAEIPDGTIDPAVWGKNYPEEYQTWKDTALPTPEGKSKYKKGNDGGKVY
DKLSEYPFIALLFNGWGFGIEYNEPRGHVYMMKDQKEIDPSRLKGGGACLTCKTPYAPQLAQKQGVTYFSQSYADAVNQI
PKEHQEMGVACIDCHNNKDMGLKISRGFTLVKALDKMGVDQTKLTNQDKRSLVCAQCHVTYTIPKDANMKSQDVFFPWDE
SKWGKISIENIIKKMRSDKSYGEWTQAVTGFKMAYIRHPEFEMYSNQSVHWMAGVSCADCHMPYTKVGSKKISDHRIMSP
LKNDFKGCKQCHSESSEWLKNQVITIQDRAASQYIRSGYALATVAKLFEMTHKQQAAGKQIDQKMYDQAKFYYEEGFYRN
LFFGAENSIGFHNPTEAMRILGDATMYAGKADGLLRQALTKAGVDVPVKIDLELSKYTNNRGAKKLMFKPEQELKDPYGP
QK
;
_entity_poly.pdbx_strand_id   A,B,C,D,E,F
#
loop_
_chem_comp.id
_chem_comp.type
_chem_comp.name
_chem_comp.formula
HEC non-polymer 'HEME C' 'C34 H34 Fe N4 O4'
SO4 non-polymer 'SULFATE ION' 'O4 S -2'
#
# COMPACT_ATOMS: atom_id res chain seq x y z
N ILE A 35 53.93 -8.95 1.70
CA ILE A 35 53.91 -9.92 2.82
C ILE A 35 53.57 -11.32 2.33
N PRO A 36 54.52 -12.24 2.46
CA PRO A 36 54.35 -13.58 1.88
C PRO A 36 53.27 -14.39 2.57
N ASP A 37 52.71 -15.35 1.83
CA ASP A 37 51.72 -16.26 2.36
C ASP A 37 52.34 -17.16 3.43
N GLY A 38 51.49 -17.64 4.34
CA GLY A 38 51.95 -18.50 5.40
C GLY A 38 52.77 -17.84 6.49
N THR A 39 52.77 -16.51 6.57
CA THR A 39 53.59 -15.77 7.51
C THR A 39 52.77 -15.31 8.71
N ILE A 40 52.98 -15.97 9.84
CA ILE A 40 52.41 -15.52 11.10
C ILE A 40 53.31 -14.47 11.77
N ASP A 41 54.62 -14.57 11.57
CA ASP A 41 55.57 -13.67 12.23
C ASP A 41 55.18 -12.21 11.99
N PRO A 42 54.76 -11.50 13.04
CA PRO A 42 54.35 -10.10 12.87
C PRO A 42 55.49 -9.21 12.45
N ALA A 43 56.73 -9.62 12.70
CA ALA A 43 57.89 -8.83 12.28
C ALA A 43 57.91 -8.69 10.77
N VAL A 44 57.58 -9.78 10.05
CA VAL A 44 57.52 -9.73 8.59
C VAL A 44 56.41 -8.80 8.12
N TRP A 45 55.22 -8.90 8.75
CA TRP A 45 54.12 -8.01 8.40
C TRP A 45 54.49 -6.54 8.66
N GLY A 46 55.14 -6.27 9.79
CA GLY A 46 55.42 -4.88 10.07
C GLY A 46 56.67 -4.34 9.44
N LYS A 47 57.35 -5.12 8.60
CA LYS A 47 58.55 -4.61 7.95
C LYS A 47 58.24 -3.41 7.05
N ASN A 48 57.03 -3.33 6.51
CA ASN A 48 56.65 -2.18 5.71
C ASN A 48 55.59 -1.32 6.38
N TYR A 49 55.23 -1.62 7.61
CA TYR A 49 54.28 -0.80 8.36
C TYR A 49 54.84 -0.59 9.74
N PRO A 50 55.97 0.12 9.84
CA PRO A 50 56.68 0.15 11.12
C PRO A 50 55.90 0.84 12.22
N GLU A 51 55.17 1.90 11.90
CA GLU A 51 54.47 2.62 12.96
C GLU A 51 53.45 1.73 13.64
N GLU A 52 52.59 1.08 12.86
CA GLU A 52 51.57 0.21 13.43
C GLU A 52 52.22 -0.94 14.18
N TYR A 53 53.29 -1.49 13.63
CA TYR A 53 54.00 -2.55 14.31
C TYR A 53 54.48 -2.08 15.67
N GLN A 54 54.99 -0.84 15.73
CA GLN A 54 55.57 -0.32 16.96
C GLN A 54 54.51 -0.09 18.04
N THR A 55 53.39 0.54 17.68
CA THR A 55 52.36 0.70 18.70
C THR A 55 51.73 -0.64 19.07
N TRP A 56 51.69 -1.59 18.12
CA TRP A 56 51.21 -2.93 18.43
C TRP A 56 52.13 -3.60 19.45
N LYS A 57 53.44 -3.48 19.26
CA LYS A 57 54.37 -4.00 20.26
C LYS A 57 54.19 -3.34 21.61
N ASP A 58 53.82 -2.05 21.61
CA ASP A 58 53.86 -1.27 22.83
C ASP A 58 52.77 -1.60 23.84
N THR A 59 51.82 -2.47 23.49
CA THR A 59 50.91 -2.96 24.53
C THR A 59 51.66 -3.77 25.57
N ALA A 60 52.93 -4.10 25.33
CA ALA A 60 53.76 -4.63 26.40
C ALA A 60 54.08 -3.58 27.44
N LEU A 61 54.00 -2.30 27.09
CA LEU A 61 54.34 -1.27 28.06
C LEU A 61 53.35 -1.27 29.20
N PRO A 62 53.80 -1.04 30.43
CA PRO A 62 52.84 -0.85 31.52
C PRO A 62 52.05 0.42 31.27
N THR A 63 50.79 0.36 31.69
CA THR A 63 49.93 1.51 31.53
C THR A 63 50.13 2.47 32.70
N PRO A 64 49.80 3.74 32.50
CA PRO A 64 50.01 4.73 33.56
C PRO A 64 49.07 4.56 34.74
N GLU A 65 49.65 4.68 35.94
CA GLU A 65 48.86 4.55 37.16
C GLU A 65 47.97 5.78 37.34
N GLY A 66 46.86 5.58 38.05
CA GLY A 66 46.03 6.67 38.52
C GLY A 66 45.21 7.40 37.50
N LYS A 67 45.03 6.83 36.32
CA LYS A 67 44.23 7.48 35.29
C LYS A 67 42.85 6.85 35.16
N SER A 68 42.72 5.56 35.46
CA SER A 68 41.43 4.89 35.41
C SER A 68 41.00 4.48 36.82
N LYS A 69 39.69 4.47 37.04
CA LYS A 69 39.19 4.04 38.36
C LYS A 69 38.98 2.54 38.41
N TYR A 70 38.39 1.96 37.35
CA TYR A 70 37.93 0.57 37.42
C TYR A 70 38.79 -0.42 36.66
N LYS A 71 39.52 0.02 35.63
CA LYS A 71 40.30 -0.91 34.81
C LYS A 71 41.77 -0.56 34.97
N LYS A 72 42.43 -1.13 35.97
CA LYS A 72 43.79 -0.75 36.32
C LYS A 72 44.82 -1.84 36.01
N GLY A 73 44.47 -2.82 35.18
CA GLY A 73 45.39 -3.91 34.84
C GLY A 73 46.73 -3.51 34.27
N ASN A 74 47.80 -3.96 34.91
CA ASN A 74 49.20 -3.67 34.56
C ASN A 74 49.58 -2.20 34.73
N ASP A 75 48.77 -1.42 35.45
CA ASP A 75 49.15 -0.05 35.77
C ASP A 75 50.40 -0.07 36.63
N GLY A 76 51.47 0.54 36.14
CA GLY A 76 52.72 0.44 36.85
C GLY A 76 53.15 -0.99 37.07
N GLY A 77 52.73 -1.91 36.21
CA GLY A 77 53.11 -3.30 36.32
C GLY A 77 52.35 -4.12 37.34
N LYS A 78 51.27 -3.59 37.90
CA LYS A 78 50.58 -4.27 38.98
C LYS A 78 49.51 -5.20 38.41
N VAL A 79 49.28 -6.32 39.10
CA VAL A 79 48.18 -7.22 38.77
C VAL A 79 47.03 -6.94 39.71
N TYR A 80 45.84 -6.76 39.15
CA TYR A 80 44.67 -6.47 39.95
C TYR A 80 43.82 -7.72 40.02
N ASP A 81 43.56 -8.17 41.24
CA ASP A 81 42.79 -9.38 41.51
C ASP A 81 41.32 -9.00 41.62
N LYS A 82 40.50 -9.42 40.64
CA LYS A 82 39.08 -9.05 40.63
C LYS A 82 38.36 -9.62 41.84
N LEU A 83 38.84 -10.75 42.36
CA LEU A 83 38.25 -11.34 43.56
C LEU A 83 38.51 -10.49 44.80
N SER A 84 39.51 -9.60 44.76
CA SER A 84 39.69 -8.66 45.86
C SER A 84 38.98 -7.36 45.59
N GLU A 85 38.83 -6.99 44.30
CA GLU A 85 38.04 -5.81 43.95
C GLU A 85 36.56 -6.00 44.25
N TYR A 86 36.04 -7.20 43.96
CA TYR A 86 34.63 -7.52 44.16
C TYR A 86 34.55 -8.78 45.00
N PRO A 87 34.66 -8.66 46.32
CA PRO A 87 34.82 -9.87 47.15
C PRO A 87 33.70 -10.88 46.98
N PHE A 88 32.48 -10.43 46.64
CA PHE A 88 31.36 -11.35 46.53
C PHE A 88 31.57 -12.37 45.41
N ILE A 89 32.29 -12.02 44.35
CA ILE A 89 32.50 -13.00 43.30
C ILE A 89 33.42 -14.12 43.74
N ALA A 90 34.28 -13.87 44.74
CA ALA A 90 35.06 -14.99 45.26
C ALA A 90 34.15 -16.06 45.84
N LEU A 91 33.05 -15.67 46.47
CA LEU A 91 32.09 -16.66 46.93
C LEU A 91 31.27 -17.20 45.77
N LEU A 92 30.79 -16.34 44.87
CA LEU A 92 29.84 -16.81 43.88
C LEU A 92 30.50 -17.77 42.91
N PHE A 93 31.74 -17.46 42.52
CA PHE A 93 32.56 -18.31 41.67
C PHE A 93 33.42 -19.08 42.65
N ASN A 94 33.05 -20.30 42.95
CA ASN A 94 33.86 -21.09 43.87
C ASN A 94 33.42 -22.50 43.57
N GLY A 95 34.39 -23.35 43.29
CA GLY A 95 34.12 -24.62 42.69
C GLY A 95 34.74 -24.74 41.34
N TRP A 96 35.32 -23.66 40.82
CA TRP A 96 36.20 -23.77 39.64
C TRP A 96 37.13 -22.56 39.57
N GLY A 97 37.79 -22.42 38.42
CA GLY A 97 38.95 -21.54 38.32
C GLY A 97 38.64 -20.09 38.61
N PHE A 98 37.45 -19.64 38.21
CA PHE A 98 37.16 -18.22 38.38
C PHE A 98 37.11 -17.86 39.85
N GLY A 99 36.92 -18.84 40.73
CA GLY A 99 37.03 -18.61 42.14
C GLY A 99 38.40 -18.73 42.72
N ILE A 100 39.40 -18.95 41.87
CA ILE A 100 40.79 -19.04 42.31
C ILE A 100 41.63 -17.88 41.78
N GLU A 101 41.61 -17.64 40.47
CA GLU A 101 42.35 -16.53 39.89
C GLU A 101 41.60 -15.92 38.73
N TYR A 102 41.43 -14.61 38.77
CA TYR A 102 40.64 -13.91 37.79
C TYR A 102 41.05 -12.44 37.91
N ASN A 103 41.92 -12.01 36.98
CA ASN A 103 42.59 -10.72 37.07
C ASN A 103 42.05 -9.78 36.01
N GLU A 104 42.27 -8.49 36.24
CA GLU A 104 41.92 -7.51 35.21
C GLU A 104 42.74 -7.80 33.96
N PRO A 105 42.22 -7.46 32.78
CA PRO A 105 43.00 -7.71 31.55
C PRO A 105 44.09 -6.67 31.39
N ARG A 106 45.13 -7.05 30.64
CA ARG A 106 46.20 -6.12 30.31
C ARG A 106 46.42 -6.14 28.81
N GLY A 107 47.56 -5.60 28.36
CA GLY A 107 47.81 -5.51 26.94
C GLY A 107 47.85 -6.84 26.21
N HIS A 108 47.59 -6.70 24.92
CA HIS A 108 47.40 -7.82 24.00
C HIS A 108 48.60 -8.74 23.96
N VAL A 109 49.81 -8.17 24.01
CA VAL A 109 51.01 -8.97 23.86
C VAL A 109 51.08 -10.09 24.90
N TYR A 110 50.54 -9.85 26.11
CA TYR A 110 50.61 -10.78 27.24
C TYR A 110 49.54 -11.86 27.22
N MET A 111 48.71 -11.85 26.20
CA MET A 111 47.55 -12.72 26.08
C MET A 111 47.91 -14.19 26.34
N MET A 112 48.88 -14.73 25.60
CA MET A 112 49.31 -16.12 25.81
C MET A 112 50.07 -16.26 27.11
N LYS A 113 50.91 -15.29 27.43
CA LYS A 113 51.69 -15.40 28.66
C LYS A 113 50.79 -15.50 29.88
N ASP A 114 49.76 -14.66 29.96
CA ASP A 114 48.87 -14.67 31.11
C ASP A 114 48.09 -15.98 31.22
N GLN A 115 47.67 -16.53 30.08
CA GLN A 115 47.05 -17.84 30.13
C GLN A 115 48.03 -18.92 30.57
N LYS A 116 49.30 -18.75 30.22
CA LYS A 116 50.29 -19.72 30.67
C LYS A 116 50.43 -19.67 32.19
N GLU A 117 50.38 -18.49 32.79
CA GLU A 117 50.66 -18.38 34.22
C GLU A 117 49.40 -18.40 35.07
N ILE A 118 48.21 -18.39 34.45
CA ILE A 118 47.01 -18.44 35.24
C ILE A 118 46.97 -19.76 36.01
N ASP A 119 46.29 -19.73 37.14
CA ASP A 119 46.16 -20.91 37.93
C ASP A 119 45.57 -22.05 37.10
N PRO A 120 46.11 -23.27 37.22
CA PRO A 120 45.67 -24.37 36.34
C PRO A 120 44.19 -24.67 36.43
N SER A 121 43.53 -24.33 37.54
CA SER A 121 42.09 -24.54 37.62
C SER A 121 41.38 -23.88 36.44
N ARG A 122 41.80 -22.67 36.06
CA ARG A 122 41.17 -22.07 34.89
C ARG A 122 41.55 -22.76 33.59
N LEU A 123 42.69 -23.45 33.55
CA LEU A 123 43.09 -24.12 32.32
C LEU A 123 42.37 -25.44 32.13
N LYS A 124 41.51 -25.82 33.06
CA LYS A 124 40.76 -27.05 32.91
C LYS A 124 39.84 -27.02 31.69
N GLY A 125 39.60 -25.85 31.11
CA GLY A 125 38.84 -25.78 29.86
C GLY A 125 39.53 -26.47 28.70
N GLY A 126 40.84 -26.72 28.81
CA GLY A 126 41.54 -27.51 27.81
C GLY A 126 41.94 -26.72 26.57
N GLY A 127 42.08 -27.46 25.46
CA GLY A 127 42.52 -26.86 24.21
C GLY A 127 41.61 -25.78 23.68
N ALA A 128 40.33 -25.81 24.08
CA ALA A 128 39.40 -24.78 23.66
C ALA A 128 39.91 -23.40 24.01
N CYS A 129 40.74 -23.29 25.05
CA CYS A 129 41.16 -21.99 25.54
C CYS A 129 42.20 -21.32 24.66
N LEU A 130 42.68 -22.00 23.60
CA LEU A 130 43.58 -21.39 22.64
C LEU A 130 42.87 -20.47 21.66
N THR A 131 41.53 -20.55 21.61
CA THR A 131 40.76 -20.05 20.49
C THR A 131 40.90 -18.54 20.31
N CYS A 132 41.09 -17.79 21.40
CA CYS A 132 41.19 -16.34 21.33
C CYS A 132 42.54 -15.87 21.84
N LYS A 133 43.58 -16.65 21.59
CA LYS A 133 44.90 -16.32 22.12
C LYS A 133 46.03 -16.56 21.15
N THR A 134 45.97 -17.57 20.27
CA THR A 134 47.07 -17.82 19.36
C THR A 134 46.63 -17.60 17.92
N PRO A 135 47.46 -16.97 17.10
CA PRO A 135 47.19 -16.97 15.65
C PRO A 135 47.19 -18.38 15.06
N TYR A 136 47.70 -19.39 15.80
CA TYR A 136 47.63 -20.78 15.39
C TYR A 136 46.25 -21.41 15.61
N ALA A 137 45.34 -20.73 16.30
CA ALA A 137 44.08 -21.36 16.66
C ALA A 137 43.29 -21.85 15.45
N PRO A 138 43.07 -21.05 14.40
CA PRO A 138 42.30 -21.58 13.26
C PRO A 138 42.92 -22.82 12.64
N GLN A 139 44.23 -22.82 12.36
CA GLN A 139 44.82 -23.99 11.74
C GLN A 139 44.81 -25.19 12.68
N LEU A 140 45.01 -24.97 13.99
CA LEU A 140 44.94 -26.11 14.91
C LEU A 140 43.54 -26.69 14.98
N ALA A 141 42.51 -25.84 14.95
CA ALA A 141 41.13 -26.28 14.93
C ALA A 141 40.82 -27.11 13.69
N GLN A 142 41.26 -26.65 12.53
CA GLN A 142 40.98 -27.35 11.28
C GLN A 142 41.80 -28.62 11.14
N LYS A 143 42.91 -28.73 11.85
CA LYS A 143 43.75 -29.91 11.76
C LYS A 143 43.43 -30.97 12.81
N GLN A 144 42.88 -30.58 13.96
CA GLN A 144 42.66 -31.54 15.03
C GLN A 144 41.19 -31.95 15.22
N GLY A 145 40.24 -31.26 14.60
CA GLY A 145 38.84 -31.60 14.82
C GLY A 145 38.45 -31.44 16.27
N VAL A 146 37.62 -32.35 16.76
CA VAL A 146 37.12 -32.24 18.12
C VAL A 146 38.25 -32.34 19.14
N THR A 147 39.34 -33.03 18.79
CA THR A 147 40.48 -33.10 19.69
C THR A 147 41.01 -31.72 20.05
N TYR A 148 40.89 -30.76 19.12
CA TYR A 148 41.34 -29.39 19.39
C TYR A 148 40.73 -28.87 20.69
N PHE A 149 39.43 -29.06 20.88
CA PHE A 149 38.75 -28.61 22.09
C PHE A 149 38.96 -29.57 23.26
N SER A 150 38.91 -30.87 23.01
CA SER A 150 38.85 -31.85 24.10
C SER A 150 40.19 -32.10 24.76
N GLN A 151 41.29 -31.87 24.06
CA GLN A 151 42.60 -32.16 24.62
C GLN A 151 42.89 -31.26 25.82
N SER A 152 43.88 -31.69 26.60
CA SER A 152 44.35 -30.90 27.72
C SER A 152 45.00 -29.62 27.20
N TYR A 153 45.07 -28.61 28.06
CA TYR A 153 45.69 -27.36 27.63
C TYR A 153 47.15 -27.57 27.28
N ALA A 154 47.86 -28.40 28.06
CA ALA A 154 49.28 -28.64 27.82
C ALA A 154 49.50 -29.29 26.46
N ASP A 155 48.70 -30.29 26.12
CA ASP A 155 48.83 -30.89 24.79
C ASP A 155 48.48 -29.88 23.71
N ALA A 156 47.46 -29.05 23.95
CA ALA A 156 47.11 -28.03 22.98
C ALA A 156 48.29 -27.09 22.72
N VAL A 157 48.93 -26.59 23.77
CA VAL A 157 50.07 -25.71 23.57
C VAL A 157 51.20 -26.46 22.84
N ASN A 158 51.35 -27.76 23.11
CA ASN A 158 52.42 -28.51 22.47
C ASN A 158 52.20 -28.69 20.98
N GLN A 159 50.98 -28.46 20.49
CA GLN A 159 50.74 -28.37 19.05
C GLN A 159 51.43 -27.17 18.42
N ILE A 160 51.75 -26.15 19.20
CA ILE A 160 52.37 -24.95 18.66
C ILE A 160 53.88 -25.10 18.74
N PRO A 161 54.63 -24.62 17.74
CA PRO A 161 56.09 -24.55 17.87
C PRO A 161 56.51 -23.79 19.13
N LYS A 162 57.52 -24.32 19.82
CA LYS A 162 57.90 -23.79 21.12
C LYS A 162 58.26 -22.31 21.06
N GLU A 163 58.86 -21.87 19.95
CA GLU A 163 59.27 -20.47 19.82
C GLU A 163 58.07 -19.54 19.70
N HIS A 164 56.90 -20.06 19.34
CA HIS A 164 55.72 -19.25 19.10
C HIS A 164 54.67 -19.45 20.16
N GLN A 165 55.01 -20.17 21.24
CA GLN A 165 54.02 -20.56 22.23
C GLN A 165 53.60 -19.43 23.17
N GLU A 166 54.25 -18.27 23.09
CA GLU A 166 53.79 -17.12 23.87
C GLU A 166 53.36 -15.99 22.94
N MET A 167 53.13 -16.29 21.68
CA MET A 167 52.71 -15.30 20.69
C MET A 167 51.24 -14.98 20.83
N GLY A 168 50.93 -13.72 21.11
CA GLY A 168 49.56 -13.25 21.21
C GLY A 168 49.00 -12.87 19.86
N VAL A 169 47.86 -12.15 19.89
CA VAL A 169 47.19 -11.71 18.67
C VAL A 169 48.18 -10.97 17.77
N ALA A 170 48.25 -11.39 16.51
CA ALA A 170 49.18 -10.85 15.52
C ALA A 170 48.42 -10.22 14.36
N CYS A 171 49.17 -9.57 13.47
CA CYS A 171 48.55 -8.84 12.36
C CYS A 171 47.66 -9.74 11.53
N ILE A 172 48.07 -11.00 11.34
CA ILE A 172 47.26 -11.90 10.53
C ILE A 172 45.90 -12.15 11.14
N ASP A 173 45.76 -11.93 12.44
CA ASP A 173 44.47 -12.16 13.08
C ASP A 173 43.43 -11.10 12.68
N CYS A 174 43.83 -9.92 12.18
CA CYS A 174 42.87 -8.90 11.79
C CYS A 174 43.06 -8.36 10.38
N HIS A 175 44.06 -8.81 9.63
CA HIS A 175 44.36 -8.26 8.33
C HIS A 175 44.64 -9.35 7.34
N ASN A 176 44.24 -9.13 6.09
CA ASN A 176 44.70 -10.00 5.01
C ASN A 176 46.01 -9.46 4.43
N ASN A 177 46.88 -10.40 4.00
CA ASN A 177 48.24 -10.08 3.62
C ASN A 177 48.36 -9.54 2.19
N LYS A 178 47.27 -9.54 1.41
CA LYS A 178 47.38 -9.00 0.07
C LYS A 178 47.20 -7.49 0.07
N ASP A 179 46.15 -6.96 0.71
CA ASP A 179 45.90 -5.52 0.71
C ASP A 179 45.90 -4.86 2.09
N MET A 180 46.11 -5.62 3.18
CA MET A 180 45.95 -5.20 4.57
C MET A 180 44.52 -4.87 4.97
N GLY A 181 43.55 -5.17 4.13
CA GLY A 181 42.16 -4.97 4.52
C GLY A 181 41.81 -5.77 5.76
N LEU A 182 40.81 -5.29 6.49
CA LEU A 182 40.35 -5.96 7.73
C LEU A 182 39.76 -7.33 7.38
N LYS A 183 40.25 -8.40 8.00
CA LYS A 183 39.73 -9.77 7.72
C LYS A 183 39.39 -10.45 9.04
N ILE A 184 38.35 -11.29 9.06
CA ILE A 184 37.94 -12.00 10.30
C ILE A 184 38.63 -13.37 10.34
N SER A 185 39.72 -13.49 11.10
CA SER A 185 40.44 -14.76 11.20
C SER A 185 39.59 -15.87 11.81
N ARG A 186 38.80 -15.54 12.84
CA ARG A 186 38.06 -16.55 13.61
C ARG A 186 36.76 -16.91 12.91
N GLY A 187 36.90 -17.70 11.84
CA GLY A 187 35.72 -18.17 11.13
C GLY A 187 34.95 -19.20 11.94
N PHE A 188 35.66 -20.15 12.56
CA PHE A 188 34.95 -21.22 13.23
C PHE A 188 34.24 -20.77 14.49
N THR A 189 34.35 -19.49 14.84
CA THR A 189 33.59 -18.96 15.95
C THR A 189 32.71 -17.80 15.52
N LEU A 190 33.28 -16.68 15.07
CA LEU A 190 32.50 -15.48 14.85
C LEU A 190 31.60 -15.59 13.63
N VAL A 191 32.11 -16.12 12.53
CA VAL A 191 31.27 -16.16 11.34
C VAL A 191 30.10 -17.13 11.52
N LYS A 192 30.31 -18.23 12.26
CA LYS A 192 29.23 -19.15 12.58
C LYS A 192 28.16 -18.45 13.44
N ALA A 193 28.59 -17.60 14.41
CA ALA A 193 27.62 -16.86 15.23
C ALA A 193 26.91 -15.81 14.37
N LEU A 194 27.63 -15.17 13.46
CA LEU A 194 26.99 -14.20 12.55
C LEU A 194 25.99 -14.88 11.62
N ASP A 195 26.31 -16.07 11.13
CA ASP A 195 25.34 -16.83 10.33
C ASP A 195 24.11 -17.19 11.15
N LYS A 196 24.31 -17.62 12.40
CA LYS A 196 23.18 -17.89 13.29
C LYS A 196 22.25 -16.69 13.41
N MET A 197 22.80 -15.48 13.27
CA MET A 197 22.02 -14.25 13.40
C MET A 197 21.43 -13.79 12.09
N GLY A 198 21.68 -14.50 11.00
CA GLY A 198 21.19 -14.09 9.69
C GLY A 198 21.98 -12.97 9.06
N VAL A 199 23.21 -12.74 9.49
CA VAL A 199 24.00 -11.64 8.96
C VAL A 199 24.60 -12.04 7.61
N ASP A 200 24.41 -11.18 6.61
CA ASP A 200 25.01 -11.37 5.29
C ASP A 200 26.37 -10.69 5.26
N GLN A 201 27.43 -11.51 5.20
CA GLN A 201 28.81 -11.02 5.24
C GLN A 201 29.12 -10.08 4.10
N THR A 202 28.34 -10.12 3.02
CA THR A 202 28.55 -9.22 1.90
C THR A 202 28.01 -7.85 2.31
N LEU A 204 28.42 -6.36 5.04
CA LEU A 204 29.17 -5.83 6.18
C LEU A 204 30.14 -4.75 5.75
N THR A 205 29.99 -3.56 6.33
CA THR A 205 30.83 -2.45 5.95
C THR A 205 32.16 -2.49 6.69
N ASN A 206 33.06 -1.61 6.26
CA ASN A 206 34.33 -1.49 6.94
C ASN A 206 34.16 -0.98 8.35
N GLN A 207 33.18 -0.09 8.58
CA GLN A 207 32.89 0.37 9.94
C GLN A 207 32.31 -0.75 10.80
N ASP A 208 31.60 -1.71 10.20
CA ASP A 208 31.21 -2.90 10.95
C ASP A 208 32.43 -3.72 11.36
N LYS A 209 33.37 -3.91 10.44
CA LYS A 209 34.55 -4.71 10.76
C LYS A 209 35.47 -3.99 11.74
N ARG A 210 35.38 -2.66 11.79
CA ARG A 210 36.12 -1.94 12.81
C ARG A 210 35.58 -2.23 14.20
N SER A 211 34.50 -3.01 14.31
CA SER A 211 34.15 -3.63 15.57
C SER A 211 34.25 -5.15 15.53
N LEU A 212 34.02 -5.78 14.36
CA LEU A 212 34.00 -7.23 14.31
C LEU A 212 35.38 -7.85 14.48
N VAL A 213 36.46 -7.14 14.09
CA VAL A 213 37.77 -7.73 14.35
C VAL A 213 38.02 -7.83 15.84
N CYS A 214 37.36 -6.98 16.65
CA CYS A 214 37.40 -7.07 18.10
C CYS A 214 36.46 -8.14 18.65
N ALA A 215 35.29 -8.29 18.01
CA ALA A 215 34.31 -9.31 18.35
C ALA A 215 34.80 -10.71 18.02
N GLN A 216 35.95 -10.85 17.37
CA GLN A 216 36.53 -12.18 17.27
C GLN A 216 36.82 -12.75 18.65
N CYS A 217 37.05 -11.89 19.64
CA CYS A 217 37.33 -12.40 20.98
C CYS A 217 36.61 -11.69 22.11
N HIS A 218 36.14 -10.45 21.95
CA HIS A 218 35.49 -9.71 23.04
C HIS A 218 33.98 -9.96 23.05
N VAL A 219 33.65 -11.23 23.25
CA VAL A 219 32.29 -11.73 23.23
C VAL A 219 32.18 -12.78 24.31
N THR A 220 30.94 -13.10 24.69
CA THR A 220 30.71 -14.26 25.52
C THR A 220 30.65 -15.53 24.67
N TYR A 221 31.02 -16.63 25.28
CA TYR A 221 31.12 -17.90 24.57
C TYR A 221 30.58 -19.01 25.45
N THR A 222 30.38 -20.17 24.83
CA THR A 222 29.94 -21.37 25.53
C THR A 222 30.86 -22.51 25.13
N ILE A 223 31.34 -23.26 26.10
CA ILE A 223 32.13 -24.47 25.84
C ILE A 223 31.28 -25.67 26.24
N PRO A 224 30.56 -26.29 25.31
CA PRO A 224 29.75 -27.47 25.67
C PRO A 224 30.64 -28.62 26.10
N LYS A 225 30.14 -29.40 27.06
CA LYS A 225 30.91 -30.46 27.69
C LYS A 225 30.24 -31.81 27.41
N ASP A 226 31.04 -32.88 27.46
CA ASP A 226 30.47 -34.21 27.32
C ASP A 226 30.27 -34.84 28.72
N ALA A 227 29.84 -36.11 28.72
CA ALA A 227 29.59 -36.85 29.96
C ALA A 227 30.80 -36.93 30.87
N ASN A 228 32.03 -36.80 30.34
CA ASN A 228 33.22 -36.78 31.17
C ASN A 228 33.74 -35.37 31.43
N MET A 229 32.90 -34.35 31.18
CA MET A 229 33.25 -32.94 31.37
C MET A 229 34.44 -32.54 30.49
N LYS A 230 34.45 -33.03 29.27
CA LYS A 230 35.49 -32.72 28.29
C LYS A 230 34.94 -31.70 27.29
N SER A 231 35.81 -30.77 26.87
CA SER A 231 35.34 -29.65 26.05
C SER A 231 35.06 -30.14 24.63
N GLN A 232 33.93 -29.72 24.08
CA GLN A 232 33.55 -30.22 22.76
C GLN A 232 33.60 -29.15 21.67
N ASP A 233 33.52 -27.88 22.02
CA ASP A 233 33.37 -26.80 21.04
C ASP A 233 33.59 -25.46 21.75
N VAL A 234 33.64 -24.40 20.95
CA VAL A 234 33.51 -23.02 21.44
C VAL A 234 32.54 -22.32 20.49
N PHE A 235 31.47 -21.76 21.02
CA PHE A 235 30.56 -20.99 20.17
C PHE A 235 29.99 -19.80 20.94
N PHE A 236 29.48 -18.82 20.19
CA PHE A 236 28.92 -17.61 20.78
C PHE A 236 27.41 -17.74 20.87
N PRO A 237 26.84 -17.73 22.07
CA PRO A 237 25.41 -18.06 22.22
C PRO A 237 24.51 -16.95 21.70
N TRP A 238 24.63 -16.63 20.41
CA TRP A 238 23.83 -15.57 19.81
C TRP A 238 22.55 -16.10 19.18
N ASP A 239 22.18 -17.34 19.50
CA ASP A 239 21.00 -17.97 18.92
C ASP A 239 19.75 -17.12 19.12
N GLU A 240 18.98 -16.95 18.05
CA GLU A 240 17.73 -16.19 18.03
C GLU A 240 17.92 -14.72 18.40
N SER A 241 19.13 -14.20 18.22
CA SER A 241 19.42 -12.78 18.38
C SER A 241 19.62 -12.17 17.00
N LYS A 242 19.47 -10.85 16.94
CA LYS A 242 19.65 -10.13 15.69
C LYS A 242 20.79 -9.13 15.85
N TRP A 243 21.43 -8.84 14.72
CA TRP A 243 22.44 -7.78 14.65
C TRP A 243 21.94 -6.52 15.36
N GLY A 244 22.73 -6.05 16.32
CA GLY A 244 22.37 -4.89 17.09
C GLY A 244 21.40 -5.16 18.23
N LYS A 245 21.12 -6.42 18.53
CA LYS A 245 20.08 -6.76 19.52
C LYS A 245 20.38 -8.14 20.11
N ILE A 246 21.54 -8.30 20.72
CA ILE A 246 21.93 -9.56 21.37
C ILE A 246 21.68 -9.37 22.87
N SER A 247 20.46 -9.67 23.31
CA SER A 247 20.01 -9.41 24.68
C SER A 247 20.48 -10.47 25.69
N ILE A 248 20.57 -10.05 26.96
CA ILE A 248 20.87 -11.01 28.02
C ILE A 248 19.77 -12.06 28.12
N GLU A 249 18.54 -11.70 27.79
CA GLU A 249 17.47 -12.68 27.83
C GLU A 249 17.71 -13.78 26.79
N ASN A 250 18.06 -13.41 25.56
CA ASN A 250 18.36 -14.40 24.53
C ASN A 250 19.51 -15.30 24.93
N ILE A 251 20.57 -14.71 25.48
CA ILE A 251 21.73 -15.49 25.90
C ILE A 251 21.33 -16.47 27.00
N ILE A 252 20.55 -16.02 27.99
CA ILE A 252 20.19 -16.94 29.07
C ILE A 252 19.34 -18.09 28.52
N LYS A 253 18.46 -17.79 27.57
CA LYS A 253 17.59 -18.83 27.05
C LYS A 253 18.38 -19.90 26.31
N LYS A 254 19.39 -19.49 25.54
CA LYS A 254 20.25 -20.47 24.89
C LYS A 254 21.05 -21.28 25.90
N MET A 255 21.62 -20.62 26.92
CA MET A 255 22.42 -21.32 27.92
C MET A 255 21.60 -22.34 28.67
N ARG A 256 20.32 -22.05 28.92
CA ARG A 256 19.45 -22.99 29.61
C ARG A 256 19.08 -24.17 28.73
N SER A 257 19.13 -23.99 27.40
CA SER A 257 18.50 -24.92 26.47
C SER A 257 19.12 -26.30 26.47
N ASP A 258 20.36 -26.46 26.94
CA ASP A 258 20.96 -27.81 26.88
C ASP A 258 21.85 -28.07 28.10
N LYS A 259 21.83 -29.30 28.61
CA LYS A 259 22.69 -29.67 29.76
C LYS A 259 24.15 -29.48 29.33
N SER A 260 24.51 -29.97 28.14
CA SER A 260 25.86 -29.80 27.63
C SER A 260 26.50 -28.48 28.09
N TYR A 261 25.70 -27.43 28.30
CA TYR A 261 26.18 -26.09 28.59
C TYR A 261 26.49 -25.87 30.06
N GLY A 262 26.27 -26.87 30.92
CA GLY A 262 26.71 -26.77 32.30
C GLY A 262 28.20 -27.07 32.40
N GLU A 263 29.02 -26.04 32.66
CA GLU A 263 30.46 -26.20 32.59
C GLU A 263 31.14 -26.34 33.94
N TRP A 264 30.46 -26.03 35.04
CA TRP A 264 31.07 -26.08 36.36
C TRP A 264 29.97 -26.31 37.37
N THR A 265 30.37 -26.64 38.59
CA THR A 265 29.46 -26.77 39.72
C THR A 265 29.78 -25.69 40.73
N GLN A 266 28.82 -24.80 40.97
CA GLN A 266 28.96 -23.79 42.00
C GLN A 266 28.99 -24.46 43.38
N ALA A 267 30.09 -24.26 44.10
CA ALA A 267 30.35 -25.03 45.30
C ALA A 267 29.38 -24.70 46.43
N VAL A 268 29.13 -23.41 46.65
CA VAL A 268 28.31 -22.99 47.79
C VAL A 268 26.89 -23.53 47.66
N THR A 269 26.35 -23.55 46.45
CA THR A 269 25.00 -24.00 46.18
C THR A 269 24.92 -25.43 45.72
N GLY A 270 26.03 -25.99 45.24
CA GLY A 270 25.98 -27.28 44.61
C GLY A 270 25.31 -27.29 43.25
N PHE A 271 25.01 -26.14 42.66
CA PHE A 271 24.30 -26.09 41.38
C PHE A 271 25.28 -26.24 40.23
N LYS A 272 24.87 -26.99 39.20
CA LYS A 272 25.62 -27.02 37.95
C LYS A 272 25.20 -25.84 37.08
N MET A 273 26.17 -25.03 36.63
CA MET A 273 25.87 -23.75 36.01
C MET A 273 26.52 -23.61 34.64
N ALA A 274 25.93 -22.74 33.83
CA ALA A 274 26.57 -22.24 32.62
C ALA A 274 27.40 -21.03 33.03
N TYR A 275 27.88 -20.25 32.05
CA TYR A 275 28.72 -19.11 32.36
C TYR A 275 28.67 -18.07 31.24
N ILE A 276 29.08 -16.86 31.59
CA ILE A 276 29.21 -15.74 30.67
C ILE A 276 30.59 -15.10 30.86
N ARG A 277 31.22 -14.71 29.75
CA ARG A 277 32.54 -14.09 29.73
C ARG A 277 32.49 -12.83 28.89
N HIS A 278 33.23 -11.79 29.32
CA HIS A 278 33.49 -10.51 28.64
C HIS A 278 32.61 -10.25 27.43
N PRO A 279 31.35 -9.89 27.60
CA PRO A 279 30.47 -9.71 26.44
C PRO A 279 30.47 -8.28 25.91
N GLU A 280 31.68 -7.79 25.59
CA GLU A 280 31.80 -6.41 25.16
C GLU A 280 30.99 -6.17 23.90
N PHE A 281 31.12 -7.06 22.91
CA PHE A 281 30.38 -6.83 21.68
C PHE A 281 28.86 -6.89 21.92
N GLU A 282 28.39 -7.87 22.72
CA GLU A 282 26.95 -7.97 22.99
C GLU A 282 26.44 -6.76 23.75
N MET A 283 27.21 -6.31 24.76
CA MET A 283 26.81 -5.16 25.56
C MET A 283 26.82 -3.88 24.73
N TYR A 284 27.90 -3.65 23.99
CA TYR A 284 28.06 -2.39 23.27
C TYR A 284 27.06 -2.28 22.13
N SER A 285 26.84 -3.36 21.39
CA SER A 285 26.03 -3.30 20.18
C SER A 285 24.52 -3.41 20.44
N ASN A 286 24.08 -3.59 21.68
CA ASN A 286 22.64 -3.73 21.92
C ASN A 286 21.98 -2.36 22.06
N GLN A 287 21.88 -1.67 20.93
CA GLN A 287 21.18 -0.39 20.88
C GLN A 287 21.75 0.59 21.90
N SER A 288 23.06 0.64 22.02
CA SER A 288 23.66 1.65 22.87
C SER A 288 23.74 2.98 22.13
N VAL A 289 23.97 4.04 22.91
CA VAL A 289 24.04 5.38 22.36
C VAL A 289 25.08 5.45 21.25
N HIS A 290 26.31 5.02 21.54
CA HIS A 290 27.34 5.14 20.52
C HIS A 290 27.11 4.16 19.38
N TRP A 291 26.60 2.97 19.68
CA TRP A 291 26.31 2.02 18.62
C TRP A 291 25.29 2.59 17.64
N MET A 292 24.20 3.14 18.16
CA MET A 292 23.22 3.73 17.23
C MET A 292 23.72 5.00 16.59
N ALA A 293 24.79 5.59 17.12
CA ALA A 293 25.48 6.66 16.42
C ALA A 293 26.48 6.15 15.40
N GLY A 294 26.69 4.83 15.32
CA GLY A 294 27.60 4.30 14.32
C GLY A 294 29.05 4.30 14.73
N VAL A 295 29.35 4.40 16.02
CA VAL A 295 30.72 4.37 16.46
C VAL A 295 31.16 2.92 16.57
N SER A 296 32.41 2.64 16.19
CA SER A 296 32.98 1.30 16.22
C SER A 296 33.94 1.18 17.39
N CYS A 297 34.28 -0.07 17.75
CA CYS A 297 35.31 -0.30 18.77
C CYS A 297 36.53 0.57 18.50
N ALA A 298 37.01 0.53 17.25
CA ALA A 298 38.28 1.16 16.88
C ALA A 298 38.22 2.66 16.99
N ASP A 299 37.02 3.27 16.83
CA ASP A 299 36.91 4.72 16.97
C ASP A 299 37.38 5.18 18.34
N CYS A 300 37.10 4.41 19.38
CA CYS A 300 37.53 4.82 20.72
C CYS A 300 38.85 4.22 21.14
N HIS A 301 39.17 3.00 20.69
CA HIS A 301 40.30 2.23 21.18
C HIS A 301 41.50 2.18 20.24
N MET A 302 41.35 2.60 19.00
CA MET A 302 42.47 2.72 18.07
C MET A 302 42.47 4.12 17.47
N PRO A 303 42.76 5.14 18.28
CA PRO A 303 42.79 6.50 17.75
C PRO A 303 43.83 6.65 16.64
N TYR A 304 43.54 7.56 15.71
CA TYR A 304 44.39 7.77 14.54
C TYR A 304 44.94 9.18 14.49
N THR A 305 46.04 9.33 13.76
CA THR A 305 46.58 10.64 13.38
C THR A 305 46.66 10.85 11.86
N VAL A 307 48.20 11.73 8.65
CA VAL A 307 49.35 12.06 7.79
C VAL A 307 49.02 12.28 6.32
N GLY A 308 48.90 13.55 5.95
CA GLY A 308 48.39 13.95 4.65
C GLY A 308 46.99 13.45 4.42
N SER A 309 46.82 12.56 3.44
CA SER A 309 45.53 11.92 3.21
C SER A 309 45.41 10.56 3.88
N LYS A 310 46.52 9.98 4.34
CA LYS A 310 46.49 8.65 4.93
C LYS A 310 46.45 8.70 6.45
N LYS A 311 46.12 7.57 7.03
CA LYS A 311 45.78 7.45 8.44
C LYS A 311 46.79 6.51 9.10
N ILE A 312 47.31 6.91 10.26
CA ILE A 312 48.13 6.02 11.09
C ILE A 312 47.32 5.69 12.32
N SER A 313 47.02 4.41 12.52
CA SER A 313 46.15 3.99 13.62
C SER A 313 46.97 3.49 14.79
N ASP A 314 46.56 3.89 15.98
CA ASP A 314 47.28 3.51 17.19
C ASP A 314 46.89 2.08 17.57
N HIS A 315 47.88 1.20 17.62
CA HIS A 315 47.64 -0.19 17.96
C HIS A 315 48.02 -0.52 19.39
N ARG A 316 48.41 0.48 20.19
CA ARG A 316 48.55 0.27 21.63
C ARG A 316 47.18 0.39 22.29
N ILE A 317 46.35 -0.64 22.05
CA ILE A 317 44.97 -0.68 22.49
C ILE A 317 44.90 -0.68 24.01
N MET A 318 44.18 0.28 24.57
CA MET A 318 44.15 0.47 26.02
C MET A 318 42.87 1.19 26.42
N SER A 319 42.71 1.39 27.72
CA SER A 319 41.64 2.25 28.22
C SER A 319 41.77 3.67 27.66
N PRO A 320 40.68 4.25 27.13
CA PRO A 320 40.73 5.67 26.74
C PRO A 320 41.04 6.61 27.90
N LEU A 321 40.76 6.23 29.13
CA LEU A 321 41.14 7.09 30.24
C LEU A 321 42.65 7.23 30.32
N LYS A 322 43.37 6.33 29.67
CA LYS A 322 44.82 6.22 29.82
C LYS A 322 45.60 6.77 28.65
N ASN A 323 44.95 7.25 27.59
CA ASN A 323 45.69 7.96 26.54
C ASN A 323 45.04 9.31 26.24
N ASP A 324 44.61 10.00 27.30
CA ASP A 324 43.99 11.35 27.20
C ASP A 324 42.88 11.39 26.16
N PHE A 325 42.14 10.29 26.04
CA PHE A 325 40.94 10.30 25.22
C PHE A 325 41.32 10.70 23.79
N GLY A 327 41.03 9.96 21.02
CA GLY A 327 40.08 9.15 20.28
C GLY A 327 38.66 9.67 20.38
N CYS A 328 38.26 10.01 21.62
CA CYS A 328 36.99 10.70 21.86
C CYS A 328 36.99 12.08 21.25
N LYS A 329 38.17 12.73 21.27
CA LYS A 329 38.30 14.13 20.88
C LYS A 329 37.99 14.33 19.42
N GLN A 330 37.69 13.25 18.73
CA GLN A 330 37.62 13.30 17.31
C GLN A 330 36.19 13.54 16.83
N CYS A 331 35.29 13.57 17.81
CA CYS A 331 33.83 13.84 17.62
C CYS A 331 33.30 14.64 18.81
N HIS A 332 34.11 14.90 19.84
CA HIS A 332 33.70 15.65 21.01
C HIS A 332 34.62 16.81 21.24
N SER A 333 34.03 17.96 21.53
CA SER A 333 34.80 19.16 21.73
C SER A 333 34.88 19.51 23.21
N GLU A 334 34.83 18.51 24.09
CA GLU A 334 34.93 18.74 25.52
C GLU A 334 36.32 18.32 25.98
N SER A 335 36.71 18.83 27.14
CA SER A 335 38.05 18.52 27.58
C SER A 335 38.13 17.05 28.00
N SER A 336 39.35 16.55 28.02
CA SER A 336 39.57 15.23 28.58
C SER A 336 39.10 15.17 30.03
N GLU A 337 39.20 16.28 30.78
CA GLU A 337 38.69 16.29 32.14
C GLU A 337 37.17 16.09 32.18
N TRP A 338 36.45 16.77 31.28
CA TRP A 338 35.00 16.63 31.22
C TRP A 338 34.63 15.20 30.84
N LEU A 339 35.34 14.62 29.87
CA LEU A 339 35.06 13.25 29.45
C LEU A 339 35.36 12.24 30.55
N LYS A 340 36.51 12.41 31.23
CA LYS A 340 36.82 11.54 32.35
C LYS A 340 35.72 11.60 33.39
N ASN A 341 35.28 12.82 33.70
CA ASN A 341 34.26 13.03 34.71
C ASN A 341 32.97 12.32 34.34
N GLN A 342 32.57 12.43 33.07
CA GLN A 342 31.37 11.76 32.60
C GLN A 342 31.48 10.25 32.75
N VAL A 343 32.61 9.69 32.30
CA VAL A 343 32.79 8.24 32.31
C VAL A 343 32.69 7.71 33.73
N ILE A 344 33.42 8.34 34.67
CA ILE A 344 33.43 7.83 36.03
C ILE A 344 32.10 8.11 36.73
N THR A 345 31.41 9.19 36.35
CA THR A 345 30.07 9.40 36.89
C THR A 345 29.16 8.22 36.54
N ILE A 346 29.15 7.82 35.27
CA ILE A 346 28.35 6.67 34.86
C ILE A 346 28.86 5.42 35.56
N GLN A 347 30.18 5.21 35.54
CA GLN A 347 30.70 3.96 36.07
C GLN A 347 30.37 3.84 37.55
N ASP A 348 30.40 4.95 38.28
CA ASP A 348 30.10 4.88 39.70
C ASP A 348 28.66 4.40 39.93
N ARG A 349 27.71 4.93 39.17
CA ARG A 349 26.32 4.49 39.28
C ARG A 349 26.14 3.02 38.93
N ALA A 350 26.71 2.58 37.81
CA ALA A 350 26.62 1.17 37.44
C ALA A 350 27.30 0.27 38.47
N ALA A 351 28.51 0.65 38.90
CA ALA A 351 29.22 -0.18 39.87
C ALA A 351 28.45 -0.30 41.17
N SER A 352 27.82 0.79 41.61
CA SER A 352 26.99 0.69 42.81
C SER A 352 25.96 -0.43 42.69
N GLN A 353 25.19 -0.43 41.58
CA GLN A 353 24.14 -1.43 41.40
C GLN A 353 24.74 -2.82 41.30
N TYR A 354 25.90 -2.92 40.67
CA TYR A 354 26.56 -4.21 40.53
C TYR A 354 27.00 -4.74 41.88
N ILE A 355 27.57 -3.88 42.71
CA ILE A 355 28.08 -4.32 43.99
C ILE A 355 26.92 -4.72 44.90
N ARG A 356 25.86 -3.92 44.92
CA ARG A 356 24.72 -4.26 45.76
C ARG A 356 24.09 -5.58 45.33
N SER A 357 23.84 -5.74 44.04
CA SER A 357 23.20 -6.98 43.58
C SER A 357 24.15 -8.15 43.76
N GLY A 358 25.46 -7.92 43.66
CA GLY A 358 26.40 -9.01 43.84
C GLY A 358 26.39 -9.55 45.26
N TYR A 359 26.36 -8.66 46.26
CA TYR A 359 26.22 -9.14 47.63
C TYR A 359 24.86 -9.80 47.85
N ALA A 360 23.81 -9.29 47.20
CA ALA A 360 22.51 -9.92 47.35
C ALA A 360 22.54 -11.35 46.80
N LEU A 361 23.20 -11.54 45.66
CA LEU A 361 23.23 -12.86 45.04
C LEU A 361 24.10 -13.83 45.84
N ALA A 362 25.19 -13.32 46.43
CA ALA A 362 25.98 -14.12 47.37
C ALA A 362 25.15 -14.52 48.58
N THR A 363 24.32 -13.60 49.10
CA THR A 363 23.45 -13.93 50.21
C THR A 363 22.45 -15.02 49.83
N VAL A 364 21.88 -14.94 48.63
CA VAL A 364 20.93 -15.97 48.20
C VAL A 364 21.65 -17.30 48.08
N ALA A 365 22.90 -17.29 47.61
CA ALA A 365 23.66 -18.52 47.52
C ALA A 365 23.90 -19.13 48.91
N LYS A 366 24.30 -18.30 49.87
CA LYS A 366 24.49 -18.76 51.24
C LYS A 366 23.19 -19.30 51.86
N LEU A 367 22.05 -18.70 51.50
CA LEU A 367 20.75 -19.19 51.94
C LEU A 367 20.46 -20.58 51.37
N PHE A 368 20.85 -20.83 50.11
CA PHE A 368 20.69 -22.17 49.58
C PHE A 368 21.57 -23.15 50.34
N GLU A 369 22.79 -22.73 50.68
CA GLU A 369 23.65 -23.59 51.47
C GLU A 369 22.98 -23.95 52.78
N MET A 370 22.47 -22.94 53.49
CA MET A 370 21.71 -23.19 54.70
C MET A 370 20.55 -24.13 54.43
N THR A 371 19.84 -23.94 53.31
CA THR A 371 18.73 -24.83 53.00
C THR A 371 19.19 -26.27 52.85
N HIS A 372 20.32 -26.51 52.17
CA HIS A 372 20.76 -27.89 51.94
C HIS A 372 21.25 -28.55 53.23
N LYS A 373 21.80 -27.77 54.14
CA LYS A 373 22.25 -28.40 55.37
C LYS A 373 21.08 -28.69 56.29
N GLN A 374 20.01 -27.91 56.15
CA GLN A 374 18.78 -28.18 56.88
C GLN A 374 18.06 -29.38 56.32
N GLN A 375 18.05 -29.53 54.99
CA GLN A 375 17.47 -30.72 54.39
C GLN A 375 18.24 -31.96 54.81
N ALA A 376 19.56 -31.87 54.85
CA ALA A 376 20.36 -33.00 55.30
C ALA A 376 20.05 -33.34 56.75
N ALA A 377 19.73 -32.35 57.57
CA ALA A 377 19.27 -32.61 58.92
C ALA A 377 17.80 -33.03 58.99
N GLY A 378 17.21 -33.43 57.87
CA GLY A 378 15.87 -33.94 57.86
C GLY A 378 14.76 -32.91 57.72
N LYS A 379 15.04 -31.62 57.90
CA LYS A 379 13.98 -30.62 57.80
C LYS A 379 13.42 -30.57 56.38
N GLN A 380 12.11 -30.46 56.26
CA GLN A 380 11.44 -30.54 54.96
C GLN A 380 11.20 -29.14 54.44
N ILE A 381 11.56 -28.92 53.18
CA ILE A 381 11.53 -27.60 52.56
C ILE A 381 10.52 -27.63 51.43
N ASP A 382 9.65 -26.61 51.37
CA ASP A 382 8.66 -26.49 50.32
C ASP A 382 9.32 -26.56 48.94
N GLN A 383 9.03 -27.62 48.20
CA GLN A 383 9.73 -27.83 46.94
C GLN A 383 9.33 -26.80 45.90
N LYS A 384 8.13 -26.25 46.00
CA LYS A 384 7.69 -25.32 44.97
C LYS A 384 8.28 -23.94 45.20
N MET A 385 8.47 -23.55 46.45
CA MET A 385 9.17 -22.30 46.73
C MET A 385 10.66 -22.46 46.46
N TYR A 386 11.22 -23.62 46.76
CA TYR A 386 12.62 -23.85 46.47
C TYR A 386 12.86 -23.77 44.98
N ASP A 387 11.98 -24.41 44.21
CA ASP A 387 12.13 -24.40 42.75
C ASP A 387 12.03 -23.01 42.19
N GLN A 388 11.05 -22.23 42.65
CA GLN A 388 10.94 -20.87 42.14
C GLN A 388 12.16 -20.03 42.54
N ALA A 389 12.60 -20.15 43.79
CA ALA A 389 13.78 -19.42 44.23
C ALA A 389 15.01 -19.78 43.40
N LYS A 390 15.18 -21.06 43.08
CA LYS A 390 16.34 -21.47 42.32
C LYS A 390 16.31 -20.87 40.91
N PHE A 391 15.14 -20.89 40.27
CA PHE A 391 15.02 -20.29 38.94
C PHE A 391 15.30 -18.79 38.98
N TYR A 392 14.77 -18.08 39.98
CA TYR A 392 15.02 -16.66 40.11
C TYR A 392 16.51 -16.38 40.40
N TYR A 393 17.11 -17.18 41.29
CA TYR A 393 18.53 -17.04 41.57
C TYR A 393 19.38 -17.16 40.31
N GLU A 394 19.04 -18.11 39.43
CA GLU A 394 19.76 -18.24 38.17
C GLU A 394 19.58 -16.99 37.30
N GLU A 395 18.34 -16.52 37.16
CA GLU A 395 18.10 -15.32 36.35
C GLU A 395 18.93 -14.14 36.85
N GLY A 396 18.94 -13.92 38.17
CA GLY A 396 19.72 -12.83 38.71
C GLY A 396 21.21 -13.06 38.59
N PHE A 397 21.66 -14.30 38.81
CA PHE A 397 23.08 -14.59 38.76
C PHE A 397 23.65 -14.34 37.37
N TYR A 398 22.96 -14.83 36.34
CA TYR A 398 23.48 -14.66 34.99
C TYR A 398 23.50 -13.21 34.55
N ARG A 399 22.53 -12.42 35.03
CA ARG A 399 22.51 -10.98 34.73
C ARG A 399 23.68 -10.25 35.41
N ASN A 400 23.87 -10.50 36.72
CA ASN A 400 24.97 -9.88 37.45
C ASN A 400 26.32 -10.26 36.86
N LEU A 401 26.45 -11.51 36.43
CA LEU A 401 27.69 -11.98 35.83
C LEU A 401 27.93 -11.29 34.49
N PHE A 402 26.88 -11.15 33.67
CA PHE A 402 27.00 -10.49 32.39
C PHE A 402 27.62 -9.10 32.53
N PHE A 403 27.14 -8.32 33.50
CA PHE A 403 27.75 -7.03 33.75
C PHE A 403 29.17 -7.17 34.29
N GLY A 404 29.35 -7.99 35.34
CA GLY A 404 30.63 -8.01 36.02
C GLY A 404 31.75 -8.50 35.15
N ALA A 405 31.43 -9.35 34.16
CA ALA A 405 32.39 -9.83 33.18
C ALA A 405 32.70 -8.81 32.09
N GLU A 406 31.78 -7.88 31.82
CA GLU A 406 32.01 -6.85 30.81
C GLU A 406 33.01 -5.82 31.34
N ASN A 407 33.87 -5.32 30.46
CA ASN A 407 35.04 -4.59 30.93
C ASN A 407 34.91 -3.06 30.92
N SER A 408 33.73 -2.50 30.67
CA SER A 408 33.55 -1.05 30.62
C SER A 408 32.87 -0.47 31.85
N ILE A 409 32.41 -1.32 32.79
CA ILE A 409 31.61 -0.92 33.94
C ILE A 409 30.44 -0.04 33.53
N GLY A 410 29.72 -0.45 32.50
CA GLY A 410 28.52 0.23 32.08
C GLY A 410 28.71 1.27 30.99
N PHE A 411 29.93 1.73 30.75
CA PHE A 411 30.06 2.83 29.82
C PHE A 411 29.72 2.42 28.38
N HIS A 412 29.96 1.17 28.00
CA HIS A 412 29.64 0.77 26.63
C HIS A 412 28.15 0.92 26.31
N ASN A 413 27.27 0.78 27.32
CA ASN A 413 25.83 0.80 27.12
C ASN A 413 25.17 1.14 28.45
N PRO A 414 25.26 2.39 28.86
CA PRO A 414 24.88 2.75 30.25
C PRO A 414 23.50 2.27 30.69
N THR A 415 22.41 2.74 30.08
CA THR A 415 21.10 2.37 30.60
C THR A 415 20.84 0.86 30.47
N GLU A 416 21.27 0.23 29.37
CA GLU A 416 21.14 -1.22 29.27
C GLU A 416 21.88 -1.94 30.40
N ALA A 417 23.14 -1.56 30.63
CA ALA A 417 23.86 -2.12 31.76
C ALA A 417 23.03 -1.98 33.04
N MET A 418 22.48 -0.79 33.30
CA MET A 418 21.68 -0.58 34.51
C MET A 418 20.41 -1.43 34.50
N ARG A 419 19.72 -1.49 33.36
CA ARG A 419 18.52 -2.32 33.26
C ARG A 419 18.80 -3.76 33.66
N ILE A 420 19.86 -4.34 33.10
CA ILE A 420 20.28 -5.69 33.44
C ILE A 420 20.50 -5.80 34.95
N LEU A 421 21.26 -4.86 35.51
CA LEU A 421 21.52 -4.87 36.95
C LEU A 421 20.23 -4.72 37.75
N GLY A 422 19.34 -3.81 37.32
CA GLY A 422 18.04 -3.68 37.98
C GLY A 422 17.30 -5.01 38.06
N ASP A 423 17.26 -5.72 36.94
CA ASP A 423 16.60 -7.02 36.89
C ASP A 423 17.30 -8.04 37.78
N ALA A 424 18.64 -8.05 37.77
CA ALA A 424 19.37 -8.87 38.73
C ALA A 424 18.91 -8.58 40.15
N THR A 425 18.89 -7.29 40.52
CA THR A 425 18.42 -6.89 41.84
C THR A 425 17.03 -7.48 42.11
N MET A 426 16.12 -7.33 41.15
CA MET A 426 14.77 -7.89 41.30
C MET A 426 14.81 -9.40 41.59
N TYR A 427 15.46 -10.17 40.70
CA TYR A 427 15.47 -11.62 40.82
C TYR A 427 16.13 -12.07 42.13
N ALA A 428 17.25 -11.44 42.50
CA ALA A 428 17.87 -11.75 43.78
C ALA A 428 16.87 -11.60 44.93
N GLY A 429 16.18 -10.46 44.97
CA GLY A 429 15.14 -10.22 45.97
C GLY A 429 14.07 -11.29 46.02
N LYS A 430 13.56 -11.70 44.85
CA LYS A 430 12.55 -12.76 44.78
C LYS A 430 13.06 -14.06 45.38
N ALA A 431 14.28 -14.47 45.03
CA ALA A 431 14.84 -15.69 45.58
C ALA A 431 15.05 -15.58 47.09
N ASP A 432 15.60 -14.45 47.56
CA ASP A 432 15.92 -14.28 48.99
C ASP A 432 14.67 -14.48 49.85
N GLY A 433 13.60 -13.72 49.56
CA GLY A 433 12.37 -13.83 50.31
C GLY A 433 11.80 -15.23 50.30
N LEU A 434 11.75 -15.86 49.13
CA LEU A 434 11.21 -17.21 49.03
C LEU A 434 11.97 -18.17 49.93
N LEU A 435 13.30 -18.12 49.88
CA LEU A 435 14.12 -18.97 50.74
C LEU A 435 13.87 -18.67 52.20
N ARG A 436 13.80 -17.40 52.56
CA ARG A 436 13.57 -17.05 53.96
C ARG A 436 12.22 -17.61 54.44
N GLN A 437 11.18 -17.43 53.62
CA GLN A 437 9.88 -17.96 53.98
C GLN A 437 9.93 -19.48 54.16
N ALA A 438 10.38 -20.21 53.14
CA ALA A 438 10.44 -21.68 53.21
C ALA A 438 11.27 -22.15 54.41
N LEU A 439 12.44 -21.53 54.61
CA LEU A 439 13.26 -21.91 55.75
C LEU A 439 12.53 -21.63 57.06
N THR A 440 11.81 -20.50 57.14
CA THR A 440 11.09 -20.21 58.37
C THR A 440 9.90 -21.15 58.55
N LYS A 441 9.31 -21.60 57.45
CA LYS A 441 8.16 -22.46 57.56
C LYS A 441 8.58 -23.84 58.04
N ALA A 442 9.79 -24.24 57.69
CA ALA A 442 10.36 -25.50 58.14
C ALA A 442 10.86 -25.44 59.56
N GLY A 443 10.69 -24.32 60.24
CA GLY A 443 11.11 -24.24 61.63
C GLY A 443 12.50 -23.72 61.84
N VAL A 444 13.23 -23.41 60.75
CA VAL A 444 14.58 -22.85 60.82
C VAL A 444 14.52 -21.36 61.18
N ASP A 445 15.49 -20.93 61.97
CA ASP A 445 15.61 -19.54 62.39
C ASP A 445 16.64 -18.87 61.49
N VAL A 446 16.19 -17.95 60.64
CA VAL A 446 17.00 -17.33 59.62
C VAL A 446 17.44 -15.90 60.16
N PRO A 447 18.72 -15.70 60.29
CA PRO A 447 19.13 -14.34 60.75
C PRO A 447 18.77 -13.30 59.73
N VAL A 448 18.54 -12.07 60.22
CA VAL A 448 18.23 -10.97 59.32
C VAL A 448 19.41 -10.67 58.40
N LYS A 449 20.62 -10.76 58.93
CA LYS A 449 21.85 -10.52 58.18
C LYS A 449 22.59 -11.84 58.00
N ILE A 450 22.74 -12.27 56.76
CA ILE A 450 23.41 -13.53 56.47
C ILE A 450 24.91 -13.31 56.46
N ASP A 451 25.62 -14.09 57.27
CA ASP A 451 27.07 -13.99 57.32
C ASP A 451 27.62 -14.68 56.09
N LEU A 452 28.39 -13.95 55.28
CA LEU A 452 28.85 -14.49 54.02
C LEU A 452 30.18 -15.19 54.15
N GLU A 453 30.92 -14.93 55.22
CA GLU A 453 32.24 -15.52 55.46
C GLU A 453 33.17 -15.32 54.27
N LEU A 454 33.27 -14.08 53.79
CA LEU A 454 33.94 -13.90 52.52
C LEU A 454 35.45 -14.17 52.59
N SER A 455 36.06 -14.03 53.76
CA SER A 455 37.50 -14.25 53.88
C SER A 455 37.89 -15.69 53.61
N LYS A 456 37.00 -16.64 53.80
CA LYS A 456 37.39 -18.02 53.52
C LYS A 456 37.39 -18.26 52.01
N TYR A 457 36.70 -17.39 51.26
CA TYR A 457 36.68 -17.50 49.79
C TYR A 457 37.73 -16.60 49.12
N THR A 458 38.15 -15.51 49.73
CA THR A 458 39.11 -14.61 49.10
C THR A 458 40.56 -14.96 49.42
N ASN A 459 40.82 -15.84 50.37
CA ASN A 459 42.17 -16.13 50.81
C ASN A 459 42.50 -17.59 50.57
N ASN A 460 43.81 -17.88 50.58
CA ASN A 460 44.34 -19.24 50.43
C ASN A 460 43.82 -19.89 49.16
N ARG A 461 43.86 -19.14 48.07
CA ARG A 461 43.23 -19.56 46.82
C ARG A 461 44.24 -20.24 45.90
N GLY A 462 43.98 -21.49 45.57
CA GLY A 462 44.68 -22.14 44.51
C GLY A 462 46.13 -22.49 44.81
N ALA A 463 46.83 -22.78 43.72
CA ALA A 463 48.22 -23.23 43.80
C ALA A 463 49.12 -22.13 44.30
N LYS A 464 48.83 -20.87 43.97
CA LYS A 464 49.68 -19.80 44.46
C LYS A 464 49.30 -19.33 45.85
N LYS A 465 48.30 -19.95 46.48
CA LYS A 465 47.74 -19.47 47.74
C LYS A 465 47.51 -17.96 47.68
N LEU A 466 46.67 -17.56 46.74
CA LEU A 466 46.35 -16.14 46.56
C LEU A 466 45.52 -15.63 47.73
N MET A 467 45.88 -14.43 48.19
CA MET A 467 45.27 -13.81 49.36
C MET A 467 44.49 -12.56 48.98
N PHE A 468 43.54 -12.21 49.83
CA PHE A 468 42.78 -10.97 49.66
C PHE A 468 43.72 -9.77 49.76
N LYS A 469 43.61 -8.87 48.80
CA LYS A 469 44.37 -7.62 48.81
C LYS A 469 43.41 -6.49 49.16
N PRO A 470 43.34 -6.07 50.41
CA PRO A 470 42.28 -5.11 50.80
C PRO A 470 42.42 -3.76 50.13
N GLU A 471 43.65 -3.36 49.79
CA GLU A 471 43.87 -2.10 49.06
C GLU A 471 43.28 -2.12 47.66
N GLN A 472 42.89 -3.28 47.14
CA GLN A 472 42.32 -3.32 45.80
C GLN A 472 40.81 -3.32 45.80
N GLU A 473 40.15 -3.41 46.97
CA GLU A 473 38.70 -3.50 46.97
C GLU A 473 38.06 -2.25 46.37
N LEU A 474 37.15 -2.44 45.42
CA LEU A 474 36.45 -1.33 44.79
C LEU A 474 35.09 -1.22 45.47
N LYS A 475 35.03 -0.41 46.52
CA LYS A 475 33.83 -0.39 47.35
C LYS A 475 32.70 0.40 46.66
N ASP A 476 31.48 0.10 47.09
CA ASP A 476 30.27 0.76 46.60
C ASP A 476 30.45 2.27 46.66
N PRO A 477 30.42 2.98 45.53
CA PRO A 477 30.60 4.44 45.57
C PRO A 477 29.46 5.16 46.27
N TYR A 478 28.32 4.52 46.47
CA TYR A 478 27.22 5.20 47.14
C TYR A 478 26.98 4.64 48.53
N GLY A 479 27.87 3.78 49.00
CA GLY A 479 27.73 3.22 50.33
C GLY A 479 27.89 4.29 51.40
N PRO A 480 27.94 3.86 52.67
CA PRO A 480 28.12 4.81 53.78
C PRO A 480 29.56 5.30 53.92
N ILE B 35 5.98 46.96 30.10
CA ILE B 35 6.98 47.72 30.84
C ILE B 35 6.56 48.39 32.17
N PRO B 36 5.35 48.95 32.32
CA PRO B 36 5.05 49.73 33.54
C PRO B 36 4.99 48.86 34.78
N ASP B 37 5.29 49.47 35.92
CA ASP B 37 5.20 48.76 37.18
C ASP B 37 3.75 48.36 37.46
N GLY B 38 3.58 47.30 38.24
CA GLY B 38 2.24 46.84 38.59
C GLY B 38 1.47 46.15 37.47
N THR B 39 2.10 45.78 36.38
CA THR B 39 1.41 45.23 35.23
C THR B 39 1.52 43.71 35.26
N ILE B 40 0.42 43.05 35.62
CA ILE B 40 0.36 41.61 35.47
C ILE B 40 -0.14 41.23 34.08
N ASP B 41 -1.00 42.08 33.49
CA ASP B 41 -1.69 41.80 32.22
C ASP B 41 -0.70 41.41 31.13
N PRO B 42 -0.74 40.16 30.68
CA PRO B 42 0.20 39.73 29.63
C PRO B 42 0.01 40.48 28.34
N ALA B 43 -1.19 41.01 28.07
CA ALA B 43 -1.40 41.80 26.86
C ALA B 43 -0.52 43.05 26.84
N VAL B 44 -0.33 43.70 28.00
CA VAL B 44 0.57 44.83 28.04
C VAL B 44 2.01 44.38 27.74
N TRP B 45 2.43 43.27 28.34
CA TRP B 45 3.79 42.78 28.09
C TRP B 45 3.99 42.42 26.63
N GLY B 46 3.05 41.71 26.05
CA GLY B 46 3.17 41.23 24.66
C GLY B 46 2.81 42.26 23.62
N LYS B 47 2.59 43.49 23.97
CA LYS B 47 2.28 44.53 22.97
C LYS B 47 3.48 44.71 22.05
N ASN B 48 4.69 44.73 22.58
CA ASN B 48 5.88 44.92 21.71
C ASN B 48 6.59 43.60 21.47
N TYR B 49 6.02 42.47 21.85
CA TYR B 49 6.64 41.17 21.58
C TYR B 49 5.58 40.22 21.03
N PRO B 50 5.12 40.48 19.81
CA PRO B 50 3.98 39.70 19.29
C PRO B 50 4.28 38.24 19.07
N GLU B 51 5.48 37.88 18.61
CA GLU B 51 5.78 36.47 18.38
C GLU B 51 5.79 35.69 19.71
N GLU B 52 6.54 36.19 20.70
CA GLU B 52 6.57 35.51 21.99
C GLU B 52 5.19 35.47 22.62
N TYR B 53 4.43 36.56 22.48
CA TYR B 53 3.08 36.59 23.01
C TYR B 53 2.22 35.53 22.35
N GLN B 54 2.36 35.37 21.04
CA GLN B 54 1.52 34.43 20.31
C GLN B 54 1.86 32.99 20.66
N THR B 55 3.16 32.63 20.65
CA THR B 55 3.51 31.26 21.01
C THR B 55 3.24 30.96 22.47
N TRP B 56 3.32 31.96 23.34
CA TRP B 56 2.95 31.75 24.73
C TRP B 56 1.47 31.38 24.86
N LYS B 57 0.61 32.13 24.17
CA LYS B 57 -0.81 31.82 24.11
C LYS B 57 -1.05 30.42 23.57
N ASP B 58 -0.20 29.97 22.64
CA ASP B 58 -0.42 28.75 21.89
C ASP B 58 -0.23 27.48 22.70
N THR B 59 0.22 27.55 23.95
CA THR B 59 0.15 26.34 24.76
C THR B 59 -1.29 25.91 24.98
N ALA B 60 -2.26 26.76 24.61
CA ALA B 60 -3.67 26.36 24.60
C ALA B 60 -3.98 25.37 23.49
N LEU B 61 -3.16 25.33 22.44
CA LEU B 61 -3.44 24.42 21.34
C LEU B 61 -3.25 22.97 21.80
N PRO B 62 -4.07 22.05 21.30
CA PRO B 62 -3.81 20.64 21.56
C PRO B 62 -2.52 20.20 20.88
N THR B 63 -1.83 19.27 21.53
CA THR B 63 -0.57 18.79 20.99
C THR B 63 -0.80 17.70 19.95
N PRO B 64 0.15 17.50 19.04
CA PRO B 64 -0.03 16.49 17.99
C PRO B 64 0.01 15.07 18.56
N GLU B 65 -0.93 14.26 18.10
CA GLU B 65 -1.03 12.88 18.51
C GLU B 65 0.03 12.01 17.85
N GLY B 66 0.37 10.91 18.52
CA GLY B 66 1.22 9.93 17.89
C GLY B 66 2.67 10.32 17.73
N LYS B 67 3.12 11.31 18.50
CA LYS B 67 4.51 11.74 18.42
C LYS B 67 5.34 11.33 19.63
N SER B 68 4.73 11.24 20.80
CA SER B 68 5.39 10.84 22.04
C SER B 68 4.82 9.53 22.54
N LYS B 69 5.68 8.71 23.15
CA LYS B 69 5.17 7.45 23.66
C LYS B 69 4.60 7.59 25.06
N TYR B 70 5.27 8.32 25.95
CA TYR B 70 4.92 8.35 27.37
C TYR B 70 4.25 9.63 27.81
N LYS B 71 4.39 10.73 27.07
CA LYS B 71 3.82 12.02 27.50
C LYS B 71 2.80 12.47 26.47
N LYS B 72 1.54 12.07 26.64
CA LYS B 72 0.53 12.33 25.63
C LYS B 72 -0.51 13.34 26.10
N GLY B 73 -0.25 14.08 27.16
CA GLY B 73 -1.24 15.02 27.70
C GLY B 73 -1.75 16.04 26.69
N ASN B 74 -3.08 16.06 26.52
CA ASN B 74 -3.80 16.94 25.60
C ASN B 74 -3.45 16.68 24.13
N ASP B 75 -2.90 15.51 23.82
CA ASP B 75 -2.76 15.10 22.43
C ASP B 75 -4.16 14.92 21.86
N GLY B 76 -4.47 15.70 20.82
CA GLY B 76 -5.83 15.73 20.30
C GLY B 76 -6.88 16.08 21.34
N GLY B 77 -6.49 16.80 22.39
CA GLY B 77 -7.43 17.18 23.43
C GLY B 77 -7.72 16.11 24.46
N LYS B 78 -7.08 14.94 24.38
CA LYS B 78 -7.36 13.85 25.31
C LYS B 78 -6.69 14.08 26.67
N VAL B 79 -7.37 13.66 27.72
CA VAL B 79 -6.80 13.64 29.06
C VAL B 79 -6.26 12.26 29.32
N TYR B 80 -5.04 12.17 29.86
CA TYR B 80 -4.43 10.89 30.15
C TYR B 80 -4.36 10.68 31.65
N ASP B 81 -4.93 9.56 32.09
CA ASP B 81 -5.06 9.21 33.50
C ASP B 81 -3.83 8.40 33.89
N LYS B 82 -2.96 8.98 34.74
CA LYS B 82 -1.74 8.26 35.13
C LYS B 82 -2.07 7.02 35.96
N LEU B 83 -3.18 7.04 36.68
CA LEU B 83 -3.63 5.87 37.42
C LEU B 83 -4.08 4.76 36.48
N SER B 84 -4.40 5.08 35.23
CA SER B 84 -4.70 4.01 34.27
C SER B 84 -3.46 3.63 33.50
N GLU B 85 -2.54 4.58 33.29
CA GLU B 85 -1.28 4.22 32.65
C GLU B 85 -0.44 3.36 33.57
N TYR B 86 -0.42 3.69 34.86
CA TYR B 86 0.41 2.99 35.85
C TYR B 86 -0.47 2.53 37.00
N PRO B 87 -1.15 1.38 36.84
CA PRO B 87 -2.18 0.96 37.81
C PRO B 87 -1.69 0.82 39.23
N PHE B 88 -0.43 0.44 39.45
CA PHE B 88 0.04 0.25 40.82
C PHE B 88 -0.05 1.54 41.62
N ILE B 89 0.13 2.71 40.97
CA ILE B 89 0.03 3.93 41.77
C ILE B 89 -1.40 4.15 42.26
N ALA B 90 -2.40 3.58 41.57
CA ALA B 90 -3.77 3.71 42.08
C ALA B 90 -3.92 3.04 43.44
N LEU B 91 -3.20 1.93 43.66
CA LEU B 91 -3.11 1.31 44.98
C LEU B 91 -2.18 2.12 45.90
N LEU B 92 -1.02 2.55 45.40
CA LEU B 92 -0.04 3.16 46.30
C LEU B 92 -0.49 4.54 46.75
N PHE B 93 -1.17 5.31 45.89
CA PHE B 93 -1.57 6.65 46.29
C PHE B 93 -2.98 6.71 46.89
N ASN B 94 -3.51 5.57 47.32
CA ASN B 94 -4.87 5.49 47.82
C ASN B 94 -4.90 5.98 49.25
N GLY B 95 -5.85 6.86 49.57
CA GLY B 95 -5.90 7.58 50.83
C GLY B 95 -5.79 9.10 50.73
N TRP B 96 -5.55 9.66 49.55
CA TRP B 96 -5.66 11.10 49.33
C TRP B 96 -5.78 11.35 47.84
N GLY B 97 -5.64 12.63 47.46
CA GLY B 97 -6.10 13.05 46.14
C GLY B 97 -5.39 12.34 45.00
N PHE B 98 -4.11 12.03 45.16
CA PHE B 98 -3.34 11.43 44.08
C PHE B 98 -3.83 10.04 43.73
N GLY B 99 -4.52 9.36 44.64
CA GLY B 99 -5.14 8.09 44.33
C GLY B 99 -6.53 8.17 43.73
N ILE B 100 -7.02 9.39 43.46
CA ILE B 100 -8.33 9.59 42.84
C ILE B 100 -8.18 10.19 41.43
N GLU B 101 -7.49 11.32 41.30
CA GLU B 101 -7.29 11.91 39.98
C GLU B 101 -5.89 12.49 39.88
N TYR B 102 -5.20 12.12 38.80
CA TYR B 102 -3.79 12.49 38.62
C TYR B 102 -3.49 12.29 37.14
N ASN B 103 -3.52 13.37 36.39
CA ASN B 103 -3.45 13.31 34.94
C ASN B 103 -2.08 13.77 34.45
N GLU B 104 -1.80 13.40 33.21
CA GLU B 104 -0.63 13.91 32.54
C GLU B 104 -0.76 15.42 32.38
N PRO B 105 0.36 16.13 32.35
CA PRO B 105 0.33 17.61 32.24
C PRO B 105 0.04 18.10 30.82
N ARG B 106 -0.47 19.33 30.74
CA ARG B 106 -0.88 20.01 29.51
C ARG B 106 -0.11 21.31 29.34
N GLY B 107 -0.51 22.09 28.33
CA GLY B 107 0.07 23.39 28.10
C GLY B 107 -0.14 24.34 29.26
N HIS B 108 0.73 25.34 29.32
CA HIS B 108 0.81 26.24 30.47
C HIS B 108 -0.49 26.99 30.72
N VAL B 109 -1.20 27.43 29.67
CA VAL B 109 -2.38 28.28 29.88
C VAL B 109 -3.43 27.60 30.76
N TYR B 110 -3.50 26.26 30.74
CA TYR B 110 -4.51 25.54 31.49
C TYR B 110 -4.16 25.32 32.97
N MET B 111 -3.01 25.77 33.45
CA MET B 111 -2.59 25.41 34.80
C MET B 111 -3.64 25.77 35.87
N MET B 112 -4.19 26.98 35.82
CA MET B 112 -5.23 27.34 36.79
C MET B 112 -6.53 26.58 36.48
N LYS B 113 -6.93 26.52 35.21
CA LYS B 113 -8.18 25.85 34.84
C LYS B 113 -8.18 24.39 35.30
N ASP B 114 -7.09 23.67 34.99
CA ASP B 114 -6.96 22.25 35.36
C ASP B 114 -6.98 22.06 36.88
N GLN B 115 -6.36 22.97 37.61
CA GLN B 115 -6.46 22.91 39.07
C GLN B 115 -7.88 23.19 39.55
N LYS B 116 -8.64 23.98 38.79
CA LYS B 116 -10.04 24.28 39.15
C LYS B 116 -10.92 23.05 38.99
N GLU B 117 -10.65 22.21 38.00
CA GLU B 117 -11.50 21.07 37.70
C GLU B 117 -10.98 19.77 38.29
N ILE B 118 -9.81 19.77 38.92
CA ILE B 118 -9.31 18.53 39.48
C ILE B 118 -10.24 18.10 40.60
N ASP B 119 -10.31 16.78 40.81
CA ASP B 119 -11.17 16.26 41.86
C ASP B 119 -10.85 16.94 43.19
N PRO B 120 -11.86 17.34 43.96
CA PRO B 120 -11.63 18.16 45.17
C PRO B 120 -10.66 17.57 46.17
N SER B 121 -10.46 16.25 46.14
CA SER B 121 -9.48 15.64 47.04
C SER B 121 -8.11 16.28 46.90
N ARG B 122 -7.67 16.55 45.67
CA ARG B 122 -6.36 17.14 45.45
C ARG B 122 -6.28 18.56 46.01
N LEU B 123 -7.40 19.27 46.09
CA LEU B 123 -7.39 20.65 46.56
C LEU B 123 -7.40 20.73 48.09
N LYS B 124 -7.35 19.61 48.79
CA LYS B 124 -7.27 19.64 50.24
C LYS B 124 -5.98 20.30 50.72
N GLY B 125 -4.98 20.42 49.84
CA GLY B 125 -3.78 21.18 50.18
C GLY B 125 -4.04 22.67 50.39
N GLY B 126 -5.18 23.17 49.90
CA GLY B 126 -5.61 24.51 50.25
C GLY B 126 -4.92 25.62 49.46
N GLY B 127 -4.81 26.78 50.10
CA GLY B 127 -4.23 27.94 49.47
C GLY B 127 -2.78 27.73 49.06
N ALA B 128 -2.07 26.83 49.73
CA ALA B 128 -0.71 26.51 49.33
C ALA B 128 -0.64 26.12 47.86
N CYS B 129 -1.73 25.62 47.29
CA CYS B 129 -1.71 25.14 45.91
C CYS B 129 -1.74 26.27 44.89
N LEU B 130 -1.78 27.52 45.30
CA LEU B 130 -1.66 28.58 44.31
C LEU B 130 -0.22 28.84 43.91
N THR B 131 0.73 28.28 44.64
CA THR B 131 2.10 28.78 44.67
C THR B 131 2.79 28.73 43.30
N CYS B 132 2.49 27.72 42.49
CA CYS B 132 3.12 27.55 41.20
C CYS B 132 2.09 27.58 40.07
N LYS B 133 1.05 28.41 40.20
CA LYS B 133 -0.04 28.38 39.23
C LYS B 133 -0.55 29.75 38.77
N THR B 134 -0.55 30.74 39.66
CA THR B 134 -1.05 32.10 39.37
C THR B 134 0.05 33.12 39.59
N PRO B 135 0.15 34.13 38.74
CA PRO B 135 1.10 35.22 39.01
C PRO B 135 0.79 35.97 40.29
N TYR B 136 -0.41 35.78 40.86
CA TYR B 136 -0.76 36.43 42.13
C TYR B 136 -0.13 35.78 43.35
N ALA B 137 0.54 34.63 43.19
CA ALA B 137 1.02 33.90 44.37
C ALA B 137 1.97 34.71 45.24
N PRO B 138 3.01 35.38 44.71
CA PRO B 138 3.94 36.09 45.62
C PRO B 138 3.27 37.18 46.46
N GLN B 139 2.50 38.09 45.87
CA GLN B 139 1.88 39.15 46.66
C GLN B 139 0.84 38.59 47.63
N LEU B 140 0.09 37.54 47.22
CA LEU B 140 -0.87 36.92 48.14
C LEU B 140 -0.17 36.26 49.31
N ALA B 141 0.95 35.56 49.06
CA ALA B 141 1.71 35.00 50.16
C ALA B 141 2.18 36.11 51.10
N GLN B 142 2.69 37.19 50.53
CA GLN B 142 3.21 38.27 51.36
C GLN B 142 2.11 39.07 52.06
N LYS B 143 0.89 39.05 51.54
CA LYS B 143 -0.16 39.79 52.22
C LYS B 143 -0.94 38.97 53.23
N GLN B 144 -0.98 37.64 53.08
CA GLN B 144 -1.77 36.83 53.99
C GLN B 144 -0.93 36.11 55.03
N GLY B 145 0.38 36.02 54.85
CA GLY B 145 1.18 35.26 55.81
C GLY B 145 0.72 33.81 55.81
N VAL B 146 0.69 33.20 56.99
CA VAL B 146 0.41 31.77 57.09
C VAL B 146 -0.97 31.43 56.55
N THR B 147 -1.91 32.37 56.66
CA THR B 147 -3.25 32.19 56.12
C THR B 147 -3.23 31.89 54.63
N TYR B 148 -2.23 32.42 53.90
CA TYR B 148 -2.12 32.12 52.48
C TYR B 148 -2.13 30.62 52.22
N PHE B 149 -1.37 29.86 53.01
CA PHE B 149 -1.25 28.42 52.81
C PHE B 149 -2.43 27.68 53.39
N SER B 150 -2.86 28.06 54.59
CA SER B 150 -3.81 27.31 55.40
C SER B 150 -5.25 27.53 54.97
N GLN B 151 -5.56 28.64 54.31
CA GLN B 151 -6.93 28.87 53.92
C GLN B 151 -7.39 27.80 52.93
N SER B 152 -8.71 27.70 52.75
CA SER B 152 -9.20 26.74 51.77
C SER B 152 -8.80 27.18 50.35
N TYR B 153 -8.78 26.22 49.42
CA TYR B 153 -8.43 26.58 48.04
C TYR B 153 -9.44 27.59 47.48
N ALA B 154 -10.72 27.41 47.80
CA ALA B 154 -11.75 28.31 47.30
C ALA B 154 -11.53 29.73 47.80
N ASP B 155 -11.27 29.89 49.10
CA ASP B 155 -10.99 31.23 49.61
C ASP B 155 -9.73 31.79 48.97
N ALA B 156 -8.72 30.93 48.79
CA ALA B 156 -7.48 31.34 48.15
C ALA B 156 -7.74 31.92 46.77
N VAL B 157 -8.53 31.22 45.95
CA VAL B 157 -8.85 31.71 44.61
C VAL B 157 -9.63 33.02 44.71
N ASN B 158 -10.48 33.15 45.72
CA ASN B 158 -11.25 34.38 45.83
C ASN B 158 -10.43 35.58 46.28
N GLN B 159 -9.19 35.39 46.75
CA GLN B 159 -8.28 36.51 46.92
C GLN B 159 -7.91 37.14 45.57
N ILE B 160 -8.05 36.39 44.48
CA ILE B 160 -7.67 36.89 43.15
C ILE B 160 -8.88 37.58 42.56
N PRO B 161 -8.72 38.68 41.82
CA PRO B 161 -9.86 39.25 41.09
C PRO B 161 -10.50 38.20 40.19
N LYS B 162 -11.83 38.31 40.03
CA LYS B 162 -12.56 37.31 39.28
C LYS B 162 -12.03 37.19 37.87
N GLU B 163 -11.70 38.31 37.24
CA GLU B 163 -11.24 38.29 35.86
C GLU B 163 -9.92 37.54 35.71
N HIS B 164 -9.15 37.40 36.78
CA HIS B 164 -7.82 36.82 36.69
C HIS B 164 -7.72 35.45 37.34
N GLN B 165 -8.84 34.85 37.75
CA GLN B 165 -8.75 33.63 38.53
C GLN B 165 -8.37 32.39 37.71
N GLU B 166 -8.32 32.49 36.38
CA GLU B 166 -7.86 31.39 35.53
C GLU B 166 -6.58 31.74 34.80
N MET B 167 -5.88 32.78 35.23
CA MET B 167 -4.64 33.23 34.61
C MET B 167 -3.46 32.34 35.02
N GLY B 168 -2.85 31.69 34.03
CA GLY B 168 -1.68 30.86 34.25
C GLY B 168 -0.38 31.67 34.27
N VAL B 169 0.74 30.95 34.21
CA VAL B 169 2.07 31.58 34.27
C VAL B 169 2.17 32.66 33.20
N ALA B 170 2.57 33.85 33.61
CA ALA B 170 2.59 35.00 32.73
C ALA B 170 4.01 35.52 32.55
N CYS B 171 4.15 36.51 31.65
CA CYS B 171 5.47 37.04 31.35
C CYS B 171 6.18 37.52 32.60
N ILE B 172 5.44 38.16 33.51
CA ILE B 172 6.02 38.73 34.71
C ILE B 172 6.62 37.66 35.60
N ASP B 173 6.17 36.39 35.42
CA ASP B 173 6.65 35.31 36.27
C ASP B 173 8.08 34.92 35.95
N CYS B 174 8.57 35.20 34.75
CA CYS B 174 9.93 34.88 34.37
C CYS B 174 10.72 36.06 33.81
N HIS B 175 10.11 37.23 33.71
CA HIS B 175 10.76 38.38 33.10
C HIS B 175 10.63 39.57 34.01
N ASN B 176 11.68 40.39 34.06
CA ASN B 176 11.57 41.67 34.74
C ASN B 176 11.12 42.74 33.74
N ASN B 177 10.34 43.69 34.24
CA ASN B 177 9.67 44.60 33.33
C ASN B 177 10.56 45.74 32.84
N LYS B 178 11.77 45.92 33.37
CA LYS B 178 12.59 47.04 32.91
C LYS B 178 13.26 46.75 31.57
N ASP B 179 13.99 45.63 31.47
CA ASP B 179 14.74 45.28 30.27
C ASP B 179 14.30 43.96 29.64
N MET B 180 13.25 43.33 30.18
CA MET B 180 12.90 41.93 29.92
C MET B 180 14.04 41.12 30.52
N GLY B 181 14.23 39.91 30.09
CA GLY B 181 15.35 39.24 30.68
C GLY B 181 14.97 38.58 31.98
N LEU B 182 15.58 37.43 32.18
CA LEU B 182 15.05 36.47 33.12
C LEU B 182 15.13 36.96 34.55
N LYS B 183 14.08 36.66 35.30
CA LYS B 183 13.95 37.09 36.68
C LYS B 183 13.19 35.99 37.41
N ILE B 184 13.60 35.70 38.64
CA ILE B 184 12.94 34.72 39.49
C ILE B 184 11.85 35.45 40.27
N SER B 185 10.59 35.30 39.85
CA SER B 185 9.45 35.86 40.58
C SER B 185 9.21 35.15 41.91
N ARG B 186 9.46 33.84 41.95
CA ARG B 186 9.14 33.01 43.12
C ARG B 186 10.26 33.14 44.17
N GLY B 187 10.29 34.32 44.79
CA GLY B 187 11.29 34.55 45.82
C GLY B 187 11.05 33.72 47.06
N PHE B 188 9.79 33.64 47.49
CA PHE B 188 9.55 32.96 48.76
C PHE B 188 9.70 31.44 48.67
N THR B 189 9.95 30.86 47.49
CA THR B 189 10.23 29.44 47.40
C THR B 189 11.60 29.19 46.79
N LEU B 190 11.83 29.52 45.52
CA LEU B 190 13.07 29.08 44.86
C LEU B 190 14.28 29.82 45.42
N VAL B 191 14.18 31.12 45.65
CA VAL B 191 15.34 31.84 46.18
C VAL B 191 15.66 31.36 47.58
N LYS B 192 14.63 31.06 48.38
CA LYS B 192 14.87 30.58 49.73
C LYS B 192 15.57 29.22 49.71
N ALA B 193 15.20 28.37 48.76
CA ALA B 193 15.86 27.07 48.62
C ALA B 193 17.29 27.22 48.14
N LEU B 194 17.51 28.13 47.18
CA LEU B 194 18.87 28.39 46.70
C LEU B 194 19.75 28.92 47.83
N ASP B 195 19.21 29.80 48.68
CA ASP B 195 19.97 30.25 49.85
C ASP B 195 20.31 29.08 50.75
N LYS B 196 19.37 28.14 50.94
CA LYS B 196 19.64 26.94 51.71
C LYS B 196 20.82 26.16 51.13
N MET B 197 21.00 26.20 49.82
CA MET B 197 22.08 25.44 49.21
C MET B 197 23.40 26.21 49.19
N GLY B 198 23.38 27.47 49.64
CA GLY B 198 24.56 28.30 49.60
C GLY B 198 24.88 28.91 48.25
N VAL B 199 23.90 28.97 47.36
CA VAL B 199 24.09 29.53 46.04
C VAL B 199 24.10 31.05 46.13
N ASP B 200 25.09 31.67 45.48
CA ASP B 200 25.22 33.12 45.41
C ASP B 200 24.44 33.63 44.20
N GLN B 201 23.36 34.38 44.45
CA GLN B 201 22.53 34.86 43.36
C GLN B 201 23.25 35.80 42.39
N THR B 202 24.26 36.50 42.88
CA THR B 202 25.03 37.45 42.03
C THR B 202 25.98 36.66 41.12
N LYS B 203 26.06 35.34 41.30
CA LYS B 203 26.95 34.49 40.46
C LYS B 203 26.10 33.61 39.55
N LEU B 204 24.82 33.93 39.38
CA LEU B 204 23.94 33.13 38.53
C LEU B 204 23.96 33.67 37.11
N THR B 205 24.33 32.82 36.15
CA THR B 205 24.41 33.27 34.78
C THR B 205 23.05 33.24 34.10
N ASN B 206 23.02 33.77 32.87
CA ASN B 206 21.79 33.71 32.09
C ASN B 206 21.44 32.28 31.72
N GLN B 207 22.45 31.45 31.45
CA GLN B 207 22.17 30.04 31.18
C GLN B 207 21.70 29.33 32.43
N ASP B 208 22.13 29.80 33.60
CA ASP B 208 21.51 29.30 34.83
C ASP B 208 20.04 29.67 34.90
N LYS B 209 19.71 30.93 34.58
CA LYS B 209 18.33 31.38 34.66
C LYS B 209 17.46 30.71 33.61
N ARG B 210 18.06 30.29 32.48
CA ARG B 210 17.35 29.50 31.47
C ARG B 210 17.00 28.10 31.97
N SER B 211 17.41 27.73 33.19
CA SER B 211 16.77 26.64 33.88
C SER B 211 16.11 27.07 35.18
N LEU B 212 16.60 28.11 35.84
CA LEU B 212 16.02 28.47 37.14
C LEU B 212 14.61 29.06 37.00
N VAL B 213 14.27 29.69 35.86
CA VAL B 213 12.89 30.18 35.74
C VAL B 213 11.90 29.04 35.73
N CYS B 214 12.31 27.86 35.24
CA CYS B 214 11.44 26.69 35.34
C CYS B 214 11.52 26.06 36.72
N ALA B 215 12.68 26.13 37.36
CA ALA B 215 12.83 25.58 38.69
C ALA B 215 11.97 26.32 39.69
N GLN B 216 11.33 27.41 39.28
CA GLN B 216 10.33 28.03 40.13
C GLN B 216 9.15 27.09 40.38
N CYS B 217 8.90 26.15 39.47
CA CYS B 217 7.78 25.22 39.68
C CYS B 217 8.08 23.77 39.37
N HIS B 218 9.06 23.43 38.54
CA HIS B 218 9.28 22.02 38.22
C HIS B 218 10.29 21.41 39.18
N VAL B 219 9.90 21.45 40.45
CA VAL B 219 10.73 20.96 41.55
C VAL B 219 9.81 20.16 42.47
N THR B 220 10.42 19.39 43.37
CA THR B 220 9.64 18.77 44.42
C THR B 220 9.53 19.72 45.60
N TYR B 221 8.41 19.62 46.31
CA TYR B 221 8.13 20.56 47.40
C TYR B 221 7.52 19.80 48.56
N THR B 222 7.49 20.48 49.70
CA THR B 222 6.91 19.96 50.93
C THR B 222 5.94 21.00 51.48
N ILE B 223 4.77 20.53 51.91
CA ILE B 223 3.79 21.37 52.59
C ILE B 223 3.72 20.91 54.04
N PRO B 224 4.43 21.56 54.95
CA PRO B 224 4.34 21.17 56.36
C PRO B 224 2.94 21.44 56.91
N LYS B 225 2.51 20.56 57.80
CA LYS B 225 1.17 20.65 58.33
C LYS B 225 1.21 20.82 59.84
N ASP B 226 0.16 21.43 60.39
CA ASP B 226 0.04 21.60 61.82
C ASP B 226 -0.81 20.46 62.40
N ALA B 227 -1.09 20.53 63.71
CA ALA B 227 -1.83 19.48 64.41
C ALA B 227 -3.20 19.22 63.78
N ASN B 228 -3.77 20.19 63.07
CA ASN B 228 -5.07 20.01 62.41
C ASN B 228 -4.91 19.57 60.96
N MET B 229 -3.71 19.18 60.54
CA MET B 229 -3.41 18.78 59.16
C MET B 229 -3.68 19.92 58.17
N LYS B 230 -3.42 21.16 58.60
CA LYS B 230 -3.55 22.34 57.75
C LYS B 230 -2.17 22.86 57.30
N SER B 231 -2.13 23.39 56.09
CA SER B 231 -0.88 23.75 55.43
C SER B 231 -0.23 25.00 56.04
N GLN B 232 1.08 24.94 56.22
CA GLN B 232 1.77 26.04 56.86
C GLN B 232 2.73 26.79 55.95
N ASP B 233 3.20 26.16 54.87
CA ASP B 233 4.27 26.72 54.06
C ASP B 233 4.41 25.88 52.79
N VAL B 234 5.25 26.36 51.88
CA VAL B 234 5.70 25.58 50.74
C VAL B 234 7.21 25.81 50.65
N PHE B 235 7.98 24.74 50.74
CA PHE B 235 9.41 24.89 50.58
C PHE B 235 9.94 23.71 49.77
N PHE B 236 11.12 23.91 49.20
CA PHE B 236 11.77 22.87 48.40
C PHE B 236 12.78 22.15 49.26
N PRO B 237 12.64 20.85 49.51
CA PRO B 237 13.50 20.18 50.52
C PRO B 237 14.94 19.98 50.06
N TRP B 238 15.63 21.07 49.75
CA TRP B 238 17.01 21.03 49.26
C TRP B 238 18.03 21.17 50.38
N ASP B 239 17.60 21.00 51.62
CA ASP B 239 18.49 21.09 52.77
C ASP B 239 19.66 20.13 52.61
N GLU B 240 20.86 20.64 52.89
CA GLU B 240 22.12 19.89 52.86
C GLU B 240 22.49 19.39 51.45
N SER B 241 21.92 19.98 50.41
CA SER B 241 22.27 19.70 49.03
C SER B 241 23.05 20.87 48.44
N LYS B 242 23.81 20.60 47.38
CA LYS B 242 24.59 21.61 46.69
C LYS B 242 24.14 21.74 45.24
N TRP B 243 24.41 22.90 44.66
CA TRP B 243 24.20 23.15 43.23
C TRP B 243 24.73 21.99 42.39
N GLY B 244 23.85 21.43 41.56
CA GLY B 244 24.20 20.30 40.74
C GLY B 244 24.18 18.95 41.42
N LYS B 245 23.69 18.88 42.66
CA LYS B 245 23.75 17.66 43.46
C LYS B 245 22.62 17.59 44.48
N ILE B 246 21.37 17.66 44.00
CA ILE B 246 20.20 17.50 44.87
C ILE B 246 19.79 16.03 44.74
N SER B 247 20.37 15.19 45.58
CA SER B 247 20.14 13.75 45.49
C SER B 247 18.83 13.33 46.15
N ILE B 248 18.27 12.22 45.67
CA ILE B 248 17.09 11.64 46.34
C ILE B 248 17.42 11.28 47.78
N GLU B 249 18.66 10.90 48.05
CA GLU B 249 19.05 10.56 49.42
C GLU B 249 18.91 11.78 50.33
N ASN B 250 19.42 12.93 49.85
CA ASN B 250 19.29 14.18 50.62
C ASN B 250 17.83 14.58 50.80
N ILE B 251 17.03 14.49 49.73
CA ILE B 251 15.62 14.87 49.83
C ILE B 251 14.90 14.01 50.85
N ILE B 252 15.14 12.70 50.79
CA ILE B 252 14.49 11.78 51.72
C ILE B 252 14.90 12.10 53.13
N LYS B 253 16.18 12.41 53.32
CA LYS B 253 16.65 12.67 54.68
C LYS B 253 15.95 13.89 55.26
N LYS B 254 15.70 14.91 54.43
CA LYS B 254 14.95 16.07 54.86
C LYS B 254 13.50 15.73 55.14
N MET B 255 12.87 14.94 54.26
CA MET B 255 11.46 14.60 54.44
C MET B 255 11.24 13.82 55.73
N ARG B 256 12.18 12.95 56.10
CA ARG B 256 12.08 12.15 57.32
C ARG B 256 12.29 12.97 58.57
N SER B 257 12.92 14.14 58.45
CA SER B 257 13.45 14.88 59.59
C SER B 257 12.39 15.52 60.48
N ASP B 258 11.13 15.62 60.05
CA ASP B 258 10.12 16.33 60.83
C ASP B 258 8.75 15.72 60.63
N LYS B 259 8.01 15.59 61.72
CA LYS B 259 6.70 14.98 61.61
C LYS B 259 5.68 15.93 61.00
N SER B 260 5.88 17.24 61.11
CA SER B 260 5.07 18.15 60.30
C SER B 260 5.09 17.80 58.82
N TYR B 261 6.09 17.06 58.33
CA TYR B 261 6.21 16.79 56.89
C TYR B 261 5.36 15.60 56.43
N GLY B 262 4.59 14.98 57.32
CA GLY B 262 3.61 13.96 56.96
C GLY B 262 2.32 14.58 56.47
N GLU B 263 2.04 14.45 55.18
CA GLU B 263 0.91 15.15 54.58
C GLU B 263 -0.30 14.28 54.34
N TRP B 264 -0.17 12.95 54.37
CA TRP B 264 -1.30 12.10 54.05
C TRP B 264 -1.16 10.75 54.72
N THR B 265 -2.24 9.98 54.68
CA THR B 265 -2.23 8.62 55.19
C THR B 265 -2.45 7.66 54.03
N GLN B 266 -1.47 6.80 53.80
CA GLN B 266 -1.64 5.74 52.82
C GLN B 266 -2.68 4.76 53.36
N ALA B 267 -3.75 4.56 52.59
CA ALA B 267 -4.90 3.82 53.11
C ALA B 267 -4.59 2.35 53.30
N VAL B 268 -3.95 1.73 52.30
CA VAL B 268 -3.69 0.30 52.37
C VAL B 268 -2.77 -0.02 53.55
N THR B 269 -1.80 0.85 53.84
CA THR B 269 -0.89 0.57 54.93
C THR B 269 -1.25 1.27 56.22
N GLY B 270 -2.03 2.35 56.16
CA GLY B 270 -2.25 3.19 57.32
C GLY B 270 -1.08 4.06 57.71
N PHE B 271 -0.06 4.18 56.85
CA PHE B 271 1.11 4.96 57.22
C PHE B 271 0.90 6.44 56.93
N LYS B 272 1.35 7.29 57.86
CA LYS B 272 1.44 8.70 57.55
C LYS B 272 2.75 8.91 56.80
N MET B 273 2.66 9.53 55.62
CA MET B 273 3.78 9.60 54.72
C MET B 273 4.01 11.02 54.24
N ALA B 274 5.24 11.30 53.81
CA ALA B 274 5.53 12.54 53.10
C ALA B 274 5.34 12.32 51.60
N TYR B 275 5.79 13.25 50.77
CA TYR B 275 5.54 13.07 49.35
C TYR B 275 6.58 13.82 48.53
N ILE B 276 6.65 13.45 47.26
CA ILE B 276 7.53 14.05 46.28
C ILE B 276 6.70 14.34 45.05
N ARG B 277 6.94 15.50 44.43
CA ARG B 277 6.22 15.97 43.26
C ARG B 277 7.23 16.33 42.19
N HIS B 278 6.88 16.08 40.93
CA HIS B 278 7.59 16.45 39.69
C HIS B 278 8.95 17.12 39.91
N PRO B 279 10.00 16.34 40.19
CA PRO B 279 11.32 16.93 40.46
C PRO B 279 12.20 17.08 39.21
N GLU B 280 11.71 17.81 38.21
CA GLU B 280 12.49 17.92 36.98
C GLU B 280 13.83 18.58 37.26
N PHE B 281 13.84 19.71 37.97
CA PHE B 281 15.10 20.40 38.20
C PHE B 281 16.06 19.57 39.06
N GLU B 282 15.56 18.90 40.09
CA GLU B 282 16.46 18.09 40.92
C GLU B 282 17.02 16.92 40.12
N MET B 283 16.18 16.27 39.31
CA MET B 283 16.63 15.13 38.54
C MET B 283 17.63 15.57 37.47
N TYR B 284 17.27 16.61 36.70
CA TYR B 284 18.06 17.00 35.55
C TYR B 284 19.40 17.58 35.98
N SER B 285 19.41 18.40 37.02
CA SER B 285 20.62 19.10 37.41
C SER B 285 21.56 18.24 38.27
N ASN B 286 21.20 16.99 38.57
CA ASN B 286 22.03 16.13 39.43
C ASN B 286 23.09 15.40 38.61
N GLN B 287 24.08 16.16 38.14
CA GLN B 287 25.21 15.60 37.42
C GLN B 287 24.77 14.76 36.23
N SER B 288 23.78 15.26 35.50
CA SER B 288 23.37 14.59 34.27
C SER B 288 24.24 15.03 33.10
N VAL B 289 24.20 14.25 32.02
CA VAL B 289 25.03 14.52 30.86
C VAL B 289 24.77 15.93 30.31
N HIS B 290 23.50 16.26 30.05
CA HIS B 290 23.23 17.55 29.44
C HIS B 290 23.49 18.68 30.42
N TRP B 291 23.22 18.45 31.71
CA TRP B 291 23.54 19.48 32.69
C TRP B 291 25.03 19.74 32.71
N MET B 292 25.83 18.67 32.81
CA MET B 292 27.26 18.86 32.85
C MET B 292 27.80 19.41 31.54
N ALA B 293 27.05 19.29 30.46
CA ALA B 293 27.42 19.93 29.21
C ALA B 293 26.98 21.39 29.15
N GLY B 294 26.26 21.88 30.15
CA GLY B 294 25.79 23.25 30.16
C GLY B 294 24.45 23.50 29.48
N VAL B 295 23.66 22.47 29.25
CA VAL B 295 22.37 22.64 28.59
C VAL B 295 21.33 23.03 29.64
N SER B 296 20.47 23.97 29.28
CA SER B 296 19.40 24.49 30.12
C SER B 296 18.08 23.93 29.63
N CYS B 297 17.08 23.92 30.53
CA CYS B 297 15.72 23.53 30.12
C CYS B 297 15.34 24.19 28.81
N ALA B 298 15.58 25.49 28.72
CA ALA B 298 15.11 26.24 27.58
C ALA B 298 15.75 25.79 26.27
N ASP B 299 16.95 25.22 26.33
CA ASP B 299 17.59 24.76 25.10
C ASP B 299 16.73 23.74 24.37
N CYS B 300 16.06 22.86 25.12
CA CYS B 300 15.24 21.82 24.54
C CYS B 300 13.77 22.20 24.46
N HIS B 301 13.29 23.01 25.40
CA HIS B 301 11.88 23.28 25.49
C HIS B 301 11.48 24.64 24.96
N MET B 302 12.43 25.52 24.71
CA MET B 302 12.16 26.82 24.09
C MET B 302 13.09 27.00 22.90
N PRO B 303 12.89 26.23 21.83
CA PRO B 303 13.75 26.38 20.66
C PRO B 303 13.60 27.77 20.09
N TYR B 304 14.66 28.26 19.47
CA TYR B 304 14.65 29.63 18.99
C TYR B 304 14.73 29.67 17.47
N THR B 305 14.30 30.80 16.92
CA THR B 305 14.56 31.16 15.54
C THR B 305 15.37 32.45 15.54
N LYS B 306 16.39 32.46 14.70
CA LYS B 306 17.26 33.61 14.49
C LYS B 306 16.87 34.24 13.17
N GLY B 308 18.31 37.07 11.37
CA GLY B 308 19.46 37.94 11.36
C GLY B 308 20.20 38.05 12.69
N SER B 309 20.23 39.22 13.32
CA SER B 309 20.77 39.21 14.68
C SER B 309 19.70 39.08 15.73
N LYS B 310 18.44 39.09 15.37
CA LYS B 310 17.32 39.20 16.32
C LYS B 310 16.69 37.81 16.59
N LYS B 311 16.58 37.47 17.89
CA LYS B 311 16.32 36.13 18.43
C LYS B 311 14.87 35.99 18.88
N ILE B 312 14.17 34.95 18.43
CA ILE B 312 12.81 34.71 18.91
C ILE B 312 12.74 33.31 19.45
N SER B 313 12.40 33.18 20.73
CA SER B 313 12.30 31.88 21.37
C SER B 313 10.86 31.43 21.33
N ASP B 314 10.67 30.15 21.09
CA ASP B 314 9.34 29.57 21.02
C ASP B 314 8.83 29.40 22.45
N HIS B 315 7.68 30.00 22.76
CA HIS B 315 7.13 29.91 24.11
C HIS B 315 6.02 28.89 24.19
N ARG B 316 5.73 28.18 23.09
CA ARG B 316 4.82 27.04 23.11
C ARG B 316 5.59 25.86 23.69
N ILE B 317 5.84 25.96 24.99
CA ILE B 317 6.65 24.98 25.69
C ILE B 317 5.94 23.64 25.66
N MET B 318 6.62 22.62 25.14
CA MET B 318 6.00 21.32 24.94
C MET B 318 7.10 20.26 24.91
N SER B 319 6.68 19.00 24.81
CA SER B 319 7.59 17.89 24.60
C SER B 319 8.42 18.12 23.32
N PRO B 320 9.75 18.01 23.39
CA PRO B 320 10.56 18.11 22.16
C PRO B 320 10.21 17.06 21.12
N LEU B 321 9.65 15.92 21.55
CA LEU B 321 9.20 14.94 20.57
C LEU B 321 8.07 15.49 19.71
N LYS B 322 7.41 16.55 20.15
CA LYS B 322 6.19 17.04 19.50
C LYS B 322 6.38 18.30 18.67
N ASN B 323 7.58 18.89 18.65
CA ASN B 323 7.87 20.00 17.75
C ASN B 323 9.08 19.65 16.88
N ASP B 324 9.12 18.40 16.43
CA ASP B 324 10.17 17.88 15.54
C ASP B 324 11.57 18.19 16.09
N PHE B 325 11.74 18.06 17.42
CA PHE B 325 13.07 18.09 18.05
C PHE B 325 13.85 19.36 17.70
N LYS B 326 13.11 20.42 17.39
CA LYS B 326 13.76 21.63 16.86
C LYS B 326 14.81 22.18 17.82
N GLY B 327 14.63 21.99 19.13
CA GLY B 327 15.65 22.34 20.09
C GLY B 327 16.88 21.45 20.08
N CYS B 328 16.66 20.14 19.95
CA CYS B 328 17.78 19.21 19.83
C CYS B 328 18.64 19.55 18.63
N LYS B 329 17.99 19.87 17.52
CA LYS B 329 18.70 20.08 16.28
C LYS B 329 19.59 21.33 16.30
N GLN B 330 19.54 22.11 17.38
CA GLN B 330 20.44 23.24 17.51
C GLN B 330 21.82 22.81 17.98
N CYS B 331 21.96 21.55 18.42
CA CYS B 331 23.27 21.00 18.73
C CYS B 331 23.53 19.64 18.09
N HIS B 332 22.51 18.99 17.55
CA HIS B 332 22.65 17.69 16.91
C HIS B 332 22.22 17.77 15.46
N SER B 333 23.03 17.18 14.60
CA SER B 333 22.81 17.21 13.17
C SER B 333 22.23 15.88 12.71
N GLU B 334 21.39 15.30 13.54
CA GLU B 334 20.73 14.06 13.18
C GLU B 334 19.25 14.31 12.92
N SER B 335 18.64 13.31 12.28
CA SER B 335 17.25 13.38 11.89
C SER B 335 16.36 13.27 13.11
N SER B 336 15.11 13.74 12.95
CA SER B 336 14.13 13.55 14.01
C SER B 336 13.96 12.07 14.34
N GLU B 337 14.04 11.21 13.32
CA GLU B 337 13.95 9.78 13.53
C GLU B 337 15.07 9.26 14.42
N TRP B 338 16.29 9.73 14.17
CA TRP B 338 17.42 9.30 14.99
C TRP B 338 17.25 9.73 16.45
N LEU B 339 16.88 10.99 16.68
CA LEU B 339 16.70 11.49 18.05
C LEU B 339 15.52 10.81 18.74
N LYS B 340 14.41 10.63 18.03
CA LYS B 340 13.28 9.93 18.63
C LYS B 340 13.69 8.56 19.10
N ASN B 341 14.49 7.86 18.29
CA ASN B 341 14.92 6.54 18.67
C ASN B 341 15.79 6.56 19.93
N GLN B 342 16.69 7.53 20.05
CA GLN B 342 17.53 7.60 21.24
C GLN B 342 16.70 7.80 22.50
N VAL B 343 15.74 8.73 22.45
CA VAL B 343 14.93 9.04 23.62
C VAL B 343 14.09 7.83 24.05
N ILE B 344 13.41 7.19 23.10
CA ILE B 344 12.51 6.13 23.50
C ILE B 344 13.28 4.87 23.89
N THR B 345 14.44 4.64 23.28
CA THR B 345 15.27 3.52 23.71
C THR B 345 15.61 3.67 25.19
N ILE B 346 15.99 4.88 25.59
CA ILE B 346 16.28 5.09 27.01
C ILE B 346 15.00 4.98 27.85
N GLN B 347 13.91 5.64 27.43
CA GLN B 347 12.71 5.67 28.27
C GLN B 347 12.12 4.28 28.51
N ASP B 348 12.23 3.38 27.52
CA ASP B 348 11.67 2.04 27.66
C ASP B 348 12.38 1.25 28.75
N ARG B 349 13.71 1.32 28.82
CA ARG B 349 14.44 0.64 29.90
C ARG B 349 14.07 1.21 31.26
N ALA B 350 14.04 2.54 31.37
CA ALA B 350 13.68 3.16 32.63
C ALA B 350 12.24 2.84 33.03
N ALA B 351 11.30 2.94 32.08
CA ALA B 351 9.90 2.63 32.39
C ALA B 351 9.75 1.18 32.83
N SER B 352 10.51 0.27 32.21
CA SER B 352 10.52 -1.12 32.65
C SER B 352 10.82 -1.25 34.14
N GLN B 353 11.92 -0.66 34.59
CA GLN B 353 12.30 -0.74 36.01
C GLN B 353 11.26 -0.04 36.89
N TYR B 354 10.69 1.06 36.40
CA TYR B 354 9.68 1.79 37.17
C TYR B 354 8.44 0.92 37.40
N ILE B 355 7.96 0.26 36.36
CA ILE B 355 6.78 -0.58 36.46
C ILE B 355 7.07 -1.78 37.37
N ARG B 356 8.22 -2.42 37.18
CA ARG B 356 8.56 -3.56 38.01
C ARG B 356 8.70 -3.18 39.48
N SER B 357 9.41 -2.08 39.78
CA SER B 357 9.51 -1.69 41.18
C SER B 357 8.16 -1.19 41.71
N GLY B 358 7.32 -0.66 40.83
CA GLY B 358 6.02 -0.18 41.27
C GLY B 358 5.08 -1.30 41.72
N TYR B 359 5.00 -2.38 40.94
CA TYR B 359 4.20 -3.52 41.38
C TYR B 359 4.79 -4.12 42.65
N ALA B 360 6.11 -4.14 42.75
CA ALA B 360 6.77 -4.67 43.95
C ALA B 360 6.41 -3.85 45.17
N LEU B 361 6.39 -2.53 45.03
CA LEU B 361 6.11 -1.70 46.20
C LEU B 361 4.64 -1.83 46.60
N ALA B 362 3.76 -1.95 45.61
CA ALA B 362 2.37 -2.23 45.90
C ALA B 362 2.22 -3.58 46.61
N THR B 363 2.96 -4.59 46.17
CA THR B 363 2.93 -5.86 46.89
C THR B 363 3.36 -5.71 48.35
N VAL B 364 4.40 -4.92 48.61
CA VAL B 364 4.83 -4.71 50.00
C VAL B 364 3.75 -3.98 50.79
N ALA B 365 3.05 -3.06 50.14
CA ALA B 365 1.95 -2.39 50.82
C ALA B 365 0.86 -3.40 51.19
N LYS B 366 0.50 -4.27 50.25
CA LYS B 366 -0.49 -5.29 50.56
C LYS B 366 0.00 -6.20 51.68
N LEU B 367 1.31 -6.47 51.71
CA LEU B 367 1.87 -7.26 52.79
C LEU B 367 1.76 -6.55 54.13
N PHE B 368 1.89 -5.22 54.14
CA PHE B 368 1.68 -4.49 55.39
C PHE B 368 0.22 -4.56 55.82
N GLU B 369 -0.70 -4.49 54.86
CA GLU B 369 -2.11 -4.63 55.17
C GLU B 369 -2.38 -5.98 55.84
N MET B 370 -1.85 -7.04 55.25
CA MET B 370 -1.94 -8.37 55.85
C MET B 370 -1.39 -8.38 57.27
N THR B 371 -0.21 -7.78 57.46
CA THR B 371 0.41 -7.75 58.78
C THR B 371 -0.52 -7.12 59.81
N HIS B 372 -1.15 -6.00 59.45
CA HIS B 372 -2.02 -5.32 60.39
C HIS B 372 -3.32 -6.09 60.62
N LYS B 373 -3.78 -6.84 59.62
CA LYS B 373 -4.98 -7.62 59.82
C LYS B 373 -4.68 -8.85 60.67
N GLN B 374 -3.44 -9.33 60.61
CA GLN B 374 -3.03 -10.43 61.48
C GLN B 374 -2.82 -9.96 62.90
N GLN B 375 -2.31 -8.75 63.07
CA GLN B 375 -2.15 -8.22 64.42
C GLN B 375 -3.49 -8.13 65.14
N ALA B 376 -4.53 -7.70 64.44
CA ALA B 376 -5.87 -7.67 65.05
C ALA B 376 -6.36 -9.07 65.37
N ALA B 377 -6.05 -10.04 64.52
CA ALA B 377 -6.38 -11.43 64.79
C ALA B 377 -5.44 -12.09 65.81
N GLY B 378 -4.74 -11.30 66.63
CA GLY B 378 -3.95 -11.82 67.71
C GLY B 378 -2.54 -12.26 67.37
N LYS B 379 -2.20 -12.40 66.07
CA LYS B 379 -0.86 -12.87 65.72
C LYS B 379 0.15 -11.78 66.03
N GLN B 380 1.20 -12.16 66.73
CA GLN B 380 2.18 -11.21 67.19
C GLN B 380 3.33 -11.20 66.19
N ILE B 381 3.78 -10.01 65.80
CA ILE B 381 4.79 -9.89 64.76
C ILE B 381 6.05 -9.33 65.38
N ASP B 382 7.19 -9.88 64.98
CA ASP B 382 8.49 -9.39 65.43
C ASP B 382 8.61 -7.89 65.16
N GLN B 383 8.66 -7.12 66.22
CA GLN B 383 8.69 -5.64 66.12
C GLN B 383 9.96 -5.18 65.40
N LYS B 384 11.06 -5.86 65.57
CA LYS B 384 12.29 -5.42 64.89
C LYS B 384 12.20 -5.69 63.40
N MET B 385 11.71 -6.81 62.97
CA MET B 385 11.68 -7.02 61.52
C MET B 385 10.65 -6.08 60.92
N TYR B 386 9.56 -5.80 61.60
CA TYR B 386 8.53 -4.90 61.12
C TYR B 386 9.08 -3.49 60.95
N ASP B 387 9.85 -3.00 61.93
CA ASP B 387 10.42 -1.67 61.83
C ASP B 387 11.38 -1.54 60.66
N GLN B 388 12.26 -2.54 60.47
CA GLN B 388 13.18 -2.52 59.34
C GLN B 388 12.44 -2.59 58.01
N ALA B 389 11.43 -3.45 57.93
CA ALA B 389 10.66 -3.54 56.70
C ALA B 389 10.00 -2.21 56.38
N LYS B 390 9.45 -1.54 57.42
CA LYS B 390 8.79 -0.28 57.18
C LYS B 390 9.78 0.77 56.71
N PHE B 391 10.95 0.82 57.33
CA PHE B 391 11.97 1.78 56.90
C PHE B 391 12.36 1.55 55.45
N TYR B 392 12.62 0.29 55.09
CA TYR B 392 13.01 -0.03 53.73
C TYR B 392 11.91 0.28 52.74
N TYR B 393 10.67 -0.06 53.11
CA TYR B 393 9.53 0.23 52.26
C TYR B 393 9.44 1.72 51.97
N GLU B 394 9.66 2.57 52.99
CA GLU B 394 9.65 4.01 52.76
C GLU B 394 10.78 4.43 51.81
N GLU B 395 11.98 3.89 52.01
CA GLU B 395 13.11 4.20 51.11
C GLU B 395 12.79 3.85 49.67
N GLY B 396 12.24 2.66 49.43
CA GLY B 396 11.90 2.26 48.07
C GLY B 396 10.76 3.07 47.50
N PHE B 397 9.75 3.35 48.33
CA PHE B 397 8.58 4.07 47.87
C PHE B 397 8.94 5.46 47.41
N TYR B 398 9.70 6.19 48.24
CA TYR B 398 10.09 7.55 47.86
C TYR B 398 10.98 7.53 46.62
N ARG B 399 11.80 6.50 46.46
CA ARG B 399 12.60 6.41 45.24
C ARG B 399 11.70 6.20 44.02
N ASN B 400 10.79 5.22 44.08
CA ASN B 400 9.89 4.95 42.96
C ASN B 400 9.06 6.19 42.62
N LEU B 401 8.63 6.92 43.65
CA LEU B 401 7.81 8.10 43.46
C LEU B 401 8.59 9.25 42.83
N PHE B 402 9.85 9.43 43.25
CA PHE B 402 10.72 10.42 42.63
C PHE B 402 10.77 10.20 41.12
N PHE B 403 10.95 8.94 40.69
CA PHE B 403 10.97 8.66 39.25
C PHE B 403 9.61 8.90 38.62
N GLY B 404 8.57 8.27 39.16
CA GLY B 404 7.28 8.35 38.52
C GLY B 404 6.71 9.76 38.52
N ALA B 405 7.11 10.58 39.49
CA ALA B 405 6.66 11.96 39.47
C ALA B 405 7.36 12.80 38.41
N GLU B 406 8.57 12.41 38.03
CA GLU B 406 9.37 13.14 37.05
C GLU B 406 8.83 12.91 35.64
N ASN B 407 8.86 13.96 34.82
CA ASN B 407 8.10 13.95 33.58
C ASN B 407 8.89 13.58 32.34
N SER B 408 10.13 13.07 32.48
CA SER B 408 10.97 12.70 31.35
C SER B 408 11.10 11.20 31.11
N ILE B 409 10.59 10.36 32.01
CA ILE B 409 10.77 8.92 31.91
C ILE B 409 12.27 8.62 31.75
N GLY B 410 13.09 9.30 32.53
CA GLY B 410 14.50 9.02 32.56
C GLY B 410 15.37 9.84 31.61
N PHE B 411 14.79 10.44 30.57
CA PHE B 411 15.69 11.07 29.60
C PHE B 411 16.47 12.25 30.21
N HIS B 412 15.92 12.94 31.19
CA HIS B 412 16.62 14.06 31.83
C HIS B 412 17.91 13.64 32.50
N ASN B 413 17.99 12.41 32.98
CA ASN B 413 19.18 11.97 33.71
C ASN B 413 19.18 10.46 33.71
N PRO B 414 19.48 9.84 32.56
CA PRO B 414 19.25 8.38 32.39
C PRO B 414 19.83 7.50 33.49
N THR B 415 21.16 7.49 33.62
CA THR B 415 21.78 6.59 34.58
C THR B 415 21.33 6.90 36.01
N GLU B 416 21.21 8.20 36.36
CA GLU B 416 20.72 8.51 37.71
C GLU B 416 19.33 7.95 37.95
N ALA B 417 18.41 8.16 37.00
CA ALA B 417 17.08 7.57 37.11
C ALA B 417 17.16 6.06 37.33
N MET B 418 18.00 5.37 36.55
CA MET B 418 18.10 3.93 36.73
C MET B 418 18.64 3.61 38.11
N ARG B 419 19.65 4.37 38.55
CA ARG B 419 20.20 4.14 39.88
C ARG B 419 19.10 4.20 40.93
N ILE B 420 18.27 5.25 40.87
CA ILE B 420 17.19 5.44 41.82
C ILE B 420 16.22 4.26 41.79
N LEU B 421 15.78 3.85 40.59
CA LEU B 421 14.88 2.72 40.44
C LEU B 421 15.52 1.43 40.96
N GLY B 422 16.78 1.19 40.63
CA GLY B 422 17.50 0.04 41.14
C GLY B 422 17.45 -0.03 42.64
N ASP B 423 17.69 1.09 43.31
CA ASP B 423 17.63 1.09 44.76
C ASP B 423 16.19 0.85 45.23
N ALA B 424 15.22 1.49 44.56
CA ALA B 424 13.83 1.20 44.84
C ALA B 424 13.57 -0.30 44.78
N THR B 425 13.97 -0.93 43.67
CA THR B 425 13.84 -2.37 43.55
C THR B 425 14.51 -3.07 44.72
N MET B 426 15.73 -2.67 45.06
CA MET B 426 16.44 -3.26 46.18
C MET B 426 15.62 -3.16 47.46
N TYR B 427 15.23 -1.93 47.83
CA TYR B 427 14.58 -1.71 49.12
C TYR B 427 13.26 -2.46 49.21
N ALA B 428 12.49 -2.48 48.12
CA ALA B 428 11.26 -3.26 48.10
C ALA B 428 11.53 -4.72 48.46
N GLY B 429 12.49 -5.34 47.77
CA GLY B 429 12.88 -6.72 48.08
C GLY B 429 13.22 -6.90 49.55
N LYS B 430 14.00 -5.98 50.11
CA LYS B 430 14.36 -6.10 51.52
C LYS B 430 13.12 -6.12 52.40
N ALA B 431 12.20 -5.18 52.17
CA ALA B 431 10.95 -5.11 52.93
C ALA B 431 10.11 -6.37 52.72
N ASP B 432 9.97 -6.78 51.46
CA ASP B 432 9.16 -7.95 51.13
C ASP B 432 9.65 -9.17 51.88
N GLY B 433 10.94 -9.47 51.72
CA GLY B 433 11.52 -10.61 52.40
C GLY B 433 11.30 -10.57 53.90
N LEU B 434 11.50 -9.39 54.49
CA LEU B 434 11.37 -9.26 55.93
C LEU B 434 9.95 -9.58 56.40
N LEU B 435 8.94 -8.97 55.75
CA LEU B 435 7.55 -9.24 56.11
C LEU B 435 7.20 -10.73 55.92
N ARG B 436 7.65 -11.33 54.83
CA ARG B 436 7.37 -12.74 54.58
C ARG B 436 7.95 -13.62 55.68
N GLN B 437 9.19 -13.36 56.06
CA GLN B 437 9.77 -14.11 57.17
C GLN B 437 8.98 -13.91 58.46
N ALA B 438 8.81 -12.66 58.87
CA ALA B 438 8.15 -12.35 60.13
C ALA B 438 6.72 -12.90 60.17
N LEU B 439 5.97 -12.74 59.07
CA LEU B 439 4.62 -13.27 59.02
C LEU B 439 4.65 -14.79 59.14
N THR B 440 5.61 -15.44 58.46
CA THR B 440 5.68 -16.89 58.52
C THR B 440 6.10 -17.32 59.92
N LYS B 441 6.91 -16.52 60.60
CA LYS B 441 7.32 -16.90 61.94
C LYS B 441 6.15 -16.81 62.91
N ALA B 442 5.22 -15.89 62.66
CA ALA B 442 4.00 -15.77 63.43
C ALA B 442 2.93 -16.80 63.06
N GLY B 443 3.18 -17.67 62.09
CA GLY B 443 2.24 -18.71 61.75
C GLY B 443 1.33 -18.42 60.58
N VAL B 444 1.39 -17.23 60.01
CA VAL B 444 0.57 -16.87 58.86
C VAL B 444 1.15 -17.49 57.59
N ASP B 445 0.26 -17.87 56.66
CA ASP B 445 0.63 -18.45 55.37
C ASP B 445 0.59 -17.34 54.34
N VAL B 446 1.76 -16.97 53.81
CA VAL B 446 1.85 -15.88 52.84
C VAL B 446 1.91 -16.46 51.49
N PRO B 447 0.95 -16.22 50.58
CA PRO B 447 0.99 -16.79 49.24
C PRO B 447 2.18 -16.25 48.46
N VAL B 448 2.67 -17.07 47.54
CA VAL B 448 3.80 -16.65 46.72
C VAL B 448 3.40 -15.48 45.86
N LYS B 449 2.16 -15.45 45.40
CA LYS B 449 1.66 -14.31 44.66
C LYS B 449 0.61 -13.59 45.50
N ILE B 450 0.90 -12.34 45.84
CA ILE B 450 -0.02 -11.52 46.61
C ILE B 450 -0.96 -10.83 45.62
N ASP B 451 -2.25 -10.96 45.86
CA ASP B 451 -3.24 -10.38 44.96
C ASP B 451 -3.38 -8.89 45.23
N LEU B 452 -3.18 -8.07 44.20
CA LEU B 452 -3.21 -6.64 44.40
C LEU B 452 -4.61 -6.06 44.26
N GLU B 453 -5.50 -6.76 43.58
CA GLU B 453 -6.89 -6.33 43.39
C GLU B 453 -6.96 -4.92 42.80
N LEU B 454 -6.20 -4.70 41.74
CA LEU B 454 -6.07 -3.33 41.27
C LEU B 454 -7.38 -2.79 40.70
N SER B 455 -8.30 -3.67 40.29
CA SER B 455 -9.59 -3.20 39.79
C SER B 455 -10.35 -2.42 40.83
N LYS B 456 -10.17 -2.75 42.11
CA LYS B 456 -10.89 -2.02 43.13
C LYS B 456 -10.31 -0.62 43.33
N TYR B 457 -9.01 -0.45 43.08
CA TYR B 457 -8.42 0.88 43.27
C TYR B 457 -8.48 1.74 42.02
N THR B 458 -8.51 1.13 40.84
CA THR B 458 -8.48 1.89 39.60
C THR B 458 -9.85 2.40 39.19
N ASN B 459 -10.92 1.90 39.82
CA ASN B 459 -12.27 2.23 39.38
C ASN B 459 -13.04 2.89 40.50
N ASN B 460 -14.14 3.55 40.11
CA ASN B 460 -15.05 4.20 41.05
C ASN B 460 -14.30 5.18 41.97
N ARG B 461 -13.47 6.01 41.35
CA ARG B 461 -12.59 6.88 42.10
C ARG B 461 -13.29 8.22 42.31
N GLY B 462 -13.53 8.58 43.56
CA GLY B 462 -13.92 9.92 43.90
C GLY B 462 -15.34 10.35 43.52
N ALA B 463 -15.53 11.67 43.54
CA ALA B 463 -16.84 12.23 43.26
C ALA B 463 -17.26 11.98 41.81
N LYS B 464 -16.33 12.05 40.87
CA LYS B 464 -16.70 11.81 39.49
C LYS B 464 -16.75 10.34 39.13
N LYS B 465 -16.45 9.44 40.07
CA LYS B 465 -16.36 7.99 39.82
C LYS B 465 -15.55 7.69 38.56
N LEU B 466 -14.27 8.07 38.60
CA LEU B 466 -13.38 7.85 37.46
C LEU B 466 -13.03 6.37 37.34
N MET B 467 -13.02 5.88 36.11
CA MET B 467 -12.87 4.46 35.83
C MET B 467 -11.55 4.16 35.12
N PHE B 468 -11.11 2.92 35.25
CA PHE B 468 -9.91 2.47 34.58
C PHE B 468 -10.07 2.58 33.06
N LYS B 469 -9.10 3.20 32.40
CA LYS B 469 -9.13 3.26 30.94
C LYS B 469 -8.07 2.32 30.41
N PRO B 470 -8.42 1.09 30.05
CA PRO B 470 -7.37 0.08 29.76
C PRO B 470 -6.53 0.42 28.55
N GLU B 471 -7.06 1.17 27.59
CA GLU B 471 -6.30 1.58 26.42
C GLU B 471 -5.17 2.54 26.77
N GLN B 472 -5.16 3.09 27.99
CA GLN B 472 -4.11 4.03 28.38
C GLN B 472 -2.99 3.38 29.16
N GLU B 473 -3.13 2.12 29.54
CA GLU B 473 -2.10 1.47 30.33
C GLU B 473 -0.80 1.39 29.53
N LEU B 474 0.31 1.79 30.17
CA LEU B 474 1.64 1.75 29.56
C LEU B 474 2.36 0.54 30.12
N LYS B 475 2.28 -0.57 29.40
CA LYS B 475 2.77 -1.86 29.88
C LYS B 475 4.30 -1.95 29.82
N ASP B 476 4.85 -2.84 30.63
CA ASP B 476 6.28 -3.06 30.71
C ASP B 476 6.84 -3.33 29.31
N PRO B 477 7.75 -2.49 28.80
CA PRO B 477 8.26 -2.71 27.45
C PRO B 477 9.08 -3.96 27.30
N TYR B 478 9.56 -4.55 28.39
CA TYR B 478 10.33 -5.78 28.36
C TYR B 478 9.56 -6.95 28.98
N GLY B 479 8.29 -6.77 29.34
CA GLY B 479 7.48 -7.83 29.91
C GLY B 479 6.67 -8.60 28.87
N ILE C 35 -21.02 73.35 -35.78
CA ILE C 35 -21.98 72.52 -35.04
C ILE C 35 -22.19 72.95 -33.60
N PRO C 36 -23.31 73.61 -33.36
CA PRO C 36 -23.59 74.20 -32.05
C PRO C 36 -23.83 73.15 -30.97
N ASP C 37 -23.69 73.60 -29.73
CA ASP C 37 -24.03 72.79 -28.57
C ASP C 37 -25.52 72.49 -28.56
N GLY C 38 -25.90 71.39 -27.91
CA GLY C 38 -27.30 71.02 -27.83
C GLY C 38 -27.91 70.50 -29.11
N THR C 39 -27.11 70.17 -30.11
CA THR C 39 -27.63 69.78 -31.42
C THR C 39 -27.61 68.25 -31.52
N ILE C 40 -28.79 67.64 -31.43
CA ILE C 40 -28.88 66.22 -31.70
C ILE C 40 -29.06 65.94 -33.19
N ASP C 41 -29.69 66.87 -33.92
CA ASP C 41 -30.02 66.71 -35.33
C ASP C 41 -28.80 66.35 -36.17
N PRO C 42 -28.77 65.12 -36.71
CA PRO C 42 -27.62 64.71 -37.54
C PRO C 42 -27.48 65.53 -38.80
N ALA C 43 -28.57 66.13 -39.28
CA ALA C 43 -28.50 66.99 -40.45
C ALA C 43 -27.60 68.20 -40.19
N VAL C 44 -27.66 68.77 -38.98
CA VAL C 44 -26.78 69.87 -38.65
C VAL C 44 -25.32 69.40 -38.61
N TRP C 45 -25.07 68.25 -38.00
CA TRP C 45 -23.71 67.72 -37.97
C TRP C 45 -23.19 67.51 -39.39
N GLY C 46 -23.99 66.92 -40.26
CA GLY C 46 -23.56 66.57 -41.59
C GLY C 46 -23.66 67.67 -42.63
N LYS C 47 -24.03 68.89 -42.22
CA LYS C 47 -24.05 69.98 -43.19
C LYS C 47 -22.68 70.22 -43.78
N ASN C 48 -21.63 69.93 -43.01
CA ASN C 48 -20.27 70.10 -43.50
C ASN C 48 -19.55 68.80 -43.69
N TYR C 49 -20.25 67.67 -43.58
CA TYR C 49 -19.64 66.36 -43.78
C TYR C 49 -20.55 65.54 -44.67
N PRO C 50 -20.72 65.95 -45.93
CA PRO C 50 -21.77 65.35 -46.76
C PRO C 50 -21.55 63.88 -47.07
N GLU C 51 -20.29 63.45 -47.27
CA GLU C 51 -20.02 62.04 -47.56
C GLU C 51 -20.35 61.17 -46.36
N GLU C 52 -19.83 61.53 -45.18
CA GLU C 52 -20.13 60.77 -43.98
C GLU C 52 -21.62 60.81 -43.65
N TYR C 53 -22.23 61.97 -43.82
CA TYR C 53 -23.66 62.09 -43.58
C TYR C 53 -24.43 61.16 -44.53
N GLN C 54 -24.04 61.11 -45.80
CA GLN C 54 -24.79 60.31 -46.78
C GLN C 54 -24.62 58.81 -46.53
N THR C 55 -23.39 58.34 -46.28
CA THR C 55 -23.24 56.91 -46.01
C THR C 55 -23.91 56.52 -44.69
N TRP C 56 -23.94 57.44 -43.72
CA TRP C 56 -24.68 57.19 -42.48
C TRP C 56 -26.16 57.00 -42.76
N LYS C 57 -26.75 57.89 -43.56
CA LYS C 57 -28.12 57.72 -44.00
C LYS C 57 -28.28 56.42 -44.78
N ASP C 58 -27.25 55.99 -45.49
CA ASP C 58 -27.41 54.88 -46.41
C ASP C 58 -27.56 53.53 -45.72
N THR C 59 -27.39 53.44 -44.40
CA THR C 59 -27.78 52.19 -43.73
C THR C 59 -29.28 51.93 -43.80
N ALA C 60 -30.06 52.91 -44.26
CA ALA C 60 -31.45 52.69 -44.60
C ALA C 60 -31.61 51.82 -45.85
N LEU C 61 -30.58 51.77 -46.70
CA LEU C 61 -30.68 51.04 -47.94
C LEU C 61 -30.77 49.53 -47.66
N PRO C 62 -31.56 48.81 -48.44
CA PRO C 62 -31.55 47.34 -48.34
C PRO C 62 -30.19 46.79 -48.75
N THR C 63 -29.81 45.73 -48.08
CA THR C 63 -28.53 45.10 -48.36
C THR C 63 -28.70 44.14 -49.53
N PRO C 64 -27.62 43.80 -50.23
CA PRO C 64 -27.74 42.90 -51.39
C PRO C 64 -28.00 41.44 -51.00
N GLU C 65 -28.92 40.81 -51.72
CA GLU C 65 -29.22 39.41 -51.48
C GLU C 65 -28.11 38.53 -52.00
N GLY C 66 -27.97 37.35 -51.38
CA GLY C 66 -27.07 36.33 -51.89
C GLY C 66 -25.60 36.60 -51.69
N LYS C 67 -25.23 37.45 -50.74
CA LYS C 67 -23.82 37.73 -50.55
C LYS C 67 -23.25 37.15 -49.27
N SER C 68 -24.07 37.06 -48.22
CA SER C 68 -23.70 36.52 -46.93
C SER C 68 -24.50 35.25 -46.69
N LYS C 69 -23.93 34.31 -45.94
CA LYS C 69 -24.68 33.10 -45.68
C LYS C 69 -25.54 33.21 -44.42
N TYR C 70 -24.98 33.75 -43.34
CA TYR C 70 -25.63 33.69 -42.04
C TYR C 70 -26.28 35.00 -41.61
N LYS C 71 -25.86 36.14 -42.16
CA LYS C 71 -26.34 37.46 -41.74
C LYS C 71 -27.07 38.12 -42.91
N LYS C 72 -28.38 37.85 -43.06
CA LYS C 72 -29.12 38.31 -44.22
C LYS C 72 -30.17 39.37 -43.88
N GLY C 73 -30.07 39.96 -42.69
CA GLY C 73 -31.05 40.94 -42.24
C GLY C 73 -31.22 42.08 -43.21
N ASN C 74 -32.48 42.31 -43.63
CA ASN C 74 -32.85 43.35 -44.59
C ASN C 74 -32.26 43.13 -45.98
N ASP C 75 -31.75 41.92 -46.28
CA ASP C 75 -31.33 41.59 -47.64
C ASP C 75 -32.54 41.64 -48.57
N GLY C 76 -32.49 42.54 -49.56
CA GLY C 76 -33.66 42.75 -50.39
C GLY C 76 -34.89 43.16 -49.61
N GLY C 77 -34.70 43.75 -48.44
CA GLY C 77 -35.80 44.19 -47.61
C GLY C 77 -36.45 43.10 -46.80
N LYS C 78 -35.90 41.89 -46.78
CA LYS C 78 -36.55 40.78 -46.09
C LYS C 78 -36.21 40.79 -44.61
N VAL C 79 -37.18 40.36 -43.78
CA VAL C 79 -36.94 40.11 -42.36
C VAL C 79 -36.59 38.64 -42.17
N TYR C 80 -35.52 38.37 -41.43
CA TYR C 80 -35.09 37.01 -41.15
C TYR C 80 -35.39 36.70 -39.68
N ASP C 81 -36.13 35.62 -39.47
CA ASP C 81 -36.61 35.16 -38.17
C ASP C 81 -35.58 34.17 -37.61
N LYS C 82 -34.88 34.55 -36.54
CA LYS C 82 -33.85 33.67 -36.00
C LYS C 82 -34.46 32.41 -35.38
N LEU C 83 -35.69 32.50 -34.89
CA LEU C 83 -36.38 31.34 -34.35
C LEU C 83 -36.74 30.33 -35.42
N SER C 84 -36.72 30.72 -36.69
CA SER C 84 -36.89 29.79 -37.80
C SER C 84 -35.57 29.34 -38.39
N GLU C 85 -34.53 30.19 -38.29
CA GLU C 85 -33.21 29.77 -38.71
C GLU C 85 -32.66 28.71 -37.76
N TYR C 86 -32.88 28.89 -36.47
CA TYR C 86 -32.35 28.00 -35.45
C TYR C 86 -33.52 27.52 -34.60
N PRO C 87 -34.24 26.50 -35.06
CA PRO C 87 -35.49 26.12 -34.40
C PRO C 87 -35.33 25.79 -32.93
N PHE C 88 -34.16 25.32 -32.51
CA PHE C 88 -34.00 24.92 -31.13
C PHE C 88 -34.14 26.10 -30.17
N ILE C 89 -33.75 27.30 -30.59
CA ILE C 89 -33.88 28.46 -29.70
C ILE C 89 -35.34 28.84 -29.51
N ALA C 90 -36.23 28.45 -30.43
CA ALA C 90 -37.65 28.68 -30.21
C ALA C 90 -38.12 27.93 -28.96
N LEU C 91 -37.59 26.73 -28.74
CA LEU C 91 -37.90 26.00 -27.52
C LEU C 91 -37.19 26.62 -26.32
N LEU C 92 -35.91 26.95 -26.48
CA LEU C 92 -35.08 27.34 -25.35
C LEU C 92 -35.46 28.72 -24.83
N PHE C 93 -35.88 29.63 -25.70
CA PHE C 93 -36.21 30.98 -25.25
C PHE C 93 -37.68 31.12 -24.90
N ASN C 94 -38.46 30.07 -25.11
CA ASN C 94 -39.89 30.12 -24.84
C ASN C 94 -40.16 30.47 -23.37
N GLY C 95 -41.04 31.45 -23.16
CA GLY C 95 -41.25 32.02 -21.84
C GLY C 95 -40.93 33.50 -21.71
N TRP C 96 -40.43 34.17 -22.73
CA TRP C 96 -40.36 35.64 -22.78
C TRP C 96 -40.15 36.06 -24.23
N GLY C 97 -39.71 37.32 -24.42
CA GLY C 97 -39.81 37.93 -25.73
C GLY C 97 -38.98 37.22 -26.78
N PHE C 98 -37.78 36.76 -26.40
CA PHE C 98 -36.87 36.11 -27.32
C PHE C 98 -37.41 34.78 -27.83
N GLY C 99 -38.37 34.19 -27.12
CA GLY C 99 -39.05 33.03 -27.64
C GLY C 99 -40.24 33.36 -28.53
N ILE C 100 -40.49 34.65 -28.79
CA ILE C 100 -41.60 35.07 -29.63
C ILE C 100 -41.12 35.74 -30.91
N GLU C 101 -40.30 36.77 -30.78
CA GLU C 101 -39.80 37.42 -31.97
C GLU C 101 -38.37 37.86 -31.75
N TYR C 102 -37.51 37.49 -32.70
CA TYR C 102 -36.09 37.71 -32.56
C TYR C 102 -35.53 37.62 -33.99
N ASN C 103 -35.25 38.79 -34.58
CA ASN C 103 -34.87 38.87 -35.97
C ASN C 103 -33.39 39.22 -36.12
N GLU C 104 -32.86 38.91 -37.31
CA GLU C 104 -31.52 39.33 -37.63
C GLU C 104 -31.44 40.85 -37.60
N PRO C 105 -30.28 41.42 -37.29
CA PRO C 105 -30.17 42.88 -37.24
C PRO C 105 -30.17 43.46 -38.65
N ARG C 106 -30.55 44.73 -38.70
CA ARG C 106 -30.73 45.55 -39.87
C ARG C 106 -29.79 46.73 -39.80
N GLY C 107 -29.94 47.66 -40.74
CA GLY C 107 -29.18 48.89 -40.71
C GLY C 107 -29.51 49.73 -39.49
N HIS C 108 -28.57 50.64 -39.18
CA HIS C 108 -28.63 51.45 -37.95
C HIS C 108 -29.87 52.34 -37.89
N VAL C 109 -30.26 52.97 -39.00
CA VAL C 109 -31.38 53.93 -38.94
C VAL C 109 -32.64 53.26 -38.41
N TYR C 110 -32.80 51.96 -38.63
CA TYR C 110 -34.03 51.28 -38.23
C TYR C 110 -34.06 50.93 -36.75
N MET C 111 -33.01 51.33 -36.03
CA MET C 111 -32.78 50.95 -34.63
C MET C 111 -33.99 51.23 -33.74
N MET C 112 -34.51 52.47 -33.76
CA MET C 112 -35.70 52.80 -32.98
C MET C 112 -36.94 52.16 -33.58
N LYS C 113 -37.08 52.27 -34.90
CA LYS C 113 -38.27 51.76 -35.57
C LYS C 113 -38.49 50.29 -35.26
N ASP C 114 -37.43 49.48 -35.39
CA ASP C 114 -37.55 48.05 -35.15
C ASP C 114 -37.91 47.75 -33.70
N GLN C 115 -37.35 48.52 -32.76
CA GLN C 115 -37.75 48.31 -31.37
C GLN C 115 -39.20 48.71 -31.14
N LYS C 116 -39.70 49.70 -31.89
CA LYS C 116 -41.10 50.12 -31.78
C LYS C 116 -42.05 49.04 -32.30
N GLU C 117 -41.65 48.32 -33.34
CA GLU C 117 -42.53 47.35 -33.98
C GLU C 117 -42.32 45.92 -33.51
N ILE C 118 -41.30 45.65 -32.69
CA ILE C 118 -41.10 44.29 -32.21
C ILE C 118 -42.31 43.89 -31.38
N ASP C 119 -42.58 42.60 -31.34
CA ASP C 119 -43.70 42.11 -30.55
C ASP C 119 -43.54 42.63 -29.12
N PRO C 120 -44.62 43.13 -28.50
CA PRO C 120 -44.49 43.81 -27.18
C PRO C 120 -43.87 42.95 -26.09
N SER C 121 -43.90 41.63 -26.25
CA SER C 121 -43.23 40.72 -25.31
C SER C 121 -41.77 41.12 -25.06
N ARG C 122 -41.02 41.43 -26.12
CA ARG C 122 -39.63 41.84 -25.98
C ARG C 122 -39.51 43.18 -25.25
N LEU C 123 -40.54 44.01 -25.31
CA LEU C 123 -40.53 45.34 -24.71
C LEU C 123 -40.85 45.35 -23.22
N LYS C 124 -41.10 44.19 -22.62
CA LYS C 124 -41.37 44.16 -21.19
C LYS C 124 -40.19 44.65 -20.35
N GLY C 125 -39.00 44.77 -20.93
CA GLY C 125 -37.87 45.32 -20.19
C GLY C 125 -38.02 46.77 -19.80
N GLY C 126 -38.95 47.50 -20.44
CA GLY C 126 -39.26 48.85 -20.03
C GLY C 126 -38.28 49.89 -20.57
N GLY C 127 -38.17 51.00 -19.85
CA GLY C 127 -37.34 52.12 -20.27
C GLY C 127 -35.87 51.79 -20.39
N ALA C 128 -35.42 50.74 -19.70
CA ALA C 128 -34.05 50.28 -19.84
C ALA C 128 -33.70 50.00 -21.30
N CYS C 129 -34.68 49.70 -22.15
CA CYS C 129 -34.41 49.31 -23.53
C CYS C 129 -34.12 50.49 -24.45
N LEU C 130 -34.15 51.73 -23.97
CA LEU C 130 -33.76 52.86 -24.81
C LEU C 130 -32.26 53.05 -24.86
N THR C 131 -31.54 52.36 -23.99
CA THR C 131 -30.18 52.73 -23.64
C THR C 131 -29.24 52.69 -24.84
N CYS C 132 -29.48 51.79 -25.81
CA CYS C 132 -28.60 51.64 -26.95
C CYS C 132 -29.34 51.90 -28.25
N LYS C 133 -30.29 52.83 -28.23
CA LYS C 133 -31.06 53.05 -29.46
C LYS C 133 -31.33 54.52 -29.74
N THR C 134 -31.53 55.36 -28.73
CA THR C 134 -31.81 56.75 -29.03
C THR C 134 -30.72 57.63 -28.43
N PRO C 135 -30.25 58.65 -29.15
CA PRO C 135 -29.30 59.60 -28.57
C PRO C 135 -29.84 60.32 -27.36
N TYR C 136 -31.15 60.25 -27.09
CA TYR C 136 -31.74 60.83 -25.89
C TYR C 136 -31.46 60.02 -24.63
N ALA C 137 -30.88 58.82 -24.74
CA ALA C 137 -30.73 57.95 -23.56
C ALA C 137 -29.86 58.54 -22.45
N PRO C 138 -28.68 59.11 -22.73
CA PRO C 138 -27.89 59.64 -21.60
C PRO C 138 -28.64 60.70 -20.81
N GLN C 139 -29.21 61.71 -21.48
CA GLN C 139 -29.93 62.76 -20.78
C GLN C 139 -31.18 62.24 -20.09
N LEU C 140 -31.89 61.30 -20.70
CA LEU C 140 -33.06 60.75 -20.03
C LEU C 140 -32.67 60.00 -18.76
N ALA C 141 -31.56 59.27 -18.81
CA ALA C 141 -31.07 58.57 -17.61
C ALA C 141 -30.81 59.57 -16.48
N GLN C 142 -30.16 60.70 -16.79
CA GLN C 142 -29.81 61.68 -15.76
C GLN C 142 -31.08 62.41 -15.27
N LYS C 143 -31.90 62.92 -16.21
CA LYS C 143 -33.31 63.31 -15.99
C LYS C 143 -34.24 62.23 -15.46
N GLN C 144 -33.88 61.14 -14.78
CA GLN C 144 -35.01 60.27 -14.40
C GLN C 144 -34.64 59.23 -13.38
N GLY C 145 -33.34 59.06 -13.15
CA GLY C 145 -32.86 58.11 -12.20
C GLY C 145 -33.35 56.71 -12.53
N VAL C 146 -33.70 55.98 -11.46
CA VAL C 146 -34.12 54.60 -11.59
C VAL C 146 -35.43 54.52 -12.36
N THR C 147 -36.21 55.61 -12.33
CA THR C 147 -37.44 55.65 -13.11
C THR C 147 -37.16 55.45 -14.60
N TYR C 148 -36.00 55.92 -15.08
CA TYR C 148 -35.63 55.70 -16.47
C TYR C 148 -35.69 54.21 -16.84
N PHE C 149 -35.11 53.36 -16.00
CA PHE C 149 -35.11 51.94 -16.29
C PHE C 149 -36.47 51.30 -16.00
N SER C 150 -37.11 51.70 -14.89
CA SER C 150 -38.27 51.00 -14.38
C SER C 150 -39.57 51.35 -15.08
N GLN C 151 -39.64 52.52 -15.73
CA GLN C 151 -40.85 52.92 -16.45
C GLN C 151 -41.12 51.99 -17.62
N SER C 152 -42.37 52.01 -18.09
CA SER C 152 -42.73 51.19 -19.24
C SER C 152 -42.06 51.71 -20.51
N TYR C 153 -41.99 50.84 -21.53
CA TYR C 153 -41.41 51.29 -22.77
C TYR C 153 -42.23 52.45 -23.36
N ALA C 154 -43.56 52.38 -23.24
CA ALA C 154 -44.42 53.44 -23.78
C ALA C 154 -44.11 54.79 -23.13
N ASP C 155 -44.04 54.79 -21.80
CA ASP C 155 -43.71 56.01 -21.06
C ASP C 155 -42.29 56.48 -21.37
N ALA C 156 -41.36 55.54 -21.49
CA ALA C 156 -40.00 55.92 -21.82
C ALA C 156 -39.95 56.66 -23.15
N VAL C 157 -40.61 56.11 -24.19
CA VAL C 157 -40.56 56.75 -25.51
C VAL C 157 -41.21 58.13 -25.46
N ASN C 158 -42.27 58.28 -24.65
CA ASN C 158 -42.97 59.56 -24.61
C ASN C 158 -42.14 60.65 -23.94
N GLN C 159 -41.07 60.27 -23.23
CA GLN C 159 -40.10 61.25 -22.76
C GLN C 159 -39.38 61.93 -23.92
N ILE C 160 -39.36 61.30 -25.09
CA ILE C 160 -38.68 61.84 -26.26
C ILE C 160 -39.70 62.69 -27.02
N PRO C 161 -39.30 63.84 -27.60
CA PRO C 161 -40.22 64.65 -28.42
C PRO C 161 -40.91 63.90 -29.56
N GLU C 163 -41.51 63.81 -32.55
CA GLU C 163 -40.78 64.05 -33.81
C GLU C 163 -39.47 63.33 -33.80
N HIS C 164 -39.01 62.97 -32.62
CA HIS C 164 -37.67 62.40 -32.50
C HIS C 164 -37.71 60.94 -32.06
N GLN C 165 -38.90 60.36 -32.01
CA GLN C 165 -39.06 59.05 -31.41
C GLN C 165 -38.59 57.90 -32.30
N GLU C 166 -38.21 58.18 -33.55
CA GLU C 166 -37.66 57.13 -34.39
C GLU C 166 -36.20 57.38 -34.74
N MET C 167 -35.55 58.30 -34.04
CA MET C 167 -34.17 58.64 -34.34
C MET C 167 -33.23 57.57 -33.78
N GLY C 168 -32.45 56.96 -34.65
CA GLY C 168 -31.47 55.97 -34.26
C GLY C 168 -30.17 56.63 -33.88
N VAL C 169 -29.12 55.80 -33.76
CA VAL C 169 -27.79 56.30 -33.39
C VAL C 169 -27.41 57.45 -34.31
N ALA C 170 -27.01 58.57 -33.72
CA ALA C 170 -26.70 59.78 -34.46
C ALA C 170 -25.24 60.16 -34.26
N CYS C 171 -24.80 61.19 -35.00
CA CYS C 171 -23.39 61.59 -34.96
C CYS C 171 -22.96 61.88 -33.53
N ILE C 172 -23.83 62.52 -32.75
CA ILE C 172 -23.48 62.89 -31.40
C ILE C 172 -23.21 61.67 -30.54
N ASP C 173 -23.70 60.49 -30.94
CA ASP C 173 -23.46 59.31 -30.14
C ASP C 173 -22.02 58.82 -30.23
N CYS C 174 -21.29 59.18 -31.29
CA CYS C 174 -19.90 58.76 -31.41
C CYS C 174 -18.92 59.89 -31.65
N HIS C 175 -19.38 61.14 -31.70
CA HIS C 175 -18.48 62.21 -32.05
C HIS C 175 -18.60 63.37 -31.08
N ASN C 176 -17.48 64.03 -30.91
CA ASN C 176 -17.49 65.28 -30.11
C ASN C 176 -17.71 66.40 -31.12
N ASN C 177 -18.45 67.39 -30.69
CA ASN C 177 -18.80 68.54 -31.56
C ASN C 177 -17.73 69.62 -31.43
N LYS C 178 -16.59 69.29 -30.83
CA LYS C 178 -15.49 70.27 -30.64
C LYS C 178 -14.49 70.13 -31.79
N ASP C 179 -14.26 68.92 -32.29
CA ASP C 179 -13.29 68.71 -33.40
C ASP C 179 -13.68 67.43 -34.16
N MET C 180 -14.85 66.87 -33.91
CA MET C 180 -15.27 65.66 -34.63
C MET C 180 -14.48 64.44 -34.17
N GLY C 181 -13.79 64.53 -33.03
CA GLY C 181 -13.07 63.40 -32.52
C GLY C 181 -14.01 62.43 -31.82
N LEU C 182 -13.63 61.15 -31.84
CA LEU C 182 -14.51 60.11 -31.32
C LEU C 182 -14.66 60.27 -29.82
N LYS C 183 -15.88 60.03 -29.35
CA LYS C 183 -16.29 60.26 -27.97
C LYS C 183 -17.27 59.17 -27.54
N ILE C 184 -17.13 58.72 -26.30
CA ILE C 184 -18.03 57.72 -25.73
C ILE C 184 -19.23 58.47 -25.14
N SER C 185 -20.35 58.43 -25.87
CA SER C 185 -21.59 59.00 -25.36
C SER C 185 -22.13 58.23 -24.18
N ARG C 186 -22.02 56.90 -24.19
CA ARG C 186 -22.66 56.07 -23.17
C ARG C 186 -21.76 55.97 -21.95
N GLY C 187 -21.70 57.09 -21.22
CA GLY C 187 -20.89 57.12 -20.03
C GLY C 187 -21.45 56.23 -18.94
N PHE C 188 -22.77 56.27 -18.74
CA PHE C 188 -23.33 55.54 -17.62
C PHE C 188 -23.34 54.03 -17.80
N THR C 189 -22.92 53.51 -18.96
CA THR C 189 -22.82 52.07 -19.16
C THR C 189 -21.38 51.66 -19.45
N LEU C 190 -20.83 52.10 -20.58
CA LEU C 190 -19.54 51.58 -21.03
C LEU C 190 -18.39 52.09 -20.16
N VAL C 191 -18.39 53.38 -19.81
CA VAL C 191 -17.30 53.90 -18.99
C VAL C 191 -17.29 53.24 -17.63
N LYS C 192 -18.48 52.96 -17.10
CA LYS C 192 -18.57 52.30 -15.81
C LYS C 192 -18.01 50.89 -15.89
N ALA C 193 -18.29 50.17 -16.98
CA ALA C 193 -17.75 48.83 -17.12
C ALA C 193 -16.23 48.86 -17.31
N LEU C 194 -15.73 49.81 -18.10
CA LEU C 194 -14.30 49.94 -18.29
C LEU C 194 -13.58 50.26 -16.99
N ASP C 195 -14.18 51.12 -16.15
CA ASP C 195 -13.62 51.38 -14.83
C ASP C 195 -13.63 50.11 -13.99
N LYS C 196 -14.70 49.33 -14.06
CA LYS C 196 -14.76 48.05 -13.35
C LYS C 196 -13.59 47.14 -13.74
N MET C 197 -13.07 47.27 -14.95
CA MET C 197 -11.95 46.47 -15.40
C MET C 197 -10.61 47.09 -15.08
N GLY C 198 -10.58 48.28 -14.48
CA GLY C 198 -9.31 48.92 -14.22
C GLY C 198 -8.71 49.58 -15.44
N VAL C 199 -9.53 49.87 -16.44
CA VAL C 199 -9.06 50.52 -17.66
C VAL C 199 -8.91 52.00 -17.37
N ASP C 200 -7.75 52.56 -17.72
CA ASP C 200 -7.47 53.98 -17.56
C ASP C 200 -7.95 54.71 -18.81
N GLN C 201 -8.98 55.52 -18.66
CA GLN C 201 -9.52 56.25 -19.80
C GLN C 201 -8.49 57.19 -20.41
N THR C 202 -7.44 57.48 -19.66
CA THR C 202 -6.39 58.38 -20.15
C THR C 202 -5.54 57.70 -21.21
N LYS C 203 -5.31 56.39 -21.07
CA LYS C 203 -4.38 55.71 -21.94
C LYS C 203 -5.04 55.15 -23.20
N LEU C 204 -6.32 55.46 -23.44
CA LEU C 204 -7.05 54.87 -24.55
C LEU C 204 -6.67 55.57 -25.85
N THR C 205 -6.21 54.79 -26.83
CA THR C 205 -5.78 55.30 -28.13
C THR C 205 -6.97 55.57 -29.04
N ASN C 206 -6.71 56.25 -30.16
CA ASN C 206 -7.76 56.42 -31.14
C ASN C 206 -8.13 55.09 -31.80
N GLN C 207 -7.16 54.17 -31.92
CA GLN C 207 -7.47 52.85 -32.43
C GLN C 207 -8.32 52.06 -31.43
N ASP C 208 -8.14 52.33 -30.13
CA ASP C 208 -9.04 51.76 -29.13
C ASP C 208 -10.46 52.28 -29.30
N LYS C 209 -10.60 53.59 -29.52
CA LYS C 209 -11.94 54.16 -29.62
C LYS C 209 -12.65 53.72 -30.88
N ARG C 210 -11.88 53.37 -31.93
CA ARG C 210 -12.43 52.78 -33.15
C ARG C 210 -13.04 51.40 -32.92
N SER C 211 -12.93 50.86 -31.71
CA SER C 211 -13.77 49.75 -31.31
C SER C 211 -14.73 50.12 -30.18
N LEU C 212 -14.34 51.03 -29.28
CA LEU C 212 -15.18 51.34 -28.13
C LEU C 212 -16.43 52.12 -28.51
N VAL C 213 -16.40 52.93 -29.58
CA VAL C 213 -17.64 53.59 -29.95
C VAL C 213 -18.69 52.56 -30.32
N CYS C 214 -18.24 51.38 -30.80
CA CYS C 214 -19.15 50.27 -31.05
C CYS C 214 -19.51 49.51 -29.78
N ALA C 215 -18.53 49.39 -28.86
CA ALA C 215 -18.73 48.76 -27.56
C ALA C 215 -19.71 49.54 -26.69
N GLN C 216 -20.15 50.70 -27.15
CA GLN C 216 -21.23 51.37 -26.45
C GLN C 216 -22.50 50.53 -26.43
N CYS C 217 -22.72 49.70 -27.45
CA CYS C 217 -23.92 48.89 -27.50
C CYS C 217 -23.70 47.47 -27.94
N HIS C 218 -22.57 47.14 -28.57
CA HIS C 218 -22.35 45.79 -29.07
C HIS C 218 -21.64 44.94 -28.02
N VAL C 219 -22.31 44.82 -26.88
CA VAL C 219 -21.80 44.15 -25.70
C VAL C 219 -22.94 43.31 -25.11
N THR C 220 -22.61 42.43 -24.18
CA THR C 220 -23.68 41.82 -23.40
C THR C 220 -24.03 42.70 -22.21
N TYR C 221 -25.28 42.64 -21.79
CA TYR C 221 -25.71 43.53 -20.75
C TYR C 221 -26.63 42.77 -19.82
N THR C 222 -26.81 43.33 -18.63
CA THR C 222 -27.70 42.76 -17.64
C THR C 222 -28.62 43.86 -17.16
N ILE C 223 -29.91 43.53 -17.07
CA ILE C 223 -30.93 44.38 -16.51
C ILE C 223 -31.37 43.77 -15.19
N PRO C 224 -30.81 44.22 -14.07
CA PRO C 224 -31.24 43.67 -12.79
C PRO C 224 -32.69 44.00 -12.53
N LYS C 225 -33.38 43.10 -11.88
CA LYS C 225 -34.84 43.31 -11.70
C LYS C 225 -35.17 43.47 -10.23
N ASP C 226 -36.25 44.18 -9.95
CA ASP C 226 -36.75 44.41 -8.58
C ASP C 226 -37.71 43.30 -8.19
N ALA C 227 -38.29 43.43 -7.04
CA ALA C 227 -39.15 42.34 -6.54
C ALA C 227 -40.38 42.16 -7.41
N ASN C 228 -40.81 43.19 -8.14
CA ASN C 228 -41.95 43.15 -9.04
C ASN C 228 -41.54 42.94 -10.48
N MET C 229 -40.29 42.51 -10.70
CA MET C 229 -39.73 42.26 -12.04
C MET C 229 -39.63 43.53 -12.88
N LYS C 230 -39.36 44.66 -12.24
CA LYS C 230 -39.20 45.93 -12.94
C LYS C 230 -37.72 46.27 -13.06
N SER C 231 -37.34 46.87 -14.18
CA SER C 231 -35.94 47.04 -14.48
C SER C 231 -35.33 48.10 -13.58
N GLN C 232 -34.11 47.83 -13.10
CA GLN C 232 -33.46 48.76 -12.19
C GLN C 232 -32.25 49.45 -12.81
N ASP C 233 -31.63 48.87 -13.82
CA ASP C 233 -30.37 49.37 -14.33
C ASP C 233 -30.04 48.65 -15.63
N VAL C 234 -28.96 49.11 -16.26
CA VAL C 234 -28.31 48.43 -17.37
C VAL C 234 -26.80 48.50 -17.11
N PHE C 235 -26.15 47.34 -17.01
CA PHE C 235 -24.69 47.30 -16.88
C PHE C 235 -24.11 46.14 -17.70
N PHE C 236 -22.81 46.26 -17.96
CA PHE C 236 -22.08 45.25 -18.72
C PHE C 236 -21.35 44.32 -17.75
N PRO C 237 -21.66 43.01 -17.70
CA PRO C 237 -21.11 42.16 -16.63
C PRO C 237 -19.64 41.86 -16.80
N TRP C 238 -18.82 42.90 -16.87
CA TRP C 238 -17.38 42.76 -17.07
C TRP C 238 -16.63 42.66 -15.76
N ASP C 239 -17.33 42.38 -14.66
CA ASP C 239 -16.70 42.30 -13.34
C ASP C 239 -15.58 41.27 -13.33
N GLU C 240 -14.43 41.69 -12.79
CA GLU C 240 -13.23 40.86 -12.61
C GLU C 240 -12.65 40.40 -13.94
N SER C 241 -12.93 41.11 -15.02
CA SER C 241 -12.28 40.86 -16.29
C SER C 241 -11.29 41.97 -16.58
N LYS C 242 -10.37 41.69 -17.50
CA LYS C 242 -9.35 42.66 -17.89
C LYS C 242 -9.54 43.00 -19.36
N TRP C 243 -9.07 44.20 -19.72
CA TRP C 243 -8.96 44.59 -21.12
C TRP C 243 -8.33 43.48 -21.95
N GLY C 244 -9.03 43.06 -23.01
CA GLY C 244 -8.58 42.00 -23.88
C GLY C 244 -8.87 40.59 -23.41
N LYS C 245 -9.62 40.42 -22.33
CA LYS C 245 -9.84 39.12 -21.73
C LYS C 245 -11.14 39.13 -20.94
N ILE C 246 -12.26 39.40 -21.61
CA ILE C 246 -13.58 39.38 -20.98
C ILE C 246 -14.16 38.02 -21.28
N SER C 247 -13.85 37.04 -20.44
CA SER C 247 -14.23 35.66 -20.72
C SER C 247 -15.70 35.40 -20.40
N ILE C 248 -16.26 34.42 -21.10
CA ILE C 248 -17.61 33.94 -20.81
C ILE C 248 -17.68 33.36 -19.40
N GLU C 249 -16.58 32.81 -18.91
CA GLU C 249 -16.56 32.27 -17.56
C GLU C 249 -16.78 33.38 -16.54
N ASN C 250 -16.07 34.51 -16.70
CA ASN C 250 -16.27 35.65 -15.82
C ASN C 250 -17.69 36.16 -15.90
N ILE C 251 -18.22 36.27 -17.11
CA ILE C 251 -19.58 36.77 -17.27
C ILE C 251 -20.56 35.86 -16.56
N ILE C 252 -20.39 34.55 -16.73
CA ILE C 252 -21.33 33.60 -16.12
C ILE C 252 -21.29 33.70 -14.61
N LYS C 253 -20.10 33.81 -14.02
CA LYS C 253 -19.99 33.87 -12.57
C LYS C 253 -20.61 35.15 -12.04
N LYS C 254 -20.41 36.25 -12.76
CA LYS C 254 -21.08 37.48 -12.39
C LYS C 254 -22.59 37.33 -12.48
N MET C 255 -23.07 36.65 -13.53
CA MET C 255 -24.51 36.44 -13.69
C MET C 255 -25.08 35.61 -12.54
N ARG C 256 -24.31 34.64 -12.05
CA ARG C 256 -24.77 33.81 -10.95
C ARG C 256 -24.73 34.54 -9.61
N SER C 257 -23.93 35.60 -9.50
CA SER C 257 -23.57 36.22 -8.23
C SER C 257 -24.72 36.93 -7.52
N ASP C 258 -25.88 37.13 -8.16
CA ASP C 258 -26.96 37.89 -7.57
C ASP C 258 -28.30 37.43 -8.14
N LYS C 259 -29.33 37.35 -7.28
CA LYS C 259 -30.67 36.88 -7.68
C LYS C 259 -31.42 37.93 -8.46
N SER C 260 -31.05 39.18 -8.18
CA SER C 260 -31.38 40.37 -8.95
C SER C 260 -31.23 40.14 -10.45
N TYR C 261 -30.27 39.29 -10.84
CA TYR C 261 -29.91 39.12 -12.24
C TYR C 261 -30.80 38.12 -12.96
N GLY C 262 -31.79 37.55 -12.29
CA GLY C 262 -32.75 36.73 -12.97
C GLY C 262 -33.78 37.55 -13.68
N GLU C 263 -33.76 37.55 -15.02
CA GLU C 263 -34.61 38.43 -15.82
C GLU C 263 -35.82 37.73 -16.43
N TRP C 264 -35.87 36.40 -16.47
CA TRP C 264 -36.99 35.71 -17.08
C TRP C 264 -37.13 34.32 -16.49
N THR C 265 -38.25 33.68 -16.81
CA THR C 265 -38.49 32.29 -16.43
C THR C 265 -38.61 31.46 -17.69
N GLN C 266 -37.69 30.51 -17.85
CA GLN C 266 -37.73 29.57 -18.96
C GLN C 266 -38.92 28.63 -18.81
N ALA C 267 -39.80 28.60 -19.82
CA ALA C 267 -41.07 27.92 -19.68
C ALA C 267 -40.90 26.41 -19.59
N VAL C 268 -40.09 25.83 -20.47
CA VAL C 268 -40.01 24.37 -20.52
C VAL C 268 -39.43 23.81 -19.23
N THR C 269 -38.46 24.49 -18.63
CA THR C 269 -37.84 24.01 -17.40
C THR C 269 -38.38 24.68 -16.13
N GLY C 270 -39.06 25.83 -16.25
CA GLY C 270 -39.43 26.55 -15.07
C GLY C 270 -38.30 27.26 -14.36
N PHE C 271 -37.13 27.37 -14.98
CA PHE C 271 -35.99 27.99 -14.32
C PHE C 271 -36.02 29.50 -14.47
N LYS C 272 -35.67 30.19 -13.39
CA LYS C 272 -35.43 31.63 -13.49
C LYS C 272 -33.99 31.83 -13.93
N MET C 273 -33.80 32.54 -15.06
CA MET C 273 -32.50 32.57 -15.71
C MET C 273 -32.02 33.99 -15.95
N ALA C 274 -30.70 34.12 -16.10
CA ALA C 274 -30.07 35.34 -16.58
C ALA C 274 -30.03 35.28 -18.12
N TYR C 275 -29.27 36.18 -18.73
CA TYR C 275 -29.27 36.22 -20.19
C TYR C 275 -27.98 36.86 -20.69
N ILE C 276 -27.68 36.60 -21.96
CA ILE C 276 -26.55 37.18 -22.65
C ILE C 276 -27.05 37.69 -23.99
N ARG C 277 -26.55 38.87 -24.40
CA ARG C 277 -26.96 39.48 -25.66
C ARG C 277 -25.72 39.89 -26.43
N HIS C 278 -25.81 39.77 -27.75
CA HIS C 278 -24.85 40.22 -28.76
C HIS C 278 -23.51 40.68 -28.18
N PRO C 279 -22.65 39.78 -27.74
CA PRO C 279 -21.37 40.17 -27.13
C PRO C 279 -20.24 40.32 -28.15
N GLU C 280 -20.45 41.20 -29.13
CA GLU C 280 -19.44 41.34 -30.17
C GLU C 280 -18.12 41.79 -29.56
N PHE C 281 -18.15 42.82 -28.72
CA PHE C 281 -16.90 43.35 -28.20
C PHE C 281 -16.20 42.34 -27.30
N GLU C 282 -16.95 41.65 -26.45
CA GLU C 282 -16.35 40.62 -25.59
C GLU C 282 -15.78 39.50 -26.42
N MET C 283 -16.52 39.05 -27.45
CA MET C 283 -16.04 37.96 -28.31
C MET C 283 -14.79 38.39 -29.08
N TYR C 284 -14.84 39.56 -29.71
CA TYR C 284 -13.76 39.95 -30.60
C TYR C 284 -12.50 40.33 -29.84
N SER C 285 -12.63 41.03 -28.71
CA SER C 285 -11.42 41.52 -28.04
C SER C 285 -10.77 40.49 -27.11
N ASN C 286 -11.35 39.30 -26.95
CA ASN C 286 -10.81 38.29 -26.04
C ASN C 286 -9.73 37.46 -26.74
N GLN C 287 -8.58 38.10 -26.95
CA GLN C 287 -7.41 37.42 -27.47
C GLN C 287 -7.70 36.73 -28.80
N SER C 288 -8.42 37.43 -29.68
CA SER C 288 -8.66 36.95 -31.03
C SER C 288 -7.50 37.34 -31.94
N VAL C 289 -7.41 36.65 -33.08
CA VAL C 289 -6.34 36.89 -34.03
C VAL C 289 -6.30 38.36 -34.46
N HIS C 290 -7.44 38.89 -34.91
CA HIS C 290 -7.46 40.26 -35.40
C HIS C 290 -7.29 41.27 -34.27
N TRP C 291 -7.81 40.97 -33.09
CA TRP C 291 -7.61 41.88 -31.96
C TRP C 291 -6.13 42.05 -31.64
N MET C 292 -5.43 40.91 -31.46
CA MET C 292 -4.01 40.97 -31.15
C MET C 292 -3.17 41.45 -32.32
N ALA C 293 -3.74 41.54 -33.50
CA ALA C 293 -3.07 42.20 -34.60
C ALA C 293 -3.31 43.71 -34.58
N GLY C 294 -4.11 44.18 -33.63
CA GLY C 294 -4.42 45.59 -33.49
C GLY C 294 -5.55 46.09 -34.35
N VAL C 295 -6.40 45.20 -34.87
CA VAL C 295 -7.48 45.60 -35.76
C VAL C 295 -8.68 46.03 -34.93
N SER C 296 -9.35 47.10 -35.36
CA SER C 296 -10.52 47.64 -34.67
C SER C 296 -11.79 47.31 -35.45
N CYS C 297 -12.93 47.42 -34.76
CA CYS C 297 -14.22 47.28 -35.43
C CYS C 297 -14.28 48.09 -36.72
N ALA C 298 -13.87 49.36 -36.65
CA ALA C 298 -14.03 50.27 -37.78
C ALA C 298 -13.14 49.87 -38.95
N ASP C 299 -12.05 49.15 -38.67
CA ASP C 299 -11.18 48.69 -39.76
C ASP C 299 -11.94 47.83 -40.76
N CYS C 300 -12.84 46.98 -40.27
CA CYS C 300 -13.58 46.11 -41.15
C CYS C 300 -14.96 46.64 -41.49
N HIS C 301 -15.57 47.36 -40.57
CA HIS C 301 -16.96 47.77 -40.78
C HIS C 301 -17.08 49.21 -41.22
N MET C 302 -16.00 49.98 -41.19
CA MET C 302 -15.99 51.36 -41.68
C MET C 302 -14.80 51.56 -42.61
N PRO C 303 -14.82 50.94 -43.80
CA PRO C 303 -13.71 51.09 -44.74
C PRO C 303 -13.59 52.55 -45.16
N TYR C 304 -12.36 52.97 -45.45
CA TYR C 304 -12.13 54.38 -45.78
C TYR C 304 -11.62 54.52 -47.21
N THR C 305 -11.82 55.72 -47.76
CA THR C 305 -11.20 56.14 -49.01
C THR C 305 -10.31 57.33 -48.70
N LYS C 306 -9.36 57.62 -49.59
CA LYS C 306 -8.47 58.75 -49.30
C LYS C 306 -8.58 59.92 -50.29
N GLY C 308 -6.82 62.78 -51.28
CA GLY C 308 -5.62 63.55 -51.02
C GLY C 308 -4.83 62.94 -49.87
N SER C 309 -4.78 63.65 -48.73
CA SER C 309 -4.13 63.15 -47.51
C SER C 309 -5.08 62.88 -46.35
N LYS C 310 -6.33 63.36 -46.41
CA LYS C 310 -7.31 63.06 -45.39
C LYS C 310 -8.31 61.99 -45.84
N LYS C 311 -9.12 61.56 -44.89
CA LYS C 311 -9.72 60.23 -44.83
C LYS C 311 -11.24 60.35 -44.90
N ILE C 312 -11.89 59.55 -45.75
CA ILE C 312 -13.33 59.47 -45.72
C ILE C 312 -13.72 58.04 -45.38
N SER C 313 -14.39 57.88 -44.25
CA SER C 313 -14.79 56.57 -43.78
C SER C 313 -16.22 56.31 -44.16
N ASP C 314 -16.51 55.06 -44.52
CA ASP C 314 -17.83 54.65 -44.97
C ASP C 314 -18.69 54.46 -43.73
N HIS C 315 -19.82 55.14 -43.67
CA HIS C 315 -20.71 54.99 -42.51
C HIS C 315 -21.89 54.09 -42.79
N ARG C 316 -21.96 53.46 -43.97
CA ARG C 316 -22.96 52.44 -44.24
C ARG C 316 -22.52 51.12 -43.62
N ILE C 317 -22.56 51.08 -42.28
CA ILE C 317 -22.02 49.94 -41.54
C ILE C 317 -22.81 48.70 -41.88
N MET C 318 -22.12 47.69 -42.38
CA MET C 318 -22.80 46.50 -42.88
C MET C 318 -21.84 45.32 -42.79
N SER C 319 -22.35 44.15 -43.15
CA SER C 319 -21.51 42.98 -43.30
C SER C 319 -20.40 43.24 -44.32
N PRO C 320 -19.14 42.94 -44.00
CA PRO C 320 -18.06 43.01 -45.02
C PRO C 320 -18.30 42.13 -46.22
N LEU C 321 -19.05 41.04 -46.06
CA LEU C 321 -19.39 40.18 -47.20
C LEU C 321 -20.29 40.86 -48.22
N LYS C 322 -20.96 41.95 -47.85
CA LYS C 322 -21.96 42.59 -48.71
C LYS C 322 -21.48 43.88 -49.37
N ASN C 323 -20.27 44.36 -49.06
CA ASN C 323 -19.69 45.53 -49.72
C ASN C 323 -18.35 45.19 -50.38
N ASP C 324 -18.31 43.99 -50.99
CA ASP C 324 -17.15 43.48 -51.71
C ASP C 324 -15.87 43.57 -50.87
N PHE C 325 -15.99 43.25 -49.57
CA PHE C 325 -14.85 43.06 -48.66
C PHE C 325 -13.91 44.26 -48.67
N LYS C 326 -14.49 45.45 -48.85
CA LYS C 326 -13.70 46.66 -49.01
C LYS C 326 -12.83 46.97 -47.79
N GLY C 327 -13.29 46.67 -46.58
CA GLY C 327 -12.43 46.90 -45.43
C GLY C 327 -11.26 45.93 -45.35
N CYS C 328 -11.54 44.65 -45.65
CA CYS C 328 -10.50 43.63 -45.66
C CYS C 328 -9.40 43.95 -46.65
N LYS C 329 -9.79 44.45 -47.82
CA LYS C 329 -8.81 44.60 -48.89
C LYS C 329 -7.80 45.68 -48.59
N GLN C 330 -8.02 46.46 -47.52
CA GLN C 330 -6.96 47.26 -46.92
C GLN C 330 -5.74 46.51 -46.41
N CYS C 331 -5.86 45.25 -46.02
CA CYS C 331 -4.69 44.56 -45.52
C CYS C 331 -4.46 43.24 -46.20
N HIS C 332 -5.38 42.80 -47.06
CA HIS C 332 -5.25 41.56 -47.80
C HIS C 332 -5.35 41.84 -49.28
N SER C 333 -4.45 41.23 -50.03
CA SER C 333 -4.36 41.42 -51.47
C SER C 333 -4.99 40.25 -52.20
N GLU C 334 -6.04 39.69 -51.63
CA GLU C 334 -6.74 38.57 -52.23
C GLU C 334 -8.09 39.00 -52.76
N SER C 335 -8.66 38.10 -53.58
CA SER C 335 -9.94 38.38 -54.21
C SER C 335 -11.07 38.35 -53.19
N SER C 336 -12.17 38.98 -53.56
CA SER C 336 -13.37 38.85 -52.73
C SER C 336 -13.77 37.39 -52.59
N GLU C 337 -13.60 36.60 -53.64
CA GLU C 337 -13.92 35.18 -53.56
C GLU C 337 -13.04 34.47 -52.54
N TRP C 338 -11.76 34.80 -52.52
CA TRP C 338 -10.85 34.19 -51.56
C TRP C 338 -11.28 34.53 -50.12
N LEU C 339 -11.61 35.80 -49.88
CA LEU C 339 -12.02 36.22 -48.56
C LEU C 339 -13.36 35.62 -48.18
N LYS C 340 -14.32 35.62 -49.10
CA LYS C 340 -15.63 35.01 -48.83
C LYS C 340 -15.47 33.57 -48.41
N ASN C 341 -14.61 32.83 -49.12
CA ASN C 341 -14.38 31.43 -48.81
C ASN C 341 -13.77 31.26 -47.41
N GLN C 342 -12.79 32.08 -47.05
CA GLN C 342 -12.18 31.95 -45.73
C GLN C 342 -13.21 32.16 -44.63
N VAL C 343 -14.03 33.22 -44.76
CA VAL C 343 -15.00 33.55 -43.72
C VAL C 343 -16.01 32.43 -43.56
N ILE C 344 -16.60 31.97 -44.68
CA ILE C 344 -17.65 30.97 -44.64
C ILE C 344 -17.12 29.59 -44.28
N THR C 345 -15.88 29.28 -44.64
CA THR C 345 -15.29 28.03 -44.20
C THR C 345 -15.28 27.96 -42.68
N ILE C 346 -14.87 29.04 -42.04
CA ILE C 346 -14.87 29.10 -40.58
C ILE C 346 -16.30 29.08 -40.05
N GLN C 347 -17.18 29.88 -40.65
CA GLN C 347 -18.53 30.03 -40.10
C GLN C 347 -19.29 28.71 -40.13
N ASP C 348 -19.05 27.89 -41.16
CA ASP C 348 -19.70 26.59 -41.27
C ASP C 348 -19.28 25.67 -40.13
N ARG C 349 -17.99 25.68 -39.77
CA ARG C 349 -17.54 24.86 -38.65
C ARG C 349 -18.20 25.28 -37.33
N ALA C 350 -18.19 26.59 -37.03
CA ALA C 350 -18.83 27.09 -35.82
C ALA C 350 -20.33 26.82 -35.82
N ALA C 351 -21.01 27.09 -36.93
CA ALA C 351 -22.45 26.87 -36.95
C ALA C 351 -22.76 25.40 -36.69
N SER C 352 -21.97 24.50 -37.24
CA SER C 352 -22.15 23.08 -37.00
C SER C 352 -22.14 22.77 -35.50
N GLN C 353 -21.08 23.18 -34.81
CA GLN C 353 -21.03 22.93 -33.38
C GLN C 353 -22.16 23.64 -32.66
N TYR C 354 -22.52 24.84 -33.12
CA TYR C 354 -23.58 25.62 -32.47
C TYR C 354 -24.93 24.90 -32.59
N ILE C 355 -25.27 24.45 -33.79
CA ILE C 355 -26.55 23.80 -34.01
C ILE C 355 -26.62 22.49 -33.24
N ARG C 356 -25.51 21.75 -33.21
CA ARG C 356 -25.50 20.49 -32.46
C ARG C 356 -25.69 20.73 -30.96
N SER C 357 -24.90 21.64 -30.37
CA SER C 357 -25.07 21.88 -28.95
C SER C 357 -26.41 22.52 -28.64
N GLY C 358 -26.97 23.29 -29.58
CA GLY C 358 -28.26 23.91 -29.34
C GLY C 358 -29.38 22.89 -29.26
N TYR C 359 -29.40 21.95 -30.21
CA TYR C 359 -30.36 20.86 -30.12
C TYR C 359 -30.09 20.00 -28.88
N ALA C 360 -28.82 19.84 -28.50
CA ALA C 360 -28.50 19.09 -27.29
C ALA C 360 -29.05 19.79 -26.05
N LEU C 361 -28.95 21.12 -26.00
CA LEU C 361 -29.45 21.86 -24.85
C LEU C 361 -30.97 21.84 -24.81
N ALA C 362 -31.60 21.93 -25.98
CA ALA C 362 -33.05 21.77 -26.03
C ALA C 362 -33.48 20.40 -25.54
N THR C 363 -32.74 19.34 -25.90
CA THR C 363 -33.07 18.01 -25.40
C THR C 363 -32.98 17.95 -23.89
N VAL C 364 -31.96 18.58 -23.31
CA VAL C 364 -31.83 18.57 -21.87
C VAL C 364 -32.98 19.33 -21.22
N ALA C 365 -33.39 20.44 -21.83
CA ALA C 365 -34.51 21.19 -21.29
C ALA C 365 -35.79 20.34 -21.28
N LYS C 366 -36.06 19.62 -22.37
CA LYS C 366 -37.20 18.70 -22.40
C LYS C 366 -37.03 17.58 -21.38
N LEU C 367 -35.80 17.16 -21.13
CA LEU C 367 -35.59 16.16 -20.10
C LEU C 367 -35.95 16.71 -18.72
N PHE C 368 -35.65 17.99 -18.47
CA PHE C 368 -36.02 18.61 -17.21
C PHE C 368 -37.53 18.72 -17.07
N GLU C 369 -38.22 19.07 -18.15
CA GLU C 369 -39.68 19.08 -18.15
C GLU C 369 -40.25 17.70 -17.84
N MET C 370 -39.72 16.67 -18.52
CA MET C 370 -40.10 15.29 -18.22
C MET C 370 -39.87 14.97 -16.75
N THR C 371 -38.73 15.41 -16.21
CA THR C 371 -38.42 15.21 -14.81
C THR C 371 -39.48 15.83 -13.92
N HIS C 372 -39.92 17.04 -14.27
CA HIS C 372 -40.90 17.75 -13.47
C HIS C 372 -42.27 17.10 -13.55
N LYS C 373 -42.56 16.47 -14.68
CA LYS C 373 -43.83 15.80 -14.90
C LYS C 373 -43.89 14.46 -14.18
N GLN C 374 -42.72 13.84 -13.95
CA GLN C 374 -42.60 12.64 -13.13
C GLN C 374 -42.61 12.99 -11.65
N GLN C 375 -41.96 14.10 -11.27
CA GLN C 375 -42.09 14.55 -9.90
C GLN C 375 -43.56 14.85 -9.58
N ALA C 376 -44.27 15.43 -10.55
CA ALA C 376 -45.70 15.68 -10.38
C ALA C 376 -46.47 14.38 -10.22
N ALA C 377 -46.09 13.34 -10.95
CA ALA C 377 -46.71 12.04 -10.75
C ALA C 377 -46.13 11.30 -9.55
N GLY C 378 -45.44 12.02 -8.64
CA GLY C 378 -44.99 11.48 -7.38
C GLY C 378 -43.61 10.81 -7.32
N LYS C 379 -42.98 10.49 -8.46
CA LYS C 379 -41.71 9.77 -8.44
C LYS C 379 -40.61 10.61 -7.80
N GLN C 380 -39.78 9.95 -6.99
CA GLN C 380 -38.72 10.62 -6.25
C GLN C 380 -37.43 10.57 -7.05
N ILE C 381 -36.77 11.71 -7.16
CA ILE C 381 -35.59 11.87 -8.00
C ILE C 381 -34.41 12.36 -7.16
N ASP C 382 -33.24 11.76 -7.41
CA ASP C 382 -32.02 12.13 -6.70
C ASP C 382 -31.79 13.63 -6.75
N GLN C 383 -31.91 14.29 -5.60
CA GLN C 383 -31.75 15.73 -5.60
C GLN C 383 -30.31 16.15 -5.86
N LYS C 384 -29.32 15.31 -5.57
CA LYS C 384 -27.98 15.88 -5.77
C LYS C 384 -27.57 15.71 -7.24
N MET C 385 -28.05 14.63 -7.90
CA MET C 385 -27.80 14.44 -9.32
C MET C 385 -28.60 15.44 -10.15
N TYR C 386 -29.80 15.78 -9.67
CA TYR C 386 -30.60 16.82 -10.30
C TYR C 386 -29.90 18.18 -10.22
N ASP C 387 -29.36 18.49 -9.02
CA ASP C 387 -28.65 19.75 -8.84
C ASP C 387 -27.44 19.84 -9.75
N GLN C 388 -26.69 18.74 -9.87
CA GLN C 388 -25.54 18.73 -10.77
C GLN C 388 -25.99 18.89 -12.21
N ALA C 389 -27.05 18.18 -12.58
CA ALA C 389 -27.57 18.29 -13.94
C ALA C 389 -28.00 19.72 -14.23
N LYS C 390 -28.65 20.38 -13.27
CA LYS C 390 -29.11 21.73 -13.51
C LYS C 390 -27.95 22.71 -13.67
N PHE C 391 -26.96 22.61 -12.78
CA PHE C 391 -25.80 23.50 -12.86
C PHE C 391 -25.10 23.33 -14.20
N TYR C 392 -24.92 22.08 -14.64
CA TYR C 392 -24.28 21.81 -15.91
C TYR C 392 -25.09 22.36 -17.09
N TYR C 393 -26.42 22.18 -17.03
CA TYR C 393 -27.31 22.71 -18.05
C TYR C 393 -27.19 24.23 -18.16
N GLU C 394 -27.05 24.92 -17.03
CA GLU C 394 -26.87 26.37 -17.05
C GLU C 394 -25.53 26.76 -17.68
N GLU C 395 -24.46 26.05 -17.33
CA GLU C 395 -23.15 26.33 -17.92
C GLU C 395 -23.17 26.14 -19.44
N GLY C 396 -23.81 25.06 -19.89
CA GLY C 396 -23.90 24.84 -21.32
C GLY C 396 -24.79 25.85 -22.02
N PHE C 397 -25.92 26.19 -21.38
CA PHE C 397 -26.88 27.10 -21.99
C PHE C 397 -26.28 28.50 -22.18
N TYR C 398 -25.63 29.03 -21.16
CA TYR C 398 -25.03 30.36 -21.31
C TYR C 398 -23.91 30.36 -22.32
N ARG C 399 -23.18 29.24 -22.43
CA ARG C 399 -22.13 29.13 -23.44
C ARG C 399 -22.70 29.13 -24.85
N ASN C 400 -23.71 28.29 -25.09
CA ASN C 400 -24.34 28.25 -26.41
C ASN C 400 -25.03 29.57 -26.75
N LEU C 401 -25.67 30.21 -25.75
CA LEU C 401 -26.36 31.47 -25.98
C LEU C 401 -25.38 32.59 -26.27
N PHE C 402 -24.26 32.61 -25.54
CA PHE C 402 -23.20 33.58 -25.79
C PHE C 402 -22.75 33.55 -27.25
N PHE C 403 -22.58 32.35 -27.81
CA PHE C 403 -22.24 32.25 -29.23
C PHE C 403 -23.41 32.66 -30.10
N GLY C 404 -24.60 32.11 -29.81
CA GLY C 404 -25.75 32.33 -30.67
C GLY C 404 -26.22 33.78 -30.74
N ALA C 405 -25.99 34.55 -29.66
CA ALA C 405 -26.30 35.97 -29.66
C ALA C 405 -25.26 36.80 -30.40
N GLU C 406 -24.02 36.32 -30.50
CA GLU C 406 -22.98 37.03 -31.22
C GLU C 406 -23.21 36.91 -32.73
N ASN C 407 -22.98 38.01 -33.45
CA ASN C 407 -23.43 38.17 -34.82
C ASN C 407 -22.38 37.83 -35.86
N SER C 408 -21.29 37.19 -35.44
CA SER C 408 -20.13 36.90 -36.29
C SER C 408 -20.10 35.46 -36.77
N ILE C 409 -20.92 34.58 -36.18
CA ILE C 409 -20.88 33.14 -36.40
C ILE C 409 -19.45 32.68 -36.32
N GLY C 410 -18.73 33.17 -35.32
CA GLY C 410 -17.40 32.70 -35.03
C GLY C 410 -16.27 33.49 -35.66
N PHE C 411 -16.54 34.29 -36.69
CA PHE C 411 -15.41 34.84 -37.41
C PHE C 411 -14.61 35.85 -36.57
N HIS C 412 -15.26 36.56 -35.64
CA HIS C 412 -14.54 37.53 -34.80
C HIS C 412 -13.45 36.88 -33.95
N ASN C 413 -13.63 35.62 -33.58
CA ASN C 413 -12.68 34.91 -32.73
C ASN C 413 -12.92 33.42 -32.93
N PRO C 414 -12.46 32.88 -34.05
CA PRO C 414 -12.83 31.50 -34.43
C PRO C 414 -12.56 30.47 -33.35
N THR C 415 -11.29 30.29 -32.95
CA THR C 415 -10.96 29.25 -31.97
C THR C 415 -11.68 29.47 -30.64
N GLU C 416 -11.71 30.71 -30.16
CA GLU C 416 -12.43 30.99 -28.91
C GLU C 416 -13.92 30.63 -29.02
N ALA C 417 -14.57 31.05 -30.10
CA ALA C 417 -15.96 30.67 -30.29
C ALA C 417 -16.14 29.15 -30.17
N MET C 418 -15.30 28.38 -30.87
CA MET C 418 -15.39 26.93 -30.86
C MET C 418 -15.07 26.32 -29.50
N ARG C 419 -14.06 26.86 -28.81
CA ARG C 419 -13.80 26.42 -27.44
C ARG C 419 -15.06 26.56 -26.60
N ILE C 420 -15.69 27.73 -26.67
CA ILE C 420 -16.93 27.98 -25.94
C ILE C 420 -17.97 26.93 -26.32
N LEU C 421 -18.16 26.72 -27.64
CA LEU C 421 -19.15 25.76 -28.10
C LEU C 421 -18.79 24.36 -27.65
N GLY C 422 -17.50 24.02 -27.73
CA GLY C 422 -17.07 22.71 -27.26
C GLY C 422 -17.49 22.47 -25.82
N ASP C 423 -17.19 23.43 -24.95
CA ASP C 423 -17.56 23.30 -23.54
C ASP C 423 -19.07 23.21 -23.37
N ALA C 424 -19.80 24.05 -24.11
CA ALA C 424 -21.27 23.95 -24.14
C ALA C 424 -21.69 22.51 -24.41
N THR C 425 -21.17 21.91 -25.48
CA THR C 425 -21.50 20.52 -25.82
C THR C 425 -21.18 19.59 -24.67
N MET C 426 -20.01 19.78 -24.06
CA MET C 426 -19.63 18.98 -22.91
C MET C 426 -20.68 19.09 -21.80
N TYR C 427 -21.01 20.33 -21.41
CA TYR C 427 -21.92 20.52 -20.28
C TYR C 427 -23.30 19.94 -20.57
N ALA C 428 -23.83 20.17 -21.78
CA ALA C 428 -25.09 19.55 -22.16
C ALA C 428 -25.01 18.04 -22.00
N GLY C 429 -23.94 17.45 -22.54
CA GLY C 429 -23.72 16.02 -22.39
C GLY C 429 -23.74 15.56 -20.95
N LYS C 430 -23.04 16.29 -20.06
CA LYS C 430 -23.01 15.94 -18.65
C LYS C 430 -24.42 15.94 -18.06
N ALA C 431 -25.19 17.00 -18.32
CA ALA C 431 -26.56 17.08 -17.83
C ALA C 431 -27.43 15.98 -18.41
N ASP C 432 -27.34 15.75 -19.72
CA ASP C 432 -28.19 14.75 -20.35
C ASP C 432 -27.99 13.40 -19.67
N GLY C 433 -26.73 13.00 -19.48
CA GLY C 433 -26.44 11.75 -18.80
C GLY C 433 -27.00 11.67 -17.38
N LEU C 434 -26.77 12.71 -16.58
CA LEU C 434 -27.22 12.69 -15.19
C LEU C 434 -28.72 12.49 -15.10
N LEU C 435 -29.49 13.28 -15.85
CA LEU C 435 -30.94 13.17 -15.85
C LEU C 435 -31.40 11.79 -16.32
N ARG C 436 -30.77 11.27 -17.38
CA ARG C 436 -31.13 9.95 -17.86
C ARG C 436 -30.95 8.90 -16.77
N GLN C 437 -29.84 8.99 -16.03
CA GLN C 437 -29.61 8.11 -14.89
C GLN C 437 -30.72 8.27 -13.86
N ALA C 438 -30.90 9.50 -13.33
CA ALA C 438 -31.88 9.75 -12.28
C ALA C 438 -33.30 9.36 -12.71
N LEU C 439 -33.67 9.67 -13.96
CA LEU C 439 -35.00 9.30 -14.45
C LEU C 439 -35.15 7.79 -14.53
N THR C 440 -34.11 7.09 -14.99
CA THR C 440 -34.19 5.63 -15.06
C THR C 440 -34.11 5.03 -13.66
N LYS C 441 -33.39 5.70 -12.77
CA LYS C 441 -33.24 5.23 -11.40
C LYS C 441 -34.52 5.46 -10.60
N ALA C 442 -35.26 6.51 -10.94
CA ALA C 442 -36.58 6.77 -10.38
C ALA C 442 -37.66 5.94 -11.05
N GLY C 443 -37.30 5.07 -11.99
CA GLY C 443 -38.28 4.22 -12.63
C GLY C 443 -38.85 4.73 -13.92
N VAL C 444 -38.44 5.91 -14.37
CA VAL C 444 -38.96 6.48 -15.61
C VAL C 444 -38.27 5.80 -16.80
N ASP C 445 -39.03 5.66 -17.88
CA ASP C 445 -38.51 5.09 -19.12
C ASP C 445 -38.23 6.23 -20.10
N VAL C 446 -36.95 6.50 -20.35
CA VAL C 446 -36.51 7.64 -21.14
C VAL C 446 -36.22 7.16 -22.58
N PRO C 447 -36.87 7.78 -23.58
CA PRO C 447 -36.70 7.44 -25.01
C PRO C 447 -35.28 7.78 -25.49
N VAL C 448 -34.74 6.99 -26.40
CA VAL C 448 -33.36 7.23 -26.93
C VAL C 448 -33.30 8.67 -27.48
N LYS C 449 -34.27 9.07 -28.30
CA LYS C 449 -34.29 10.44 -28.87
C LYS C 449 -35.51 11.19 -28.31
N ILE C 450 -35.31 12.07 -27.34
CA ILE C 450 -36.44 12.84 -26.75
C ILE C 450 -37.03 13.78 -27.81
N ASP C 451 -38.33 13.67 -28.07
CA ASP C 451 -38.98 14.51 -29.05
C ASP C 451 -39.15 15.92 -28.48
N LEU C 452 -38.67 16.91 -29.25
CA LEU C 452 -38.66 18.30 -28.83
C LEU C 452 -39.94 19.03 -29.19
N GLU C 453 -40.73 18.50 -30.14
CA GLU C 453 -42.00 19.09 -30.53
C GLU C 453 -41.80 20.55 -30.94
N LEU C 454 -40.89 20.77 -31.90
CA LEU C 454 -40.48 22.13 -32.21
C LEU C 454 -41.60 22.94 -32.86
N SER C 455 -42.61 22.30 -33.45
CA SER C 455 -43.75 23.04 -33.99
C SER C 455 -44.54 23.76 -32.91
N LYS C 456 -44.58 23.25 -31.68
CA LYS C 456 -45.21 23.99 -30.58
C LYS C 456 -44.62 25.38 -30.44
N TYR C 457 -43.30 25.48 -30.44
CA TYR C 457 -42.63 26.73 -30.09
C TYR C 457 -42.38 27.60 -31.29
N THR C 458 -42.34 27.00 -32.46
CA THR C 458 -41.98 27.72 -33.67
C THR C 458 -43.16 28.39 -34.35
N ASN C 459 -44.39 28.02 -33.99
CA ASN C 459 -45.60 28.51 -34.65
C ASN C 459 -46.52 29.25 -33.68
N ASN C 460 -47.37 30.09 -34.27
CA ASN C 460 -48.40 30.82 -33.52
C ASN C 460 -47.78 31.59 -32.36
N ARG C 461 -46.71 32.30 -32.65
CA ARG C 461 -45.92 32.95 -31.62
C ARG C 461 -46.44 34.36 -31.39
N GLY C 462 -46.92 34.62 -30.19
CA GLY C 462 -47.23 35.99 -29.83
C GLY C 462 -48.48 36.55 -30.50
N ALA C 463 -48.56 37.89 -30.44
CA ALA C 463 -49.74 38.57 -30.94
C ALA C 463 -49.88 38.43 -32.45
N LYS C 464 -48.77 38.49 -33.19
CA LYS C 464 -48.85 38.42 -34.64
C LYS C 464 -48.97 37.00 -35.17
N LYS C 465 -49.07 36.01 -34.28
CA LYS C 465 -49.07 34.60 -34.67
C LYS C 465 -47.95 34.32 -35.68
N LEU C 466 -46.72 34.53 -35.23
CA LEU C 466 -45.57 34.32 -36.09
C LEU C 466 -45.39 32.84 -36.36
N MET C 467 -45.15 32.49 -37.62
CA MET C 467 -45.08 31.11 -38.04
C MET C 467 -43.65 30.76 -38.45
N PHE C 468 -43.36 29.46 -38.37
CA PHE C 468 -42.07 28.96 -38.83
C PHE C 468 -41.94 29.17 -40.34
N LYS C 469 -40.83 29.77 -40.75
CA LYS C 469 -40.57 29.97 -42.16
C LYS C 469 -39.50 28.97 -42.57
N PRO C 470 -39.87 27.83 -43.16
CA PRO C 470 -38.88 26.77 -43.37
C PRO C 470 -37.78 27.15 -44.34
N GLU C 471 -38.04 28.07 -45.29
CA GLU C 471 -36.99 28.49 -46.23
C GLU C 471 -35.86 29.24 -45.53
N GLN C 472 -36.06 29.66 -44.28
CA GLN C 472 -35.04 30.40 -43.55
C GLN C 472 -34.20 29.52 -42.64
N GLU C 473 -34.54 28.24 -42.53
CA GLU C 473 -33.79 27.37 -41.64
C GLU C 473 -32.34 27.25 -42.12
N LEU C 474 -31.42 27.46 -41.19
CA LEU C 474 -29.97 27.34 -41.43
C LEU C 474 -29.54 25.99 -40.88
N LYS C 475 -29.52 24.99 -41.75
CA LYS C 475 -29.28 23.63 -41.30
C LYS C 475 -27.80 23.40 -41.02
N ASP C 476 -27.52 22.39 -40.19
CA ASP C 476 -26.17 21.97 -39.85
C ASP C 476 -25.37 21.69 -41.12
N PRO C 477 -24.33 22.48 -41.40
CA PRO C 477 -23.58 22.27 -42.64
C PRO C 477 -22.87 20.94 -42.71
N TYR C 478 -22.63 20.28 -41.58
CA TYR C 478 -22.03 18.95 -41.62
C TYR C 478 -23.01 17.87 -41.16
N ILE D 35 24.93 12.82 -60.05
CA ILE D 35 24.64 11.72 -59.14
C ILE D 35 24.25 10.49 -59.92
N PRO D 36 25.05 9.43 -59.80
CA PRO D 36 24.81 8.22 -60.59
C PRO D 36 23.57 7.46 -60.15
N ASP D 37 23.01 6.70 -61.08
CA ASP D 37 21.86 5.85 -60.76
C ASP D 37 22.23 4.80 -59.73
N GLY D 38 21.23 4.38 -58.94
CA GLY D 38 21.46 3.38 -57.93
C GLY D 38 22.17 3.86 -56.70
N THR D 39 22.30 5.18 -56.53
CA THR D 39 23.05 5.75 -55.41
C THR D 39 22.07 6.14 -54.31
N ILE D 40 22.06 5.37 -53.24
CA ILE D 40 21.30 5.79 -52.06
C ILE D 40 22.14 6.68 -51.15
N ASP D 41 23.45 6.51 -51.16
CA ASP D 41 24.38 7.22 -50.28
C ASP D 41 24.18 8.72 -50.31
N PRO D 42 23.72 9.32 -49.20
CA PRO D 42 23.54 10.77 -49.17
C PRO D 42 24.85 11.55 -49.32
N ALA D 43 25.98 10.92 -49.00
CA ALA D 43 27.27 11.59 -49.17
C ALA D 43 27.54 11.90 -50.63
N VAL D 44 27.25 10.95 -51.54
CA VAL D 44 27.39 11.20 -52.97
C VAL D 44 26.44 12.30 -53.41
N TRP D 45 25.19 12.26 -52.93
CA TRP D 45 24.21 13.30 -53.24
C TRP D 45 24.72 14.66 -52.78
N GLY D 46 25.33 14.71 -51.60
CA GLY D 46 25.70 15.99 -51.05
C GLY D 46 27.06 16.56 -51.36
N ASN D 48 27.92 18.14 -53.97
CA ASN D 48 27.78 19.41 -54.64
C ASN D 48 26.71 20.26 -54.02
N TYR D 49 26.18 19.86 -52.85
CA TYR D 49 25.18 20.65 -52.12
C TYR D 49 25.53 20.67 -50.64
N PRO D 50 26.67 21.26 -50.28
CA PRO D 50 27.16 21.11 -48.90
C PRO D 50 26.25 21.75 -47.88
N GLU D 51 25.65 22.88 -48.23
CA GLU D 51 24.75 23.55 -47.29
C GLU D 51 23.55 22.67 -46.96
N GLU D 52 22.85 22.20 -47.99
CA GLU D 52 21.70 21.35 -47.74
C GLU D 52 22.11 20.06 -47.07
N TYR D 53 23.25 19.50 -47.50
CA TYR D 53 23.77 18.30 -46.86
C TYR D 53 24.05 18.56 -45.37
N GLN D 54 24.63 19.71 -45.04
CA GLN D 54 24.98 19.98 -43.64
C GLN D 54 23.75 20.16 -42.78
N THR D 55 22.79 21.00 -43.21
CA THR D 55 21.58 21.17 -42.38
C THR D 55 20.76 19.89 -42.32
N TRP D 56 20.79 19.07 -43.37
CA TRP D 56 20.08 17.79 -43.33
C TRP D 56 20.66 16.89 -42.25
N LYS D 57 21.99 16.78 -42.18
CA LYS D 57 22.61 16.03 -41.09
C LYS D 57 22.28 16.64 -39.73
N ASP D 58 22.11 17.96 -39.68
CA ASP D 58 21.98 18.66 -38.40
C ASP D 58 20.67 18.40 -37.68
N THR D 59 19.71 17.68 -38.29
CA THR D 59 18.60 17.26 -37.45
C THR D 59 19.06 16.30 -36.37
N ALA D 60 20.33 15.89 -36.39
CA ALA D 60 20.89 15.15 -35.27
C ALA D 60 21.09 16.02 -34.03
N LEU D 61 21.26 17.33 -34.20
CA LEU D 61 21.50 18.18 -33.06
C LEU D 61 20.27 18.23 -32.16
N PRO D 62 20.45 18.25 -30.85
CA PRO D 62 19.32 18.48 -29.95
C PRO D 62 18.76 19.88 -30.18
N THR D 63 17.43 19.99 -30.00
CA THR D 63 16.71 21.25 -30.20
C THR D 63 16.77 22.12 -28.94
N PRO D 64 16.65 23.44 -29.09
CA PRO D 64 16.75 24.31 -27.91
C PRO D 64 15.56 24.16 -26.97
N GLU D 65 15.85 24.11 -25.66
CA GLU D 65 14.84 23.96 -24.63
C GLU D 65 14.10 25.27 -24.41
N GLY D 66 12.86 25.15 -23.91
CA GLY D 66 12.09 26.30 -23.45
C GLY D 66 11.53 27.19 -24.53
N LYS D 67 11.47 26.73 -25.78
CA LYS D 67 10.94 27.49 -26.90
C LYS D 67 9.56 27.01 -27.34
N SER D 68 9.25 25.74 -27.12
CA SER D 68 7.95 25.20 -27.47
C SER D 68 7.20 24.76 -26.23
N LYS D 69 5.88 24.88 -26.28
CA LYS D 69 5.07 24.45 -25.15
C LYS D 69 4.68 22.99 -25.26
N TYR D 70 4.24 22.57 -26.45
CA TYR D 70 3.68 21.24 -26.60
C TYR D 70 4.59 20.26 -27.33
N LYS D 71 5.56 20.76 -28.10
CA LYS D 71 6.42 19.88 -28.89
C LYS D 71 7.86 20.02 -28.43
N LYS D 72 8.24 19.25 -27.41
CA LYS D 72 9.55 19.36 -26.79
C LYS D 72 10.44 18.15 -27.06
N GLY D 73 10.11 17.32 -28.06
CA GLY D 73 10.92 16.15 -28.34
C GLY D 73 12.39 16.42 -28.62
N ASN D 74 13.27 15.76 -27.85
CA ASN D 74 14.72 15.87 -27.92
C ASN D 74 15.23 17.26 -27.59
N ASP D 75 14.43 18.06 -26.91
CA ASP D 75 14.90 19.34 -26.39
C ASP D 75 15.94 19.09 -25.30
N GLY D 76 17.16 19.61 -25.50
CA GLY D 76 18.24 19.32 -24.59
C GLY D 76 18.50 17.83 -24.41
N GLY D 77 18.13 17.03 -25.42
CA GLY D 77 18.32 15.60 -25.39
C GLY D 77 17.26 14.83 -24.65
N LYS D 78 16.24 15.50 -24.12
CA LYS D 78 15.24 14.82 -23.33
C LYS D 78 14.25 14.10 -24.23
N VAL D 79 13.77 12.95 -23.77
CA VAL D 79 12.68 12.22 -24.41
C VAL D 79 11.41 12.53 -23.64
N TYR D 80 10.34 12.85 -24.36
CA TYR D 80 9.07 13.18 -23.73
C TYR D 80 8.08 12.04 -23.92
N ASP D 81 7.54 11.56 -22.80
CA ASP D 81 6.64 10.43 -22.81
C ASP D 81 5.24 10.99 -22.99
N LYS D 82 4.64 10.71 -24.16
CA LYS D 82 3.31 11.24 -24.44
C LYS D 82 2.25 10.62 -23.54
N LEU D 83 2.44 9.37 -23.10
CA LEU D 83 1.48 8.79 -22.17
C LEU D 83 1.52 9.45 -20.80
N SER D 84 2.56 10.22 -20.51
CA SER D 84 2.59 11.02 -19.29
C SER D 84 2.14 12.45 -19.52
N GLU D 85 2.30 12.97 -20.74
CA GLU D 85 1.76 14.29 -21.04
C GLU D 85 0.24 14.28 -21.05
N TYR D 86 -0.34 13.24 -21.63
CA TYR D 86 -1.79 13.07 -21.76
C TYR D 86 -2.11 11.74 -21.09
N PRO D 87 -2.30 11.73 -19.77
CA PRO D 87 -2.45 10.46 -19.05
C PRO D 87 -3.61 9.58 -19.51
N PHE D 88 -4.68 10.17 -20.06
CA PHE D 88 -5.82 9.35 -20.49
C PHE D 88 -5.47 8.40 -21.63
N ILE D 89 -4.52 8.77 -22.50
CA ILE D 89 -4.19 7.87 -23.61
C ILE D 89 -3.51 6.60 -23.11
N ALA D 90 -2.85 6.66 -21.95
CA ALA D 90 -2.33 5.42 -21.37
C ALA D 90 -3.45 4.44 -21.11
N LEU D 91 -4.62 4.93 -20.72
CA LEU D 91 -5.74 4.02 -20.57
C LEU D 91 -6.30 3.62 -21.94
N LEU D 92 -6.46 4.58 -22.83
CA LEU D 92 -7.20 4.33 -24.07
C LEU D 92 -6.41 3.45 -25.04
N PHE D 93 -5.09 3.62 -25.09
CA PHE D 93 -4.25 2.83 -26.00
C PHE D 93 -3.64 1.61 -25.33
N ASN D 94 -4.34 0.96 -24.42
CA ASN D 94 -3.79 -0.14 -23.64
C ASN D 94 -4.29 -1.44 -24.23
N GLY D 95 -3.37 -2.36 -24.50
CA GLY D 95 -3.65 -3.51 -25.33
C GLY D 95 -2.79 -3.56 -26.57
N TRP D 96 -1.93 -2.57 -26.80
CA TRP D 96 -0.86 -2.68 -27.78
C TRP D 96 0.20 -1.61 -27.49
N GLY D 97 1.09 -1.41 -28.46
CA GLY D 97 2.33 -0.69 -28.18
C GLY D 97 2.11 0.74 -27.74
N PHE D 98 1.11 1.41 -28.31
CA PHE D 98 0.90 2.82 -27.99
C PHE D 98 0.52 3.02 -26.54
N GLY D 99 0.02 1.99 -25.88
CA GLY D 99 -0.16 2.07 -24.46
C GLY D 99 1.04 1.68 -23.64
N ILE D 100 2.18 1.32 -24.27
CA ILE D 100 3.43 1.02 -23.58
C ILE D 100 4.46 2.16 -23.82
N GLU D 101 4.72 2.44 -25.10
CA GLU D 101 5.69 3.51 -25.40
C GLU D 101 5.27 4.29 -26.64
N TYR D 102 5.29 5.63 -26.51
CA TYR D 102 4.80 6.53 -27.55
C TYR D 102 5.36 7.92 -27.21
N ASN D 103 6.43 8.33 -27.89
CA ASN D 103 7.16 9.54 -27.55
C ASN D 103 6.95 10.63 -28.59
N GLU D 104 7.25 11.86 -28.18
CA GLU D 104 7.26 12.99 -29.09
C GLU D 104 8.33 12.80 -30.15
N PRO D 105 8.16 13.34 -31.34
CA PRO D 105 9.14 13.12 -32.42
C PRO D 105 10.40 13.95 -32.25
N ARG D 106 11.48 13.43 -32.83
CA ARG D 106 12.80 14.06 -32.83
C ARG D 106 13.18 14.36 -34.28
N GLY D 107 14.41 14.81 -34.49
CA GLY D 107 14.88 15.08 -35.83
C GLY D 107 14.90 13.83 -36.70
N HIS D 108 14.96 14.08 -38.02
CA HIS D 108 14.83 13.03 -39.02
C HIS D 108 15.91 11.95 -38.90
N VAL D 109 17.16 12.32 -38.58
CA VAL D 109 18.23 11.31 -38.60
C VAL D 109 17.92 10.13 -37.68
N TYR D 110 17.22 10.38 -36.56
CA TYR D 110 16.95 9.34 -35.55
C TYR D 110 15.80 8.43 -35.96
N MET D 111 15.26 8.63 -37.15
CA MET D 111 14.07 7.92 -37.61
C MET D 111 14.18 6.41 -37.45
N MET D 112 15.26 5.81 -37.99
CA MET D 112 15.44 4.37 -37.86
C MET D 112 15.82 3.97 -36.44
N LYS D 113 16.77 4.68 -35.82
CA LYS D 113 17.23 4.31 -34.49
C LYS D 113 16.07 4.28 -33.49
N ASP D 114 15.21 5.30 -33.52
CA ASP D 114 14.06 5.32 -32.60
C ASP D 114 13.16 4.14 -32.83
N GLN D 115 12.94 3.79 -34.09
CA GLN D 115 12.15 2.60 -34.36
C GLN D 115 12.88 1.33 -33.91
N LYS D 116 14.21 1.32 -33.97
CA LYS D 116 14.97 0.15 -33.53
C LYS D 116 14.89 -0.03 -32.03
N GLU D 117 14.96 1.07 -31.28
CA GLU D 117 15.04 1.04 -29.83
C GLU D 117 13.68 1.20 -29.16
N ILE D 118 12.61 1.35 -29.95
CA ILE D 118 11.28 1.42 -29.37
C ILE D 118 10.96 0.11 -28.68
N ASP D 119 10.08 0.19 -27.69
CA ASP D 119 9.64 -1.01 -27.00
C ASP D 119 9.10 -2.00 -28.03
N PRO D 120 9.46 -3.27 -27.92
CA PRO D 120 9.12 -4.25 -28.97
C PRO D 120 7.64 -4.38 -29.24
N SER D 121 6.77 -4.01 -28.30
CA SER D 121 5.32 -4.08 -28.56
C SER D 121 4.93 -3.25 -29.78
N ARG D 122 5.51 -2.05 -29.92
CA ARG D 122 5.17 -1.23 -31.09
C ARG D 122 5.63 -1.90 -32.38
N LEU D 123 6.68 -2.72 -32.31
CA LEU D 123 7.23 -3.32 -33.51
C LEU D 123 6.43 -4.52 -33.99
N LYS D 124 5.32 -4.85 -33.33
CA LYS D 124 4.53 -5.98 -33.79
C LYS D 124 3.96 -5.77 -35.19
N GLY D 125 3.96 -4.54 -35.71
CA GLY D 125 3.50 -4.29 -37.06
C GLY D 125 4.33 -4.96 -38.14
N GLY D 126 5.56 -5.39 -37.80
CA GLY D 126 6.34 -6.18 -38.72
C GLY D 126 7.03 -5.34 -39.79
N GLY D 127 7.27 -5.97 -40.94
CA GLY D 127 7.95 -5.30 -42.03
C GLY D 127 7.21 -4.09 -42.57
N ALA D 128 5.88 -4.05 -42.41
CA ALA D 128 5.14 -2.87 -42.85
C ALA D 128 5.71 -1.60 -42.25
N CYS D 129 6.36 -1.69 -41.09
CA CYS D 129 6.86 -0.52 -40.38
C CYS D 129 8.13 0.07 -40.96
N LEU D 130 8.65 -0.50 -42.06
CA LEU D 130 9.77 0.14 -42.74
C LEU D 130 9.32 1.24 -43.68
N THR D 131 8.02 1.30 -43.98
CA THR D 131 7.53 2.02 -45.15
C THR D 131 7.88 3.50 -45.10
N CYS D 132 7.96 4.10 -43.91
CA CYS D 132 8.23 5.53 -43.79
C CYS D 132 9.50 5.78 -42.98
N LYS D 133 10.48 4.91 -43.10
CA LYS D 133 11.66 5.11 -42.26
C LYS D 133 12.95 4.94 -43.03
N THR D 134 12.99 4.00 -43.97
CA THR D 134 14.22 3.70 -44.70
C THR D 134 14.07 3.96 -46.19
N PRO D 135 15.12 4.49 -46.82
CA PRO D 135 15.09 4.60 -48.29
C PRO D 135 14.99 3.25 -49.00
N TYR D 136 15.28 2.15 -48.33
CA TYR D 136 15.13 0.84 -48.95
C TYR D 136 13.67 0.42 -49.07
N ALA D 137 12.75 1.18 -48.49
CA ALA D 137 11.36 0.74 -48.42
C ALA D 137 10.75 0.45 -49.78
N PRO D 138 10.82 1.34 -50.77
CA PRO D 138 10.15 1.04 -52.04
C PRO D 138 10.69 -0.21 -52.73
N GLN D 139 12.02 -0.36 -52.80
CA GLN D 139 12.54 -1.53 -53.50
C GLN D 139 12.23 -2.82 -52.75
N LEU D 140 12.28 -2.79 -51.41
CA LEU D 140 11.93 -3.98 -50.63
C LEU D 140 10.48 -4.35 -50.82
N ALA D 141 9.59 -3.36 -50.85
CA ALA D 141 8.18 -3.67 -51.08
C ALA D 141 8.01 -4.36 -52.42
N GLN D 142 8.66 -3.86 -53.47
CA GLN D 142 8.56 -4.42 -54.81
C GLN D 142 9.29 -5.74 -54.94
N LYS D 143 10.25 -6.02 -54.08
CA LYS D 143 11.00 -7.28 -54.13
C LYS D 143 10.36 -8.39 -53.32
N GLN D 144 9.77 -8.09 -52.17
CA GLN D 144 9.26 -9.13 -51.30
C GLN D 144 7.76 -9.37 -51.45
N GLY D 145 7.05 -8.54 -52.21
CA GLY D 145 5.61 -8.74 -52.31
C GLY D 145 4.98 -8.63 -50.93
N VAL D 146 4.01 -9.51 -50.66
CA VAL D 146 3.30 -9.45 -49.38
C VAL D 146 4.22 -9.70 -48.18
N THR D 147 5.28 -10.51 -48.37
CA THR D 147 6.22 -10.81 -47.28
C THR D 147 6.89 -9.57 -46.72
N TYR D 148 7.05 -8.53 -47.54
CA TYR D 148 7.58 -7.27 -47.05
C TYR D 148 6.76 -6.77 -45.84
N PHE D 149 5.44 -6.82 -45.93
CA PHE D 149 4.60 -6.37 -44.82
C PHE D 149 4.51 -7.43 -43.72
N SER D 150 4.32 -8.70 -44.11
CA SER D 150 3.95 -9.74 -43.15
C SER D 150 5.14 -10.26 -42.34
N GLN D 151 6.37 -10.14 -42.85
CA GLN D 151 7.53 -10.67 -42.15
C GLN D 151 7.73 -9.98 -40.81
N SER D 152 8.57 -10.58 -39.98
CA SER D 152 8.90 -9.97 -38.71
C SER D 152 9.69 -8.68 -38.93
N TYR D 153 9.62 -7.77 -37.94
CA TYR D 153 10.38 -6.54 -38.05
C TYR D 153 11.87 -6.82 -38.11
N ALA D 154 12.33 -7.84 -37.38
CA ALA D 154 13.74 -8.21 -37.40
C ALA D 154 14.17 -8.65 -38.79
N ASP D 155 13.34 -9.48 -39.43
CA ASP D 155 13.66 -9.89 -40.79
C ASP D 155 13.65 -8.70 -41.74
N ALA D 156 12.71 -7.77 -41.56
CA ALA D 156 12.65 -6.59 -42.41
C ALA D 156 13.97 -5.81 -42.35
N VAL D 157 14.47 -5.54 -41.15
CA VAL D 157 15.75 -4.83 -41.01
C VAL D 157 16.88 -5.61 -41.65
N ASN D 158 16.81 -6.94 -41.58
CA ASN D 158 17.86 -7.78 -42.16
C ASN D 158 17.83 -7.82 -43.67
N GLN D 159 16.72 -7.42 -44.31
CA GLN D 159 16.71 -7.23 -45.76
C GLN D 159 17.62 -6.08 -46.20
N ILE D 160 17.96 -5.17 -45.30
CA ILE D 160 18.78 -4.01 -45.61
C ILE D 160 20.23 -4.36 -45.31
N PRO D 161 21.18 -3.87 -46.10
CA PRO D 161 22.60 -4.01 -45.72
C PRO D 161 22.88 -3.51 -44.31
N LYS D 162 23.68 -4.28 -43.57
CA LYS D 162 23.95 -3.92 -42.18
C LYS D 162 24.48 -2.50 -42.08
N GLU D 163 25.31 -2.07 -43.03
CA GLU D 163 25.88 -0.73 -42.98
C GLU D 163 24.82 0.37 -43.07
N HIS D 164 23.64 0.04 -43.60
CA HIS D 164 22.58 0.99 -43.93
C HIS D 164 21.36 0.85 -43.04
N GLN D 165 21.44 0.04 -42.01
CA GLN D 165 20.25 -0.33 -41.26
C GLN D 165 19.74 0.77 -40.33
N GLU D 166 20.49 1.84 -40.14
CA GLU D 166 20.07 2.94 -39.30
C GLU D 166 19.97 4.24 -40.09
N MET D 167 19.78 4.15 -41.40
CA MET D 167 19.98 5.32 -42.24
C MET D 167 18.90 6.38 -42.07
N GLY D 168 17.67 6.10 -42.47
CA GLY D 168 16.63 7.10 -42.35
C GLY D 168 16.56 7.98 -43.61
N VAL D 169 15.59 8.91 -43.60
CA VAL D 169 15.24 9.65 -44.81
C VAL D 169 16.44 10.34 -45.41
N ALA D 170 16.67 10.06 -46.69
CA ALA D 170 17.82 10.53 -47.46
C ALA D 170 17.32 11.37 -48.62
N CYS D 171 18.28 11.99 -49.33
CA CYS D 171 17.93 12.90 -50.42
C CYS D 171 17.11 12.21 -51.51
N ILE D 172 17.42 10.95 -51.79
CA ILE D 172 16.72 10.21 -52.84
C ILE D 172 15.25 10.01 -52.51
N ASP D 173 14.89 10.14 -51.22
CA ASP D 173 13.50 10.01 -50.84
C ASP D 173 12.65 11.20 -51.31
N CYS D 174 13.25 12.36 -51.57
CA CYS D 174 12.52 13.54 -52.05
C CYS D 174 13.08 14.19 -53.31
N HIS D 175 14.17 13.68 -53.88
CA HIS D 175 14.80 14.31 -55.01
C HIS D 175 15.10 13.31 -56.10
N ASN D 176 14.99 13.75 -57.35
CA ASN D 176 15.46 12.92 -58.44
C ASN D 176 16.95 13.20 -58.67
N ASN D 177 17.68 12.16 -59.10
CA ASN D 177 19.13 12.27 -59.19
C ASN D 177 19.60 12.97 -60.45
N LYS D 178 18.71 13.20 -61.41
CA LYS D 178 19.06 13.89 -62.64
C LYS D 178 19.00 15.40 -62.50
N ASP D 179 17.95 15.89 -61.83
CA ASP D 179 17.60 17.29 -61.74
C ASP D 179 17.65 17.91 -60.35
N MET D 180 17.72 17.12 -59.29
CA MET D 180 17.44 17.56 -57.93
C MET D 180 16.02 18.09 -57.78
N GLY D 181 15.17 17.92 -58.80
CA GLY D 181 13.78 18.28 -58.66
C GLY D 181 13.07 17.33 -57.72
N LEU D 182 12.03 17.83 -57.07
CA LEU D 182 11.35 17.04 -56.06
C LEU D 182 10.66 15.83 -56.70
N LYS D 183 10.70 14.70 -56.00
CA LYS D 183 10.21 13.45 -56.54
C LYS D 183 9.54 12.65 -55.43
N ILE D 184 8.43 11.99 -55.76
CA ILE D 184 7.77 11.10 -54.79
C ILE D 184 8.42 9.73 -54.93
N SER D 185 9.27 9.38 -53.96
CA SER D 185 9.83 8.04 -53.89
C SER D 185 8.77 7.01 -53.49
N ARG D 186 7.84 7.39 -52.62
CA ARG D 186 6.84 6.44 -52.08
C ARG D 186 5.67 6.33 -53.06
N GLY D 187 5.92 5.63 -54.16
CA GLY D 187 4.87 5.41 -55.12
C GLY D 187 3.82 4.45 -54.60
N PHE D 188 4.26 3.36 -53.94
CA PHE D 188 3.31 2.31 -53.58
C PHE D 188 2.37 2.70 -52.47
N THR D 189 2.54 3.87 -51.87
CA THR D 189 1.60 4.38 -50.87
C THR D 189 1.00 5.70 -51.30
N LEU D 190 1.83 6.75 -51.42
CA LEU D 190 1.29 8.08 -51.65
C LEU D 190 0.71 8.19 -53.05
N VAL D 191 1.42 7.69 -54.06
CA VAL D 191 0.90 7.85 -55.42
C VAL D 191 -0.39 7.06 -55.59
N LYS D 192 -0.46 5.90 -54.93
CA LYS D 192 -1.66 5.08 -54.98
C LYS D 192 -2.83 5.78 -54.31
N ALA D 193 -2.58 6.44 -53.16
CA ALA D 193 -3.65 7.16 -52.48
C ALA D 193 -4.08 8.39 -53.27
N LEU D 194 -3.13 9.13 -53.85
CA LEU D 194 -3.47 10.28 -54.67
C LEU D 194 -4.29 9.87 -55.89
N ASP D 195 -3.96 8.73 -56.51
CA ASP D 195 -4.79 8.22 -57.59
C ASP D 195 -6.20 7.87 -57.11
N LYS D 196 -6.31 7.30 -55.91
CA LYS D 196 -7.64 7.05 -55.36
C LYS D 196 -8.47 8.32 -55.35
N MET D 197 -7.82 9.47 -55.19
CA MET D 197 -8.52 10.74 -55.13
C MET D 197 -8.75 11.37 -56.50
N GLY D 198 -8.25 10.76 -57.58
CA GLY D 198 -8.41 11.40 -58.87
C GLY D 198 -7.44 12.52 -59.15
N VAL D 199 -6.31 12.53 -58.47
CA VAL D 199 -5.31 13.55 -58.68
C VAL D 199 -4.52 13.20 -59.94
N ASP D 200 -4.36 14.18 -60.83
CA ASP D 200 -3.55 14.01 -62.03
C ASP D 200 -2.11 14.36 -61.70
N GLN D 201 -1.22 13.36 -61.72
CA GLN D 201 0.16 13.63 -61.33
C GLN D 201 0.85 14.64 -62.24
N THR D 202 0.36 14.82 -63.46
CA THR D 202 1.02 15.78 -64.34
C THR D 202 0.67 17.20 -63.93
N LYS D 203 -0.44 17.38 -63.25
CA LYS D 203 -0.88 18.70 -62.85
C LYS D 203 -0.28 19.14 -61.52
N LEU D 204 0.52 18.30 -60.87
CA LEU D 204 1.06 18.67 -59.57
C LEU D 204 2.16 19.71 -59.75
N THR D 205 2.01 20.85 -59.10
CA THR D 205 2.99 21.92 -59.18
C THR D 205 4.14 21.70 -58.20
N ASN D 206 5.16 22.53 -58.32
CA ASN D 206 6.25 22.46 -57.37
C ASN D 206 5.78 22.84 -55.98
N GLN D 207 4.84 23.79 -55.89
CA GLN D 207 4.31 24.16 -54.59
C GLN D 207 3.45 23.04 -53.99
N ASP D 208 2.80 22.23 -54.83
CA ASP D 208 2.14 21.02 -54.32
C ASP D 208 3.16 20.01 -53.80
N LYS D 209 4.25 19.80 -54.54
CA LYS D 209 5.26 18.85 -54.11
C LYS D 209 6.02 19.33 -52.87
N ARG D 210 6.03 20.64 -52.63
CA ARG D 210 6.60 21.17 -51.39
C ARG D 210 5.78 20.80 -50.16
N SER D 211 4.61 20.17 -50.34
CA SER D 211 3.97 19.46 -49.24
C SER D 211 3.90 17.96 -49.48
N LEU D 212 3.81 17.52 -50.73
CA LEU D 212 3.63 16.10 -50.99
C LEU D 212 4.88 15.28 -50.65
N VAL D 213 6.07 15.86 -50.76
CA VAL D 213 7.26 15.08 -50.35
C VAL D 213 7.18 14.77 -48.87
N CYS D 214 6.52 15.64 -48.08
CA CYS D 214 6.28 15.33 -46.67
C CYS D 214 5.11 14.40 -46.50
N ALA D 215 4.09 14.53 -47.36
CA ALA D 215 2.92 13.66 -47.28
C ALA D 215 3.27 12.21 -47.59
N GLN D 216 4.52 11.96 -47.96
CA GLN D 216 4.99 10.60 -48.09
C GLN D 216 4.97 9.86 -46.76
N CYS D 217 5.08 10.58 -45.64
CA CYS D 217 5.08 9.89 -44.36
C CYS D 217 4.23 10.54 -43.30
N HIS D 218 3.93 11.83 -43.42
CA HIS D 218 3.15 12.55 -42.43
C HIS D 218 1.66 12.49 -42.77
N VAL D 219 1.16 11.26 -42.80
CA VAL D 219 -0.22 10.95 -43.11
C VAL D 219 -0.69 9.86 -42.16
N THR D 220 -1.99 9.63 -42.13
CA THR D 220 -2.49 8.45 -41.43
C THR D 220 -2.51 7.27 -42.39
N TYR D 221 -2.33 6.07 -41.85
CA TYR D 221 -2.20 4.88 -42.66
C TYR D 221 -2.97 3.74 -42.03
N THR D 222 -3.16 2.69 -42.80
CA THR D 222 -3.86 1.50 -42.33
C THR D 222 -3.02 0.27 -42.66
N ILE D 223 -2.84 -0.60 -41.67
CA ILE D 223 -2.16 -1.87 -41.94
C ILE D 223 -3.18 -3.00 -41.90
N PRO D 224 -3.74 -3.42 -43.03
CA PRO D 224 -4.70 -4.54 -43.01
C PRO D 224 -4.05 -5.84 -42.53
N LYS D 225 -4.85 -6.66 -41.85
CA LYS D 225 -4.38 -7.87 -41.20
C LYS D 225 -5.02 -9.13 -41.81
N ASP D 226 -4.33 -10.27 -41.64
CA ASP D 226 -4.84 -11.60 -42.02
C ASP D 226 -5.39 -12.31 -40.76
N ALA D 227 -5.85 -13.56 -40.94
CA ALA D 227 -6.39 -14.33 -39.82
C ALA D 227 -5.37 -14.50 -38.70
N ASN D 228 -4.08 -14.37 -39.01
CA ASN D 228 -3.04 -14.48 -38.01
C ASN D 228 -2.61 -13.12 -37.47
N MET D 229 -3.38 -12.07 -37.74
CA MET D 229 -3.09 -10.72 -37.26
C MET D 229 -1.70 -10.27 -37.71
N LYS D 230 -1.30 -10.69 -38.91
CA LYS D 230 -0.03 -10.28 -39.49
C LYS D 230 -0.28 -9.32 -40.65
N SER D 231 0.65 -8.39 -40.82
CA SER D 231 0.43 -7.23 -41.68
C SER D 231 0.39 -7.61 -43.16
N GLN D 232 -0.58 -7.05 -43.88
CA GLN D 232 -0.77 -7.38 -45.28
C GLN D 232 -0.42 -6.24 -46.22
N ASP D 233 -0.43 -5.00 -45.73
CA ASP D 233 -0.27 -3.84 -46.61
C ASP D 233 -0.09 -2.57 -45.77
N VAL D 234 0.24 -1.49 -46.46
CA VAL D 234 0.20 -0.14 -45.90
C VAL D 234 -0.50 0.73 -46.93
N PHE D 235 -1.60 1.37 -46.55
CA PHE D 235 -2.25 2.33 -47.43
C PHE D 235 -2.81 3.49 -46.62
N PHE D 236 -3.05 4.59 -47.34
CA PHE D 236 -3.59 5.80 -46.76
C PHE D 236 -5.09 5.79 -46.96
N PRO D 237 -5.91 5.81 -45.89
CA PRO D 237 -7.35 5.63 -46.08
C PRO D 237 -8.05 6.86 -46.68
N TRP D 238 -7.60 7.30 -47.86
CA TRP D 238 -8.16 8.48 -48.50
C TRP D 238 -9.28 8.15 -49.47
N ASP D 239 -9.84 6.96 -49.36
CA ASP D 239 -10.92 6.53 -50.25
C ASP D 239 -12.07 7.52 -50.21
N GLU D 240 -12.56 7.88 -51.39
CA GLU D 240 -13.68 8.79 -51.60
C GLU D 240 -13.43 10.19 -51.07
N SER D 241 -12.17 10.59 -50.91
CA SER D 241 -11.83 11.95 -50.54
C SER D 241 -11.30 12.72 -51.74
N LYS D 242 -11.28 14.03 -51.61
CA LYS D 242 -10.80 14.88 -52.68
C LYS D 242 -9.58 15.67 -52.21
N TRP D 243 -8.74 16.04 -53.18
CA TRP D 243 -7.65 16.98 -52.95
C TRP D 243 -8.14 18.18 -52.17
N GLY D 244 -7.50 18.47 -51.04
CA GLY D 244 -7.88 19.58 -50.20
C GLY D 244 -9.05 19.29 -49.29
N LYS D 245 -9.53 18.04 -49.23
CA LYS D 245 -10.75 17.72 -48.50
C LYS D 245 -10.73 16.27 -47.99
N ILE D 246 -9.72 15.91 -47.21
CA ILE D 246 -9.60 14.57 -46.63
C ILE D 246 -10.18 14.66 -45.21
N SER D 247 -11.49 14.45 -45.11
CA SER D 247 -12.20 14.65 -43.84
C SER D 247 -12.04 13.46 -42.90
N ILE D 248 -12.16 13.75 -41.60
CA ILE D 248 -12.15 12.67 -40.63
C ILE D 248 -13.33 11.74 -40.87
N GLU D 249 -14.46 12.27 -41.36
CA GLU D 249 -15.63 11.44 -41.64
C GLU D 249 -15.35 10.40 -42.73
N ASN D 250 -14.69 10.83 -43.81
CA ASN D 250 -14.31 9.90 -44.87
C ASN D 250 -13.34 8.85 -44.35
N ILE D 251 -12.36 9.29 -43.55
CA ILE D 251 -11.37 8.35 -43.01
C ILE D 251 -12.06 7.31 -42.13
N ILE D 252 -12.97 7.75 -41.25
CA ILE D 252 -13.66 6.81 -40.38
C ILE D 252 -14.50 5.84 -41.20
N LYS D 253 -15.12 6.33 -42.27
CA LYS D 253 -15.94 5.43 -43.07
C LYS D 253 -15.08 4.34 -43.72
N LYS D 254 -13.91 4.71 -44.23
CA LYS D 254 -13.03 3.70 -44.80
C LYS D 254 -12.54 2.70 -43.75
N MET D 255 -12.15 3.20 -42.57
CA MET D 255 -11.69 2.30 -41.50
C MET D 255 -12.79 1.32 -41.12
N ARG D 256 -14.06 1.74 -41.16
CA ARG D 256 -15.16 0.85 -40.81
C ARG D 256 -15.47 -0.18 -41.90
N SER D 257 -15.12 0.08 -43.16
CA SER D 257 -15.63 -0.68 -44.29
C SER D 257 -15.14 -2.12 -44.35
N ASP D 258 -14.09 -2.48 -43.63
CA ASP D 258 -13.54 -3.82 -43.76
C ASP D 258 -12.96 -4.24 -42.42
N LYS D 259 -13.25 -5.48 -42.05
CA LYS D 259 -12.83 -6.00 -40.75
C LYS D 259 -11.36 -6.39 -40.71
N SER D 260 -10.73 -6.63 -41.86
CA SER D 260 -9.27 -6.72 -41.91
C SER D 260 -8.58 -5.48 -41.32
N TYR D 261 -9.26 -4.32 -41.30
CA TYR D 261 -8.66 -3.07 -40.84
C TYR D 261 -8.62 -2.95 -39.32
N GLY D 262 -9.13 -3.96 -38.61
CA GLY D 262 -8.99 -4.04 -37.16
C GLY D 262 -7.62 -4.55 -36.79
N GLU D 263 -6.82 -3.66 -36.22
CA GLU D 263 -5.40 -3.91 -36.00
C GLU D 263 -5.05 -4.26 -34.56
N TRP D 264 -5.91 -3.99 -33.59
CA TRP D 264 -5.49 -4.20 -32.22
C TRP D 264 -6.73 -4.42 -31.39
N THR D 265 -6.51 -4.81 -30.14
CA THR D 265 -7.59 -4.99 -29.18
C THR D 265 -7.35 -4.03 -28.01
N GLN D 266 -8.29 -3.09 -27.83
CA GLN D 266 -8.25 -2.20 -26.68
C GLN D 266 -8.58 -2.99 -25.42
N ALA D 267 -7.68 -2.93 -24.43
CA ALA D 267 -7.82 -3.81 -23.26
C ALA D 267 -9.02 -3.42 -22.40
N VAL D 268 -9.16 -2.13 -22.08
CA VAL D 268 -10.19 -1.72 -21.13
C VAL D 268 -11.57 -2.09 -21.66
N THR D 269 -11.78 -2.00 -22.98
CA THR D 269 -13.08 -2.35 -23.53
C THR D 269 -13.12 -3.75 -24.12
N GLY D 270 -11.96 -4.32 -24.44
CA GLY D 270 -11.96 -5.58 -25.17
C GLY D 270 -12.31 -5.44 -26.63
N PHE D 271 -12.31 -4.22 -27.16
CA PHE D 271 -12.73 -3.98 -28.53
C PHE D 271 -11.59 -4.18 -29.53
N LYS D 272 -11.92 -4.76 -30.69
CA LYS D 272 -11.00 -4.75 -31.81
C LYS D 272 -11.21 -3.45 -32.58
N MET D 273 -10.16 -2.65 -32.70
CA MET D 273 -10.25 -1.29 -33.21
C MET D 273 -9.27 -1.08 -34.34
N ALA D 274 -9.59 -0.12 -35.20
CA ALA D 274 -8.64 0.39 -36.18
C ALA D 274 -7.84 1.50 -35.50
N TYR D 275 -7.08 2.28 -36.26
CA TYR D 275 -6.24 3.28 -35.63
C TYR D 275 -5.95 4.38 -36.65
N ILE D 276 -5.51 5.52 -36.14
CA ILE D 276 -5.11 6.68 -36.94
C ILE D 276 -3.76 7.14 -36.41
N ARG D 277 -2.88 7.55 -37.31
CA ARG D 277 -1.54 8.01 -36.98
C ARG D 277 -1.33 9.35 -37.65
N HIS D 278 -0.52 10.21 -37.00
CA HIS D 278 -0.04 11.54 -37.42
C HIS D 278 -0.63 12.00 -38.76
N PRO D 279 -1.83 12.54 -38.78
CA PRO D 279 -2.45 12.96 -40.04
C PRO D 279 -2.20 14.43 -40.38
N GLU D 280 -0.91 14.81 -40.43
CA GLU D 280 -0.55 16.21 -40.68
C GLU D 280 -1.06 16.68 -42.04
N PHE D 281 -0.80 15.90 -43.09
CA PHE D 281 -1.19 16.33 -44.42
C PHE D 281 -2.71 16.41 -44.55
N GLU D 282 -3.44 15.43 -43.97
CA GLU D 282 -4.90 15.48 -44.01
C GLU D 282 -5.44 16.65 -43.20
N MET D 283 -4.87 16.88 -42.02
CA MET D 283 -5.32 17.99 -41.20
C MET D 283 -5.03 19.31 -41.89
N TYR D 284 -3.78 19.49 -42.33
CA TYR D 284 -3.39 20.77 -42.87
C TYR D 284 -4.10 21.08 -44.19
N SER D 285 -4.27 20.09 -45.09
CA SER D 285 -4.83 20.40 -46.41
C SER D 285 -6.36 20.42 -46.44
N ASN D 286 -7.05 20.14 -45.34
CA ASN D 286 -8.51 20.14 -45.36
C ASN D 286 -9.02 21.56 -45.12
N GLN D 287 -8.87 22.38 -46.15
CA GLN D 287 -9.43 23.73 -46.17
C GLN D 287 -8.98 24.57 -44.96
N SER D 288 -7.69 24.47 -44.62
CA SER D 288 -7.13 25.30 -43.57
C SER D 288 -6.79 26.68 -44.13
N VAL D 289 -6.60 27.65 -43.22
CA VAL D 289 -6.30 29.02 -43.64
C VAL D 289 -5.07 29.05 -44.53
N HIS D 290 -3.96 28.52 -44.05
CA HIS D 290 -2.73 28.57 -44.82
C HIS D 290 -2.82 27.73 -46.07
N TRP D 291 -3.51 26.58 -45.99
CA TRP D 291 -3.66 25.75 -47.17
C TRP D 291 -4.37 26.53 -48.27
N MET D 292 -5.50 27.14 -47.93
CA MET D 292 -6.22 27.90 -48.94
C MET D 292 -5.49 29.19 -49.34
N ALA D 293 -4.48 29.60 -48.56
CA ALA D 293 -3.55 30.66 -48.96
C ALA D 293 -2.39 30.15 -49.81
N GLY D 294 -2.33 28.84 -50.06
CA GLY D 294 -1.29 28.30 -50.91
C GLY D 294 0.02 28.04 -50.21
N VAL D 295 0.04 27.95 -48.88
CA VAL D 295 1.27 27.74 -48.12
C VAL D 295 1.55 26.24 -48.06
N SER D 296 2.81 25.85 -48.21
CA SER D 296 3.17 24.44 -48.17
C SER D 296 3.96 24.12 -46.91
N CYS D 297 4.02 22.82 -46.58
CA CYS D 297 4.78 22.38 -45.41
C CYS D 297 6.15 23.05 -45.38
N ALA D 298 6.82 23.05 -46.54
CA ALA D 298 8.21 23.51 -46.61
C ALA D 298 8.33 25.01 -46.35
N ASP D 299 7.26 25.79 -46.64
CA ASP D 299 7.30 27.22 -46.37
C ASP D 299 7.55 27.52 -44.91
N CYS D 300 7.02 26.68 -44.03
CA CYS D 300 7.20 26.88 -42.60
C CYS D 300 8.30 26.01 -42.00
N HIS D 301 8.52 24.83 -42.54
CA HIS D 301 9.47 23.93 -41.91
C HIS D 301 10.81 23.85 -42.63
N MET D 302 10.90 24.40 -43.84
CA MET D 302 12.17 24.46 -44.58
C MET D 302 12.39 25.90 -45.01
N PRO D 303 12.63 26.78 -44.04
CA PRO D 303 12.86 28.18 -44.39
C PRO D 303 14.08 28.31 -45.28
N TYR D 304 14.04 29.29 -46.16
CA TYR D 304 15.14 29.44 -47.09
C TYR D 304 15.82 30.78 -46.88
N THR D 305 17.07 30.82 -47.29
CA THR D 305 17.86 32.02 -47.41
C THR D 305 18.26 32.17 -48.88
N LYS D 306 18.57 33.39 -49.30
CA LYS D 306 18.91 33.67 -50.68
C LYS D 306 20.38 34.04 -50.79
N VAL D 307 21.12 33.29 -51.61
CA VAL D 307 22.48 33.69 -51.98
C VAL D 307 22.32 34.66 -53.12
N GLY D 308 21.79 35.84 -52.79
CA GLY D 308 21.40 36.84 -53.79
C GLY D 308 20.56 36.21 -54.87
N SER D 309 21.23 35.65 -55.87
CA SER D 309 20.60 34.91 -56.96
C SER D 309 19.76 33.74 -56.44
N LYS D 311 18.69 30.33 -54.05
CA LYS D 311 17.86 29.67 -53.02
C LYS D 311 18.60 28.54 -52.32
N ILE D 312 18.73 28.63 -51.01
CA ILE D 312 19.21 27.53 -50.17
C ILE D 312 18.21 27.33 -49.04
N SER D 313 17.59 26.17 -49.01
CA SER D 313 16.52 25.86 -48.08
C SER D 313 17.11 25.12 -46.90
N ASP D 314 16.59 25.38 -45.72
CA ASP D 314 17.10 24.75 -44.51
C ASP D 314 16.52 23.34 -44.38
N HIS D 315 17.40 22.35 -44.24
CA HIS D 315 16.94 20.97 -44.10
C HIS D 315 17.00 20.46 -42.67
N ARG D 316 17.36 21.31 -41.71
CA ARG D 316 17.22 20.96 -40.30
C ARG D 316 15.76 21.17 -39.90
N ILE D 317 14.91 20.27 -40.42
CA ILE D 317 13.47 20.39 -40.27
C ILE D 317 13.07 20.25 -38.81
N MET D 318 12.38 21.26 -38.28
CA MET D 318 12.04 21.35 -36.85
C MET D 318 10.82 22.25 -36.66
N SER D 319 10.38 22.31 -35.40
CA SER D 319 9.31 23.23 -34.99
C SER D 319 9.71 24.67 -35.30
N PRO D 320 8.85 25.45 -35.97
CA PRO D 320 9.18 26.88 -36.20
C PRO D 320 9.37 27.68 -34.92
N LEU D 321 8.75 27.23 -33.82
CA LEU D 321 9.00 27.90 -32.56
C LEU D 321 10.46 27.76 -32.11
N LYS D 322 11.20 26.82 -32.69
CA LYS D 322 12.54 26.51 -32.23
C LYS D 322 13.64 27.05 -33.13
N ASN D 323 13.29 27.70 -34.24
CA ASN D 323 14.30 28.40 -35.04
C ASN D 323 13.90 29.85 -35.27
N ASP D 324 13.33 30.48 -34.23
CA ASP D 324 12.95 31.89 -34.26
C ASP D 324 12.07 32.25 -35.46
N PHE D 325 11.11 31.36 -35.79
CA PHE D 325 10.03 31.65 -36.73
C PHE D 325 10.58 32.14 -38.07
N LYS D 326 11.74 31.61 -38.46
CA LYS D 326 12.38 32.09 -39.68
C LYS D 326 11.51 31.85 -40.91
N GLY D 327 10.72 30.77 -40.90
CA GLY D 327 9.90 30.48 -42.06
C GLY D 327 8.68 31.39 -42.11
N CYS D 328 8.11 31.62 -40.93
CA CYS D 328 6.98 32.54 -40.80
C CYS D 328 7.35 33.92 -41.29
N LYS D 329 8.55 34.36 -40.93
CA LYS D 329 8.90 35.75 -41.14
C LYS D 329 9.02 36.08 -42.61
N GLN D 330 8.91 35.09 -43.48
CA GLN D 330 8.85 35.46 -44.88
C GLN D 330 7.50 35.98 -45.30
N CYS D 331 6.46 35.77 -44.51
CA CYS D 331 5.10 36.24 -44.87
C CYS D 331 4.50 37.08 -43.74
N HIS D 332 5.26 37.37 -42.69
CA HIS D 332 4.78 38.17 -41.58
C HIS D 332 5.88 39.09 -41.12
N SER D 333 5.51 40.34 -40.89
CA SER D 333 6.45 41.36 -40.46
C SER D 333 6.26 41.64 -39.00
N GLU D 334 5.90 40.62 -38.25
CA GLU D 334 5.69 40.72 -36.82
C GLU D 334 6.80 40.01 -36.06
N SER D 335 6.87 40.33 -34.77
CA SER D 335 7.91 39.78 -33.93
C SER D 335 7.67 38.30 -33.66
N SER D 336 8.76 37.61 -33.31
CA SER D 336 8.69 36.22 -32.88
C SER D 336 7.80 36.10 -31.65
N GLU D 337 7.84 37.11 -30.78
CA GLU D 337 6.99 37.16 -29.60
C GLU D 337 5.54 37.15 -30.01
N TRP D 338 5.21 37.95 -31.04
CA TRP D 338 3.84 37.99 -31.52
C TRP D 338 3.44 36.64 -32.10
N LEU D 339 4.29 36.07 -32.95
CA LEU D 339 3.97 34.78 -33.57
C LEU D 339 3.84 33.68 -32.53
N LYS D 340 4.80 33.62 -31.60
CA LYS D 340 4.69 32.62 -30.53
C LYS D 340 3.37 32.75 -29.79
N ASN D 341 2.94 33.99 -29.50
CA ASN D 341 1.71 34.20 -28.75
C ASN D 341 0.49 33.71 -29.52
N GLN D 342 0.40 34.03 -30.82
CA GLN D 342 -0.74 33.57 -31.60
C GLN D 342 -0.80 32.04 -31.60
N VAL D 343 0.34 31.38 -31.86
CA VAL D 343 0.36 29.93 -31.94
C VAL D 343 -0.10 29.31 -30.63
N ILE D 344 0.45 29.82 -29.51
CA ILE D 344 0.15 29.19 -28.23
C ILE D 344 -1.29 29.48 -27.79
N THR D 345 -1.81 30.67 -28.13
CA THR D 345 -3.22 30.95 -27.85
C THR D 345 -4.12 29.93 -28.54
N ILE D 346 -3.83 29.65 -29.82
CA ILE D 346 -4.62 28.66 -30.55
C ILE D 346 -4.45 27.28 -29.95
N GLN D 347 -3.21 26.88 -29.67
CA GLN D 347 -2.96 25.53 -29.19
C GLN D 347 -3.60 25.28 -27.83
N ASP D 348 -3.64 26.30 -26.96
CA ASP D 348 -4.18 26.16 -25.62
C ASP D 348 -5.67 25.82 -25.66
N ARG D 349 -6.42 26.52 -26.51
CA ARG D 349 -7.83 26.21 -26.68
C ARG D 349 -7.99 24.78 -27.20
N ALA D 350 -7.23 24.44 -28.24
CA ALA D 350 -7.31 23.08 -28.80
C ALA D 350 -6.88 22.05 -27.77
N ALA D 351 -5.79 22.32 -27.05
CA ALA D 351 -5.34 21.37 -26.04
C ALA D 351 -6.41 21.18 -24.97
N SER D 352 -7.07 22.28 -24.58
CA SER D 352 -8.19 22.20 -23.64
C SER D 352 -9.25 21.21 -24.09
N GLN D 353 -9.78 21.39 -25.29
CA GLN D 353 -10.82 20.50 -25.76
C GLN D 353 -10.31 19.07 -25.90
N TYR D 354 -9.06 18.92 -26.34
CA TYR D 354 -8.50 17.59 -26.52
C TYR D 354 -8.43 16.85 -25.19
N ILE D 355 -7.92 17.52 -24.14
CA ILE D 355 -7.77 16.87 -22.84
C ILE D 355 -9.13 16.50 -22.25
N ARG D 356 -10.10 17.42 -22.34
CA ARG D 356 -11.43 17.12 -21.81
C ARG D 356 -12.06 15.95 -22.55
N SER D 357 -12.01 15.97 -23.89
CA SER D 357 -12.62 14.87 -24.64
C SER D 357 -11.89 13.56 -24.38
N GLY D 358 -10.59 13.62 -24.10
CA GLY D 358 -9.84 12.40 -23.84
C GLY D 358 -10.24 11.71 -22.53
N TYR D 359 -10.33 12.49 -21.45
CA TYR D 359 -10.84 11.93 -20.20
C TYR D 359 -12.29 11.48 -20.34
N ALA D 360 -13.10 12.21 -21.12
CA ALA D 360 -14.48 11.78 -21.31
C ALA D 360 -14.54 10.42 -22.00
N LEU D 361 -13.68 10.19 -23.00
CA LEU D 361 -13.71 8.91 -23.69
C LEU D 361 -13.13 7.80 -22.83
N ALA D 362 -12.11 8.12 -22.03
CA ALA D 362 -11.60 7.16 -21.06
C ALA D 362 -12.69 6.74 -20.08
N THR D 363 -13.48 7.71 -19.61
CA THR D 363 -14.61 7.36 -18.76
C THR D 363 -15.54 6.41 -19.49
N VAL D 364 -15.83 6.68 -20.76
CA VAL D 364 -16.75 5.81 -21.51
C VAL D 364 -16.17 4.42 -21.65
N ALA D 365 -14.85 4.30 -21.80
CA ALA D 365 -14.22 2.98 -21.86
C ALA D 365 -14.41 2.24 -20.54
N LYS D 366 -14.16 2.91 -19.42
CA LYS D 366 -14.38 2.28 -18.12
C LYS D 366 -15.84 1.87 -17.95
N LEU D 367 -16.75 2.68 -18.48
CA LEU D 367 -18.17 2.34 -18.42
C LEU D 367 -18.45 1.07 -19.23
N PHE D 368 -17.75 0.91 -20.36
CA PHE D 368 -17.89 -0.33 -21.12
C PHE D 368 -17.31 -1.51 -20.36
N GLU D 369 -16.22 -1.29 -19.63
CA GLU D 369 -15.66 -2.31 -18.76
C GLU D 369 -16.68 -2.75 -17.71
N MET D 370 -17.32 -1.78 -17.04
CA MET D 370 -18.40 -2.07 -16.12
C MET D 370 -19.50 -2.87 -16.80
N THR D 371 -19.91 -2.47 -18.00
CA THR D 371 -20.98 -3.17 -18.71
C THR D 371 -20.64 -4.64 -18.97
N HIS D 372 -19.40 -4.92 -19.41
CA HIS D 372 -19.04 -6.30 -19.73
C HIS D 372 -18.90 -7.15 -18.47
N LYS D 373 -18.55 -6.52 -17.36
CA LYS D 373 -18.41 -7.25 -16.10
C LYS D 373 -19.77 -7.50 -15.44
N GLN D 374 -20.80 -6.72 -15.83
CA GLN D 374 -22.19 -7.00 -15.46
C GLN D 374 -22.78 -8.08 -16.34
N GLN D 375 -22.44 -8.07 -17.63
CA GLN D 375 -22.85 -9.16 -18.51
C GLN D 375 -22.31 -10.48 -17.99
N ALA D 376 -21.09 -10.45 -17.41
CA ALA D 376 -20.50 -11.63 -16.79
C ALA D 376 -21.27 -12.10 -15.57
N ALA D 377 -21.79 -11.16 -14.78
CA ALA D 377 -22.64 -11.45 -13.63
C ALA D 377 -24.10 -11.75 -14.01
N GLY D 378 -24.37 -12.09 -15.28
CA GLY D 378 -25.68 -12.54 -15.72
C GLY D 378 -26.67 -11.46 -16.07
N LYS D 379 -26.37 -10.19 -15.72
CA LYS D 379 -27.30 -9.08 -15.90
C LYS D 379 -27.57 -8.74 -17.36
N GLN D 380 -28.82 -8.39 -17.64
CA GLN D 380 -29.31 -8.16 -18.99
C GLN D 380 -29.18 -6.68 -19.36
N ILE D 381 -28.61 -6.40 -20.53
CA ILE D 381 -28.38 -5.03 -20.98
C ILE D 381 -29.12 -4.84 -22.31
N ASP D 382 -29.81 -3.72 -22.45
CA ASP D 382 -30.51 -3.43 -23.69
C ASP D 382 -29.51 -3.47 -24.85
N GLN D 383 -29.72 -4.41 -25.77
CA GLN D 383 -28.74 -4.55 -26.85
C GLN D 383 -28.79 -3.37 -27.79
N LYS D 384 -29.93 -2.72 -27.94
CA LYS D 384 -30.01 -1.57 -28.84
C LYS D 384 -29.40 -0.33 -28.26
N MET D 385 -29.41 -0.19 -26.94
CA MET D 385 -28.66 0.89 -26.35
C MET D 385 -27.17 0.61 -26.32
N TYR D 386 -26.80 -0.65 -26.11
CA TYR D 386 -25.39 -0.99 -26.06
C TYR D 386 -24.72 -0.77 -27.41
N ASP D 387 -25.37 -1.22 -28.48
CA ASP D 387 -24.79 -1.09 -29.81
C ASP D 387 -24.58 0.38 -30.16
N GLN D 388 -25.61 1.21 -29.94
CA GLN D 388 -25.49 2.62 -30.28
C GLN D 388 -24.41 3.29 -29.45
N ALA D 389 -24.33 2.99 -28.15
CA ALA D 389 -23.26 3.56 -27.33
C ALA D 389 -21.90 3.19 -27.90
N LYS D 390 -21.77 1.95 -28.40
CA LYS D 390 -20.50 1.48 -28.96
C LYS D 390 -20.14 2.22 -30.25
N PHE D 391 -21.12 2.42 -31.13
CA PHE D 391 -20.87 3.17 -32.34
C PHE D 391 -20.48 4.62 -32.03
N TYR D 392 -21.19 5.27 -31.11
CA TYR D 392 -20.85 6.64 -30.77
C TYR D 392 -19.47 6.74 -30.12
N TYR D 393 -19.17 5.78 -29.23
CA TYR D 393 -17.85 5.76 -28.61
C TYR D 393 -16.76 5.68 -29.68
N GLU D 394 -16.96 4.83 -30.69
CA GLU D 394 -15.97 4.72 -31.75
C GLU D 394 -15.80 6.04 -32.50
N GLU D 395 -16.93 6.68 -32.85
CA GLU D 395 -16.91 7.97 -33.55
C GLU D 395 -16.15 9.03 -32.75
N GLY D 396 -16.41 9.10 -31.45
CA GLY D 396 -15.68 10.03 -30.62
C GLY D 396 -14.22 9.63 -30.42
N PHE D 397 -13.97 8.33 -30.27
CA PHE D 397 -12.61 7.88 -30.03
C PHE D 397 -11.72 8.17 -31.22
N TYR D 398 -12.19 7.86 -32.43
CA TYR D 398 -11.39 8.11 -33.64
C TYR D 398 -11.13 9.59 -33.85
N ARG D 399 -12.11 10.42 -33.51
CA ARG D 399 -11.91 11.85 -33.63
C ARG D 399 -10.83 12.33 -32.67
N ASN D 400 -10.95 11.97 -31.39
CA ASN D 400 -9.95 12.43 -30.42
C ASN D 400 -8.57 11.92 -30.79
N LEU D 401 -8.50 10.70 -31.32
CA LEU D 401 -7.22 10.14 -31.72
C LEU D 401 -6.63 10.88 -32.93
N PHE D 402 -7.46 11.17 -33.92
CA PHE D 402 -7.02 11.94 -35.07
C PHE D 402 -6.36 13.26 -34.66
N PHE D 403 -6.96 13.98 -33.72
CA PHE D 403 -6.34 15.21 -33.22
C PHE D 403 -5.07 14.91 -32.42
N GLY D 404 -5.15 13.94 -31.50
CA GLY D 404 -4.02 13.68 -30.62
C GLY D 404 -2.81 13.16 -31.34
N ALA D 405 -3.01 12.46 -32.46
CA ALA D 405 -1.90 11.97 -33.28
C ALA D 405 -1.27 13.07 -34.13
N GLU D 406 -2.03 14.13 -34.45
CA GLU D 406 -1.51 15.24 -35.24
C GLU D 406 -0.56 16.09 -34.38
N ASN D 407 0.51 16.55 -34.98
CA ASN D 407 1.63 17.10 -34.23
C ASN D 407 1.64 18.62 -34.14
N SER D 408 0.56 19.30 -34.53
CA SER D 408 0.53 20.75 -34.50
C SER D 408 -0.30 21.32 -33.34
N ILE D 409 -1.01 20.48 -32.58
CA ILE D 409 -1.94 20.89 -31.53
C ILE D 409 -2.90 21.94 -32.06
N GLY D 410 -3.44 21.70 -33.25
CA GLY D 410 -4.43 22.56 -33.83
C GLY D 410 -3.90 23.63 -34.75
N PHE D 411 -2.61 23.96 -34.67
CA PHE D 411 -2.19 25.12 -35.45
C PHE D 411 -2.28 24.88 -36.95
N HIS D 412 -2.09 23.64 -37.41
CA HIS D 412 -2.19 23.36 -38.84
C HIS D 412 -3.58 23.73 -39.38
N ASN D 413 -4.61 23.63 -38.56
CA ASN D 413 -5.96 23.89 -39.02
C ASN D 413 -6.87 24.18 -37.83
N PRO D 414 -6.76 25.37 -37.23
CA PRO D 414 -7.41 25.63 -35.93
C PRO D 414 -8.89 25.28 -35.83
N THR D 415 -9.77 25.91 -36.60
CA THR D 415 -11.20 25.62 -36.45
C THR D 415 -11.53 24.17 -36.80
N GLU D 416 -10.93 23.62 -37.86
CA GLU D 416 -11.16 22.21 -38.20
C GLU D 416 -10.82 21.28 -37.04
N ALA D 417 -9.66 21.52 -36.42
CA ALA D 417 -9.27 20.76 -35.24
C ALA D 417 -10.35 20.83 -34.16
N MET D 418 -10.81 22.06 -33.88
CA MET D 418 -11.84 22.28 -32.86
C MET D 418 -13.15 21.58 -33.22
N ARG D 419 -13.54 21.66 -34.50
CA ARG D 419 -14.73 20.96 -34.96
C ARG D 419 -14.64 19.47 -34.64
N ILE D 420 -13.52 18.85 -35.02
CA ILE D 420 -13.30 17.43 -34.78
C ILE D 420 -13.41 17.13 -33.29
N LEU D 421 -12.69 17.90 -32.47
CA LEU D 421 -12.74 17.74 -31.03
C LEU D 421 -14.15 18.00 -30.50
N GLY D 422 -14.81 19.03 -31.04
CA GLY D 422 -16.19 19.31 -30.66
C GLY D 422 -17.09 18.12 -30.83
N ASP D 423 -16.98 17.44 -31.98
CA ASP D 423 -17.77 16.24 -32.25
C ASP D 423 -17.34 15.08 -31.36
N ALA D 424 -16.03 14.92 -31.13
CA ALA D 424 -15.54 13.93 -30.17
C ALA D 424 -16.22 14.11 -28.82
N THR D 425 -16.21 15.35 -28.32
CA THR D 425 -16.88 15.69 -27.07
C THR D 425 -18.33 15.25 -27.13
N MET D 426 -19.01 15.58 -28.23
CA MET D 426 -20.41 15.18 -28.41
C MET D 426 -20.57 13.67 -28.31
N TYR D 427 -19.79 12.94 -29.13
CA TYR D 427 -19.97 11.50 -29.26
C TYR D 427 -19.67 10.76 -27.95
N ALA D 428 -18.61 11.18 -27.24
CA ALA D 428 -18.38 10.62 -25.91
C ALA D 428 -19.62 10.77 -25.03
N GLY D 429 -20.14 12.00 -24.95
CA GLY D 429 -21.34 12.27 -24.15
C GLY D 429 -22.51 11.37 -24.52
N LYS D 430 -22.77 11.22 -25.82
CA LYS D 430 -23.85 10.34 -26.26
C LYS D 430 -23.62 8.92 -25.77
N ALA D 431 -22.39 8.41 -25.91
CA ALA D 431 -22.09 7.07 -25.45
C ALA D 431 -22.27 6.95 -23.94
N ASP D 432 -21.72 7.93 -23.18
CA ASP D 432 -21.76 7.89 -21.72
C ASP D 432 -23.20 7.84 -21.19
N GLY D 433 -24.01 8.82 -21.58
CA GLY D 433 -25.40 8.82 -21.16
C GLY D 433 -26.10 7.53 -21.50
N LEU D 434 -25.89 7.06 -22.73
CA LEU D 434 -26.54 5.84 -23.19
C LEU D 434 -26.18 4.67 -22.28
N LEU D 435 -24.89 4.52 -21.98
CA LEU D 435 -24.47 3.43 -21.11
C LEU D 435 -25.11 3.57 -19.73
N ARG D 436 -25.06 4.78 -19.15
CA ARG D 436 -25.61 5.01 -17.82
C ARG D 436 -27.08 4.63 -17.74
N GLN D 437 -27.85 5.01 -18.75
CA GLN D 437 -29.25 4.62 -18.75
C GLN D 437 -29.38 3.11 -18.73
N ALA D 438 -28.76 2.44 -19.70
CA ALA D 438 -28.83 0.99 -19.81
C ALA D 438 -28.30 0.31 -18.56
N LEU D 439 -27.20 0.83 -18.01
CA LEU D 439 -26.61 0.25 -16.81
C LEU D 439 -27.57 0.34 -15.62
N THR D 440 -28.21 1.51 -15.43
CA THR D 440 -29.13 1.60 -14.31
C THR D 440 -30.41 0.83 -14.58
N LYS D 441 -30.79 0.63 -15.86
CA LYS D 441 -31.98 -0.17 -16.12
C LYS D 441 -31.73 -1.65 -15.87
N ALA D 442 -30.48 -2.08 -15.99
CA ALA D 442 -30.17 -3.45 -15.59
C ALA D 442 -30.01 -3.58 -14.08
N GLY D 443 -30.19 -2.47 -13.36
CA GLY D 443 -30.16 -2.43 -11.91
C GLY D 443 -28.84 -2.05 -11.29
N VAL D 444 -27.80 -1.84 -12.07
CA VAL D 444 -26.49 -1.52 -11.51
C VAL D 444 -26.47 -0.07 -11.08
N ASP D 445 -25.70 0.19 -10.03
CA ASP D 445 -25.56 1.52 -9.45
C ASP D 445 -24.31 2.14 -10.08
N VAL D 446 -24.50 3.17 -10.89
CA VAL D 446 -23.43 3.80 -11.63
C VAL D 446 -23.00 5.04 -10.86
N PRO D 447 -21.76 5.11 -10.40
CA PRO D 447 -21.32 6.32 -9.69
C PRO D 447 -21.33 7.51 -10.62
N VAL D 448 -21.54 8.69 -10.03
CA VAL D 448 -21.48 9.93 -10.82
C VAL D 448 -20.06 10.18 -11.31
N LYS D 449 -19.07 9.87 -10.48
CA LYS D 449 -17.65 9.99 -10.79
C LYS D 449 -17.11 8.58 -10.95
N ILE D 450 -16.63 8.26 -12.13
CA ILE D 450 -16.09 6.94 -12.37
C ILE D 450 -14.56 6.99 -12.29
N ASP D 451 -14.02 6.11 -11.46
CA ASP D 451 -12.59 6.10 -11.19
C ASP D 451 -11.85 5.45 -12.35
N LEU D 452 -10.90 6.19 -12.91
CA LEU D 452 -10.17 5.73 -14.08
C LEU D 452 -8.93 4.93 -13.73
N GLU D 453 -8.35 5.16 -12.54
CA GLU D 453 -7.16 4.46 -12.05
C GLU D 453 -5.99 4.56 -13.03
N LEU D 454 -5.69 5.78 -13.44
CA LEU D 454 -4.72 5.96 -14.52
C LEU D 454 -3.30 5.63 -14.07
N SER D 455 -3.04 5.66 -12.74
CA SER D 455 -1.74 5.21 -12.25
C SER D 455 -1.53 3.74 -12.60
N LYS D 456 -2.62 2.97 -12.69
CA LYS D 456 -2.53 1.58 -13.14
C LYS D 456 -2.01 1.49 -14.57
N TYR D 457 -2.32 2.46 -15.43
CA TYR D 457 -1.97 2.36 -16.85
C TYR D 457 -0.71 3.15 -17.23
N THR D 458 -0.39 4.20 -16.48
CA THR D 458 0.75 5.05 -16.79
C THR D 458 2.05 4.55 -16.20
N ASN D 459 2.00 3.51 -15.37
CA ASN D 459 3.18 3.02 -14.70
C ASN D 459 3.41 1.57 -15.05
N ASN D 460 4.65 1.11 -14.81
CA ASN D 460 5.06 -0.27 -15.01
C ASN D 460 4.76 -0.71 -16.44
N ARG D 461 5.12 0.13 -17.39
CA ARG D 461 4.73 -0.07 -18.77
C ARG D 461 5.80 -0.86 -19.49
N GLY D 462 5.43 -2.06 -19.95
CA GLY D 462 6.24 -2.81 -20.87
C GLY D 462 7.50 -3.40 -20.25
N ALA D 463 8.41 -3.78 -21.15
CA ALA D 463 9.60 -4.49 -20.71
C ALA D 463 10.50 -3.63 -19.84
N LYS D 464 10.69 -2.38 -20.25
CA LYS D 464 11.55 -1.42 -19.50
C LYS D 464 10.74 -0.84 -18.32
N LYS D 465 9.51 -1.31 -18.14
CA LYS D 465 8.64 -0.82 -17.03
C LYS D 465 8.59 0.70 -17.05
N LEU D 466 8.08 1.30 -18.13
CA LEU D 466 7.99 2.78 -18.23
C LEU D 466 7.15 3.33 -17.08
N MET D 467 7.60 4.37 -16.42
CA MET D 467 6.87 4.96 -15.32
C MET D 467 6.34 6.33 -15.71
N PHE D 468 5.24 6.71 -15.07
CA PHE D 468 4.67 8.03 -15.28
C PHE D 468 5.63 9.11 -14.81
N LYS D 469 5.89 10.08 -15.68
CA LYS D 469 6.75 11.22 -15.33
C LYS D 469 5.90 12.47 -15.14
N PRO D 470 5.54 12.81 -13.90
CA PRO D 470 4.53 13.86 -13.68
C PRO D 470 4.97 15.25 -14.11
N GLU D 471 6.27 15.53 -14.11
CA GLU D 471 6.72 16.85 -14.54
C GLU D 471 6.48 17.09 -16.03
N GLN D 472 6.14 16.05 -16.79
CA GLN D 472 5.90 16.15 -18.22
C GLN D 472 4.42 16.27 -18.59
N GLU D 473 3.52 16.10 -17.63
CA GLU D 473 2.07 16.15 -17.88
C GLU D 473 1.68 17.52 -18.40
N LEU D 474 0.89 17.53 -19.47
CA LEU D 474 0.37 18.77 -20.03
C LEU D 474 -1.10 18.87 -19.60
N LYS D 475 -1.36 19.58 -18.51
CA LYS D 475 -2.70 19.68 -17.94
C LYS D 475 -3.55 20.72 -18.68
N ASP D 476 -4.88 20.58 -18.56
CA ASP D 476 -5.85 21.44 -19.21
C ASP D 476 -5.50 22.91 -18.98
N PRO D 477 -5.16 23.67 -20.02
CA PRO D 477 -4.81 25.09 -19.83
C PRO D 477 -5.99 25.94 -19.39
N TYR D 478 -7.22 25.46 -19.53
CA TYR D 478 -8.39 26.17 -19.05
C TYR D 478 -9.04 25.46 -17.86
N GLY D 479 -8.24 24.76 -17.07
CA GLY D 479 -8.74 24.00 -15.94
C GLY D 479 -9.10 24.87 -14.75
N PRO D 480 -9.17 24.27 -13.55
CA PRO D 480 -9.53 25.00 -12.33
C PRO D 480 -8.38 25.85 -11.76
N ILE E 35 -1.85 -34.14 -49.96
CA ILE E 35 -0.50 -34.33 -49.46
C ILE E 35 -0.02 -35.76 -49.67
N PRO E 36 1.12 -35.91 -50.37
CA PRO E 36 1.57 -37.26 -50.74
C PRO E 36 1.89 -38.14 -49.55
N ASP E 37 1.78 -39.44 -49.77
CA ASP E 37 2.18 -40.42 -48.77
C ASP E 37 3.67 -40.30 -48.49
N GLY E 38 4.06 -40.67 -47.28
CA GLY E 38 5.46 -40.68 -46.90
C GLY E 38 6.13 -39.32 -46.82
N THR E 39 5.37 -38.28 -46.52
CA THR E 39 5.91 -36.93 -46.44
C THR E 39 6.01 -36.53 -44.98
N ILE E 40 7.23 -36.48 -44.46
CA ILE E 40 7.41 -35.92 -43.14
C ILE E 40 7.56 -34.40 -43.18
N ASP E 41 8.17 -33.84 -44.25
CA ASP E 41 8.49 -32.42 -44.42
C ASP E 41 7.28 -31.52 -44.22
N PRO E 42 7.24 -30.77 -43.11
CA PRO E 42 6.08 -29.88 -42.87
C PRO E 42 5.91 -28.82 -43.94
N ALA E 43 6.95 -28.49 -44.71
CA ALA E 43 6.79 -27.47 -45.75
C ALA E 43 5.87 -27.96 -46.86
N VAL E 44 5.90 -29.26 -47.18
CA VAL E 44 4.95 -29.78 -48.14
C VAL E 44 3.55 -29.68 -47.60
N TRP E 45 3.36 -30.08 -46.34
CA TRP E 45 2.05 -30.01 -45.70
C TRP E 45 1.51 -28.59 -45.68
N GLY E 46 2.36 -27.62 -45.38
CA GLY E 46 1.94 -26.25 -45.26
C GLY E 46 1.89 -25.52 -46.56
N LYS E 47 2.17 -26.22 -47.66
CA LYS E 47 2.15 -25.56 -48.95
C LYS E 47 0.75 -25.07 -49.26
N ASN E 48 -0.26 -25.87 -48.96
CA ASN E 48 -1.64 -25.45 -49.16
C ASN E 48 -2.30 -24.91 -47.92
N TYR E 49 -1.61 -24.91 -46.78
CA TYR E 49 -2.14 -24.36 -45.53
C TYR E 49 -1.15 -23.36 -44.93
N PRO E 50 -0.93 -22.22 -45.58
CA PRO E 50 0.16 -21.34 -45.15
C PRO E 50 -0.09 -20.69 -43.82
N GLU E 51 -1.34 -20.57 -43.39
CA GLU E 51 -1.62 -19.85 -42.15
C GLU E 51 -1.28 -20.70 -40.96
N GLU E 52 -1.72 -21.95 -40.96
CA GLU E 52 -1.36 -22.88 -39.90
C GLU E 52 0.12 -23.13 -39.89
N TYR E 53 0.72 -23.23 -41.07
CA TYR E 53 2.17 -23.44 -41.16
C TYR E 53 2.90 -22.28 -40.54
N GLN E 54 2.45 -21.06 -40.82
CA GLN E 54 3.10 -19.85 -40.29
C GLN E 54 3.09 -19.83 -38.76
N THR E 55 1.92 -19.99 -38.15
CA THR E 55 1.86 -19.98 -36.69
C THR E 55 2.56 -21.20 -36.10
N TRP E 56 2.60 -22.31 -36.84
CA TRP E 56 3.32 -23.48 -36.35
C TRP E 56 4.82 -23.21 -36.28
N LYS E 57 5.42 -22.56 -37.29
CA LYS E 57 6.82 -22.15 -37.20
C LYS E 57 7.04 -21.11 -36.13
N ASP E 58 6.04 -20.27 -35.90
CA ASP E 58 6.23 -19.16 -34.97
C ASP E 58 6.41 -19.62 -33.52
N THR E 59 6.33 -20.92 -33.21
CA THR E 59 6.71 -21.34 -31.87
C THR E 59 8.21 -21.19 -31.64
N ALA E 60 8.97 -20.91 -32.69
CA ALA E 60 10.37 -20.54 -32.53
C ALA E 60 10.51 -19.18 -31.85
N LEU E 61 9.50 -18.32 -31.97
CA LEU E 61 9.62 -16.97 -31.44
C LEU E 61 9.69 -17.02 -29.91
N PRO E 62 10.49 -16.15 -29.30
CA PRO E 62 10.50 -16.09 -27.84
C PRO E 62 9.19 -15.50 -27.32
N THR E 63 8.74 -16.05 -26.21
CA THR E 63 7.53 -15.60 -25.54
C THR E 63 7.80 -14.29 -24.79
N PRO E 64 6.77 -13.48 -24.56
CA PRO E 64 6.97 -12.18 -23.89
C PRO E 64 7.06 -12.29 -22.36
N GLU E 65 8.05 -11.61 -21.78
CA GLU E 65 8.19 -11.60 -20.32
C GLU E 65 7.04 -10.85 -19.66
N GLY E 66 6.84 -11.15 -18.36
CA GLY E 66 5.94 -10.42 -17.49
C GLY E 66 4.47 -10.75 -17.61
N LYS E 67 4.10 -11.70 -18.48
CA LYS E 67 2.70 -12.03 -18.69
C LYS E 67 2.27 -13.25 -17.90
N SER E 68 3.17 -14.19 -17.67
CA SER E 68 2.94 -15.34 -16.83
C SER E 68 3.73 -15.20 -15.52
N LYS E 69 3.23 -15.84 -14.47
CA LYS E 69 3.98 -15.83 -13.23
C LYS E 69 4.83 -17.07 -13.05
N TYR E 70 4.32 -18.23 -13.47
CA TYR E 70 4.96 -19.50 -13.17
C TYR E 70 5.59 -20.21 -14.36
N LYS E 71 5.18 -19.90 -15.58
CA LYS E 71 5.67 -20.59 -16.78
C LYS E 71 6.33 -19.57 -17.69
N LYS E 72 7.65 -19.37 -17.52
CA LYS E 72 8.34 -18.30 -18.25
C LYS E 72 9.43 -18.83 -19.20
N GLY E 73 9.41 -20.12 -19.54
CA GLY E 73 10.39 -20.65 -20.46
C GLY E 73 10.48 -19.89 -21.79
N ASN E 74 11.70 -19.44 -22.13
CA ASN E 74 11.99 -18.67 -23.34
C ASN E 74 11.30 -17.31 -23.36
N ASP E 75 10.82 -16.84 -22.22
CA ASP E 75 10.32 -15.47 -22.15
C ASP E 75 11.47 -14.50 -22.41
N GLY E 76 11.43 -13.82 -23.55
CA GLY E 76 12.58 -13.01 -23.96
C GLY E 76 13.86 -13.80 -24.05
N GLY E 77 13.79 -15.06 -24.44
CA GLY E 77 14.98 -15.87 -24.55
C GLY E 77 15.36 -16.39 -23.18
N VAL E 79 15.88 -18.79 -20.51
CA VAL E 79 15.77 -20.13 -19.92
C VAL E 79 15.66 -20.10 -18.41
N TYR E 80 14.77 -20.93 -17.86
CA TYR E 80 14.46 -20.95 -16.44
C TYR E 80 14.76 -22.31 -15.82
N ASP E 81 15.54 -22.29 -14.75
CA ASP E 81 16.02 -23.50 -14.07
C ASP E 81 14.97 -23.90 -13.04
N LYS E 82 14.31 -25.03 -13.26
CA LYS E 82 13.34 -25.49 -12.28
C LYS E 82 14.01 -25.90 -10.97
N LEU E 83 15.30 -26.27 -10.99
CA LEU E 83 15.96 -26.57 -9.73
C LEU E 83 16.31 -25.29 -8.95
N SER E 84 16.30 -24.14 -9.62
CA SER E 84 16.42 -22.86 -8.94
C SER E 84 15.07 -22.25 -8.59
N GLU E 85 14.01 -22.60 -9.31
CA GLU E 85 12.70 -22.07 -8.97
C GLU E 85 12.14 -22.79 -7.74
N TYR E 86 12.35 -24.10 -7.66
CA TYR E 86 11.87 -24.93 -6.54
C TYR E 86 13.07 -25.70 -6.01
N PRO E 87 13.92 -25.05 -5.20
CA PRO E 87 15.18 -25.68 -4.78
C PRO E 87 15.02 -27.05 -4.11
N PHE E 88 13.90 -27.33 -3.47
CA PHE E 88 13.76 -28.61 -2.77
C PHE E 88 13.80 -29.81 -3.71
N ILE E 89 13.55 -29.62 -5.01
CA ILE E 89 13.61 -30.77 -5.91
C ILE E 89 15.07 -31.11 -6.25
N ALA E 90 15.95 -30.11 -6.31
CA ALA E 90 17.37 -30.38 -6.55
C ALA E 90 17.91 -31.35 -5.52
N LEU E 91 17.42 -31.24 -4.28
CA LEU E 91 17.74 -32.24 -3.27
C LEU E 91 17.04 -33.56 -3.58
N LEU E 92 15.75 -33.50 -3.90
CA LEU E 92 14.99 -34.74 -4.04
C LEU E 92 15.35 -35.50 -5.31
N PHE E 93 15.70 -34.78 -6.37
CA PHE E 93 16.00 -35.40 -7.65
C PHE E 93 17.46 -35.80 -7.80
N ASN E 94 18.26 -35.56 -6.77
CA ASN E 94 19.68 -35.89 -6.84
C ASN E 94 19.86 -37.39 -6.95
N GLY E 95 20.75 -37.81 -7.84
CA GLY E 95 20.92 -39.22 -8.16
C GLY E 95 20.63 -39.57 -9.59
N TRP E 96 20.07 -38.65 -10.38
CA TRP E 96 20.04 -38.81 -11.83
C TRP E 96 19.84 -37.44 -12.47
N GLY E 97 19.43 -37.44 -13.74
CA GLY E 97 19.52 -36.23 -14.54
C GLY E 97 18.59 -35.14 -14.08
N PHE E 98 17.47 -35.50 -13.46
CA PHE E 98 16.54 -34.47 -13.00
C PHE E 98 17.14 -33.62 -11.88
N GLY E 99 18.06 -34.19 -11.09
CA GLY E 99 18.79 -33.41 -10.12
C GLY E 99 19.90 -32.54 -10.65
N ILE E 100 20.05 -32.43 -11.98
CA ILE E 100 21.17 -31.71 -12.58
C ILE E 100 20.71 -30.60 -13.52
N GLU E 101 19.90 -30.96 -14.51
CA GLU E 101 19.32 -29.96 -15.41
C GLU E 101 17.88 -30.37 -15.71
N TYR E 102 16.98 -29.39 -15.62
CA TYR E 102 15.55 -29.60 -15.77
C TYR E 102 14.91 -28.23 -15.88
N ASN E 103 14.58 -27.81 -17.10
CA ASN E 103 14.17 -26.43 -17.35
C ASN E 103 12.68 -26.35 -17.68
N GLU E 104 12.19 -25.13 -17.65
CA GLU E 104 10.82 -24.88 -18.04
C GLU E 104 10.66 -25.23 -19.52
N PRO E 105 9.48 -25.71 -19.92
CA PRO E 105 9.25 -26.03 -21.33
C PRO E 105 9.28 -24.76 -22.17
N ARG E 106 9.36 -24.98 -23.48
CA ARG E 106 9.62 -23.94 -24.48
C ARG E 106 8.72 -24.25 -25.67
N GLY E 107 8.76 -23.38 -26.68
CA GLY E 107 7.99 -23.63 -27.89
C GLY E 107 8.33 -24.95 -28.56
N HIS E 108 7.42 -25.37 -29.46
CA HIS E 108 7.44 -26.72 -30.01
C HIS E 108 8.69 -27.00 -30.85
N VAL E 109 9.08 -26.05 -31.71
CA VAL E 109 10.16 -26.32 -32.65
C VAL E 109 11.45 -26.70 -31.93
N TYR E 110 11.63 -26.25 -30.69
CA TYR E 110 12.88 -26.48 -29.97
C TYR E 110 12.95 -27.84 -29.32
N MET E 111 11.90 -28.62 -29.46
CA MET E 111 11.79 -29.99 -28.97
C MET E 111 13.10 -30.77 -29.08
N MET E 112 13.56 -31.05 -30.31
CA MET E 112 14.77 -31.85 -30.46
C MET E 112 16.02 -31.10 -29.99
N LYS E 113 16.12 -29.81 -30.31
CA LYS E 113 17.30 -29.04 -29.97
C LYS E 113 17.53 -29.01 -28.46
N ASP E 114 16.49 -28.67 -27.69
CA ASP E 114 16.60 -28.66 -26.24
C ASP E 114 17.02 -30.03 -25.72
N GLN E 115 16.50 -31.10 -26.33
CA GLN E 115 16.90 -32.44 -25.91
C GLN E 115 18.33 -32.78 -26.33
N LYS E 116 18.81 -32.14 -27.40
CA LYS E 116 20.19 -32.41 -27.82
C LYS E 116 21.19 -31.68 -26.91
N GLU E 117 20.82 -30.52 -26.43
CA GLU E 117 21.71 -29.70 -25.61
C GLU E 117 21.49 -29.92 -24.13
N ILE E 118 20.60 -30.84 -23.76
CA ILE E 118 20.45 -31.12 -22.34
C ILE E 118 21.66 -31.88 -21.82
N ASP E 119 21.89 -31.73 -20.52
CA ASP E 119 22.96 -32.44 -19.85
C ASP E 119 22.77 -33.94 -20.05
N PRO E 120 23.84 -34.67 -20.34
CA PRO E 120 23.69 -36.08 -20.73
C PRO E 120 23.07 -36.97 -19.68
N SER E 121 23.11 -36.60 -18.40
CA SER E 121 22.49 -37.45 -17.39
C SER E 121 21.01 -37.65 -17.65
N ARG E 122 20.36 -36.68 -18.30
CA ARG E 122 18.97 -36.85 -18.73
C ARG E 122 18.90 -37.80 -19.93
N LEU E 123 19.85 -37.68 -20.86
CA LEU E 123 19.87 -38.52 -22.05
C LEU E 123 20.19 -39.97 -21.72
N LYS E 124 20.55 -40.27 -20.47
CA LYS E 124 20.91 -41.64 -20.13
C LYS E 124 19.75 -42.60 -20.26
N GLY E 125 18.55 -42.10 -20.52
CA GLY E 125 17.41 -42.94 -20.79
C GLY E 125 17.40 -43.57 -22.16
N GLY E 126 18.29 -43.10 -23.06
CA GLY E 126 18.53 -43.78 -24.31
C GLY E 126 17.61 -43.45 -25.47
N GLY E 127 17.47 -44.41 -26.39
CA GLY E 127 16.63 -44.20 -27.56
C GLY E 127 15.16 -44.07 -27.24
N ALA E 128 14.73 -44.54 -26.08
CA ALA E 128 13.34 -44.37 -25.66
C ALA E 128 12.94 -42.90 -25.59
N CYS E 129 13.90 -41.98 -25.45
CA CYS E 129 13.61 -40.56 -25.36
C CYS E 129 13.19 -39.92 -26.67
N LEU E 130 13.32 -40.63 -27.80
CA LEU E 130 12.88 -40.06 -29.07
C LEU E 130 11.36 -40.05 -29.21
N THR E 131 10.65 -40.79 -28.35
CA THR E 131 9.26 -41.17 -28.58
C THR E 131 8.34 -39.97 -28.72
N CYS E 132 8.56 -38.92 -27.94
CA CYS E 132 7.65 -37.78 -27.97
C CYS E 132 8.31 -36.54 -28.57
N LYS E 133 9.26 -36.71 -29.47
CA LYS E 133 9.97 -35.53 -29.93
C LYS E 133 10.26 -35.51 -31.42
N THR E 134 10.44 -36.66 -32.08
CA THR E 134 10.68 -36.61 -33.50
C THR E 134 9.56 -37.37 -34.22
N PRO E 135 9.14 -36.89 -35.39
CA PRO E 135 8.16 -37.65 -36.18
C PRO E 135 8.68 -39.01 -36.61
N TYR E 136 9.99 -39.23 -36.63
CA TYR E 136 10.53 -40.53 -37.01
C TYR E 136 10.30 -41.59 -35.95
N ALA E 137 9.79 -41.21 -34.77
CA ALA E 137 9.71 -42.16 -33.65
C ALA E 137 8.85 -43.38 -33.97
N PRO E 138 7.61 -43.26 -34.46
CA PRO E 138 6.84 -44.50 -34.71
C PRO E 138 7.51 -45.43 -35.71
N GLN E 139 7.95 -44.91 -36.86
CA GLN E 139 8.64 -45.78 -37.82
C GLN E 139 9.89 -46.41 -37.20
N LEU E 140 10.70 -45.62 -36.45
CA LEU E 140 11.91 -46.17 -35.82
C LEU E 140 11.56 -47.25 -34.81
N ALA E 141 10.51 -47.05 -34.03
CA ALA E 141 10.13 -48.05 -33.04
C ALA E 141 9.74 -49.37 -33.70
N GLN E 142 9.03 -49.30 -34.82
CA GLN E 142 8.60 -50.51 -35.50
C GLN E 142 9.73 -51.09 -36.38
N LYS E 143 10.83 -50.36 -36.62
CA LYS E 143 11.98 -50.86 -37.34
C LYS E 143 13.05 -51.36 -36.40
N GLN E 144 13.05 -50.98 -35.14
CA GLN E 144 14.15 -51.36 -34.26
C GLN E 144 13.77 -52.37 -33.20
N GLY E 145 12.49 -52.61 -33.03
CA GLY E 145 12.08 -53.48 -31.95
C GLY E 145 12.66 -52.94 -30.64
N VAL E 146 13.15 -53.86 -29.80
CA VAL E 146 13.61 -53.45 -28.47
C VAL E 146 14.80 -52.48 -28.54
N THR E 147 15.61 -52.59 -29.59
CA THR E 147 16.77 -51.72 -29.76
C THR E 147 16.38 -50.25 -29.79
N TYR E 148 15.18 -49.95 -30.27
CA TYR E 148 14.74 -48.57 -30.32
C TYR E 148 14.82 -47.93 -28.93
N PHE E 149 14.32 -48.62 -27.91
CA PHE E 149 14.38 -48.09 -26.55
C PHE E 149 15.76 -48.27 -25.93
N SER E 150 16.38 -49.42 -26.16
CA SER E 150 17.56 -49.80 -25.38
C SER E 150 18.84 -49.20 -25.89
N GLN E 151 18.85 -48.64 -27.09
CA GLN E 151 20.09 -48.12 -27.63
C GLN E 151 20.45 -46.81 -26.93
N SER E 152 21.68 -46.37 -27.15
CA SER E 152 22.08 -45.05 -26.67
C SER E 152 21.36 -43.96 -27.44
N TYR E 153 21.17 -42.81 -26.76
CA TYR E 153 20.53 -41.68 -27.44
C TYR E 153 21.30 -41.25 -28.68
N ALA E 154 22.62 -41.42 -28.69
CA ALA E 154 23.40 -41.05 -29.86
C ALA E 154 23.06 -41.96 -31.05
N ASP E 155 23.02 -43.27 -30.81
CA ASP E 155 22.58 -44.20 -31.85
C ASP E 155 21.16 -43.88 -32.32
N ALA E 156 20.25 -43.63 -31.37
CA ALA E 156 18.88 -43.34 -31.75
C ALA E 156 18.83 -42.14 -32.69
N VAL E 157 19.45 -41.02 -32.29
CA VAL E 157 19.40 -39.82 -33.11
C VAL E 157 19.99 -40.07 -34.48
N ASN E 158 21.09 -40.82 -34.54
CA ASN E 158 21.77 -41.07 -35.81
C ASN E 158 21.03 -42.07 -36.70
N GLN E 159 19.95 -42.67 -36.22
CA GLN E 159 19.01 -43.40 -37.08
C GLN E 159 18.24 -42.49 -38.02
N ILE E 160 18.27 -41.18 -37.77
CA ILE E 160 17.47 -40.21 -38.50
C ILE E 160 18.35 -39.50 -39.53
N PRO E 161 17.85 -39.21 -40.73
CA PRO E 161 18.63 -38.38 -41.67
C PRO E 161 19.09 -37.09 -41.01
N LYS E 162 20.34 -36.74 -41.27
CA LYS E 162 20.99 -35.66 -40.52
C LYS E 162 20.24 -34.35 -40.62
N GLU E 163 19.67 -34.06 -41.79
CA GLU E 163 18.93 -32.83 -42.03
C GLU E 163 17.63 -32.75 -41.23
N HIS E 164 17.17 -33.87 -40.68
CA HIS E 164 15.92 -33.90 -39.92
C HIS E 164 16.14 -34.23 -38.46
N GLN E 165 17.40 -34.22 -38.00
CA GLN E 165 17.72 -34.64 -36.63
C GLN E 165 17.38 -33.59 -35.58
N GLU E 166 16.93 -32.40 -35.96
CA GLU E 166 16.44 -31.42 -35.00
C GLU E 166 15.01 -30.99 -35.34
N MET E 167 14.29 -31.84 -36.07
CA MET E 167 12.90 -31.56 -36.45
C MET E 167 11.99 -32.03 -35.33
N GLY E 168 11.19 -31.09 -34.80
CA GLY E 168 10.25 -31.38 -33.73
C GLY E 168 8.93 -31.89 -34.25
N VAL E 169 7.89 -31.69 -33.44
CA VAL E 169 6.56 -32.17 -33.81
C VAL E 169 6.12 -31.53 -35.12
N ALA E 170 5.73 -32.37 -36.10
CA ALA E 170 5.34 -31.93 -37.44
C ALA E 170 3.87 -32.22 -37.68
N CYS E 171 3.33 -31.67 -38.78
CA CYS E 171 1.91 -31.81 -39.07
C CYS E 171 1.47 -33.27 -39.04
N ILE E 172 2.31 -34.15 -39.57
CA ILE E 172 1.98 -35.57 -39.67
C ILE E 172 1.80 -36.22 -38.31
N ASP E 173 2.31 -35.61 -37.24
CA ASP E 173 2.11 -36.13 -35.90
C ASP E 173 0.68 -35.97 -35.38
N CYS E 174 -0.11 -35.05 -35.98
CA CYS E 174 -1.49 -34.85 -35.56
C CYS E 174 -2.49 -34.89 -36.70
N HIS E 175 -2.06 -35.06 -37.94
CA HIS E 175 -2.95 -34.97 -39.08
C HIS E 175 -2.71 -36.14 -40.02
N ASN E 176 -3.79 -36.66 -40.62
CA ASN E 176 -3.65 -37.56 -41.77
C ASN E 176 -3.59 -36.77 -43.07
N ASN E 177 -2.83 -37.30 -44.03
CA ASN E 177 -2.53 -36.54 -45.24
C ASN E 177 -3.67 -36.56 -46.25
N LYS E 178 -4.76 -37.28 -45.98
CA LYS E 178 -5.83 -37.38 -46.93
C LYS E 178 -6.87 -36.28 -46.75
N ASP E 179 -7.22 -35.93 -45.51
CA ASP E 179 -8.18 -34.85 -45.33
C ASP E 179 -7.82 -33.90 -44.19
N MET E 180 -6.56 -33.91 -43.72
CA MET E 180 -6.11 -33.06 -42.61
C MET E 180 -6.87 -33.33 -41.32
N GLY E 181 -7.55 -34.47 -41.22
CA GLY E 181 -8.22 -34.81 -39.99
C GLY E 181 -7.24 -35.11 -38.87
N LEU E 182 -7.72 -34.92 -37.64
CA LEU E 182 -6.90 -35.21 -36.48
C LEU E 182 -6.61 -36.71 -36.43
N LYS E 183 -5.39 -37.06 -36.04
CA LYS E 183 -5.00 -38.44 -36.04
C LYS E 183 -3.92 -38.69 -34.99
N ILE E 184 -3.99 -39.83 -34.33
CA ILE E 184 -3.00 -40.22 -33.33
C ILE E 184 -1.89 -40.97 -34.05
N SER E 185 -0.75 -40.30 -34.25
CA SER E 185 0.43 -40.96 -34.80
C SER E 185 1.10 -41.88 -33.78
N ARG E 186 1.03 -41.53 -32.50
CA ARG E 186 1.71 -42.29 -31.45
C ARG E 186 0.84 -43.49 -31.09
N GLY E 187 0.75 -44.41 -32.05
CA GLY E 187 -0.05 -45.60 -31.82
C GLY E 187 0.57 -46.52 -30.80
N PHE E 188 1.90 -46.63 -30.80
CA PHE E 188 2.51 -47.60 -29.91
C PHE E 188 2.60 -47.13 -28.47
N THR E 189 2.20 -45.90 -28.17
CA THR E 189 2.10 -45.45 -26.79
C THR E 189 0.67 -45.11 -26.44
N LEU E 190 0.08 -44.06 -27.05
CA LEU E 190 -1.22 -43.55 -26.64
C LEU E 190 -2.33 -44.56 -26.91
N VAL E 191 -2.38 -45.10 -28.13
CA VAL E 191 -3.47 -46.00 -28.44
C VAL E 191 -3.38 -47.24 -27.57
N LYS E 192 -2.17 -47.68 -27.24
CA LYS E 192 -2.05 -48.83 -26.36
C LYS E 192 -2.59 -48.52 -24.97
N ALA E 193 -2.24 -47.34 -24.41
CA ALA E 193 -2.76 -46.94 -23.10
C ALA E 193 -4.27 -46.80 -23.12
N LEU E 194 -4.82 -46.26 -24.20
CA LEU E 194 -6.26 -46.11 -24.28
C LEU E 194 -6.93 -47.45 -24.36
N ASP E 195 -6.27 -48.44 -24.98
CA ASP E 195 -6.84 -49.78 -24.96
C ASP E 195 -6.84 -50.36 -23.57
N LYS E 196 -5.80 -50.08 -22.78
CA LYS E 196 -5.78 -50.53 -21.38
C LYS E 196 -6.99 -50.04 -20.60
N MET E 197 -7.56 -48.90 -20.96
CA MET E 197 -8.73 -48.41 -20.24
C MET E 197 -10.03 -48.85 -20.85
N GLY E 198 -9.99 -49.67 -21.90
CA GLY E 198 -11.20 -50.08 -22.56
C GLY E 198 -11.85 -48.98 -23.36
N VAL E 199 -11.07 -48.02 -23.85
CA VAL E 199 -11.62 -46.95 -24.67
C VAL E 199 -11.92 -47.47 -26.08
N ASP E 200 -13.12 -47.18 -26.56
CA ASP E 200 -13.56 -47.55 -27.90
C ASP E 200 -13.10 -46.46 -28.88
N GLN E 201 -12.12 -46.78 -29.71
CA GLN E 201 -11.55 -45.76 -30.59
C GLN E 201 -12.60 -45.22 -31.56
N THR E 202 -13.53 -46.06 -32.00
CA THR E 202 -14.52 -45.59 -32.96
C THR E 202 -15.47 -44.56 -32.38
N LYS E 203 -15.55 -44.46 -31.06
CA LYS E 203 -16.46 -43.53 -30.41
C LYS E 203 -15.78 -42.24 -29.97
N LEU E 204 -14.57 -41.99 -30.43
CA LEU E 204 -13.82 -40.81 -30.02
C LEU E 204 -14.21 -39.65 -30.93
N THR E 205 -14.77 -38.59 -30.35
CA THR E 205 -15.20 -37.46 -31.14
C THR E 205 -14.02 -36.58 -31.58
N ASN E 206 -14.32 -35.61 -32.43
CA ASN E 206 -13.30 -34.63 -32.75
C ASN E 206 -12.91 -33.84 -31.50
N GLN E 207 -13.86 -33.58 -30.61
CA GLN E 207 -13.53 -32.87 -29.38
C GLN E 207 -12.69 -33.75 -28.44
N ASP E 208 -12.93 -35.06 -28.46
CA ASP E 208 -11.99 -35.97 -27.79
C ASP E 208 -10.58 -35.83 -28.36
N LYS E 209 -10.46 -35.77 -29.68
CA LYS E 209 -9.15 -35.72 -30.32
C LYS E 209 -8.46 -34.39 -30.11
N ARG E 210 -9.24 -33.31 -29.97
CA ARG E 210 -8.69 -31.99 -29.68
C ARG E 210 -8.02 -31.94 -28.31
N SER E 211 -8.07 -33.04 -27.58
CA SER E 211 -7.21 -33.25 -26.44
C SER E 211 -6.28 -34.43 -26.63
N LEU E 212 -6.72 -35.48 -27.35
CA LEU E 212 -5.90 -36.67 -27.47
C LEU E 212 -4.67 -36.46 -28.34
N VAL E 213 -4.72 -35.54 -29.32
CA VAL E 213 -3.48 -35.29 -30.07
C VAL E 213 -2.41 -34.76 -29.12
N CYS E 214 -2.82 -34.01 -28.09
CA CYS E 214 -1.86 -33.56 -27.10
C CYS E 214 -1.49 -34.68 -26.15
N ALA E 215 -2.44 -35.56 -25.83
CA ALA E 215 -2.13 -36.66 -24.94
C ALA E 215 -1.13 -37.64 -25.53
N GLN E 216 -0.77 -37.48 -26.81
CA GLN E 216 0.30 -38.30 -27.36
C GLN E 216 1.61 -38.06 -26.64
N CYS E 217 1.83 -36.84 -26.14
CA CYS E 217 3.07 -36.55 -25.45
C CYS E 217 2.89 -35.92 -24.09
N HIS E 218 1.73 -35.31 -23.79
CA HIS E 218 1.58 -34.60 -22.52
C HIS E 218 0.88 -35.49 -21.49
N VAL E 219 1.61 -36.54 -21.12
CA VAL E 219 1.14 -37.55 -20.18
C VAL E 219 2.35 -38.01 -19.39
N THR E 220 2.10 -38.82 -18.36
CA THR E 220 3.22 -39.44 -17.67
C THR E 220 3.47 -40.82 -18.28
N TYR E 221 4.69 -41.30 -18.12
CA TYR E 221 5.14 -42.49 -18.84
C TYR E 221 6.11 -43.24 -17.94
N THR E 222 6.23 -44.53 -18.22
CA THR E 222 7.17 -45.41 -17.55
C THR E 222 8.16 -45.98 -18.55
N ILE E 223 9.43 -45.98 -18.19
CA ILE E 223 10.44 -46.65 -19.02
C ILE E 223 11.00 -47.84 -18.25
N PRO E 224 10.48 -49.05 -18.47
CA PRO E 224 11.01 -50.20 -17.74
C PRO E 224 12.47 -50.44 -18.09
N LYS E 225 13.23 -50.84 -17.07
CA LYS E 225 14.64 -51.11 -17.24
C LYS E 225 14.88 -52.59 -17.00
N ASP E 226 15.86 -53.15 -17.72
CA ASP E 226 16.23 -54.54 -17.49
C ASP E 226 17.29 -54.56 -16.38
N ALA E 227 17.93 -55.71 -16.20
CA ALA E 227 18.91 -55.84 -15.13
C ALA E 227 20.09 -54.88 -15.29
N ASN E 228 20.31 -54.34 -16.49
CA ASN E 228 21.49 -53.51 -16.73
C ASN E 228 21.15 -52.04 -16.88
N MET E 229 19.96 -51.62 -16.40
CA MET E 229 19.47 -50.25 -16.53
C MET E 229 19.41 -49.81 -17.99
N LYS E 230 18.98 -50.72 -18.85
CA LYS E 230 18.72 -50.45 -20.26
C LYS E 230 17.22 -50.27 -20.44
N SER E 231 16.84 -49.31 -21.26
CA SER E 231 15.43 -49.00 -21.41
C SER E 231 14.76 -50.07 -22.26
N GLN E 232 13.61 -50.56 -21.83
CA GLN E 232 12.98 -51.69 -22.49
C GLN E 232 11.69 -51.34 -23.24
N ASP E 233 11.02 -50.25 -22.87
CA ASP E 233 9.74 -49.86 -23.46
C ASP E 233 9.41 -48.44 -22.97
N VAL E 234 8.33 -47.89 -23.53
CA VAL E 234 7.70 -46.67 -23.06
C VAL E 234 6.19 -46.91 -23.06
N PHE E 235 5.57 -46.87 -21.87
CA PHE E 235 4.13 -47.04 -21.81
C PHE E 235 3.53 -46.03 -20.82
N PHE E 236 2.24 -45.73 -21.01
CA PHE E 236 1.53 -44.84 -20.09
C PHE E 236 0.89 -45.69 -19.02
N PRO E 237 1.17 -45.44 -17.74
CA PRO E 237 0.69 -46.30 -16.64
C PRO E 237 -0.77 -46.04 -16.29
N TRP E 238 -1.64 -46.17 -17.29
CA TRP E 238 -3.07 -45.93 -17.10
C TRP E 238 -3.84 -47.18 -16.72
N ASP E 239 -3.14 -48.21 -16.26
CA ASP E 239 -3.77 -49.47 -15.90
C ASP E 239 -4.80 -49.26 -14.80
N GLU E 240 -5.93 -49.95 -14.93
CA GLU E 240 -7.03 -49.91 -13.96
C GLU E 240 -7.63 -48.51 -13.83
N SER E 241 -7.29 -47.59 -14.71
CA SER E 241 -7.93 -46.29 -14.82
C SER E 241 -9.01 -46.37 -15.90
N LYS E 242 -9.94 -45.42 -15.86
CA LYS E 242 -10.90 -45.28 -16.92
C LYS E 242 -10.89 -43.83 -17.38
N TRP E 243 -11.44 -43.61 -18.57
CA TRP E 243 -11.56 -42.30 -19.20
C TRP E 243 -12.19 -41.28 -18.26
N GLY E 244 -11.45 -40.22 -17.99
CA GLY E 244 -11.95 -39.18 -17.12
C GLY E 244 -11.73 -39.42 -15.64
N LYS E 245 -10.99 -40.46 -15.29
CA LYS E 245 -10.69 -40.84 -13.91
C LYS E 245 -9.35 -41.57 -13.88
N ILE E 246 -8.29 -40.92 -14.36
CA ILE E 246 -6.93 -41.49 -14.24
C ILE E 246 -6.36 -40.90 -12.96
N SER E 247 -6.74 -41.52 -11.83
CA SER E 247 -6.31 -41.06 -10.52
C SER E 247 -4.83 -41.34 -10.32
N ILE E 248 -4.18 -40.46 -9.55
CA ILE E 248 -2.79 -40.72 -9.14
C ILE E 248 -2.71 -42.00 -8.33
N GLU E 249 -3.79 -42.35 -7.64
CA GLU E 249 -3.80 -43.59 -6.88
C GLU E 249 -3.54 -44.76 -7.79
N ASN E 250 -4.24 -44.81 -8.93
CA ASN E 250 -4.02 -45.86 -9.91
C ASN E 250 -2.60 -45.83 -10.45
N ILE E 251 -2.07 -44.64 -10.70
CA ILE E 251 -0.72 -44.54 -11.26
C ILE E 251 0.32 -45.07 -10.29
N ILE E 252 0.18 -44.74 -9.00
CA ILE E 252 1.15 -45.20 -8.02
C ILE E 252 1.02 -46.70 -7.81
N LYS E 253 -0.21 -47.23 -7.84
CA LYS E 253 -0.38 -48.67 -7.74
C LYS E 253 0.33 -49.38 -8.90
N LYS E 254 0.22 -48.82 -10.11
CA LYS E 254 0.94 -49.40 -11.24
C LYS E 254 2.44 -49.31 -11.07
N MET E 255 2.96 -48.15 -10.63
CA MET E 255 4.42 -48.01 -10.51
C MET E 255 4.99 -48.95 -9.46
N ARG E 256 4.27 -49.20 -8.37
CA ARG E 256 4.74 -50.15 -7.38
C ARG E 256 4.75 -51.57 -7.92
N SER E 257 3.86 -51.88 -8.86
CA SER E 257 3.53 -53.26 -9.26
C SER E 257 4.71 -54.03 -9.86
N ASP E 258 5.85 -53.38 -10.10
CA ASP E 258 6.94 -54.09 -10.76
C ASP E 258 8.28 -53.38 -10.55
N LYS E 259 9.33 -54.18 -10.36
CA LYS E 259 10.67 -53.63 -10.09
C LYS E 259 11.37 -53.19 -11.37
N SER E 260 10.91 -53.65 -12.54
CA SER E 260 11.35 -53.05 -13.80
C SER E 260 11.16 -51.55 -13.79
N TYR E 261 10.14 -51.07 -13.08
CA TYR E 261 9.78 -49.67 -13.11
C TYR E 261 10.74 -48.79 -12.30
N GLY E 262 11.58 -49.37 -11.47
CA GLY E 262 12.61 -48.57 -10.81
C GLY E 262 13.64 -48.04 -11.77
N GLU E 263 13.63 -46.73 -11.99
CA GLU E 263 14.45 -46.15 -13.05
C GLU E 263 15.67 -45.40 -12.55
N TRP E 264 15.81 -45.22 -11.25
CA TRP E 264 16.91 -44.42 -10.70
C TRP E 264 17.03 -44.69 -9.21
N THR E 265 18.12 -44.20 -8.63
CA THR E 265 18.34 -44.27 -7.20
C THR E 265 18.45 -42.85 -6.64
N GLN E 266 17.62 -42.53 -5.66
CA GLN E 266 17.62 -41.19 -5.07
C GLN E 266 18.85 -41.04 -4.17
N ALA E 267 19.69 -40.05 -4.48
CA ALA E 267 20.98 -39.88 -3.82
C ALA E 267 20.84 -39.86 -2.29
N VAL E 268 20.22 -38.81 -1.76
CA VAL E 268 20.21 -38.57 -0.33
C VAL E 268 19.61 -39.76 0.42
N THR E 269 18.69 -40.50 -0.19
CA THR E 269 18.10 -41.62 0.53
C THR E 269 18.61 -42.98 0.08
N GLY E 270 19.14 -43.09 -1.15
CA GLY E 270 19.55 -44.39 -1.65
C GLY E 270 18.43 -45.32 -2.06
N PHE E 271 17.20 -44.83 -2.20
CA PHE E 271 16.09 -45.69 -2.58
C PHE E 271 15.99 -45.78 -4.09
N LYS E 272 15.66 -46.98 -4.58
CA LYS E 272 15.33 -47.18 -5.99
C LYS E 272 13.86 -46.84 -6.18
N MET E 273 13.59 -45.90 -7.09
CA MET E 273 12.27 -45.28 -7.22
C MET E 273 11.83 -45.22 -8.68
N ALA E 274 10.51 -45.19 -8.85
CA ALA E 274 9.90 -44.88 -10.14
C ALA E 274 9.88 -43.37 -10.37
N TYR E 275 9.08 -42.90 -11.31
CA TYR E 275 9.08 -41.47 -11.62
C TYR E 275 7.80 -41.12 -12.38
N ILE E 276 7.46 -39.83 -12.30
CA ILE E 276 6.29 -39.27 -12.96
C ILE E 276 6.76 -38.08 -13.77
N ARG E 277 6.18 -37.89 -14.96
CA ARG E 277 6.52 -36.76 -15.82
C ARG E 277 5.24 -36.09 -16.28
N HIS E 278 5.35 -34.77 -16.55
CA HIS E 278 4.32 -33.86 -17.07
C HIS E 278 2.98 -34.52 -17.38
N PRO E 279 2.13 -34.77 -16.36
CA PRO E 279 0.87 -35.52 -16.52
C PRO E 279 -0.33 -34.59 -16.84
N GLU E 280 -0.18 -33.68 -17.81
CA GLU E 280 -1.24 -32.73 -18.13
C GLU E 280 -2.55 -33.44 -18.44
N PHE E 281 -2.50 -34.47 -19.28
CA PHE E 281 -3.75 -35.12 -19.65
C PHE E 281 -4.40 -35.80 -18.45
N GLU E 282 -3.62 -36.54 -17.64
CA GLU E 282 -4.19 -37.22 -16.48
C GLU E 282 -4.70 -36.23 -15.44
N MET E 283 -4.02 -35.08 -15.31
CA MET E 283 -4.49 -34.06 -14.39
C MET E 283 -5.74 -33.38 -14.93
N TYR E 284 -5.74 -33.00 -16.21
CA TYR E 284 -6.86 -32.21 -16.72
C TYR E 284 -8.12 -33.06 -16.89
N SER E 285 -7.98 -34.30 -17.36
CA SER E 285 -9.15 -35.11 -17.67
C SER E 285 -9.80 -35.74 -16.45
N ASN E 286 -9.18 -35.62 -15.28
CA ASN E 286 -9.69 -36.30 -14.08
C ASN E 286 -10.75 -35.44 -13.38
N GLN E 287 -11.90 -35.33 -14.03
CA GLN E 287 -13.06 -34.68 -13.45
C GLN E 287 -12.75 -33.25 -13.06
N SER E 288 -12.03 -32.54 -13.93
CA SER E 288 -11.82 -31.13 -13.71
C SER E 288 -13.03 -30.36 -14.19
N VAL E 289 -13.14 -29.09 -13.75
CA VAL E 289 -14.29 -28.26 -14.13
C VAL E 289 -14.39 -28.14 -15.64
N HIS E 290 -13.27 -27.83 -16.30
CA HIS E 290 -13.33 -27.61 -17.75
C HIS E 290 -13.52 -28.93 -18.49
N TRP E 291 -12.89 -30.01 -18.02
CA TRP E 291 -13.09 -31.31 -18.65
C TRP E 291 -14.57 -31.70 -18.62
N MET E 292 -15.19 -31.66 -17.44
CA MET E 292 -16.62 -31.97 -17.33
C MET E 292 -17.48 -30.96 -18.08
N ALA E 293 -16.94 -29.79 -18.37
CA ALA E 293 -17.64 -28.86 -19.24
C ALA E 293 -17.45 -29.18 -20.72
N GLY E 294 -16.64 -30.20 -21.05
CA GLY E 294 -16.40 -30.58 -22.43
C GLY E 294 -15.30 -29.81 -23.13
N VAL E 295 -14.47 -29.07 -22.40
CA VAL E 295 -13.42 -28.25 -22.98
C VAL E 295 -12.19 -29.11 -23.22
N SER E 296 -11.56 -28.94 -24.39
CA SER E 296 -10.37 -29.70 -24.79
C SER E 296 -9.12 -28.83 -24.69
N CYS E 297 -7.95 -29.47 -24.68
CA CYS E 297 -6.69 -28.71 -24.67
C CYS E 297 -6.71 -27.61 -25.72
N ALA E 298 -7.11 -27.96 -26.95
CA ALA E 298 -7.04 -27.03 -28.07
C ALA E 298 -7.96 -25.83 -27.90
N ASP E 299 -9.04 -25.95 -27.12
CA ASP E 299 -9.95 -24.82 -26.93
C ASP E 299 -9.22 -23.64 -26.30
N CYS E 300 -8.32 -23.91 -25.36
CA CYS E 300 -7.55 -22.85 -24.72
C CYS E 300 -6.20 -22.62 -25.38
N HIS E 301 -5.59 -23.66 -25.92
CA HIS E 301 -4.22 -23.54 -26.38
C HIS E 301 -4.11 -23.39 -27.89
N MET E 302 -5.22 -23.41 -28.61
CA MET E 302 -5.21 -23.18 -30.05
C MET E 302 -6.42 -22.36 -30.41
N PRO E 303 -6.46 -21.10 -29.99
CA PRO E 303 -7.60 -20.25 -30.32
C PRO E 303 -7.75 -20.13 -31.83
N TYR E 304 -8.95 -19.78 -32.26
CA TYR E 304 -9.24 -19.76 -33.68
C TYR E 304 -9.80 -18.40 -34.08
N THR E 305 -9.80 -18.16 -35.39
CA THR E 305 -10.50 -17.06 -36.02
C THR E 305 -11.42 -17.66 -37.08
N LYS E 306 -12.62 -17.09 -37.21
CA LYS E 306 -13.57 -17.55 -38.23
C LYS E 306 -13.33 -16.79 -39.52
N VAL E 307 -13.25 -17.53 -40.63
CA VAL E 307 -13.18 -16.93 -41.96
C VAL E 307 -14.49 -17.25 -42.64
N GLY E 308 -15.57 -16.73 -42.08
CA GLY E 308 -16.89 -17.07 -42.55
C GLY E 308 -17.26 -18.52 -42.36
N SER E 309 -16.83 -19.37 -43.30
CA SER E 309 -17.31 -20.75 -43.35
C SER E 309 -16.51 -21.66 -42.41
N LYS E 311 -12.41 -21.94 -40.21
CA LYS E 311 -11.69 -21.32 -39.12
C LYS E 311 -10.20 -21.55 -39.31
N ILE E 312 -9.42 -20.62 -38.78
CA ILE E 312 -7.97 -20.69 -38.78
C ILE E 312 -7.59 -20.79 -37.32
N SER E 313 -6.97 -21.91 -36.95
CA SER E 313 -6.55 -22.12 -35.57
C SER E 313 -5.10 -21.70 -35.43
N ASP E 314 -4.77 -21.22 -34.25
CA ASP E 314 -3.44 -20.72 -33.96
C ASP E 314 -2.57 -21.91 -33.54
N HIS E 315 -1.49 -22.13 -34.27
CA HIS E 315 -0.60 -23.23 -33.94
C HIS E 315 0.63 -22.78 -33.15
N ARG E 316 0.71 -21.49 -32.80
CA ARG E 316 1.73 -21.02 -31.87
C ARG E 316 1.28 -21.34 -30.44
N ILE E 317 1.36 -22.63 -30.13
CA ILE E 317 0.88 -23.20 -28.88
C ILE E 317 1.71 -22.67 -27.71
N MET E 318 1.06 -22.01 -26.76
CA MET E 318 1.78 -21.33 -25.68
C MET E 318 0.81 -21.14 -24.52
N SER E 319 1.35 -20.66 -23.40
CA SER E 319 0.50 -20.23 -22.29
C SER E 319 -0.56 -19.23 -22.76
N PRO E 320 -1.83 -19.42 -22.41
CA PRO E 320 -2.85 -18.41 -22.71
C PRO E 320 -2.57 -17.05 -22.06
N LEU E 321 -1.85 -17.03 -20.95
CA LEU E 321 -1.48 -15.76 -20.35
C LEU E 321 -0.61 -14.93 -21.29
N LYS E 322 -0.03 -15.55 -22.32
CA LYS E 322 0.90 -14.87 -23.19
C LYS E 322 0.32 -14.50 -24.55
N ASN E 323 -0.92 -14.92 -24.86
CA ASN E 323 -1.62 -14.48 -26.07
C ASN E 323 -2.95 -13.78 -25.75
N ASP E 324 -3.02 -13.09 -24.61
CA ASP E 324 -4.18 -12.26 -24.26
C ASP E 324 -5.48 -13.06 -24.14
N PHE E 325 -5.39 -14.32 -23.72
CA PHE E 325 -6.54 -15.14 -23.37
C PHE E 325 -7.54 -15.27 -24.52
N LYS E 326 -7.04 -15.26 -25.73
CA LYS E 326 -7.96 -15.29 -26.89
C LYS E 326 -8.77 -16.57 -26.88
N GLY E 327 -8.17 -17.68 -26.47
CA GLY E 327 -8.88 -18.95 -26.39
C GLY E 327 -9.98 -18.94 -25.36
N CYS E 328 -9.83 -18.22 -24.28
CA CYS E 328 -10.82 -18.17 -23.19
C CYS E 328 -11.99 -17.26 -23.57
N LYS E 329 -11.72 -16.17 -24.25
CA LYS E 329 -12.75 -15.16 -24.62
C LYS E 329 -13.85 -15.77 -25.47
N GLN E 330 -13.66 -16.94 -26.00
CA GLN E 330 -14.71 -17.51 -26.81
C GLN E 330 -15.77 -18.25 -25.98
N CYS E 331 -15.62 -18.32 -24.63
CA CYS E 331 -16.67 -18.74 -23.69
C CYS E 331 -16.81 -17.81 -22.50
N HIS E 332 -16.00 -16.76 -22.41
CA HIS E 332 -15.93 -15.95 -21.21
C HIS E 332 -16.10 -14.49 -21.58
N SER E 333 -17.10 -13.87 -20.98
CA SER E 333 -17.32 -12.44 -21.17
C SER E 333 -16.55 -11.60 -20.18
N GLU E 334 -15.46 -12.11 -19.60
CA GLU E 334 -14.68 -11.35 -18.64
C GLU E 334 -13.47 -10.77 -19.35
N SER E 335 -12.80 -9.86 -18.66
CA SER E 335 -11.62 -9.18 -19.17
C SER E 335 -10.39 -10.07 -19.08
N SER E 336 -9.35 -9.68 -19.83
CA SER E 336 -8.07 -10.39 -19.74
C SER E 336 -7.47 -10.25 -18.35
N GLU E 337 -7.64 -9.07 -17.71
CA GLU E 337 -7.12 -8.88 -16.35
C GLU E 337 -7.86 -9.77 -15.38
N TRP E 338 -9.19 -9.84 -15.52
CA TRP E 338 -9.96 -10.73 -14.66
C TRP E 338 -9.47 -12.16 -14.81
N LEU E 339 -9.30 -12.63 -16.06
CA LEU E 339 -8.83 -13.99 -16.27
C LEU E 339 -7.43 -14.20 -15.71
N LYS E 340 -6.52 -13.26 -15.96
CA LYS E 340 -5.18 -13.40 -15.42
C LYS E 340 -5.21 -13.51 -13.91
N ASN E 341 -6.00 -12.65 -13.26
CA ASN E 341 -6.04 -12.63 -11.80
C ASN E 341 -6.61 -13.93 -11.25
N GLN E 342 -7.67 -14.46 -11.87
CA GLN E 342 -8.22 -15.73 -11.43
C GLN E 342 -7.19 -16.85 -11.52
N VAL E 343 -6.54 -16.97 -12.69
CA VAL E 343 -5.53 -18.02 -12.91
C VAL E 343 -4.43 -17.92 -11.86
N ILE E 344 -3.92 -16.71 -11.63
CA ILE E 344 -2.76 -16.56 -10.73
C ILE E 344 -3.17 -16.72 -9.27
N THR E 345 -4.40 -16.33 -8.91
CA THR E 345 -4.92 -16.66 -7.59
C THR E 345 -4.87 -18.16 -7.35
N ILE E 346 -5.51 -18.92 -8.25
CA ILE E 346 -5.52 -20.38 -8.11
C ILE E 346 -4.11 -20.92 -8.10
N GLN E 347 -3.26 -20.44 -9.01
CA GLN E 347 -1.91 -20.96 -9.08
C GLN E 347 -1.14 -20.71 -7.79
N ASP E 348 -1.34 -19.54 -7.17
CA ASP E 348 -0.63 -19.22 -5.92
C ASP E 348 -1.07 -20.13 -4.78
N ARG E 349 -2.37 -20.38 -4.65
CA ARG E 349 -2.86 -21.27 -3.61
C ARG E 349 -2.24 -22.66 -3.76
N ALA E 350 -2.25 -23.20 -4.98
CA ALA E 350 -1.66 -24.53 -5.19
C ALA E 350 -0.14 -24.51 -5.01
N ALA E 351 0.54 -23.48 -5.53
CA ALA E 351 1.99 -23.45 -5.43
C ALA E 351 2.46 -23.42 -4.00
N SER E 352 1.71 -22.76 -3.11
CA SER E 352 2.15 -22.64 -1.74
C SER E 352 2.12 -24.01 -1.06
N GLN E 353 1.04 -24.77 -1.25
CA GLN E 353 1.01 -26.14 -0.73
C GLN E 353 2.10 -27.00 -1.37
N TYR E 354 2.35 -26.79 -2.66
CA TYR E 354 3.39 -27.55 -3.33
C TYR E 354 4.74 -27.28 -2.69
N ILE E 355 5.08 -26.00 -2.54
CA ILE E 355 6.39 -25.63 -2.00
C ILE E 355 6.54 -26.16 -0.58
N ARG E 356 5.49 -26.02 0.23
CA ARG E 356 5.55 -26.50 1.60
C ARG E 356 5.71 -28.01 1.64
N SER E 357 4.92 -28.72 0.85
CA SER E 357 5.05 -30.18 0.85
C SER E 357 6.39 -30.62 0.28
N GLY E 358 6.94 -29.86 -0.66
CA GLY E 358 8.22 -30.25 -1.23
C GLY E 358 9.36 -30.15 -0.23
N TYR E 359 9.42 -29.05 0.53
CA TYR E 359 10.41 -28.91 1.60
C TYR E 359 10.19 -29.95 2.68
N ALA E 360 8.93 -30.22 3.01
CA ALA E 360 8.65 -31.25 4.01
C ALA E 360 9.24 -32.58 3.56
N LEU E 361 9.08 -32.92 2.28
CA LEU E 361 9.57 -34.19 1.76
C LEU E 361 11.09 -34.23 1.71
N ALA E 362 11.71 -33.11 1.34
CA ALA E 362 13.17 -33.04 1.41
C ALA E 362 13.64 -33.25 2.84
N THR E 363 12.92 -32.68 3.81
CA THR E 363 13.22 -32.94 5.21
C THR E 363 13.16 -34.44 5.51
N VAL E 364 12.10 -35.12 5.07
CA VAL E 364 12.00 -36.55 5.30
C VAL E 364 13.16 -37.28 4.62
N ALA E 365 13.58 -36.79 3.46
CA ALA E 365 14.68 -37.43 2.74
C ALA E 365 15.96 -37.38 3.56
N LYS E 366 16.35 -36.17 4.00
CA LYS E 366 17.57 -35.99 4.76
C LYS E 366 17.49 -36.69 6.11
N LEU E 367 16.28 -36.85 6.64
CA LEU E 367 16.13 -37.63 7.87
C LEU E 367 16.38 -39.11 7.63
N PHE E 368 15.96 -39.62 6.47
CA PHE E 368 16.36 -40.96 6.05
C PHE E 368 17.88 -41.06 5.89
N GLU E 369 18.49 -40.03 5.30
CA GLU E 369 19.94 -40.00 5.14
C GLU E 369 20.63 -40.11 6.49
N MET E 370 20.15 -39.36 7.49
CA MET E 370 20.74 -39.42 8.81
C MET E 370 20.39 -40.71 9.55
N THR E 371 19.23 -41.30 9.27
CA THR E 371 18.94 -42.64 9.76
C THR E 371 20.02 -43.61 9.30
N HIS E 372 20.31 -43.58 8.01
CA HIS E 372 21.32 -44.47 7.45
C HIS E 372 22.71 -44.17 8.02
N LYS E 373 23.06 -42.88 8.14
CA LYS E 373 24.36 -42.55 8.72
C LYS E 373 24.51 -43.09 10.14
N GLN E 374 23.41 -43.15 10.88
CA GLN E 374 23.48 -43.60 12.26
C GLN E 374 23.44 -45.11 12.42
N GLN E 375 22.72 -45.84 11.56
CA GLN E 375 22.83 -47.29 11.68
C GLN E 375 24.07 -47.82 10.97
N ALA E 376 24.74 -46.99 10.17
CA ALA E 376 26.11 -47.30 9.77
C ALA E 376 27.04 -47.30 10.98
N ALA E 377 26.75 -46.42 11.95
CA ALA E 377 27.46 -46.34 13.21
C ALA E 377 26.91 -47.31 14.27
N GLY E 378 26.25 -48.39 13.84
CA GLY E 378 25.83 -49.48 14.71
C GLY E 378 24.43 -49.37 15.29
N LYS E 379 23.96 -48.16 15.61
CA LYS E 379 22.65 -47.99 16.24
C LYS E 379 21.56 -48.63 15.40
N GLN E 380 20.68 -49.39 16.04
CA GLN E 380 19.60 -50.10 15.35
C GLN E 380 18.26 -49.38 15.53
N ILE E 381 17.40 -49.51 14.52
CA ILE E 381 16.17 -48.74 14.42
C ILE E 381 15.00 -49.69 14.22
N ASP E 382 13.89 -49.42 14.92
CA ASP E 382 12.65 -50.15 14.72
C ASP E 382 12.35 -50.28 13.24
N GLN E 383 12.29 -51.50 12.74
CA GLN E 383 12.25 -51.67 11.30
C GLN E 383 10.85 -51.65 10.73
N LYS E 384 9.81 -51.83 11.56
CA LYS E 384 8.46 -51.66 11.07
C LYS E 384 8.07 -50.19 11.00
N MET E 385 8.57 -49.39 11.93
CA MET E 385 8.40 -47.95 11.77
C MET E 385 9.20 -47.45 10.59
N TYR E 386 10.40 -48.01 10.37
CA TYR E 386 11.16 -47.68 9.18
C TYR E 386 10.38 -48.09 7.94
N ASP E 387 9.79 -49.29 7.98
CA ASP E 387 8.98 -49.79 6.86
C ASP E 387 7.91 -48.79 6.44
N GLN E 388 7.01 -48.40 7.35
CA GLN E 388 5.93 -47.52 6.91
C GLN E 388 6.41 -46.10 6.69
N ALA E 389 7.42 -45.64 7.43
CA ALA E 389 7.97 -44.33 7.10
C ALA E 389 8.39 -44.30 5.63
N LYS E 390 8.92 -45.42 5.13
CA LYS E 390 9.29 -45.50 3.73
C LYS E 390 8.06 -45.53 2.82
N PHE E 391 7.10 -46.40 3.13
CA PHE E 391 5.86 -46.47 2.37
C PHE E 391 5.19 -45.11 2.28
N TYR E 392 5.00 -44.46 3.42
CA TYR E 392 4.36 -43.15 3.44
C TYR E 392 5.18 -42.11 2.69
N TYR E 393 6.51 -42.13 2.87
CA TYR E 393 7.35 -41.16 2.17
C TYR E 393 7.21 -41.31 0.67
N GLU E 394 7.14 -42.55 0.19
CA GLU E 394 6.93 -42.78 -1.23
C GLU E 394 5.59 -42.19 -1.68
N GLU E 395 4.52 -42.49 -0.93
CA GLU E 395 3.20 -41.97 -1.28
C GLU E 395 3.23 -40.45 -1.39
N GLY E 396 3.79 -39.78 -0.39
CA GLY E 396 3.86 -38.33 -0.42
C GLY E 396 4.78 -37.80 -1.51
N PHE E 397 5.87 -38.52 -1.79
CA PHE E 397 6.80 -38.05 -2.82
C PHE E 397 6.16 -38.12 -4.21
N TYR E 398 5.49 -39.23 -4.53
CA TYR E 398 4.87 -39.37 -5.85
C TYR E 398 3.72 -38.38 -6.03
N ARG E 399 3.02 -38.03 -4.96
CA ARG E 399 1.99 -37.01 -5.06
C ARG E 399 2.59 -35.63 -5.33
N ASN E 400 3.65 -35.27 -4.59
CA ASN E 400 4.29 -33.98 -4.85
C ASN E 400 4.89 -33.94 -6.26
N LEU E 401 5.43 -35.08 -6.72
CA LEU E 401 6.06 -35.10 -8.03
C LEU E 401 5.02 -34.95 -9.14
N PHE E 402 3.92 -35.70 -9.02
CA PHE E 402 2.81 -35.55 -9.96
C PHE E 402 2.43 -34.08 -10.12
N PHE E 403 2.29 -33.35 -9.01
CA PHE E 403 1.95 -31.93 -9.12
C PHE E 403 3.10 -31.14 -9.72
N GLY E 404 4.32 -31.35 -9.22
CA GLY E 404 5.44 -30.52 -9.65
C GLY E 404 5.80 -30.73 -11.10
N ALA E 405 5.51 -31.92 -11.64
CA ALA E 405 5.79 -32.20 -13.06
C ALA E 405 4.71 -31.63 -13.98
N GLU E 406 3.47 -31.49 -13.48
CA GLU E 406 2.38 -30.90 -14.25
C GLU E 406 2.60 -29.40 -14.46
N ASN E 407 2.16 -28.90 -15.61
CA ASN E 407 2.62 -27.60 -16.10
C ASN E 407 1.61 -26.46 -15.96
N SER E 408 0.46 -26.69 -15.33
CA SER E 408 -0.51 -25.63 -15.08
C SER E 408 -0.42 -25.04 -13.69
N ILE E 409 0.42 -25.58 -12.80
CA ILE E 409 0.49 -25.16 -11.41
C ILE E 409 -0.92 -25.17 -10.87
N GLY E 410 -1.64 -26.26 -11.14
CA GLY E 410 -2.96 -26.46 -10.58
C GLY E 410 -4.10 -25.96 -11.43
N PHE E 411 -3.87 -25.03 -12.36
CA PHE E 411 -5.01 -24.43 -13.05
C PHE E 411 -5.81 -25.44 -13.86
N HIS E 412 -5.18 -26.50 -14.38
CA HIS E 412 -5.91 -27.50 -15.16
C HIS E 412 -6.99 -28.18 -14.33
N ASN E 413 -6.75 -28.31 -13.03
CA ASN E 413 -7.69 -29.02 -12.17
C ASN E 413 -7.48 -28.56 -10.73
N PRO E 414 -7.91 -27.35 -10.42
CA PRO E 414 -7.58 -26.71 -9.13
C PRO E 414 -7.84 -27.57 -7.89
N THR E 415 -9.08 -28.02 -7.68
CA THR E 415 -9.40 -28.79 -6.48
C THR E 415 -8.62 -30.10 -6.40
N GLU E 416 -8.70 -30.91 -7.46
CA GLU E 416 -7.99 -32.19 -7.50
C GLU E 416 -6.51 -32.03 -7.23
N ALA E 417 -5.86 -31.07 -7.90
CA ALA E 417 -4.44 -30.82 -7.63
C ALA E 417 -4.20 -30.63 -6.13
N MET E 418 -5.01 -29.78 -5.48
CA MET E 418 -4.80 -29.51 -4.07
C MET E 418 -5.12 -30.72 -3.23
N ARG E 419 -6.13 -31.50 -3.61
CA ARG E 419 -6.34 -32.77 -2.94
C ARG E 419 -5.05 -33.60 -2.95
N ILE E 420 -4.46 -33.78 -4.13
CA ILE E 420 -3.21 -34.52 -4.25
C ILE E 420 -2.15 -33.91 -3.34
N LEU E 421 -1.97 -32.59 -3.41
CA LEU E 421 -0.96 -31.92 -2.58
C LEU E 421 -1.22 -32.10 -1.10
N GLY E 422 -2.48 -31.97 -0.68
CA GLY E 422 -2.83 -32.18 0.71
C GLY E 422 -2.45 -33.56 1.20
N ASP E 423 -2.76 -34.58 0.40
CA ASP E 423 -2.40 -35.93 0.77
C ASP E 423 -0.90 -36.09 0.84
N ALA E 424 -0.18 -35.47 -0.10
CA ALA E 424 1.29 -35.46 -0.05
C ALA E 424 1.78 -34.92 1.29
N THR E 425 1.32 -33.70 1.64
CA THR E 425 1.57 -33.12 2.95
C THR E 425 1.29 -34.12 4.09
N MET E 426 0.11 -34.77 4.05
CA MET E 426 -0.20 -35.73 5.10
C MET E 426 0.86 -36.83 5.19
N TYR E 427 1.12 -37.52 4.07
CA TYR E 427 2.05 -38.65 4.07
C TYR E 427 3.45 -38.22 4.51
N ALA E 428 3.90 -37.04 4.06
CA ALA E 428 5.18 -36.51 4.50
C ALA E 428 5.26 -36.44 6.02
N GLY E 429 4.25 -35.80 6.64
CA GLY E 429 4.19 -35.79 8.09
C GLY E 429 4.22 -37.19 8.68
N LYS E 430 3.39 -38.08 8.14
CA LYS E 430 3.31 -39.45 8.67
C LYS E 430 4.67 -40.14 8.60
N ALA E 431 5.50 -39.78 7.63
CA ALA E 431 6.86 -40.31 7.56
C ALA E 431 7.77 -39.61 8.56
N ASP E 432 7.81 -38.27 8.52
CA ASP E 432 8.68 -37.47 9.38
C ASP E 432 8.56 -37.92 10.85
N GLY E 433 7.38 -37.81 11.41
CA GLY E 433 7.10 -38.28 12.76
C GLY E 433 7.69 -39.63 13.08
N LEU E 434 7.34 -40.65 12.28
CA LEU E 434 7.84 -42.00 12.52
C LEU E 434 9.37 -42.02 12.65
N LEU E 435 10.06 -41.43 11.66
CA LEU E 435 11.51 -41.33 11.70
C LEU E 435 11.97 -40.75 13.03
N ARG E 436 11.50 -39.54 13.34
CA ARG E 436 11.91 -38.83 14.56
C ARG E 436 11.67 -39.69 15.78
N GLN E 437 10.55 -40.42 15.82
CA GLN E 437 10.29 -41.33 16.93
C GLN E 437 11.37 -42.40 17.03
N ALA E 438 11.54 -43.19 15.96
CA ALA E 438 12.52 -44.28 15.94
C ALA E 438 13.94 -43.83 16.25
N LEU E 439 14.35 -42.67 15.73
CA LEU E 439 15.71 -42.17 15.97
C LEU E 439 15.91 -41.80 17.44
N THR E 440 14.95 -41.08 18.01
CA THR E 440 15.07 -40.70 19.40
C THR E 440 14.83 -41.90 20.31
N LYS E 441 14.16 -42.95 19.82
CA LYS E 441 14.11 -44.17 20.62
C LYS E 441 15.35 -45.03 20.39
N ALA E 442 16.12 -44.73 19.36
CA ALA E 442 17.43 -45.33 19.17
C ALA E 442 18.53 -44.45 19.71
N GLY E 443 18.17 -43.35 20.35
CA GLY E 443 19.16 -42.54 21.01
C GLY E 443 19.78 -41.47 20.15
N VAL E 444 19.21 -41.20 18.98
CA VAL E 444 19.67 -40.08 18.18
C VAL E 444 18.98 -38.79 18.63
N ASP E 445 19.71 -37.67 18.59
CA ASP E 445 19.14 -36.34 18.83
C ASP E 445 18.75 -35.73 17.50
N VAL E 446 17.48 -35.83 17.18
CA VAL E 446 17.02 -35.26 15.92
C VAL E 446 16.77 -33.79 16.16
N PRO E 447 17.56 -32.88 15.60
CA PRO E 447 17.29 -31.46 15.82
C PRO E 447 15.89 -31.12 15.34
N VAL E 448 15.39 -29.97 15.82
CA VAL E 448 14.05 -29.59 15.44
C VAL E 448 14.06 -29.02 14.02
N LYS E 449 14.98 -28.11 13.72
CA LYS E 449 15.19 -27.60 12.37
C LYS E 449 16.24 -28.47 11.67
N ILE E 450 15.82 -29.35 10.79
CA ILE E 450 16.78 -30.17 10.04
C ILE E 450 17.36 -29.39 8.87
N ASP E 451 18.68 -29.18 8.88
CA ASP E 451 19.32 -28.46 7.80
C ASP E 451 19.24 -29.28 6.51
N LEU E 452 18.78 -28.65 5.44
CA LEU E 452 18.63 -29.32 4.15
C LEU E 452 19.84 -29.18 3.26
N GLU E 453 20.72 -28.22 3.55
CA GLU E 453 21.98 -28.05 2.82
C GLU E 453 21.75 -27.92 1.32
N LEU E 454 20.81 -27.05 0.95
CA LEU E 454 20.45 -26.98 -0.46
C LEU E 454 21.52 -26.31 -1.30
N SER E 455 22.57 -25.80 -0.69
CA SER E 455 23.71 -25.33 -1.44
C SER E 455 24.55 -26.53 -1.91
N TYR E 457 23.33 -28.91 -3.42
CA TYR E 457 22.64 -29.59 -4.52
C TYR E 457 22.19 -28.65 -5.64
N THR E 458 22.08 -27.36 -5.36
CA THR E 458 21.71 -26.44 -6.41
C THR E 458 22.90 -25.88 -7.17
N ASN E 459 24.13 -26.29 -6.83
CA ASN E 459 25.32 -25.67 -7.40
C ASN E 459 26.29 -26.73 -7.90
N ASN E 460 27.12 -26.32 -8.86
CA ASN E 460 28.12 -27.17 -9.51
C ASN E 460 27.49 -28.47 -10.00
N ARG E 461 26.44 -28.30 -10.81
CA ARG E 461 25.58 -29.38 -11.24
C ARG E 461 26.05 -29.86 -12.61
N GLY E 462 26.57 -31.09 -12.65
CA GLY E 462 26.84 -31.79 -13.90
C GLY E 462 27.96 -31.20 -14.75
N ALA E 463 27.86 -31.49 -16.04
CA ALA E 463 28.91 -31.14 -16.99
C ALA E 463 29.10 -29.63 -17.06
N LYS E 464 28.01 -28.90 -17.31
CA LYS E 464 28.11 -27.45 -17.35
C LYS E 464 28.34 -26.84 -15.97
N LYS E 465 28.41 -27.67 -14.93
CA LYS E 465 28.45 -27.24 -13.53
C LYS E 465 27.54 -26.05 -13.29
N LEU E 466 26.24 -26.29 -13.48
CA LEU E 466 25.24 -25.24 -13.38
C LEU E 466 25.11 -24.75 -11.95
N MET E 467 24.85 -23.45 -11.80
CA MET E 467 24.81 -22.79 -10.49
C MET E 467 23.38 -22.47 -10.09
N PHE E 468 23.20 -22.14 -8.81
CA PHE E 468 21.91 -21.67 -8.34
C PHE E 468 21.69 -20.24 -8.82
N LYS E 469 20.52 -19.99 -9.40
CA LYS E 469 20.17 -18.69 -9.96
C LYS E 469 19.11 -18.04 -9.08
N PRO E 470 19.51 -17.25 -8.08
CA PRO E 470 18.55 -16.76 -7.07
C PRO E 470 17.42 -15.93 -7.66
N GLU E 471 17.69 -15.19 -8.74
CA GLU E 471 16.68 -14.35 -9.35
C GLU E 471 15.46 -15.13 -9.83
N GLN E 472 15.61 -16.43 -10.06
CA GLN E 472 14.53 -17.24 -10.63
C GLN E 472 13.70 -17.96 -9.59
N GLU E 473 14.10 -17.91 -8.32
CA GLU E 473 13.36 -18.63 -7.29
C GLU E 473 11.92 -18.12 -7.19
N LEU E 474 10.99 -19.06 -7.05
CA LEU E 474 9.58 -18.75 -6.85
C LEU E 474 9.22 -19.16 -5.43
N LYS E 475 9.16 -18.19 -4.53
CA LYS E 475 8.96 -18.51 -3.12
C LYS E 475 7.47 -18.61 -2.82
N ASP E 476 7.16 -19.38 -1.77
CA ASP E 476 5.82 -19.54 -1.25
C ASP E 476 5.08 -18.20 -1.25
N PRO E 477 4.07 -18.03 -2.11
CA PRO E 477 3.38 -16.73 -2.15
C PRO E 477 2.60 -16.42 -0.88
N TYR E 478 2.29 -17.43 -0.07
CA TYR E 478 1.65 -17.26 1.22
C TYR E 478 2.64 -17.39 2.37
N GLY E 479 3.88 -16.97 2.15
CA GLY E 479 4.91 -17.12 3.14
C GLY E 479 5.19 -15.81 3.87
N PRO E 480 6.12 -15.85 4.84
CA PRO E 480 6.59 -14.65 5.56
C PRO E 480 7.62 -13.83 4.76
N ILE F 35 -45.52 1.08 5.18
CA ILE F 35 -45.14 0.47 6.44
C ILE F 35 -44.71 1.50 7.51
N PRO F 36 -45.46 1.56 8.61
CA PRO F 36 -45.20 2.58 9.65
C PRO F 36 -43.87 2.38 10.37
N ASP F 37 -43.35 3.49 10.89
CA ASP F 37 -42.12 3.40 11.68
C ASP F 37 -42.35 2.52 12.90
N GLY F 38 -41.26 1.92 13.37
CA GLY F 38 -41.34 1.08 14.55
C GLY F 38 -42.17 -0.18 14.43
N THR F 39 -42.28 -0.75 13.23
CA THR F 39 -43.08 -1.96 13.01
C THR F 39 -42.12 -3.13 12.81
N ILE F 40 -42.02 -3.99 13.84
CA ILE F 40 -41.25 -5.22 13.75
C ILE F 40 -42.07 -6.32 13.10
N ASP F 41 -43.37 -6.28 13.29
CA ASP F 41 -44.30 -7.28 12.80
C ASP F 41 -44.16 -7.58 11.31
N PRO F 42 -43.65 -8.77 10.95
CA PRO F 42 -43.55 -9.13 9.54
C PRO F 42 -44.88 -9.18 8.83
N ALA F 43 -45.98 -9.37 9.56
CA ALA F 43 -47.29 -9.42 8.92
C ALA F 43 -47.67 -8.06 8.34
N VAL F 44 -47.31 -6.97 9.01
CA VAL F 44 -47.59 -5.66 8.45
C VAL F 44 -46.74 -5.42 7.20
N TRP F 45 -45.44 -5.75 7.28
CA TRP F 45 -44.56 -5.61 6.13
C TRP F 45 -45.05 -6.40 4.93
N GLY F 46 -45.57 -7.60 5.15
CA GLY F 46 -45.97 -8.42 4.04
C GLY F 46 -47.37 -8.24 3.50
N LYS F 47 -48.16 -7.30 4.04
CA LYS F 47 -49.55 -7.19 3.57
C LYS F 47 -49.61 -6.74 2.12
N ASN F 48 -48.76 -5.80 1.72
CA ASN F 48 -48.72 -5.40 0.32
C ASN F 48 -47.60 -6.10 -0.46
N TYR F 49 -46.81 -6.94 0.19
CA TYR F 49 -45.81 -7.76 -0.48
C TYR F 49 -46.08 -9.21 -0.10
N PRO F 50 -47.22 -9.76 -0.51
CA PRO F 50 -47.65 -11.04 0.06
C PRO F 50 -46.86 -12.20 -0.44
N GLU F 51 -46.24 -12.09 -1.61
CA GLU F 51 -45.58 -13.25 -2.16
C GLU F 51 -44.20 -13.44 -1.53
N GLU F 52 -43.44 -12.36 -1.33
CA GLU F 52 -42.23 -12.45 -0.54
C GLU F 52 -42.56 -12.88 0.88
N TYR F 53 -43.71 -12.43 1.41
CA TYR F 53 -44.14 -12.83 2.73
C TYR F 53 -44.36 -14.35 2.78
N GLN F 54 -45.09 -14.88 1.79
CA GLN F 54 -45.35 -16.32 1.78
C GLN F 54 -44.06 -17.13 1.68
N THR F 55 -43.16 -16.79 0.73
CA THR F 55 -41.92 -17.58 0.61
C THR F 55 -41.02 -17.39 1.82
N TRP F 56 -41.06 -16.20 2.45
CA TRP F 56 -40.29 -16.00 3.66
C TRP F 56 -40.80 -16.90 4.76
N LYS F 57 -42.12 -16.97 4.92
CA LYS F 57 -42.68 -17.89 5.89
C LYS F 57 -42.35 -19.33 5.56
N ASP F 58 -42.24 -19.65 4.27
CA ASP F 58 -42.10 -21.02 3.79
C ASP F 58 -40.76 -21.67 4.14
N THR F 59 -39.80 -20.95 4.73
CA THR F 59 -38.65 -21.68 5.28
C THR F 59 -39.05 -22.53 6.48
N ALA F 60 -40.30 -22.44 6.92
CA ALA F 60 -40.83 -23.38 7.90
C ALA F 60 -41.00 -24.77 7.31
N LEU F 61 -41.19 -24.85 6.00
CA LEU F 61 -41.42 -26.13 5.33
C LEU F 61 -40.17 -27.01 5.38
N PRO F 62 -40.35 -28.32 5.50
CA PRO F 62 -39.19 -29.22 5.46
C PRO F 62 -38.57 -29.26 4.08
N THR F 63 -37.25 -29.30 4.04
CA THR F 63 -36.53 -29.38 2.78
C THR F 63 -36.66 -30.78 2.17
N PRO F 64 -36.50 -30.90 0.85
CA PRO F 64 -36.67 -32.21 0.20
C PRO F 64 -35.46 -33.12 0.44
N GLU F 65 -35.75 -34.35 0.86
CA GLU F 65 -34.72 -35.35 1.11
C GLU F 65 -34.03 -35.80 -0.17
N GLY F 66 -32.80 -36.29 -0.01
CA GLY F 66 -32.10 -36.93 -1.12
C GLY F 66 -31.50 -35.99 -2.13
N LYS F 67 -31.55 -34.68 -1.91
CA LYS F 67 -31.08 -33.72 -2.90
C LYS F 67 -29.68 -33.20 -2.60
N SER F 68 -29.30 -33.06 -1.33
CA SER F 68 -27.96 -32.64 -0.95
C SER F 68 -27.20 -33.79 -0.34
N LYS F 69 -25.89 -33.75 -0.47
CA LYS F 69 -25.10 -34.80 0.13
C LYS F 69 -24.61 -34.41 1.52
N TYR F 70 -24.24 -33.14 1.72
CA TYR F 70 -23.61 -32.73 2.97
C TYR F 70 -24.47 -31.85 3.87
N LYS F 71 -25.51 -31.23 3.34
CA LYS F 71 -26.33 -30.28 4.08
C LYS F 71 -27.77 -30.77 4.04
N LYS F 72 -28.16 -31.60 5.01
CA LYS F 72 -29.47 -32.25 4.98
C LYS F 72 -30.37 -31.84 6.14
N GLY F 73 -30.02 -30.76 6.86
CA GLY F 73 -30.83 -30.30 7.96
C GLY F 73 -32.28 -30.09 7.62
N ASN F 74 -33.16 -30.76 8.38
CA ASN F 74 -34.62 -30.69 8.26
C ASN F 74 -35.15 -31.27 6.96
N ASP F 75 -34.32 -32.04 6.26
CA ASP F 75 -34.76 -32.80 5.10
C ASP F 75 -35.78 -33.83 5.56
N GLY F 76 -37.03 -33.66 5.18
CA GLY F 76 -38.08 -34.52 5.71
C GLY F 76 -38.16 -34.50 7.22
N GLY F 77 -37.85 -33.38 7.85
CA GLY F 77 -37.92 -33.23 9.29
C GLY F 77 -36.75 -33.76 10.08
N LYS F 78 -35.88 -34.55 9.46
CA LYS F 78 -34.76 -35.13 10.18
C LYS F 78 -33.81 -34.05 10.66
N VAL F 79 -33.41 -34.13 11.91
CA VAL F 79 -32.29 -33.35 12.44
C VAL F 79 -31.01 -34.14 12.18
N TYR F 80 -29.93 -33.44 11.88
CA TYR F 80 -28.66 -34.11 11.60
C TYR F 80 -27.61 -33.65 12.61
N ASP F 81 -27.02 -34.61 13.32
CA ASP F 81 -26.06 -34.34 14.38
C ASP F 81 -24.68 -34.24 13.74
N LYS F 82 -24.11 -33.04 13.76
CA LYS F 82 -22.78 -32.87 13.20
C LYS F 82 -21.72 -33.66 13.98
N LEU F 83 -22.00 -34.02 15.23
CA LEU F 83 -21.06 -34.85 15.97
C LEU F 83 -21.12 -36.32 15.57
N SER F 84 -22.20 -36.76 14.90
CA SER F 84 -22.23 -38.10 14.31
C SER F 84 -21.75 -38.14 12.87
N GLU F 85 -21.77 -36.99 12.18
CA GLU F 85 -21.26 -36.95 10.82
C GLU F 85 -19.74 -36.92 10.80
N TYR F 86 -19.13 -36.17 11.72
CA TYR F 86 -17.68 -36.04 11.84
C TYR F 86 -17.30 -36.37 13.28
N PRO F 87 -17.20 -37.66 13.62
CA PRO F 87 -16.99 -38.05 15.02
C PRO F 87 -15.82 -37.39 15.72
N PHE F 88 -14.77 -37.01 14.99
CA PHE F 88 -13.59 -36.38 15.60
C PHE F 88 -13.90 -35.01 16.23
N ILE F 89 -14.98 -34.33 15.83
CA ILE F 89 -15.28 -33.04 16.49
C ILE F 89 -15.84 -33.28 17.88
N ALA F 90 -16.54 -34.41 18.09
CA ALA F 90 -17.01 -34.75 19.42
C ALA F 90 -15.85 -34.82 20.42
N LEU F 91 -14.70 -35.35 19.99
CA LEU F 91 -13.50 -35.31 20.81
C LEU F 91 -12.93 -33.89 20.87
N LEU F 92 -12.86 -33.22 19.72
CA LEU F 92 -12.17 -31.93 19.70
C LEU F 92 -12.97 -30.86 20.43
N PHE F 93 -14.29 -30.95 20.38
CA PHE F 93 -15.15 -29.94 21.00
C PHE F 93 -15.52 -30.27 22.43
N ASN F 94 -15.02 -31.37 22.96
CA ASN F 94 -15.32 -31.73 24.34
C ASN F 94 -14.73 -30.68 25.28
N GLY F 95 -15.55 -30.25 26.25
CA GLY F 95 -15.21 -29.15 27.11
C GLY F 95 -16.18 -27.98 27.05
N TRP F 96 -17.13 -27.97 26.12
CA TRP F 96 -18.27 -27.06 26.18
C TRP F 96 -19.40 -27.58 25.28
N GLY F 97 -20.33 -26.69 24.96
CA GLY F 97 -21.59 -27.12 24.37
C GLY F 97 -21.45 -27.71 22.99
N PHE F 98 -20.42 -27.29 22.24
CA PHE F 98 -20.27 -27.80 20.88
C PHE F 98 -19.96 -29.29 20.87
N GLY F 99 -19.31 -29.80 21.92
CA GLY F 99 -19.12 -31.23 22.10
C GLY F 99 -20.32 -31.98 22.59
N ILE F 100 -21.48 -31.31 22.70
CA ILE F 100 -22.68 -31.89 23.28
C ILE F 100 -23.81 -31.88 22.26
N GLU F 101 -24.12 -30.70 21.73
CA GLU F 101 -25.11 -30.60 20.67
C GLU F 101 -24.69 -29.53 19.69
N TYR F 102 -24.81 -29.86 18.41
CA TYR F 102 -24.36 -29.02 17.32
C TYR F 102 -24.92 -29.60 16.04
N ASN F 103 -26.01 -29.04 15.55
CA ASN F 103 -26.75 -29.64 14.45
C ASN F 103 -26.57 -28.85 13.16
N GLU F 104 -26.94 -29.51 12.06
CA GLU F 104 -26.93 -28.84 10.79
C GLU F 104 -27.97 -27.72 10.78
N PRO F 105 -27.71 -26.64 10.05
CA PRO F 105 -28.68 -25.53 9.99
C PRO F 105 -29.99 -25.97 9.36
N ARG F 106 -30.98 -25.10 9.53
CA ARG F 106 -32.38 -25.35 9.21
C ARG F 106 -32.94 -24.06 8.64
N GLY F 107 -34.21 -24.06 8.21
CA GLY F 107 -34.83 -22.84 7.72
C GLY F 107 -34.82 -21.70 8.73
N HIS F 108 -35.08 -20.49 8.23
CA HIS F 108 -34.92 -19.26 9.01
C HIS F 108 -35.90 -19.16 10.17
N VAL F 109 -37.16 -19.56 9.97
CA VAL F 109 -38.18 -19.35 10.99
C VAL F 109 -37.82 -20.02 12.32
N TYR F 110 -37.01 -21.09 12.30
CA TYR F 110 -36.67 -21.85 13.49
C TYR F 110 -35.51 -21.28 14.30
N MET F 111 -34.85 -20.20 13.84
CA MET F 111 -33.73 -19.58 14.55
C MET F 111 -33.92 -19.53 16.06
N MET F 112 -34.97 -18.83 16.49
CA MET F 112 -35.17 -18.64 17.92
C MET F 112 -35.50 -19.97 18.58
N LYS F 113 -36.44 -20.69 17.99
CA LYS F 113 -36.89 -22.01 18.53
C LYS F 113 -35.68 -22.93 18.72
N ASP F 114 -34.89 -23.15 17.67
CA ASP F 114 -33.73 -24.04 17.78
C ASP F 114 -32.80 -23.57 18.88
N GLN F 115 -32.66 -22.26 19.04
CA GLN F 115 -31.74 -21.75 20.05
C GLN F 115 -32.22 -21.99 21.47
N LYS F 116 -33.54 -22.00 21.71
CA LYS F 116 -33.96 -22.22 23.11
C LYS F 116 -34.01 -23.71 23.43
N GLU F 117 -34.15 -24.56 22.42
CA GLU F 117 -34.18 -25.99 22.66
C GLU F 117 -32.81 -26.65 22.52
N ILE F 118 -31.76 -25.88 22.21
CA ILE F 118 -30.45 -26.47 22.19
C ILE F 118 -30.03 -26.80 23.62
N ASP F 119 -29.14 -27.78 23.75
CA ASP F 119 -28.65 -28.14 25.07
C ASP F 119 -28.07 -26.91 25.75
N PRO F 120 -28.35 -26.70 27.04
CA PRO F 120 -28.00 -25.42 27.70
C PRO F 120 -26.52 -25.11 27.69
N SER F 121 -25.67 -26.12 27.49
CA SER F 121 -24.24 -25.88 27.42
C SER F 121 -23.88 -24.93 26.29
N ARG F 122 -24.69 -24.92 25.23
CA ARG F 122 -24.52 -23.93 24.17
C ARG F 122 -25.02 -22.57 24.62
N LEU F 123 -26.12 -22.54 25.38
CA LEU F 123 -26.72 -21.31 25.85
C LEU F 123 -25.89 -20.59 26.91
N LYS F 124 -24.84 -21.21 27.41
CA LYS F 124 -24.04 -20.58 28.45
C LYS F 124 -23.33 -19.32 27.93
N GLY F 125 -23.51 -19.00 26.65
CA GLY F 125 -22.94 -17.78 26.11
C GLY F 125 -23.65 -16.51 26.50
N GLY F 126 -24.86 -16.63 27.06
CA GLY F 126 -25.54 -15.48 27.63
C GLY F 126 -26.35 -14.68 26.62
N GLY F 127 -26.55 -13.41 26.97
CA GLY F 127 -27.35 -12.55 26.11
C GLY F 127 -26.73 -12.27 24.76
N ALA F 128 -25.41 -12.46 24.66
CA ALA F 128 -24.71 -12.29 23.39
C ALA F 128 -25.28 -13.18 22.30
N CYS F 129 -25.93 -14.28 22.68
CA CYS F 129 -26.50 -15.23 21.72
C CYS F 129 -27.71 -14.68 20.99
N LEU F 130 -28.29 -13.58 21.48
CA LEU F 130 -29.42 -12.99 20.79
C LEU F 130 -29.02 -12.26 19.53
N THR F 131 -27.72 -11.93 19.40
CA THR F 131 -27.27 -10.93 18.44
C THR F 131 -27.68 -11.28 17.02
N CYS F 132 -27.61 -12.57 16.65
CA CYS F 132 -27.91 -13.00 15.30
C CYS F 132 -29.17 -13.86 15.24
N LYS F 133 -30.15 -13.57 16.09
CA LYS F 133 -31.32 -14.44 16.12
C LYS F 133 -32.66 -13.74 16.29
N THR F 134 -32.73 -12.60 16.98
CA THR F 134 -34.02 -11.93 17.12
C THR F 134 -33.98 -10.53 16.53
N PRO F 135 -35.07 -10.04 15.94
CA PRO F 135 -35.10 -8.65 15.48
C PRO F 135 -34.89 -7.64 16.60
N TYR F 136 -35.17 -7.99 17.87
CA TYR F 136 -34.98 -7.10 19.00
C TYR F 136 -33.51 -6.91 19.37
N ALA F 137 -32.61 -7.64 18.73
CA ALA F 137 -31.22 -7.61 19.16
C ALA F 137 -30.63 -6.20 19.13
N PRO F 138 -30.72 -5.44 18.05
CA PRO F 138 -30.08 -4.09 18.06
C PRO F 138 -30.63 -3.19 19.16
N GLN F 139 -31.96 -3.15 19.26
CA GLN F 139 -32.67 -2.40 20.29
C GLN F 139 -32.22 -2.76 21.70
N LEU F 140 -32.14 -4.06 21.99
CA LEU F 140 -31.69 -4.51 23.29
C LEU F 140 -30.26 -4.08 23.58
N ALA F 141 -29.37 -4.17 22.58
CA ALA F 141 -27.97 -3.79 22.77
C ALA F 141 -27.82 -2.33 23.18
N GLN F 142 -28.62 -1.44 22.58
CA GLN F 142 -28.53 -0.02 22.90
C GLN F 142 -29.29 0.32 24.18
N LYS F 143 -30.09 -0.60 24.71
CA LYS F 143 -30.77 -0.37 25.96
C LYS F 143 -29.98 -0.88 27.17
N GLN F 144 -29.22 -1.97 27.01
CA GLN F 144 -28.59 -2.63 28.15
C GLN F 144 -27.07 -2.47 28.20
N GLY F 145 -26.46 -1.91 27.17
CA GLY F 145 -25.00 -1.81 27.19
C GLY F 145 -24.35 -3.16 27.35
N VAL F 146 -23.31 -3.21 28.20
CA VAL F 146 -22.57 -4.46 28.39
C VAL F 146 -23.44 -5.55 29.00
N THR F 147 -24.45 -5.17 29.79
CA THR F 147 -25.36 -6.14 30.41
C THR F 147 -26.08 -6.99 29.37
N TYR F 148 -26.31 -6.42 28.19
CA TYR F 148 -26.97 -7.16 27.12
C TYR F 148 -26.24 -8.45 26.82
N PHE F 149 -24.90 -8.39 26.73
CA PHE F 149 -24.09 -9.57 26.48
C PHE F 149 -23.92 -10.42 27.74
N SER F 150 -23.74 -9.78 28.90
CA SER F 150 -23.30 -10.48 30.10
C SER F 150 -24.44 -11.16 30.84
N GLN F 151 -25.69 -10.87 30.47
CA GLN F 151 -26.82 -11.39 31.21
C GLN F 151 -27.01 -12.87 30.91
N SER F 152 -27.84 -13.52 31.71
CA SER F 152 -28.21 -14.89 31.44
C SER F 152 -29.00 -14.93 30.14
N TYR F 153 -28.90 -16.05 29.42
CA TYR F 153 -29.73 -16.18 28.23
C TYR F 153 -31.21 -16.14 28.58
N ALA F 154 -31.60 -16.66 29.76
CA ALA F 154 -33.01 -16.58 30.14
C ALA F 154 -33.43 -15.13 30.36
N ASP F 155 -32.60 -14.36 31.07
CA ASP F 155 -32.85 -12.92 31.22
C ASP F 155 -32.98 -12.24 29.88
N ALA F 156 -32.04 -12.53 28.96
CA ALA F 156 -32.07 -11.91 27.63
C ALA F 156 -33.39 -12.20 26.92
N VAL F 157 -33.80 -13.47 26.88
CA VAL F 157 -35.04 -13.81 26.19
C VAL F 157 -36.22 -13.08 26.83
N ASN F 158 -36.21 -12.94 28.16
CA ASN F 158 -37.33 -12.29 28.81
C ASN F 158 -37.31 -10.77 28.66
N GLN F 159 -36.26 -10.18 28.08
CA GLN F 159 -36.32 -8.79 27.66
C GLN F 159 -37.28 -8.56 26.49
N ILE F 160 -37.73 -9.63 25.82
CA ILE F 160 -38.56 -9.57 24.62
C ILE F 160 -39.99 -9.92 25.00
N PRO F 161 -41.01 -9.23 24.48
CA PRO F 161 -42.42 -9.57 24.76
C PRO F 161 -42.83 -11.03 24.52
N GLU F 163 -44.81 -12.76 23.00
CA GLU F 163 -45.41 -13.08 21.70
C GLU F 163 -44.39 -13.00 20.59
N HIS F 164 -43.25 -12.39 20.90
CA HIS F 164 -42.17 -12.20 19.95
C HIS F 164 -40.93 -12.94 20.38
N GLN F 165 -41.03 -13.77 21.41
CA GLN F 165 -39.85 -14.40 21.97
C GLN F 165 -39.36 -15.58 21.16
N GLU F 166 -40.09 -15.97 20.11
CA GLU F 166 -39.58 -16.99 19.21
C GLU F 166 -39.60 -16.51 17.76
N MET F 167 -39.62 -15.22 17.53
CA MET F 167 -39.66 -14.71 16.17
C MET F 167 -38.23 -14.60 15.63
N GLY F 168 -37.99 -15.24 14.48
CA GLY F 168 -36.70 -15.21 13.82
C GLY F 168 -36.53 -13.98 12.95
N VAL F 169 -35.64 -14.11 11.97
CA VAL F 169 -35.27 -12.99 11.09
C VAL F 169 -36.49 -12.46 10.35
N ALA F 170 -36.70 -11.15 10.45
CA ALA F 170 -37.88 -10.50 9.90
C ALA F 170 -37.48 -9.52 8.80
N CYS F 171 -38.50 -9.00 8.11
CA CYS F 171 -38.24 -8.07 7.02
C CYS F 171 -37.39 -6.88 7.47
N ILE F 172 -37.65 -6.37 8.68
CA ILE F 172 -36.94 -5.19 9.16
C ILE F 172 -35.45 -5.46 9.37
N ASP F 173 -35.04 -6.73 9.46
CA ASP F 173 -33.62 -7.05 9.60
C ASP F 173 -32.84 -6.82 8.30
N CYS F 174 -33.52 -6.78 7.13
CA CYS F 174 -32.83 -6.54 5.87
C CYS F 174 -33.44 -5.44 5.02
N HIS F 175 -34.55 -4.86 5.44
CA HIS F 175 -35.26 -3.88 4.64
C HIS F 175 -35.57 -2.65 5.46
N ASN F 176 -35.44 -1.48 4.85
CA ASN F 176 -35.96 -0.24 5.42
C ASN F 176 -37.40 -0.08 4.97
N ASN F 177 -38.21 0.54 5.84
CA ASN F 177 -39.65 0.60 5.63
C ASN F 177 -40.10 1.69 4.68
N LYS F 178 -39.18 2.52 4.18
CA LYS F 178 -39.61 3.62 3.32
C LYS F 178 -39.71 3.23 1.86
N ASP F 179 -38.77 2.43 1.36
CA ASP F 179 -38.83 1.99 -0.03
C ASP F 179 -38.42 0.51 -0.19
N MET F 180 -38.38 -0.25 0.91
CA MET F 180 -37.99 -1.66 0.89
C MET F 180 -36.55 -1.87 0.41
N GLY F 181 -35.72 -0.83 0.43
CA GLY F 181 -34.31 -1.02 0.08
C GLY F 181 -33.58 -1.85 1.10
N LEU F 182 -32.49 -2.49 0.68
CA LEU F 182 -31.69 -3.27 1.61
C LEU F 182 -31.01 -2.36 2.63
N LYS F 183 -30.94 -2.80 3.89
CA LYS F 183 -30.25 -2.04 4.92
C LYS F 183 -29.76 -2.97 6.02
N ILE F 184 -28.59 -2.66 6.57
CA ILE F 184 -27.97 -3.47 7.60
C ILE F 184 -28.54 -3.08 8.96
N SER F 185 -29.41 -3.93 9.52
CA SER F 185 -29.94 -3.68 10.85
C SER F 185 -28.89 -3.91 11.93
N ARG F 186 -27.95 -4.81 11.68
CA ARG F 186 -26.91 -5.17 12.66
C ARG F 186 -25.76 -4.16 12.58
N GLY F 187 -26.08 -2.94 13.03
CA GLY F 187 -25.09 -1.89 13.03
C GLY F 187 -23.98 -2.11 14.03
N PHE F 188 -24.31 -2.65 15.21
CA PHE F 188 -23.32 -2.77 16.27
C PHE F 188 -22.39 -3.95 16.08
N THR F 189 -22.64 -4.78 15.09
CA THR F 189 -21.70 -5.84 14.74
C THR F 189 -21.14 -5.63 13.34
N LEU F 190 -21.99 -5.69 12.31
CA LEU F 190 -21.49 -5.68 10.93
C LEU F 190 -20.85 -4.35 10.59
N VAL F 191 -21.54 -3.24 10.86
CA VAL F 191 -21.00 -1.95 10.46
C VAL F 191 -19.74 -1.62 11.24
N LYS F 192 -19.65 -2.05 12.49
CA LYS F 192 -18.41 -1.81 13.20
C LYS F 192 -17.28 -2.62 12.61
N ALA F 193 -17.54 -3.90 12.31
CA ALA F 193 -16.53 -4.76 11.72
C ALA F 193 -16.08 -4.24 10.36
N LEU F 194 -17.03 -3.71 9.58
CA LEU F 194 -16.68 -3.16 8.28
C LEU F 194 -15.85 -1.90 8.42
N ASP F 195 -16.11 -1.11 9.47
CA ASP F 195 -15.33 0.10 9.76
C ASP F 195 -13.89 -0.26 10.15
N LYS F 196 -13.69 -1.36 10.85
CA LYS F 196 -12.32 -1.85 11.10
C LYS F 196 -11.58 -2.09 9.79
N MET F 197 -12.29 -2.40 8.71
CA MET F 197 -11.63 -2.64 7.44
C MET F 197 -11.53 -1.40 6.57
N GLY F 198 -11.98 -0.25 7.06
CA GLY F 198 -11.92 0.94 6.24
C GLY F 198 -12.95 0.99 5.14
N VAL F 199 -14.10 0.35 5.33
CA VAL F 199 -15.14 0.35 4.31
C VAL F 199 -15.80 1.71 4.22
N ASP F 200 -15.98 2.21 2.99
CA ASP F 200 -16.78 3.41 2.77
C ASP F 200 -18.24 2.98 2.57
N GLN F 201 -19.07 3.23 3.58
CA GLN F 201 -20.44 2.71 3.52
C GLN F 201 -21.24 3.34 2.38
N THR F 202 -20.94 4.59 2.04
CA THR F 202 -21.66 5.24 0.96
C THR F 202 -21.27 4.61 -0.38
N LEU F 204 -20.90 1.51 -1.07
CA LEU F 204 -21.43 0.14 -1.06
C LEU F 204 -22.67 0.04 -1.94
N THR F 205 -22.55 -0.76 -3.00
CA THR F 205 -23.60 -0.91 -4.02
C THR F 205 -24.74 -1.80 -3.52
N ASN F 206 -25.80 -1.85 -4.32
CA ASN F 206 -26.87 -2.78 -4.01
C ASN F 206 -26.39 -4.23 -4.08
N GLN F 207 -25.53 -4.55 -5.05
CA GLN F 207 -25.06 -5.93 -5.13
C GLN F 207 -24.19 -6.28 -3.93
N ASP F 208 -23.42 -5.30 -3.43
CA ASP F 208 -22.75 -5.46 -2.15
C ASP F 208 -23.76 -5.77 -1.05
N LYS F 209 -24.91 -5.11 -1.07
CA LYS F 209 -25.85 -5.34 0.01
C LYS F 209 -26.48 -6.73 -0.10
N ARG F 210 -26.63 -7.25 -1.33
CA ARG F 210 -27.18 -8.58 -1.53
C ARG F 210 -26.29 -9.69 -0.99
N SER F 211 -25.12 -9.37 -0.48
CA SER F 211 -24.41 -10.30 0.38
C SER F 211 -24.21 -9.78 1.79
N LEU F 212 -24.04 -8.46 1.99
CA LEU F 212 -23.78 -7.94 3.33
C LEU F 212 -24.99 -8.11 4.21
N VAL F 213 -26.18 -8.12 3.61
CA VAL F 213 -27.39 -8.37 4.36
C VAL F 213 -27.36 -9.75 4.99
N CYS F 214 -26.74 -10.72 4.31
CA CYS F 214 -26.50 -12.02 4.92
C CYS F 214 -25.31 -11.98 5.87
N ALA F 215 -24.30 -11.16 5.57
CA ALA F 215 -23.11 -11.07 6.41
C ALA F 215 -23.44 -10.52 7.80
N GLN F 216 -24.67 -10.08 8.01
CA GLN F 216 -25.07 -9.67 9.35
C GLN F 216 -24.94 -10.82 10.34
N CYS F 217 -25.07 -12.08 9.87
CA CYS F 217 -24.95 -13.22 10.78
C CYS F 217 -24.10 -14.39 10.30
N HIS F 218 -23.77 -14.51 9.02
CA HIS F 218 -23.03 -15.70 8.56
C HIS F 218 -21.54 -15.37 8.48
N VAL F 219 -20.89 -15.22 9.65
CA VAL F 219 -19.55 -14.66 9.58
C VAL F 219 -18.47 -15.27 10.48
N THR F 220 -18.74 -15.40 11.78
CA THR F 220 -17.82 -15.81 12.84
C THR F 220 -17.65 -14.61 13.76
N TYR F 221 -17.52 -14.88 15.04
CA TYR F 221 -17.61 -13.85 16.03
C TYR F 221 -16.79 -14.25 17.24
N THR F 222 -16.36 -13.24 17.98
CA THR F 222 -15.66 -13.42 19.23
C THR F 222 -16.52 -12.84 20.33
N ILE F 223 -16.66 -13.58 21.42
CA ILE F 223 -17.35 -13.10 22.61
C ILE F 223 -16.33 -12.98 23.73
N PRO F 224 -15.71 -11.81 23.90
CA PRO F 224 -14.71 -11.65 24.96
C PRO F 224 -15.31 -11.92 26.33
N LYS F 225 -14.50 -12.53 27.20
CA LYS F 225 -14.93 -12.91 28.53
C LYS F 225 -14.14 -12.14 29.59
N ASP F 226 -14.79 -11.87 30.71
CA ASP F 226 -14.16 -11.20 31.84
C ASP F 226 -13.45 -12.22 32.72
N ALA F 227 -13.02 -11.79 33.91
CA ALA F 227 -12.35 -12.70 34.82
C ALA F 227 -13.27 -13.84 35.23
N ASN F 228 -14.58 -13.70 35.05
CA ASN F 228 -15.55 -14.70 35.49
C ASN F 228 -16.20 -15.46 34.34
N MET F 229 -15.60 -15.38 33.13
CA MET F 229 -16.15 -16.03 31.93
C MET F 229 -17.56 -15.56 31.63
N LYS F 230 -17.81 -14.27 31.84
CA LYS F 230 -19.07 -13.64 31.47
C LYS F 230 -18.89 -12.88 30.17
N SER F 231 -19.92 -12.92 29.33
CA SER F 231 -19.81 -12.40 27.97
C SER F 231 -19.84 -10.88 27.96
N GLN F 232 -18.90 -10.26 27.24
CA GLN F 232 -18.72 -8.81 27.28
C GLN F 232 -19.12 -8.07 26.01
N ASP F 233 -19.13 -8.74 24.85
CA ASP F 233 -19.38 -8.12 23.55
C ASP F 233 -19.53 -9.25 22.52
N VAL F 234 -19.93 -8.86 21.31
CA VAL F 234 -19.89 -9.73 20.13
C VAL F 234 -19.30 -8.91 18.99
N PHE F 235 -18.13 -9.30 18.50
CA PHE F 235 -17.51 -8.60 17.37
C PHE F 235 -16.95 -9.61 16.37
N PHE F 236 -16.82 -9.16 15.14
CA PHE F 236 -16.26 -9.97 14.07
C PHE F 236 -14.75 -9.71 14.00
N PRO F 237 -13.91 -10.74 14.08
CA PRO F 237 -12.44 -10.52 14.14
C PRO F 237 -11.82 -10.21 12.78
N TRP F 238 -12.35 -9.17 12.11
CA TRP F 238 -11.86 -8.75 10.81
C TRP F 238 -10.74 -7.74 10.90
N ASP F 239 -10.07 -7.66 12.06
CA ASP F 239 -9.02 -6.66 12.24
C ASP F 239 -7.91 -6.88 11.22
N GLU F 240 -7.38 -5.77 10.71
CA GLU F 240 -6.26 -5.74 9.78
C GLU F 240 -6.55 -6.47 8.47
N SER F 241 -7.80 -6.83 8.21
CA SER F 241 -8.22 -7.35 6.92
C SER F 241 -8.79 -6.23 6.06
N LYS F 242 -8.87 -6.50 4.75
CA LYS F 242 -9.49 -5.56 3.84
C LYS F 242 -10.62 -6.27 3.11
N TRP F 243 -11.52 -5.44 2.56
CA TRP F 243 -12.69 -5.92 1.82
C TRP F 243 -12.30 -6.95 0.77
N GLY F 244 -12.82 -8.16 0.89
CA GLY F 244 -12.51 -9.21 -0.04
C GLY F 244 -11.26 -10.00 0.29
N LYS F 245 -10.66 -9.78 1.46
CA LYS F 245 -9.43 -10.45 1.83
C LYS F 245 -9.39 -10.63 3.36
N ILE F 246 -10.41 -11.29 3.89
CA ILE F 246 -10.44 -11.63 5.32
C ILE F 246 -9.82 -13.02 5.44
N SER F 247 -8.49 -13.03 5.53
CA SER F 247 -7.73 -14.25 5.61
C SER F 247 -7.94 -14.97 6.94
N ILE F 248 -7.89 -16.31 6.89
CA ILE F 248 -7.88 -17.09 8.13
C ILE F 248 -6.68 -16.71 9.00
N GLU F 249 -5.57 -16.32 8.37
CA GLU F 249 -4.40 -15.89 9.14
C GLU F 249 -4.73 -14.64 9.96
N ASN F 250 -5.35 -13.64 9.32
CA ASN F 250 -5.72 -12.43 10.04
C ASN F 250 -6.66 -12.74 11.19
N ILE F 251 -7.60 -13.65 10.98
CA ILE F 251 -8.59 -13.99 12.00
C ILE F 251 -7.93 -14.63 13.21
N ILE F 252 -6.99 -15.55 12.99
CA ILE F 252 -6.31 -16.18 14.11
C ILE F 252 -5.39 -15.18 14.79
N LYS F 253 -4.78 -14.27 14.02
CA LYS F 253 -3.93 -13.26 14.65
C LYS F 253 -4.74 -12.39 15.58
N LYS F 254 -5.95 -12.01 15.16
CA LYS F 254 -6.83 -11.26 16.03
C LYS F 254 -7.21 -12.08 17.25
N MET F 255 -7.54 -13.36 17.05
CA MET F 255 -7.93 -14.21 18.18
C MET F 255 -6.78 -14.38 19.16
N ARG F 256 -5.54 -14.40 18.65
CA ARG F 256 -4.38 -14.51 19.53
C ARG F 256 -4.21 -13.27 20.40
N SER F 257 -4.67 -12.11 19.92
CA SER F 257 -4.29 -10.83 20.51
C SER F 257 -4.76 -10.60 21.95
N ASP F 258 -5.61 -11.45 22.54
CA ASP F 258 -6.08 -11.14 23.89
C ASP F 258 -6.71 -12.38 24.52
N LYS F 259 -6.50 -12.54 25.84
CA LYS F 259 -7.05 -13.69 26.57
C LYS F 259 -8.52 -13.54 26.92
N SER F 260 -9.06 -12.32 26.81
CA SER F 260 -10.50 -12.14 26.85
C SER F 260 -11.18 -13.09 25.88
N TYR F 261 -10.53 -13.36 24.75
CA TYR F 261 -11.06 -14.15 23.65
C TYR F 261 -11.07 -15.64 23.93
N GLY F 262 -10.34 -16.11 24.94
CA GLY F 262 -10.45 -17.49 25.34
C GLY F 262 -11.84 -17.73 25.91
N GLU F 263 -12.67 -18.48 25.17
CA GLU F 263 -14.07 -18.63 25.49
C GLU F 263 -14.44 -19.98 26.10
N TRP F 264 -13.50 -20.92 26.16
CA TRP F 264 -13.81 -22.25 26.68
C TRP F 264 -12.50 -22.95 26.96
N THR F 265 -12.60 -24.11 27.59
CA THR F 265 -11.45 -24.94 27.83
C THR F 265 -11.71 -26.29 27.14
N GLN F 266 -10.78 -26.70 26.28
CA GLN F 266 -10.89 -27.97 25.57
C GLN F 266 -10.51 -29.10 26.51
N ALA F 267 -11.45 -30.03 26.73
CA ALA F 267 -11.29 -31.11 27.70
C ALA F 267 -10.03 -31.93 27.43
N VAL F 268 -10.01 -32.65 26.30
CA VAL F 268 -8.96 -33.63 26.04
C VAL F 268 -7.58 -33.00 26.15
N THR F 269 -7.44 -31.71 25.84
CA THR F 269 -6.12 -31.11 25.96
C THR F 269 -5.98 -30.20 27.18
N GLY F 270 -7.09 -29.74 27.76
CA GLY F 270 -7.02 -28.80 28.86
C GLY F 270 -6.64 -27.39 28.46
N PHE F 271 -6.63 -27.09 27.17
CA PHE F 271 -6.21 -25.75 26.73
C PHE F 271 -7.40 -24.81 26.69
N LYS F 272 -7.14 -23.55 27.04
CA LYS F 272 -8.11 -22.49 26.86
C LYS F 272 -7.99 -22.01 25.41
N MET F 273 -9.13 -22.00 24.70
CA MET F 273 -9.13 -21.79 23.25
C MET F 273 -10.14 -20.73 22.86
N ALA F 274 -9.85 -20.03 21.77
CA ALA F 274 -10.84 -19.19 21.10
C ALA F 274 -11.71 -20.06 20.22
N TYR F 275 -12.43 -19.46 19.26
CA TYR F 275 -13.35 -20.24 18.46
C TYR F 275 -13.70 -19.50 17.18
N ILE F 276 -14.17 -20.28 16.20
CA ILE F 276 -14.59 -19.82 14.90
C ILE F 276 -15.98 -20.37 14.64
N ARG F 277 -16.84 -19.57 14.02
CA ARG F 277 -18.21 -19.98 13.68
C ARG F 277 -18.49 -19.66 12.22
N HIS F 278 -19.40 -20.45 11.63
CA HIS F 278 -19.93 -20.32 10.27
C HIS F 278 -19.41 -19.12 9.48
N PRO F 279 -18.17 -19.17 8.92
CA PRO F 279 -17.60 -17.98 8.26
C PRO F 279 -17.95 -17.85 6.78
N GLU F 280 -19.25 -17.95 6.49
CA GLU F 280 -19.71 -17.95 5.10
C GLU F 280 -19.21 -16.71 4.36
N PHE F 281 -19.35 -15.54 4.98
CA PHE F 281 -18.93 -14.32 4.29
C PHE F 281 -17.41 -14.24 4.11
N GLU F 282 -16.64 -14.57 5.15
CA GLU F 282 -15.18 -14.50 5.00
C GLU F 282 -14.67 -15.54 4.03
N MET F 283 -15.32 -16.71 3.99
CA MET F 283 -14.91 -17.77 3.06
C MET F 283 -15.29 -17.41 1.64
N TYR F 284 -16.51 -16.91 1.45
CA TYR F 284 -16.95 -16.62 0.09
C TYR F 284 -16.25 -15.38 -0.45
N SER F 285 -16.05 -14.35 0.38
CA SER F 285 -15.56 -13.05 -0.09
C SER F 285 -14.04 -13.00 -0.27
N ASN F 286 -13.31 -14.01 0.22
CA ASN F 286 -11.85 -13.99 0.20
C ASN F 286 -11.35 -14.51 -1.15
N GLN F 287 -11.55 -13.69 -2.20
CA GLN F 287 -11.04 -13.98 -3.54
C GLN F 287 -11.58 -15.29 -4.10
N SER F 288 -12.87 -15.56 -3.91
CA SER F 288 -13.47 -16.73 -4.54
C SER F 288 -13.85 -16.43 -6.00
N VAL F 289 -14.08 -17.50 -6.76
CA VAL F 289 -14.41 -17.35 -8.18
C VAL F 289 -15.69 -16.54 -8.36
N HIS F 290 -16.75 -16.91 -7.64
CA HIS F 290 -18.01 -16.19 -7.79
C HIS F 290 -17.93 -14.81 -7.15
N TRP F 291 -17.17 -14.65 -6.06
CA TRP F 291 -16.97 -13.32 -5.53
C TRP F 291 -16.29 -12.43 -6.56
N MET F 292 -15.16 -12.89 -7.11
CA MET F 292 -14.47 -12.10 -8.11
C MET F 292 -15.30 -11.86 -9.35
N ALA F 293 -16.31 -12.68 -9.59
CA ALA F 293 -17.26 -12.47 -10.67
C ALA F 293 -18.38 -11.50 -10.32
N GLY F 294 -18.43 -11.05 -9.07
CA GLY F 294 -19.48 -10.13 -8.67
C GLY F 294 -20.78 -10.78 -8.23
N VAL F 295 -20.77 -12.08 -7.92
CA VAL F 295 -21.99 -12.79 -7.55
C VAL F 295 -22.25 -12.62 -6.06
N SER F 296 -23.51 -12.43 -5.69
CA SER F 296 -23.90 -12.19 -4.31
C SER F 296 -24.55 -13.44 -3.71
N CYS F 297 -24.60 -13.50 -2.37
CA CYS F 297 -25.30 -14.59 -1.68
C CYS F 297 -26.69 -14.78 -2.27
N ALA F 298 -27.40 -13.67 -2.48
CA ALA F 298 -28.77 -13.74 -2.96
C ALA F 298 -28.86 -14.28 -4.39
N ASP F 299 -27.80 -14.12 -5.18
CA ASP F 299 -27.83 -14.64 -6.55
C ASP F 299 -28.06 -16.14 -6.58
N CYS F 300 -27.44 -16.88 -5.65
CA CYS F 300 -27.67 -18.32 -5.59
C CYS F 300 -28.78 -18.70 -4.62
N HIS F 301 -28.96 -17.93 -3.56
CA HIS F 301 -29.80 -18.37 -2.47
C HIS F 301 -31.17 -17.69 -2.46
N MET F 302 -31.42 -16.76 -3.38
CA MET F 302 -32.72 -16.11 -3.52
C MET F 302 -33.00 -15.93 -5.00
N PRO F 303 -33.22 -17.03 -5.73
CA PRO F 303 -33.52 -16.91 -7.17
C PRO F 303 -34.79 -16.08 -7.38
N TYR F 304 -34.90 -15.46 -8.55
CA TYR F 304 -35.98 -14.52 -8.75
C TYR F 304 -36.80 -14.87 -9.98
N THR F 305 -37.96 -14.21 -10.06
CA THR F 305 -38.88 -14.25 -11.19
C THR F 305 -39.08 -12.83 -11.74
N LYS F 306 -39.41 -12.74 -13.04
CA LYS F 306 -39.58 -11.47 -13.72
C LYS F 306 -41.01 -10.95 -13.60
N VAL F 307 -41.14 -9.68 -13.17
CA VAL F 307 -42.42 -8.98 -13.08
C VAL F 307 -42.61 -8.12 -14.32
N GLY F 308 -42.28 -8.66 -15.51
CA GLY F 308 -42.20 -7.79 -16.68
C GLY F 308 -41.22 -6.66 -16.48
N SER F 309 -41.67 -5.61 -15.80
CA SER F 309 -40.85 -4.45 -15.48
C SER F 309 -40.20 -4.69 -14.12
N LYS F 311 -39.18 -7.48 -10.47
CA LYS F 311 -38.50 -8.63 -9.92
C LYS F 311 -39.22 -9.21 -8.71
N ILE F 312 -39.21 -10.54 -8.59
CA ILE F 312 -39.70 -11.27 -7.42
C ILE F 312 -38.62 -12.21 -6.90
N SER F 313 -38.10 -11.95 -5.72
CA SER F 313 -37.07 -12.83 -5.17
C SER F 313 -37.70 -13.88 -4.25
N ASP F 314 -37.12 -15.07 -4.27
CA ASP F 314 -37.62 -16.18 -3.47
C ASP F 314 -37.00 -16.06 -2.08
N HIS F 315 -37.84 -15.99 -1.04
CA HIS F 315 -37.33 -15.87 0.32
C HIS F 315 -37.32 -17.19 1.08
N ARG F 316 -37.65 -18.31 0.40
CA ARG F 316 -37.42 -19.64 0.97
C ARG F 316 -35.96 -20.01 0.78
N ILE F 317 -35.11 -19.33 1.56
CA ILE F 317 -33.66 -19.45 1.46
C ILE F 317 -33.23 -20.85 1.87
N MET F 318 -32.57 -21.56 0.97
CA MET F 318 -32.22 -22.97 1.17
C MET F 318 -31.05 -23.31 0.28
N SER F 319 -30.53 -24.53 0.46
CA SER F 319 -29.52 -25.08 -0.43
C SER F 319 -29.97 -25.00 -1.89
N PRO F 320 -29.15 -24.44 -2.77
CA PRO F 320 -29.47 -24.47 -4.21
C PRO F 320 -29.63 -25.88 -4.76
N LEU F 321 -28.94 -26.87 -4.15
CA LEU F 321 -29.15 -28.25 -4.53
C LEU F 321 -30.59 -28.72 -4.31
N LYS F 322 -31.38 -27.98 -3.53
CA LYS F 322 -32.71 -28.42 -3.16
C LYS F 322 -33.84 -27.66 -3.83
N ASN F 323 -33.57 -26.58 -4.55
CA ASN F 323 -34.64 -25.91 -5.28
C ASN F 323 -34.39 -25.99 -6.78
N ASP F 324 -33.72 -27.06 -7.19
CA ASP F 324 -33.44 -27.34 -8.60
C ASP F 324 -32.51 -26.31 -9.23
N PHE F 325 -31.59 -25.76 -8.45
CA PHE F 325 -30.52 -24.89 -8.94
C PHE F 325 -31.07 -23.67 -9.71
N LYS F 326 -32.24 -23.19 -9.29
CA LYS F 326 -32.86 -22.06 -9.96
C LYS F 326 -31.94 -20.85 -9.95
N GLY F 327 -31.26 -20.60 -8.82
CA GLY F 327 -30.28 -19.53 -8.79
C GLY F 327 -29.15 -19.72 -9.79
N CYS F 328 -28.52 -20.90 -9.80
CA CYS F 328 -27.43 -21.17 -10.74
C CYS F 328 -27.86 -20.94 -12.17
N LYS F 329 -29.01 -21.54 -12.52
CA LYS F 329 -29.52 -21.55 -13.87
C LYS F 329 -29.80 -20.16 -14.41
N GLN F 330 -29.69 -19.10 -13.60
CA GLN F 330 -29.84 -17.75 -14.12
C GLN F 330 -28.55 -17.21 -14.70
N CYS F 331 -27.45 -17.96 -14.63
CA CYS F 331 -26.24 -17.63 -15.36
C CYS F 331 -25.63 -18.83 -16.05
N HIS F 332 -26.22 -20.01 -15.88
CA HIS F 332 -25.64 -21.24 -16.38
C HIS F 332 -26.73 -21.97 -17.14
N SER F 333 -26.46 -22.23 -18.43
CA SER F 333 -27.38 -22.96 -19.29
C SER F 333 -27.24 -24.46 -19.15
N GLU F 334 -26.78 -24.94 -18.01
CA GLU F 334 -26.60 -26.37 -17.82
C GLU F 334 -27.70 -26.98 -16.96
N SER F 335 -27.76 -28.32 -16.99
CA SER F 335 -28.81 -29.08 -16.32
C SER F 335 -28.57 -29.18 -14.82
N SER F 336 -29.63 -29.60 -14.10
CA SER F 336 -29.51 -29.82 -12.67
C SER F 336 -28.47 -30.88 -12.37
N GLU F 337 -28.45 -31.94 -13.17
CA GLU F 337 -27.49 -33.01 -12.97
C GLU F 337 -26.07 -32.51 -13.19
N TRP F 338 -25.85 -31.73 -14.25
CA TRP F 338 -24.52 -31.18 -14.51
C TRP F 338 -24.04 -30.31 -13.35
N LEU F 339 -24.90 -29.39 -12.87
CA LEU F 339 -24.49 -28.51 -11.77
C LEU F 339 -24.25 -29.29 -10.47
N LYS F 340 -25.16 -30.21 -10.13
CA LYS F 340 -24.98 -31.04 -8.94
C LYS F 340 -23.65 -31.79 -8.98
N ASN F 341 -23.28 -32.29 -10.17
CA ASN F 341 -22.03 -33.02 -10.31
C ASN F 341 -20.82 -32.12 -10.04
N GLN F 342 -20.85 -30.88 -10.51
CA GLN F 342 -19.77 -29.94 -10.25
C GLN F 342 -19.62 -29.68 -8.75
N VAL F 343 -20.76 -29.41 -8.08
CA VAL F 343 -20.74 -29.12 -6.65
C VAL F 343 -20.21 -30.30 -5.85
N ILE F 344 -20.76 -31.50 -6.10
CA ILE F 344 -20.42 -32.63 -5.25
C ILE F 344 -19.02 -33.15 -5.56
N THR F 345 -18.56 -33.07 -6.82
CA THR F 345 -17.17 -33.38 -7.10
C THR F 345 -16.24 -32.55 -6.23
N ILE F 346 -16.40 -31.21 -6.28
CA ILE F 346 -15.58 -30.33 -5.44
C ILE F 346 -15.78 -30.65 -3.95
N GLN F 347 -17.03 -30.86 -3.53
CA GLN F 347 -17.28 -31.08 -2.11
C GLN F 347 -16.62 -32.36 -1.61
N ASP F 348 -16.61 -33.41 -2.42
CA ASP F 348 -15.99 -34.66 -1.97
C ASP F 348 -14.49 -34.49 -1.76
N ARG F 349 -13.81 -33.77 -2.66
CA ARG F 349 -12.39 -33.48 -2.49
C ARG F 349 -12.12 -32.71 -1.21
N ALA F 350 -12.95 -31.69 -0.95
CA ALA F 350 -12.79 -30.87 0.25
C ALA F 350 -13.13 -31.67 1.50
N ALA F 351 -14.22 -32.43 1.46
CA ALA F 351 -14.64 -33.18 2.63
C ALA F 351 -13.57 -34.20 3.03
N SER F 352 -12.90 -34.79 2.04
CA SER F 352 -11.91 -35.80 2.34
C SER F 352 -10.72 -35.19 3.08
N GLN F 353 -10.22 -34.06 2.60
CA GLN F 353 -9.13 -33.39 3.30
C GLN F 353 -9.57 -32.90 4.68
N TYR F 354 -10.83 -32.49 4.82
CA TYR F 354 -11.32 -32.07 6.12
C TYR F 354 -11.36 -33.24 7.10
N ILE F 355 -11.92 -34.36 6.67
CA ILE F 355 -12.04 -35.53 7.53
C ILE F 355 -10.67 -36.04 7.95
N ARG F 356 -9.73 -36.09 7.00
CA ARG F 356 -8.38 -36.57 7.30
C ARG F 356 -7.66 -35.67 8.29
N SER F 357 -7.68 -34.36 8.02
CA SER F 357 -7.01 -33.43 8.92
C SER F 357 -7.71 -33.37 10.27
N GLY F 358 -9.02 -33.56 10.31
CA GLY F 358 -9.72 -33.53 11.58
C GLY F 358 -9.34 -34.71 12.47
N TYR F 359 -9.29 -35.91 11.89
CA TYR F 359 -8.86 -37.07 12.64
C TYR F 359 -7.41 -36.93 13.08
N ALA F 360 -6.57 -36.36 12.22
CA ALA F 360 -5.19 -36.12 12.59
C ALA F 360 -5.08 -35.21 13.80
N LEU F 361 -5.92 -34.16 13.86
CA LEU F 361 -5.88 -33.20 14.97
C LEU F 361 -6.43 -33.81 16.27
N ALA F 362 -7.43 -34.69 16.15
CA ALA F 362 -7.91 -35.44 17.31
C ALA F 362 -6.82 -36.35 17.87
N THR F 363 -6.07 -36.99 16.98
CA THR F 363 -4.92 -37.76 17.40
C THR F 363 -3.90 -36.88 18.13
N VAL F 364 -3.57 -35.72 17.56
CA VAL F 364 -2.65 -34.79 18.21
C VAL F 364 -3.20 -34.34 19.57
N ALA F 365 -4.52 -34.18 19.66
CA ALA F 365 -5.14 -33.77 20.91
C ALA F 365 -4.97 -34.84 21.98
N LYS F 366 -5.32 -36.09 21.65
CA LYS F 366 -5.16 -37.18 22.61
C LYS F 366 -3.70 -37.47 22.89
N LEU F 367 -2.82 -37.10 21.97
CA LEU F 367 -1.38 -37.18 22.21
C LEU F 367 -0.96 -36.15 23.25
N PHE F 368 -1.53 -34.94 23.19
CA PHE F 368 -1.37 -33.98 24.26
C PHE F 368 -1.94 -34.49 25.58
N GLU F 369 -3.07 -35.19 25.51
CA GLU F 369 -3.72 -35.69 26.72
C GLU F 369 -2.78 -36.59 27.51
N MET F 370 -2.16 -37.56 26.85
CA MET F 370 -1.24 -38.46 27.55
C MET F 370 0.11 -37.82 27.84
N THR F 371 0.52 -36.78 27.10
CA THR F 371 1.65 -35.96 27.53
C THR F 371 1.42 -35.43 28.94
N HIS F 372 0.26 -34.84 29.16
CA HIS F 372 -0.11 -34.31 30.47
C HIS F 372 -0.24 -35.42 31.50
N LYS F 373 -0.89 -36.53 31.11
CA LYS F 373 -0.98 -37.69 31.99
C LYS F 373 0.40 -38.24 32.33
N GLN F 374 1.37 -38.06 31.44
CA GLN F 374 2.69 -38.62 31.69
C GLN F 374 3.52 -37.75 32.61
N GLN F 375 3.33 -36.42 32.57
CA GLN F 375 3.98 -35.59 33.57
C GLN F 375 3.20 -35.57 34.88
N ALA F 376 1.97 -36.10 34.88
CA ALA F 376 1.29 -36.45 36.13
C ALA F 376 2.01 -37.59 36.84
N ALA F 377 2.57 -38.52 36.08
CA ALA F 377 3.38 -39.60 36.64
C ALA F 377 4.85 -39.22 36.78
N GLY F 378 5.15 -37.90 36.83
CA GLY F 378 6.48 -37.41 37.11
C GLY F 378 7.34 -37.15 35.89
N LYS F 379 7.16 -37.93 34.82
CA LYS F 379 7.98 -37.79 33.62
C LYS F 379 7.92 -36.37 33.09
N GLN F 380 9.08 -35.75 32.90
CA GLN F 380 9.11 -34.39 32.38
C GLN F 380 9.56 -34.42 30.93
N ILE F 381 9.13 -33.41 30.19
CA ILE F 381 9.19 -33.39 28.74
C ILE F 381 9.88 -32.12 28.29
N ASP F 382 10.76 -32.24 27.28
CA ASP F 382 11.34 -31.07 26.65
C ASP F 382 10.25 -30.04 26.32
N GLN F 383 10.29 -28.91 27.00
CA GLN F 383 9.15 -28.00 26.93
C GLN F 383 9.27 -27.00 25.79
N LYS F 384 10.45 -26.83 25.19
CA LYS F 384 10.50 -25.98 24.01
C LYS F 384 9.92 -26.70 22.79
N MET F 385 10.10 -28.02 22.71
CA MET F 385 9.39 -28.79 21.70
C MET F 385 7.90 -28.86 21.99
N TYR F 386 7.53 -28.97 23.27
CA TYR F 386 6.11 -28.93 23.65
C TYR F 386 5.46 -27.61 23.24
N ASP F 387 6.12 -26.49 23.53
CA ASP F 387 5.61 -25.17 23.16
C ASP F 387 5.36 -25.07 21.66
N GLN F 388 6.35 -25.48 20.85
CA GLN F 388 6.18 -25.40 19.41
C GLN F 388 5.06 -26.33 18.94
N ALA F 389 5.00 -27.55 19.48
CA ALA F 389 3.92 -28.46 19.14
C ALA F 389 2.55 -27.87 19.43
N LYS F 390 2.40 -27.14 20.54
CA LYS F 390 1.10 -26.57 20.87
C LYS F 390 0.76 -25.41 19.94
N PHE F 391 1.74 -24.53 19.68
CA PHE F 391 1.54 -23.44 18.73
C PHE F 391 1.04 -23.97 17.40
N TYR F 392 1.71 -25.00 16.87
CA TYR F 392 1.31 -25.61 15.62
C TYR F 392 -0.08 -26.23 15.73
N TYR F 393 -0.33 -26.95 16.83
CA TYR F 393 -1.63 -27.59 17.02
C TYR F 393 -2.75 -26.57 17.01
N GLU F 394 -2.52 -25.41 17.64
CA GLU F 394 -3.54 -24.36 17.61
C GLU F 394 -3.82 -23.89 16.19
N GLU F 395 -2.74 -23.56 15.45
CA GLU F 395 -2.89 -23.10 14.08
C GLU F 395 -3.67 -24.11 13.23
N GLY F 396 -3.29 -25.38 13.30
CA GLY F 396 -4.00 -26.38 12.53
C GLY F 396 -5.43 -26.54 12.99
N PHE F 397 -5.68 -26.43 14.29
CA PHE F 397 -7.03 -26.63 14.79
C PHE F 397 -7.97 -25.51 14.33
N TYR F 398 -7.50 -24.26 14.37
CA TYR F 398 -8.35 -23.15 13.92
C TYR F 398 -8.63 -23.22 12.43
N ARG F 399 -7.68 -23.75 11.66
CA ARG F 399 -7.91 -23.95 10.23
C ARG F 399 -8.96 -25.03 9.97
N ASN F 400 -8.82 -26.18 10.63
CA ASN F 400 -9.81 -27.24 10.46
C ASN F 400 -11.19 -26.78 10.93
N LEU F 401 -11.22 -25.96 11.98
CA LEU F 401 -12.49 -25.47 12.50
C LEU F 401 -13.13 -24.45 11.57
N PHE F 402 -12.32 -23.53 11.04
CA PHE F 402 -12.81 -22.60 10.02
C PHE F 402 -13.57 -23.34 8.92
N PHE F 403 -13.01 -24.44 8.40
CA PHE F 403 -13.68 -25.18 7.34
C PHE F 403 -14.90 -25.92 7.88
N GLY F 404 -14.76 -26.60 9.01
CA GLY F 404 -15.84 -27.42 9.51
C GLY F 404 -17.03 -26.59 9.93
N ALA F 405 -16.79 -25.32 10.31
CA ALA F 405 -17.89 -24.45 10.68
C ALA F 405 -18.58 -23.88 9.46
N GLU F 406 -17.86 -23.74 8.33
CA GLU F 406 -18.46 -23.23 7.09
C GLU F 406 -19.40 -24.25 6.47
N ASN F 407 -20.46 -23.75 5.83
CA ASN F 407 -21.61 -24.60 5.48
C ASN F 407 -21.69 -24.93 3.99
N SER F 408 -20.70 -24.57 3.19
CA SER F 408 -20.73 -24.98 1.79
C SER F 408 -19.87 -26.22 1.52
N ILE F 409 -19.12 -26.69 2.51
CA ILE F 409 -18.20 -27.82 2.35
C ILE F 409 -17.33 -27.54 1.13
N GLY F 410 -16.74 -26.36 1.08
CA GLY F 410 -15.77 -26.00 0.07
C GLY F 410 -16.30 -25.27 -1.15
N PHE F 411 -17.57 -25.41 -1.49
CA PHE F 411 -18.02 -24.88 -2.78
C PHE F 411 -17.91 -23.36 -2.85
N HIS F 412 -18.07 -22.67 -1.71
CA HIS F 412 -18.01 -21.21 -1.66
C HIS F 412 -16.66 -20.66 -2.10
N ASN F 413 -15.59 -21.40 -1.87
CA ASN F 413 -14.25 -20.95 -2.26
C ASN F 413 -13.33 -22.16 -2.34
N PRO F 414 -13.55 -23.04 -3.33
CA PRO F 414 -12.89 -24.36 -3.32
C PRO F 414 -11.40 -24.34 -3.04
N THR F 415 -10.64 -23.63 -3.86
CA THR F 415 -9.18 -23.64 -3.73
C THR F 415 -8.75 -23.11 -2.35
N GLU F 416 -9.24 -21.91 -2.00
CA GLU F 416 -8.96 -21.32 -0.70
C GLU F 416 -9.33 -22.25 0.45
N ALA F 417 -10.52 -22.85 0.37
CA ALA F 417 -10.89 -23.84 1.37
C ALA F 417 -9.80 -24.92 1.49
N MET F 418 -9.41 -25.53 0.36
CA MET F 418 -8.46 -26.63 0.41
C MET F 418 -7.07 -26.17 0.84
N ARG F 419 -6.66 -24.95 0.44
CA ARG F 419 -5.46 -24.35 1.00
C ARG F 419 -5.48 -24.40 2.53
N ILE F 420 -6.58 -23.89 3.13
CA ILE F 420 -6.72 -23.92 4.57
C ILE F 420 -6.54 -25.34 5.10
N LEU F 421 -7.28 -26.30 4.55
CA LEU F 421 -7.19 -27.68 4.99
C LEU F 421 -5.77 -28.23 4.78
N GLY F 422 -5.15 -27.87 3.65
CA GLY F 422 -3.77 -28.25 3.42
C GLY F 422 -2.85 -27.74 4.50
N ASP F 423 -3.02 -26.49 4.90
CA ASP F 423 -2.22 -25.95 6.00
C ASP F 423 -2.59 -26.62 7.32
N ALA F 424 -3.87 -26.89 7.54
CA ALA F 424 -4.30 -27.61 8.73
C ALA F 424 -3.57 -28.95 8.85
N THR F 425 -3.70 -29.79 7.82
CA THR F 425 -2.95 -31.04 7.75
C THR F 425 -1.48 -30.87 8.10
N MET F 426 -0.85 -29.87 7.49
CA MET F 426 0.57 -29.64 7.73
C MET F 426 0.85 -29.39 9.21
N TYR F 427 0.13 -28.44 9.82
CA TYR F 427 0.37 -28.07 11.21
C TYR F 427 0.13 -29.25 12.16
N ALA F 428 -0.94 -30.02 11.94
CA ALA F 428 -1.20 -31.20 12.74
C ALA F 428 0.01 -32.13 12.74
N GLY F 429 0.52 -32.46 11.53
CA GLY F 429 1.73 -33.26 11.43
C GLY F 429 2.88 -32.65 12.20
N LYS F 430 3.13 -31.35 11.97
CA LYS F 430 4.23 -30.66 12.65
C LYS F 430 4.08 -30.73 14.17
N ALA F 431 2.84 -30.79 14.67
CA ALA F 431 2.61 -30.99 16.10
C ALA F 431 2.84 -32.44 16.48
N ASP F 432 2.17 -33.36 15.79
CA ASP F 432 2.22 -34.77 16.12
C ASP F 432 3.65 -35.28 16.28
N GLY F 433 4.46 -35.12 15.24
CA GLY F 433 5.86 -35.48 15.28
C GLY F 433 6.57 -35.01 16.53
N LEU F 434 6.57 -33.69 16.75
CA LEU F 434 7.23 -33.09 17.90
C LEU F 434 6.80 -33.75 19.20
N LEU F 435 5.49 -33.90 19.39
CA LEU F 435 4.96 -34.59 20.56
C LEU F 435 5.64 -35.95 20.74
N ARG F 436 5.56 -36.81 19.71
CA ARG F 436 6.14 -38.16 19.79
C ARG F 436 7.63 -38.14 20.12
N GLN F 437 8.37 -37.20 19.53
CA GLN F 437 9.79 -37.06 19.86
C GLN F 437 9.97 -36.79 21.35
N ALA F 438 9.36 -35.69 21.83
CA ALA F 438 9.44 -35.32 23.23
C ALA F 438 9.02 -36.47 24.14
N LEU F 439 7.97 -37.21 23.76
CA LEU F 439 7.50 -38.31 24.59
C LEU F 439 8.49 -39.47 24.64
N THR F 440 9.00 -39.91 23.47
CA THR F 440 9.93 -41.04 23.47
C THR F 440 11.31 -40.63 23.99
N LYS F 441 11.62 -39.33 23.97
CA LYS F 441 12.86 -38.83 24.56
C LYS F 441 12.73 -38.68 26.07
N ALA F 442 11.52 -38.77 26.60
CA ALA F 442 11.28 -38.94 28.02
C ALA F 442 10.97 -40.39 28.35
N GLY F 443 11.11 -41.30 27.38
CA GLY F 443 11.02 -42.72 27.66
C GLY F 443 9.64 -43.31 27.55
N VAL F 444 8.66 -42.58 27.04
CA VAL F 444 7.33 -43.12 26.77
C VAL F 444 7.35 -43.81 25.40
N ASP F 445 6.66 -44.94 25.30
CA ASP F 445 6.57 -45.68 24.04
C ASP F 445 5.19 -45.39 23.46
N VAL F 446 5.14 -44.44 22.53
CA VAL F 446 3.91 -43.95 21.91
C VAL F 446 3.52 -44.88 20.77
N PRO F 447 2.42 -45.63 20.90
CA PRO F 447 2.01 -46.52 19.80
C PRO F 447 1.78 -45.72 18.53
N VAL F 448 1.73 -46.44 17.40
CA VAL F 448 1.56 -45.75 16.14
C VAL F 448 0.11 -45.31 15.96
N LYS F 449 -0.84 -46.24 16.16
CA LYS F 449 -2.25 -45.93 16.11
C LYS F 449 -2.69 -45.47 17.50
N ILE F 450 -2.90 -44.17 17.66
CA ILE F 450 -3.39 -43.60 18.91
C ILE F 450 -4.89 -43.85 19.00
N ASP F 451 -5.32 -44.63 20.00
CA ASP F 451 -6.74 -44.89 20.16
C ASP F 451 -7.46 -43.61 20.53
N LEU F 452 -8.50 -43.28 19.77
CA LEU F 452 -9.22 -42.04 20.00
C LEU F 452 -10.45 -42.21 20.88
N GLU F 453 -10.88 -43.43 21.07
CA GLU F 453 -11.98 -43.72 22.00
C GLU F 453 -13.13 -42.76 21.72
N LEU F 454 -13.56 -42.59 20.49
CA LEU F 454 -14.61 -41.55 20.30
C LEU F 454 -16.00 -41.99 20.79
N SER F 455 -16.23 -43.26 21.05
CA SER F 455 -17.54 -43.63 21.61
C SER F 455 -17.67 -42.95 22.97
N LYS F 456 -16.55 -42.60 23.56
CA LYS F 456 -16.58 -41.83 24.80
C LYS F 456 -17.16 -40.44 24.60
N TYR F 457 -17.03 -39.88 23.40
CA TYR F 457 -17.45 -38.52 23.16
C TYR F 457 -18.67 -38.39 22.26
N THR F 458 -18.97 -39.40 21.45
CA THR F 458 -20.15 -39.34 20.59
C THR F 458 -21.39 -39.87 21.27
N ASN F 459 -21.28 -40.27 22.52
CA ASN F 459 -22.39 -40.92 23.20
C ASN F 459 -22.57 -40.31 24.58
N ASN F 460 -23.79 -40.45 25.09
CA ASN F 460 -24.18 -39.93 26.40
C ASN F 460 -23.81 -38.46 26.54
N ARG F 461 -24.32 -37.66 25.60
CA ARG F 461 -23.93 -36.26 25.47
C ARG F 461 -24.96 -35.38 26.17
N GLY F 462 -24.55 -34.74 27.27
CA GLY F 462 -25.31 -33.72 27.94
C GLY F 462 -26.61 -34.20 28.60
N ALA F 463 -27.55 -33.26 28.74
CA ALA F 463 -28.78 -33.54 29.45
C ALA F 463 -29.59 -34.63 28.75
N LYS F 464 -29.86 -34.43 27.46
CA LYS F 464 -30.61 -35.43 26.68
C LYS F 464 -29.85 -36.73 26.47
N LYS F 465 -28.62 -36.82 27.01
CA LYS F 465 -27.69 -37.91 26.74
C LYS F 465 -27.74 -38.30 25.26
N LEU F 466 -27.28 -37.38 24.43
CA LEU F 466 -27.32 -37.59 22.99
C LEU F 466 -26.34 -38.68 22.61
N MET F 467 -26.75 -39.51 21.65
CA MET F 467 -26.02 -40.70 21.23
C MET F 467 -25.43 -40.51 19.83
N PHE F 468 -24.55 -41.44 19.49
CA PHE F 468 -23.99 -41.49 18.14
C PHE F 468 -25.00 -42.05 17.16
N LYS F 469 -25.15 -41.37 16.02
CA LYS F 469 -26.07 -41.77 14.96
C LYS F 469 -25.26 -42.30 13.79
N PRO F 470 -24.94 -43.59 13.75
CA PRO F 470 -23.99 -44.09 12.74
C PRO F 470 -24.47 -43.90 11.31
N GLU F 471 -25.78 -43.99 11.06
CA GLU F 471 -26.31 -43.84 9.71
C GLU F 471 -26.05 -42.45 9.13
N GLN F 472 -25.77 -41.47 9.99
CA GLN F 472 -25.58 -40.08 9.56
C GLN F 472 -24.13 -39.72 9.32
N GLU F 473 -23.20 -40.59 9.65
CA GLU F 473 -21.79 -40.27 9.48
C GLU F 473 -21.46 -40.04 8.00
N LEU F 474 -20.65 -39.02 7.74
CA LEU F 474 -20.21 -38.72 6.37
C LEU F 474 -18.74 -39.09 6.29
N LYS F 475 -18.44 -40.25 5.71
CA LYS F 475 -17.09 -40.81 5.72
C LYS F 475 -16.28 -40.30 4.53
N ASP F 476 -14.95 -40.31 4.72
CA ASP F 476 -13.96 -39.95 3.71
C ASP F 476 -14.38 -40.54 2.36
N PRO F 477 -14.74 -39.69 1.40
CA PRO F 477 -15.13 -40.23 0.09
C PRO F 477 -13.98 -40.92 -0.65
N TYR F 478 -12.73 -40.68 -0.23
CA TYR F 478 -11.55 -41.33 -0.77
C TYR F 478 -11.00 -42.43 0.15
FE HEC G . 40.23 -15.65 27.66
CHA HEC G . 41.22 -12.62 29.08
CHB HEC G . 42.10 -17.29 30.01
CHC HEC G . 38.77 -18.56 26.69
CHD HEC G . 38.72 -13.96 25.11
NA HEC G . 41.42 -15.06 29.27
C1A HEC G . 41.74 -13.76 29.64
C2A HEC G . 42.71 -13.83 30.73
C3A HEC G . 42.94 -15.14 30.97
C4A HEC G . 42.14 -15.92 30.07
CMA HEC G . 43.88 -15.75 32.03
CAA HEC G . 43.33 -12.62 31.45
CBA HEC G . 42.33 -12.05 32.45
CGA HEC G . 42.08 -13.09 33.51
O1A HEC G . 43.04 -13.44 34.27
O2A HEC G . 40.93 -13.61 33.57
NB HEC G . 40.41 -17.56 28.21
C1B HEC G . 41.21 -18.03 29.25
C2B HEC G . 40.92 -19.45 29.42
C3B HEC G . 40.01 -19.83 28.52
C4B HEC G . 39.65 -18.65 27.74
CMB HEC G . 41.57 -20.39 30.48
CAB HEC G . 39.45 -21.24 28.39
CBB HEC G . 38.39 -21.59 29.13
NC HEC G . 38.92 -16.14 26.21
C1C HEC G . 38.55 -17.43 25.91
C2C HEC G . 37.86 -17.40 24.65
C3C HEC G . 37.88 -16.15 24.19
C4C HEC G . 38.52 -15.32 25.18
CMC HEC G . 37.28 -18.66 23.94
CAC HEC G . 37.23 -15.61 22.88
CBC HEC G . 36.00 -16.01 22.55
ND HEC G . 40.05 -13.67 27.17
C1D HEC G . 39.30 -13.19 26.11
C2D HEC G . 39.23 -11.76 26.23
C3D HEC G . 39.92 -11.40 27.33
C4D HEC G . 40.44 -12.58 27.94
CMD HEC G . 38.47 -10.84 25.24
CAD HEC G . 40.11 -9.97 27.87
CBD HEC G . 38.87 -9.48 28.60
CGD HEC G . 38.83 -10.00 30.02
O1D HEC G . 39.88 -10.44 30.56
O2D HEC G . 37.72 -9.97 30.62
FE HEC H . 46.24 -3.16 12.14
CHA HEC H . 44.84 -0.48 10.62
CHB HEC H . 49.06 -2.78 10.22
CHC HEC H . 47.82 -5.57 13.99
CHD HEC H . 43.26 -3.96 13.63
NA HEC H . 46.87 -1.84 10.72
C1A HEC H . 46.08 -0.85 10.16
C2A HEC H . 46.77 -0.30 9.00
C3A HEC H . 47.94 -0.95 8.91
C4A HEC H . 48.01 -1.93 9.96
CMA HEC H . 49.01 -0.73 7.84
CAA HEC H . 46.20 0.81 8.10
CBA HEC H . 46.84 2.15 8.43
CGA HEC H . 46.35 2.66 9.75
O1A HEC H . 47.16 2.62 10.71
O2A HEC H . 45.18 3.11 9.90
NB HEC H . 48.09 -4.02 12.10
C1B HEC H . 49.12 -3.70 11.24
C2B HEC H . 50.29 -4.49 11.60
C3B HEC H . 49.95 -5.30 12.61
C4B HEC H . 48.57 -4.99 12.97
CMB HEC H . 51.65 -4.43 10.85
CAB HEC H . 50.83 -6.29 13.39
CBB HEC H . 51.99 -5.83 13.89
NC HEC H . 45.65 -4.49 13.59
C1C HEC H . 46.45 -5.47 14.16
C2C HEC H . 45.61 -6.35 14.91
C3C HEC H . 44.33 -5.92 14.78
C4C HEC H . 44.35 -4.73 13.95
CMC HEC H . 46.09 -7.60 15.70
CAC HEC H . 43.02 -6.49 15.40
CBC HEC H . 42.96 -6.86 16.69
ND HEC H . 44.41 -2.40 12.13
C1D HEC H . 43.32 -2.83 12.84
C2D HEC H . 42.23 -1.91 12.60
C3D HEC H . 42.68 -0.96 11.76
C4D HEC H . 44.06 -1.25 11.45
CMD HEC H . 40.79 -2.00 13.16
CAD HEC H . 41.87 0.22 11.20
CBD HEC H . 41.42 -0.24 9.80
CGD HEC H . 40.54 0.78 9.12
O1D HEC H . 40.30 1.86 9.72
O2D HEC H . 40.08 0.52 7.98
FE HEC I . 41.46 -7.25 23.08
CHA HEC I . 42.85 -6.99 26.22
CHB HEC I . 40.34 -4.12 23.27
CHC HEC I . 40.93 -7.32 19.69
CHD HEC I . 41.77 -10.62 23.13
NA HEC I . 41.58 -5.80 24.51
C1A HEC I . 42.26 -5.84 25.71
C2A HEC I . 42.15 -4.52 26.30
C3A HEC I . 41.46 -3.72 25.47
C4A HEC I . 41.08 -4.53 24.33
CMA HEC I . 41.09 -2.22 25.66
CAA HEC I . 42.76 -4.05 27.64
CBA HEC I . 44.11 -3.41 27.33
CGA HEC I . 44.76 -2.96 28.62
O1A HEC I . 44.38 -3.50 29.70
O2A HEC I . 45.63 -2.06 28.59
NB HEC I . 40.79 -5.98 21.74
C1B HEC I . 40.32 -4.73 22.04
C2B HEC I . 39.88 -4.09 20.81
C3B HEC I . 39.96 -4.98 19.81
C4B HEC I . 40.61 -6.16 20.36
CMB HEC I . 39.26 -2.67 20.78
CAB HEC I . 39.69 -4.78 18.33
CBB HEC I . 40.25 -3.68 17.79
NC HEC I . 41.36 -8.73 21.67
C1C HEC I . 41.13 -8.53 20.32
C2C HEC I . 41.19 -9.82 19.68
C3C HEC I . 41.38 -10.76 20.63
C4C HEC I . 41.53 -10.07 21.91
CMC HEC I . 40.97 -10.05 18.18
CAC HEC I . 41.55 -12.29 20.43
CBC HEC I . 42.52 -12.67 19.58
ND HEC I . 42.16 -8.54 24.42
C1D HEC I . 42.17 -9.91 24.25
C2D HEC I . 42.73 -10.50 25.43
C3D HEC I . 43.01 -9.53 26.29
C4D HEC I . 42.67 -8.25 25.68
CMD HEC I . 42.95 -12.01 25.65
CAD HEC I . 43.67 -9.76 27.67
CBD HEC I . 45.18 -9.81 27.44
CGD HEC I . 45.87 -10.15 28.73
O1D HEC I . 45.28 -10.01 29.83
O2D HEC I . 47.04 -10.54 28.68
FE HEC J . 35.62 0.06 25.09
CHA HEC J . 36.55 -0.14 28.41
CHB HEC J . 36.70 -3.11 24.62
CHC HEC J . 33.73 -0.10 22.30
CHD HEC J . 35.11 3.36 25.37
NA HEC J . 36.37 -1.41 26.33
C1A HEC J . 36.89 -1.22 27.61
C2A HEC J . 37.79 -2.32 27.94
C3A HEC J . 37.79 -3.12 26.87
C4A HEC J . 36.93 -2.58 25.86
CMA HEC J . 38.59 -4.43 26.73
CAA HEC J . 38.62 -2.56 29.24
CBA HEC J . 39.78 -1.57 29.34
CGA HEC J . 40.89 -1.96 30.32
O1A HEC J . 41.80 -1.12 30.53
O2A HEC J . 40.88 -3.09 30.90
NB HEC J . 35.27 -1.33 23.74
C1B HEC J . 35.83 -2.58 23.71
C2B HEC J . 35.29 -3.29 22.58
C3B HEC J . 34.50 -2.46 21.91
C4B HEC J . 34.43 -1.22 22.65
CMB HEC J . 35.68 -4.73 22.22
CAB HEC J . 33.61 -2.76 20.67
CBB HEC J . 32.89 -3.90 20.65
NC HEC J . 34.58 1.39 24.04
C1C HEC J . 33.96 1.15 22.83
C2C HEC J . 33.57 2.43 22.27
C3C HEC J . 34.01 3.40 23.10
C4C HEC J . 34.60 2.75 24.25
CMC HEC J . 32.91 2.58 20.90
CAC HEC J . 33.85 4.95 23.04
CBC HEC J . 32.72 5.50 22.54
ND HEC J . 35.78 1.35 26.60
C1D HEC J . 35.51 2.69 26.50
C2D HEC J . 35.76 3.28 27.81
C3D HEC J . 36.16 2.31 28.65
C4D HEC J . 36.18 1.08 27.90
CMD HEC J . 35.59 4.77 28.17
CAD HEC J . 36.53 2.48 30.14
CBD HEC J . 38.02 2.34 30.43
CGD HEC J . 38.33 2.64 31.90
O1D HEC J . 37.39 2.82 32.72
O2D HEC J . 39.53 2.72 32.29
FE HEC K . 30.90 9.91 22.40
CHA HEC K . 27.75 10.56 23.22
CHB HEC K . 31.90 10.28 25.67
CHC HEC K . 34.00 8.63 21.61
CHD HEC K . 30.24 10.40 19.07
NA HEC K . 30.01 10.35 24.13
C1A HEC K . 28.65 10.57 24.25
C2A HEC K . 28.39 10.75 25.66
C3A HEC K . 29.53 10.68 26.33
C4A HEC K . 30.57 10.42 25.38
CMA HEC K . 29.68 10.81 27.86
CAA HEC K . 27.04 10.95 26.34
CBA HEC K . 26.31 9.66 25.95
CGA HEC K . 26.37 8.50 26.91
O1A HEC K . 25.31 7.83 27.11
O2A HEC K . 27.48 8.24 27.42
NB HEC K . 32.67 9.54 23.46
C1B HEC K . 32.81 9.69 24.82
C2B HEC K . 34.09 9.14 25.20
C3B HEC K . 34.72 8.69 24.10
C4B HEC K . 33.82 8.94 22.96
CMB HEC K . 34.58 9.16 26.67
CAB HEC K . 36.13 8.02 24.02
CBB HEC K . 36.48 7.07 24.90
NC HEC K . 31.92 9.57 20.64
C1C HEC K . 33.20 9.03 20.55
C2C HEC K . 33.54 8.96 19.14
C3C HEC K . 32.51 9.47 18.43
C4C HEC K . 31.47 9.86 19.38
CMC HEC K . 34.88 8.42 18.60
CAC HEC K . 32.38 9.66 16.87
CBC HEC K . 32.90 8.78 16.00
ND HEC K . 29.28 10.42 21.32
C1D HEC K . 29.17 10.50 19.93
C2D HEC K . 27.75 10.69 19.63
C3D HEC K . 27.06 10.73 20.80
C4D HEC K . 28.02 10.56 21.88
CMD HEC K . 27.10 10.84 18.24
CAD HEC K . 25.52 10.90 20.99
CBD HEC K . 25.20 12.30 21.48
CGD HEC K . 25.41 13.14 20.25
O1D HEC K . 24.80 12.80 19.19
O2D HEC K . 26.18 14.15 20.36
S SO4 L . 37.89 -15.78 30.05
O1 SO4 L . 39.00 -16.37 30.78
O2 SO4 L . 37.15 -14.87 30.92
O3 SO4 L . 38.30 -15.04 28.87
O4 SO4 L . 37.08 -16.94 29.66
FE HEC M . 0.88 21.41 40.80
CHA HEC M . 0.71 20.10 37.53
CHB HEC M . -2.50 20.60 41.17
CHC HEC M . 1.06 22.33 44.07
CHD HEC M . 3.96 22.64 40.14
NA HEC M . -0.63 20.50 39.57
C1A HEC M . -0.47 20.09 38.26
C2A HEC M . -1.78 19.63 37.80
C3A HEC M . -2.65 19.78 38.79
C4A HEC M . -1.94 20.31 39.93
CMA HEC M . -4.15 19.40 38.75
CAA HEC M . -2.11 19.08 36.38
CBA HEC M . -1.56 17.65 36.42
CGA HEC M . -2.37 16.79 37.37
O1A HEC M . -3.52 16.41 37.01
O2A HEC M . -1.84 16.46 38.47
NB HEC M . -0.50 21.49 42.35
C1B HEC M . -1.81 21.04 42.29
C2B HEC M . -2.34 21.13 43.64
C3B HEC M . -1.37 21.60 44.45
C4B HEC M . -0.18 21.86 43.65
CMB HEC M . -3.77 20.74 44.05
CAB HEC M . -1.52 21.84 45.98
CBB HEC M . -1.21 20.85 46.81
NC HEC M . 2.30 22.28 41.93
C1C HEC M . 2.15 22.66 43.25
C2C HEC M . 3.34 23.43 43.59
C3C HEC M . 4.11 23.54 42.50
C4C HEC M . 3.49 22.80 41.43
CMC HEC M . 3.58 24.06 44.98
CAC HEC M . 5.49 24.26 42.38
CBC HEC M . 6.41 24.14 43.33
ND HEC M . 2.06 21.42 39.08
C1D HEC M . 3.37 21.89 39.12
C2D HEC M . 3.99 21.47 37.88
C3D HEC M . 3.12 20.76 37.16
C4D HEC M . 1.88 20.71 37.91
CMD HEC M . 5.46 21.82 37.51
CAD HEC M . 3.33 20.09 35.78
CBD HEC M . 4.15 18.80 35.92
CGD HEC M . 3.27 17.68 36.42
O1D HEC M . 2.02 17.77 36.33
O2D HEC M . 3.79 16.66 36.91
FE HEC N . 9.64 34.97 27.65
CHA HEC N . 12.65 34.93 25.95
CHB HEC N . 8.76 37.83 25.96
CHC HEC N . 6.58 34.70 28.95
CHD HEC N . 10.81 32.45 29.69
NA HEC N . 10.53 36.13 26.16
C1A HEC N . 11.84 36.02 25.73
C2A HEC N . 12.18 37.24 25.02
C3A HEC N . 11.09 38.02 25.01
C4A HEC N . 10.04 37.35 25.73
CMA HEC N . 10.99 39.42 24.36
CAA HEC N . 13.56 37.53 24.38
CBA HEC N . 13.45 37.32 22.87
CGA HEC N . 13.39 35.84 22.60
O1A HEC N . 12.29 35.36 22.26
O2A HEC N . 14.42 35.13 22.72
NB HEC N . 7.97 36.10 27.50
C1B HEC N . 7.80 37.23 26.74
C2B HEC N . 6.42 37.64 26.88
C3B HEC N . 5.84 36.81 27.75
C4B HEC N . 6.78 35.79 28.11
CMB HEC N . 5.81 38.90 26.18
CAB HEC N . 4.36 36.76 28.17
CBB HEC N . 3.47 36.74 27.16
NC HEC N . 8.84 33.74 29.03
C1C HEC N . 7.56 33.88 29.49
C2C HEC N . 7.43 33.04 30.66
C3C HEC N . 8.62 32.44 30.89
C4C HEC N . 9.52 32.87 29.85
CMC HEC N . 6.12 32.92 31.48
CAC HEC N . 9.06 31.41 31.99
CBC HEC N . 8.31 30.38 32.37
ND HEC N . 11.40 33.85 27.78
C1D HEC N . 11.68 32.89 28.72
C2D HEC N . 13.06 32.45 28.50
C3D HEC N . 13.54 33.12 27.46
C4D HEC N . 12.53 34.03 26.99
CMD HEC N . 13.84 31.38 29.30
CAD HEC N . 14.98 32.97 26.91
CBD HEC N . 15.76 34.14 27.45
CGD HEC N . 17.20 34.02 27.04
O1D HEC N . 17.54 32.97 26.43
O2D HEC N . 17.98 34.95 27.38
FE HEC O . 5.86 24.26 33.05
CHA HEC O . 3.43 21.94 32.24
CHB HEC O . 7.92 22.95 30.63
CHC HEC O . 7.94 26.86 33.49
CHD HEC O . 4.17 25.05 35.90
NA HEC O . 5.69 22.74 31.70
C1A HEC O . 4.62 21.88 31.53
C2A HEC O . 4.91 21.00 30.37
C3A HEC O . 6.17 21.27 29.98
C4A HEC O . 6.67 22.38 30.77
CMA HEC O . 7.01 20.60 28.86
CAA HEC O . 4.04 19.80 29.91
CBA HEC O . 2.84 19.57 28.99
CGA HEC O . 2.84 20.26 27.69
O1A HEC O . 3.44 21.34 27.63
O2A HEC O . 2.21 19.69 26.76
NB HEC O . 7.57 24.81 32.14
C1B HEC O . 8.33 24.08 31.28
C2B HEC O . 9.63 24.70 31.16
C3B HEC O . 9.59 25.78 31.95
C4B HEC O . 8.32 25.87 32.61
CMB HEC O . 10.79 24.21 30.27
CAB HEC O . 10.69 26.87 32.23
CBB HEC O . 11.33 27.38 31.20
NC HEC O . 6.04 25.68 34.47
C1C HEC O . 6.97 26.71 34.44
C2C HEC O . 6.71 27.57 35.57
C3C HEC O . 5.68 27.05 36.25
C4C HEC O . 5.22 25.87 35.55
CMC HEC O . 7.57 28.84 35.88
CAC HEC O . 5.00 27.58 37.51
CBC HEC O . 4.58 28.86 37.55
ND HEC O . 4.12 23.59 33.93
C1D HEC O . 3.57 24.10 35.09
C2D HEC O . 2.30 23.46 35.29
C3D HEC O . 2.09 22.61 34.27
C4D HEC O . 3.25 22.67 33.39
CMD HEC O . 1.33 23.73 36.47
CAD HEC O . 0.86 21.72 34.05
CBD HEC O . -0.21 22.59 33.38
CGD HEC O . -1.48 21.79 33.20
O1D HEC O . -1.43 20.54 33.22
O2D HEC O . -2.55 22.44 32.99
FE HEC P . 12.43 18.20 29.63
CHA HEC P . 9.99 15.96 29.12
CHB HEC P . 10.46 19.98 31.87
CHC HEC P . 15.16 19.87 30.74
CHD HEC P . 14.24 17.05 26.97
NA HEC P . 10.57 17.97 30.40
C1A HEC P . 9.67 17.02 29.96
C2A HEC P . 8.38 17.33 30.55
C3A HEC P . 8.51 18.42 31.30
C4A HEC P . 9.90 18.87 31.23
CMA HEC P . 7.43 19.13 32.15
CAA HEC P . 7.07 16.56 30.31
CBA HEC P . 6.65 16.89 28.87
CGA HEC P . 5.21 16.58 28.52
O1A HEC P . 4.83 16.64 27.31
O2A HEC P . 4.43 16.22 29.44
NB HEC P . 12.70 19.71 31.02
C1B HEC P . 11.80 20.24 31.90
C2B HEC P . 12.49 21.11 32.83
C3B HEC P . 13.79 21.07 32.52
C4B HEC P . 13.97 20.20 31.37
CMB HEC P . 11.80 21.91 33.95
CAB HEC P . 14.99 21.83 33.25
CBB HEC P . 15.05 21.86 34.59
NC HEC P . 14.38 18.36 28.98
C1C HEC P . 15.31 19.21 29.55
C2C HEC P . 16.43 19.29 28.64
C3C HEC P . 16.16 18.55 27.55
C4C HEC P . 14.88 17.93 27.78
CMC HEC P . 17.67 20.18 28.87
CAC HEC P . 17.03 18.26 26.28
CBC HEC P . 18.35 18.16 26.39
ND HEC P . 12.16 16.79 28.28
C1D HEC P . 13.07 16.41 27.29
C2D HEC P . 12.52 15.23 26.63
C3D HEC P . 11.35 14.93 27.23
C4D HEC P . 11.10 15.90 28.28
CMD HEC P . 13.17 14.47 25.45
CAD HEC P . 10.45 13.75 26.83
CBD HEC P . 9.22 14.23 26.08
CGD HEC P . 8.45 13.02 25.60
O1D HEC P . 8.74 11.88 26.08
O2D HEC P . 7.53 13.17 24.75
FE HEC Q . 21.95 16.35 23.38
CHA HEC Q . 24.25 14.19 24.65
CHB HEC Q . 20.08 13.65 22.24
CHC HEC Q . 19.29 18.35 23.15
CHD HEC Q . 24.08 18.94 23.52
NA HEC Q . 22.15 14.26 23.35
C1A HEC Q . 23.13 13.60 24.06
C2A HEC Q . 22.74 12.19 24.07
C3A HEC Q . 21.62 12.03 23.41
C4A HEC Q . 21.20 13.33 22.95
CMA HEC Q . 20.96 10.66 23.26
CAA HEC Q . 23.45 11.02 24.74
CBA HEC Q . 23.54 11.34 26.23
CGA HEC Q . 22.52 10.66 27.11
O1A HEC Q . 22.86 9.63 27.74
O2A HEC Q . 21.38 11.19 27.18
NB HEC Q . 20.02 16.04 22.77
C1B HEC Q . 19.42 14.85 22.40
C2B HEC Q . 18.02 15.12 22.19
C3B HEC Q . 17.81 16.43 22.41
C4B HEC Q . 19.06 17.04 22.81
CMB HEC Q . 17.01 14.05 21.73
CAB HEC Q . 16.45 17.18 22.38
CBB HEC Q . 15.46 16.59 23.06
NC HEC Q . 21.72 18.33 23.37
C1C HEC Q . 20.52 18.98 23.19
C2C HEC Q . 20.81 20.41 23.08
C3C HEC Q . 22.15 20.58 23.13
C4C HEC Q . 22.74 19.27 23.35
CMC HEC Q . 19.72 21.50 22.85
CAC HEC Q . 22.95 21.91 23.08
CBC HEC Q . 22.50 23.03 23.72
ND HEC Q . 23.85 16.53 24.00
C1D HEC Q . 24.57 17.71 23.97
C2D HEC Q . 25.91 17.41 24.47
C3D HEC Q . 25.96 16.10 24.80
C4D HEC Q . 24.65 15.51 24.50
CMD HEC Q . 27.07 18.42 24.60
CAD HEC Q . 27.22 15.36 25.35
CBD HEC Q . 27.73 14.49 24.22
CGD HEC Q . 28.35 15.39 23.16
O1D HEC Q . 29.24 16.21 23.53
O2D HEC Q . 27.96 15.29 21.96
S SO4 R . 1.38 18.47 42.00
O1 SO4 R . -0.05 18.56 42.30
O2 SO4 R . 2.04 19.06 43.15
O3 SO4 R . 1.74 19.18 40.78
O4 SO4 R . 1.78 17.07 41.78
FE HEC S . -31.28 45.87 -28.49
CHA HEC S . -30.78 44.70 -31.69
CHB HEC S . -34.61 45.36 -28.81
CHC HEC S . -31.66 46.32 -25.08
CHD HEC S . -28.03 46.83 -28.29
NA HEC S . -32.48 45.12 -29.98
C1A HEC S . -32.09 44.77 -31.26
C2A HEC S . -33.29 44.52 -32.04
C3A HEC S . -34.34 44.71 -31.23
C4A HEC S . -33.85 45.10 -29.93
CMA HEC S . -35.83 44.57 -31.60
CAA HEC S . -33.32 44.12 -33.52
CBA HEC S . -33.04 42.62 -33.70
CGA HEC S . -34.22 41.84 -33.14
O1A HEC S . -35.35 41.87 -33.73
O2A HEC S . -34.01 41.18 -32.09
NB HEC S . -32.85 45.86 -27.17
C1B HEC S . -34.15 45.57 -27.53
C2B HEC S . -34.95 45.62 -26.33
C3B HEC S . -34.13 45.86 -25.30
C4B HEC S . -32.79 46.05 -25.81
CMB HEC S . -36.46 45.35 -26.28
CAB HEC S . -34.60 45.98 -23.82
CBB HEC S . -34.64 44.88 -23.05
NC HEC S . -30.05 46.43 -26.95
C1C HEC S . -30.42 46.63 -25.63
C2C HEC S . -29.29 47.20 -24.95
C3C HEC S . -28.29 47.38 -25.84
C4C HEC S . -28.74 46.86 -27.11
CMC HEC S . -29.32 47.59 -23.46
CAC HEC S . -26.86 47.93 -25.61
CBC HEC S . -26.13 47.59 -24.54
ND HEC S . -29.72 45.81 -29.78
C1D HEC S . -28.43 46.20 -29.45
C2D HEC S . -27.57 45.84 -30.57
C3D HEC S . -28.33 45.24 -31.52
C4D HEC S . -29.69 45.22 -31.03
CMD HEC S . -26.05 46.14 -30.55
CAD HEC S . -27.96 44.64 -32.90
CBD HEC S . -27.28 43.28 -32.77
CGD HEC S . -28.23 42.13 -32.46
O1D HEC S . -29.48 42.22 -32.65
O2D HEC S . -27.73 41.07 -31.99
FE HEC T . -18.54 59.37 -37.87
CHA HEC T . -15.21 59.22 -38.89
CHB HEC T . -18.79 62.41 -39.47
CHC HEC T . -21.90 59.36 -37.32
CHD HEC T . -18.09 56.72 -35.90
NA HEC T . -17.27 60.54 -39.05
C1A HEC T . -15.91 60.37 -39.17
C2A HEC T . -15.33 61.61 -39.65
C3A HEC T . -16.32 62.49 -39.80
C4A HEC T . -17.55 61.83 -39.43
CMA HEC T . -16.21 63.95 -40.28
CAA HEC T . -13.82 61.81 -39.89
CBA HEC T . -13.52 61.69 -41.38
CGA HEC T . -13.61 60.22 -41.80
O1A HEC T . -14.54 59.85 -42.56
O2A HEC T . -12.72 59.42 -41.39
NB HEC T . -20.05 60.67 -38.27
C1B HEC T . -19.95 61.82 -39.02
C2B HEC T . -21.28 62.34 -39.27
C3B HEC T . -22.15 61.52 -38.64
C4B HEC T . -21.40 60.44 -38.03
CMB HEC T . -21.57 63.64 -40.06
CAB HEC T . -23.68 61.62 -38.67
CBB HEC T . -24.26 61.75 -39.89
NC HEC T . -19.76 58.24 -36.85
C1C HEC T . -21.12 58.44 -36.67
C2C HEC T . -21.58 57.47 -35.69
C3C HEC T . -20.53 56.76 -35.26
C4C HEC T . -19.37 57.21 -36.01
CMC HEC T . -23.04 57.38 -35.22
CAC HEC T . -20.51 55.60 -34.25
CBC HEC T . -21.44 54.63 -34.35
ND HEC T . -16.95 58.23 -37.47
C1D HEC T . -16.98 57.13 -36.64
C2D HEC T . -15.68 56.49 -36.68
C3D HEC T . -14.90 57.19 -37.51
C4D HEC T . -15.68 58.29 -38.02
CMD HEC T . -15.24 55.23 -35.92
CAD HEC T . -13.43 56.91 -37.87
CBD HEC T . -12.58 57.82 -36.98
CGD HEC T . -11.11 57.57 -37.21
O1D HEC T . -10.78 56.72 -38.05
O2D HEC T . -10.29 58.24 -36.55
FE HEC U . -24.39 48.68 -34.56
CHA HEC U . -26.79 46.93 -36.35
CHB HEC U . -21.98 47.28 -36.40
CHC HEC U . -22.21 51.13 -33.42
CHD HEC U . -26.54 49.39 -32.13
NA HEC U . -24.41 47.31 -36.09
C1A HEC U . -25.49 46.74 -36.73
C2A HEC U . -24.97 45.94 -37.84
C3A HEC U . -23.62 46.05 -37.85
C4A HEC U . -23.24 46.91 -36.74
CMA HEC U . -22.63 45.40 -38.84
CAA HEC U . -25.83 45.16 -38.84
CBA HEC U . -26.07 46.11 -40.02
CGA HEC U . -26.74 45.35 -41.12
O1A HEC U . -26.75 45.83 -42.28
O2A HEC U . -27.26 44.24 -40.84
NB HEC U . -22.46 49.15 -34.88
C1B HEC U . -21.61 48.38 -35.66
C2B HEC U . -20.28 48.92 -35.53
C3B HEC U . -20.31 49.97 -34.67
C4B HEC U . -21.71 50.15 -34.28
CMB HEC U . -19.05 48.29 -36.23
CAB HEC U . -19.17 50.90 -34.24
CBB HEC U . -18.32 51.40 -35.15
NC HEC U . -24.36 50.04 -33.02
C1C HEC U . -23.39 50.99 -32.73
C2C HEC U . -23.87 51.76 -31.60
C3C HEC U . -25.05 51.25 -31.21
C4C HEC U . -25.40 50.17 -32.13
CMC HEC U . -23.08 52.91 -30.94
CAC HEC U . -25.97 51.75 -30.05
CBC HEC U . -26.34 53.03 -29.99
ND HEC U . -26.33 48.24 -34.30
C1D HEC U . -27.04 48.63 -33.19
C2D HEC U . -28.38 48.10 -33.33
C3D HEC U . -28.45 47.44 -34.49
C4D HEC U . -27.15 47.50 -35.12
CMD HEC U . -29.51 48.30 -32.33
CAD HEC U . -29.68 46.69 -35.08
CBD HEC U . -30.55 47.71 -35.80
CGD HEC U . -31.80 47.10 -36.38
O1D HEC U . -31.86 45.85 -36.64
O2D HEC U . -32.74 47.90 -36.62
FE HEC V . -17.77 42.30 -37.33
CHA HEC V . -20.30 40.42 -38.68
CHB HEC V . -20.02 43.95 -35.34
CHC HEC V . -15.23 43.47 -35.49
CHD HEC V . -15.66 41.29 -39.81
NA HEC V . -19.77 42.15 -37.02
C1A HEC V . -20.67 41.39 -37.76
C2A HEC V . -22.02 41.78 -37.38
C3A HEC V . -21.92 42.76 -36.47
C4A HEC V . -20.51 43.01 -36.23
CMA HEC V . -23.05 43.52 -35.74
CAA HEC V . -23.31 41.19 -37.99
CBA HEC V . -23.40 41.74 -39.43
CGA HEC V . -24.78 41.56 -40.02
O1A HEC V . -24.99 41.91 -41.23
O2A HEC V . -25.68 41.10 -39.28
NB HEC V . -17.65 43.51 -35.71
C1B HEC V . -18.70 44.08 -35.01
C2B HEC V . -18.16 44.78 -33.86
C3B HEC V . -16.83 44.68 -33.92
C4B HEC V . -16.49 43.85 -35.06
CMB HEC V . -19.02 45.55 -32.84
CAB HEC V . -15.81 45.21 -32.90
CBB HEC V . -16.06 45.10 -31.59
NC HEC V . -15.80 42.33 -37.59
C1C HEC V . -14.92 42.98 -36.73
C2C HEC V . -13.63 43.00 -37.37
C3C HEC V . -13.75 42.45 -38.59
C4C HEC V . -15.11 41.97 -38.73
CMC HEC V . -12.38 43.66 -36.76
CAC HEC V . -12.64 42.20 -39.65
CBC HEC V . -11.40 41.84 -39.29
ND HEC V . -17.97 41.11 -39.00
C1D HEC V . -16.93 40.73 -39.82
C2D HEC V . -17.41 39.64 -40.65
C3D HEC V . -18.69 39.40 -40.33
C4D HEC V . -19.07 40.32 -39.29
CMD HEC V . -16.60 38.90 -41.73
CAD HEC V . -19.60 38.33 -40.97
CBD HEC V . -20.63 38.99 -41.89
CGD HEC V . -21.44 38.00 -42.68
O1D HEC V . -21.39 36.75 -42.41
O2D HEC V . -22.14 38.48 -43.60
FE HEC W . -7.56 39.98 -41.63
CHA HEC W . -5.82 37.44 -40.28
CHB HEC W . -9.39 37.72 -43.52
CHC HEC W . -9.76 42.37 -42.28
CHD HEC W . -5.07 42.23 -40.98
NA HEC W . -7.57 37.92 -41.91
C1A HEC W . -6.85 37.06 -41.14
C2A HEC W . -7.37 35.73 -41.38
C3A HEC W . -8.34 35.81 -42.28
C4A HEC W . -8.50 37.20 -42.64
CMA HEC W . -9.18 34.62 -42.83
CAA HEC W . -6.91 34.42 -40.73
CBA HEC W . -7.09 34.58 -39.22
CGA HEC W . -8.37 34.01 -38.68
O1A HEC W . -8.28 33.29 -37.65
O2A HEC W . -9.44 34.25 -39.29
NB HEC W . -9.26 40.04 -42.78
C1B HEC W . -9.92 38.98 -43.37
C2B HEC W . -11.24 39.44 -43.77
C3B HEC W . -11.33 40.75 -43.48
C4B HEC W . -10.10 41.13 -42.79
CMB HEC W . -12.27 38.54 -44.50
CAB HEC W . -12.53 41.69 -43.62
CBB HEC W . -13.69 41.24 -43.13
NC HEC W . -7.41 41.96 -41.62
C1C HEC W . -8.48 42.76 -41.93
C2C HEC W . -8.02 44.13 -41.84
C3C HEC W . -6.71 44.12 -41.50
C4C HEC W . -6.31 42.74 -41.34
CMC HEC W . -8.98 45.32 -42.13
CAC HEC W . -5.78 45.34 -41.27
CBC HEC W . -6.28 46.44 -40.67
ND HEC W . -5.75 39.85 -40.82
C1D HEC W . -4.89 40.91 -40.57
C2D HEC W . -3.78 40.38 -39.82
C3D HEC W . -3.97 39.06 -39.62
C4D HEC W . -5.23 38.70 -40.25
CMD HEC W . -2.57 41.21 -39.34
CAD HEC W . -3.03 38.09 -38.86
CBD HEC W . -2.34 37.25 -39.93
CGD HEC W . -1.31 38.12 -40.60
O1D HEC W . -0.44 38.65 -39.88
O2D HEC W . -1.32 38.26 -41.86
S SO4 X . -31.12 42.69 -27.63
O1 SO4 X . -30.29 43.76 -28.16
O2 SO4 X . -31.08 42.82 -26.18
O3 SO4 X . -32.51 42.81 -27.98
O4 SO4 X . -30.61 41.38 -28.08
FE HEC Y . 6.15 5.75 -37.65
CHA HEC Y . 7.16 8.45 -35.74
CHB HEC Y . 7.61 3.64 -35.25
CHC HEC Y . 4.70 3.14 -39.11
CHD HEC Y . 5.57 7.73 -40.27
NA HEC Y . 7.20 5.99 -35.84
C1A HEC Y . 7.51 7.20 -35.26
C2A HEC Y . 8.26 6.93 -34.05
C3A HEC Y . 8.38 5.60 -33.92
C4A HEC Y . 7.72 4.99 -35.04
CMA HEC Y . 9.09 4.80 -32.80
CAA HEC Y . 8.80 8.05 -33.10
CBA HEC Y . 7.62 8.54 -32.26
CGA HEC Y . 7.17 7.46 -31.30
O1A HEC Y . 7.92 7.22 -30.30
O2A HEC Y . 6.07 6.86 -31.51
NB HEC Y . 6.23 3.74 -37.28
C1B HEC Y . 6.73 3.09 -36.16
C2B HEC Y . 6.19 1.76 -36.13
C3B HEC Y . 5.38 1.59 -37.19
C4B HEC Y . 5.39 2.85 -37.93
CMB HEC Y . 6.50 0.68 -35.07
CAB HEC Y . 4.61 0.30 -37.58
CBB HEC Y . 3.38 0.00 -37.16
NC HEC Y . 5.29 5.50 -39.37
C1C HEC Y . 4.76 4.32 -39.82
C2C HEC Y . 4.24 4.53 -41.16
C3C HEC Y . 4.50 5.81 -41.51
C4C HEC Y . 5.15 6.44 -40.37
CMC HEC Y . 3.58 3.42 -41.98
CAC HEC Y . 4.14 6.56 -42.83
CBC HEC Y . 2.94 6.41 -43.42
ND HEC Y . 6.40 7.71 -37.95
C1D HEC Y . 5.97 8.34 -39.09
C2D HEC Y . 5.98 9.77 -38.84
C3D HEC Y . 6.40 9.98 -37.58
C4D HEC Y . 6.67 8.68 -37.01
CMD HEC Y . 5.54 10.82 -39.89
CAD HEC Y . 6.59 11.34 -36.85
CBD HEC Y . 5.25 11.90 -36.38
CGD HEC Y . 4.75 11.27 -35.10
O1D HEC Y . 5.57 10.65 -34.35
O2D HEC Y . 3.53 11.39 -34.82
FE HEC Z . 16.36 18.79 -50.41
CHA HEC Z . 15.55 21.78 -51.83
CHB HEC Z . 19.50 19.00 -51.67
CHC HEC Z . 17.27 15.94 -48.68
CHD HEC Z . 13.07 18.25 -49.56
NA HEC Z . 17.34 20.18 -51.49
C1A HEC Z . 16.79 21.27 -52.10
C2A HEC Z . 17.75 21.81 -53.04
C3A HEC Z . 18.84 21.05 -52.99
C4A HEC Z . 18.60 20.00 -52.02
CMA HEC Z . 20.14 21.20 -53.81
CAA HEC Z . 17.49 23.04 -53.93
CBA HEC Z . 18.18 24.30 -53.44
CGA HEC Z . 17.45 24.76 -52.22
O1A HEC Z . 18.06 24.64 -51.12
O2A HEC Z . 16.29 25.25 -52.36
NB HEC Z . 18.07 17.64 -50.24
C1B HEC Z . 19.28 17.97 -50.80
C2B HEC Z . 20.28 17.04 -50.32
C3B HEC Z . 19.66 16.16 -49.51
C4B HEC Z . 18.27 16.54 -49.43
CMB HEC Z . 21.76 17.06 -50.74
CAB HEC Z . 20.29 14.97 -48.71
CBB HEC Z . 21.41 15.18 -48.00
NC HEC Z . 15.36 17.38 -49.29
C1C HEC Z . 15.93 16.24 -48.74
C2C HEC Z . 14.86 15.41 -48.24
C3C HEC Z . 13.68 16.03 -48.52
C4C HEC Z . 13.98 17.30 -49.16
CMC HEC Z . 15.13 14.06 -47.56
CAC HEC Z . 12.23 15.56 -48.17
CBC HEC Z . 11.94 15.13 -46.93
ND HEC Z . 14.64 19.82 -50.66
C1D HEC Z . 13.38 19.45 -50.20
C2D HEC Z . 12.47 20.53 -50.56
C3D HEC Z . 13.18 21.50 -51.16
C4D HEC Z . 14.54 21.07 -51.26
CMD HEC Z . 10.95 20.59 -50.28
CAD HEC Z . 12.64 22.82 -51.72
CBD HEC Z . 12.51 22.61 -53.22
CGD HEC Z . 11.89 23.82 -53.85
O1D HEC Z . 11.55 24.79 -53.11
O2D HEC Z . 11.72 23.79 -55.10
FE HEC AA . 9.24 14.37 -40.97
CHA HEC AA . 9.85 14.06 -37.53
CHB HEC AA . 8.53 17.59 -40.55
CHC HEC AA . 9.34 14.65 -44.31
CHD HEC AA . 9.28 10.96 -41.25
NA HEC AA . 9.16 15.59 -39.32
C1A HEC AA . 9.54 15.32 -38.02
C2A HEC AA . 9.57 16.59 -37.31
C3A HEC AA . 9.20 17.55 -38.15
C4A HEC AA . 8.94 16.94 -39.43
CMA HEC AA . 9.07 19.06 -37.86
CAA HEC AA . 9.95 16.72 -35.83
CBA HEC AA . 11.45 16.89 -35.72
CGA HEC AA . 11.79 17.78 -34.58
O1A HEC AA . 11.39 17.45 -33.43
O2A HEC AA . 12.47 18.80 -34.83
NB HEC AA . 9.06 15.83 -42.18
C1B HEC AA . 8.64 17.10 -41.81
C2B HEC AA . 8.33 17.86 -42.99
C3B HEC AA . 8.55 17.04 -44.05
C4B HEC AA . 9.01 15.75 -43.56
CMB HEC AA . 7.83 19.32 -42.99
CAB HEC AA . 8.38 17.37 -45.56
CBB HEC AA . 8.84 18.52 -46.00
NC HEC AA . 9.30 13.01 -42.53
C1C HEC AA . 9.34 13.34 -43.86
C2C HEC AA . 9.34 12.12 -44.64
C3C HEC AA . 9.29 11.08 -43.77
C4C HEC AA . 9.30 11.65 -42.44
CMC HEC AA . 9.36 12.08 -46.18
CAC HEC AA . 9.29 9.54 -44.05
CBC HEC AA . 10.20 8.98 -44.81
ND HEC AA . 9.50 12.82 -39.64
C1D HEC AA . 9.48 11.48 -40.00
C2D HEC AA . 9.72 10.69 -38.81
C3D HEC AA . 9.87 11.53 -37.79
C4D HEC AA . 9.75 12.90 -38.27
CMD HEC AA . 9.77 9.15 -38.77
CAD HEC AA . 10.16 11.13 -36.34
CBD HEC AA . 11.66 10.98 -36.21
CGD HEC AA . 11.98 10.51 -34.81
O1D HEC AA . 11.10 10.59 -33.91
O2D HEC AA . 13.12 10.02 -34.63
FE HEC BA . 3.91 21.91 -39.32
CHA HEC BA . 4.27 21.36 -35.92
CHB HEC BA . 4.60 18.71 -39.97
CHC HEC BA . 2.81 22.46 -42.56
CHD HEC BA . 3.52 25.26 -38.66
NA HEC BA . 4.28 20.29 -38.14
C1A HEC BA . 4.57 20.33 -36.78
C2A HEC BA . 5.20 19.07 -36.42
C3A HEC BA . 5.30 18.33 -37.53
C4A HEC BA . 4.70 19.08 -38.65
CMA HEC BA . 5.92 16.92 -37.55
CAA HEC BA . 5.70 18.69 -35.01
CBA HEC BA . 6.95 19.51 -34.68
CGA HEC BA . 7.71 18.96 -33.51
O1A HEC BA . 8.68 19.65 -33.09
O2A HEC BA . 7.37 17.86 -32.98
NB HEC BA . 3.77 20.82 -40.98
C1B HEC BA . 4.07 19.48 -40.99
C2B HEC BA . 3.62 18.96 -42.27
C3B HEC BA . 3.18 19.99 -43.02
C4B HEC BA . 3.19 21.18 -42.18
CMB HEC BA . 3.82 17.48 -42.68
CAB HEC BA . 2.53 19.97 -44.39
CBB HEC BA . 1.63 19.01 -44.69
NC HEC BA . 3.29 23.54 -40.41
C1C HEC BA . 2.91 23.56 -41.75
C2C HEC BA . 2.62 24.95 -42.10
C3C HEC BA . 2.81 25.70 -41.00
C4C HEC BA . 3.24 24.84 -39.94
CMC HEC BA . 2.16 25.39 -43.50
CAC HEC BA . 2.60 27.23 -40.79
CBC HEC BA . 1.71 27.95 -41.50
ND HEC BA . 3.93 23.08 -37.61
C1D HEC BA . 3.68 24.44 -37.58
C2D HEC BA . 3.63 24.86 -36.19
C3D HEC BA . 3.84 23.79 -35.42
C4D HEC BA . 4.02 22.66 -36.30
CMD HEC BA . 3.40 26.31 -35.73
CAD HEC BA . 3.87 23.77 -33.88
CBD HEC BA . 5.31 23.58 -33.39
CGD HEC BA . 5.41 23.66 -31.88
O1D HEC BA . 4.37 23.65 -31.17
O2D HEC BA . 6.56 23.71 -31.40
FE HEC CA . 0.84 32.71 -41.71
CHA HEC CA . -2.46 33.46 -41.58
CHB HEC CA . 1.01 32.71 -38.29
CHC HEC CA . 3.81 31.10 -41.85
CHD HEC CA . 0.93 33.46 -44.98
NA HEC CA . -0.46 33.06 -40.21
C1A HEC CA . -1.80 33.30 -40.37
C2A HEC CA . -2.38 33.38 -39.04
C3A HEC CA . -1.43 33.17 -38.13
C4A HEC CA . -0.21 32.97 -38.85
CMA HEC CA . -1.64 33.17 -36.61
CAA HEC CA . -3.86 33.59 -38.73
CBA HEC CA . -4.53 32.38 -39.35
CGA HEC CA . -4.78 31.33 -38.34
O1A HEC CA . -5.49 30.34 -38.66
O2A HEC CA . -4.29 31.49 -37.20
NB HEC CA . 2.15 32.04 -40.31
C1B HEC CA . 2.03 32.08 -38.94
C2B HEC CA . 3.16 31.37 -38.35
C3B HEC CA . 3.93 30.95 -39.36
C4B HEC CA . 3.31 31.36 -40.60
CMB HEC CA . 3.43 31.18 -36.85
CAB HEC CA . 5.23 30.11 -39.26
CBB HEC CA . 5.22 29.04 -38.47
NC HEC CA . 2.13 32.36 -43.13
C1C HEC CA . 3.29 31.60 -43.02
C2C HEC CA . 3.86 31.49 -44.35
C3C HEC CA . 3.02 32.10 -45.20
C4C HEC CA . 1.95 32.70 -44.45
CMC HEC CA . 5.16 30.70 -44.66
CAC HEC CA . 3.12 32.26 -46.74
CBC HEC CA . 3.81 31.40 -47.47
ND HEC CA . -0.51 33.39 -43.05
C1D HEC CA . -0.28 33.63 -44.38
C2D HEC CA . -1.52 34.02 -44.99
C3D HEC CA . -2.47 33.98 -44.06
C4D HEC CA . -1.85 33.60 -42.81
CMD HEC CA . -1.71 34.37 -46.48
CAD HEC CA . -3.96 34.36 -44.32
CBD HEC CA . -4.22 35.72 -43.67
CGD HEC CA . -3.48 36.75 -44.49
O1D HEC CA . -3.67 36.82 -45.74
O2D HEC CA . -2.72 37.52 -43.87
S SO4 DA . 3.41 5.68 -35.86
O1 SO4 DA . 4.46 6.69 -35.97
O2 SO4 DA . 2.31 6.34 -35.13
O3 SO4 DA . 3.90 4.50 -35.14
O4 SO4 DA . 3.01 5.22 -37.18
FE HEC EA . 10.46 -35.20 -22.74
CHA HEC EA . 9.97 -31.72 -22.33
CHB HEC EA . 13.84 -34.65 -22.45
CHC HEC EA . 10.97 -38.54 -22.55
CHD HEC EA . 7.18 -35.60 -23.37
NA HEC EA . 11.67 -33.49 -22.44
C1A HEC EA . 11.28 -32.17 -22.31
C2A HEC EA . 12.47 -31.37 -22.19
C3A HEC EA . 13.53 -32.19 -22.21
C4A HEC EA . 13.05 -33.54 -22.37
CMA HEC EA . 15.01 -31.80 -22.09
CAA HEC EA . 12.53 -29.84 -21.99
CBA HEC EA . 12.21 -29.61 -20.51
CGA HEC EA . 13.43 -29.95 -19.69
O1A HEC EA . 14.44 -29.19 -19.77
O2A HEC EA . 13.39 -30.98 -18.98
NB HEC EA . 12.12 -36.38 -22.55
C1B HEC EA . 13.42 -35.96 -22.39
C2B HEC EA . 14.26 -37.12 -22.18
C3B HEC EA . 13.47 -38.19 -22.20
C4B HEC EA . 12.10 -37.77 -22.44
CMB HEC EA . 15.79 -37.10 -21.96
CAB HEC EA . 13.96 -39.64 -22.02
CBB HEC EA . 13.37 -40.40 -21.10
NC HEC EA . 9.25 -36.80 -22.88
C1C HEC EA . 9.69 -38.11 -22.89
C2C HEC EA . 8.55 -38.93 -23.28
C3C HEC EA . 7.50 -38.12 -23.55
C4C HEC EA . 7.93 -36.77 -23.26
CMC HEC EA . 8.64 -40.47 -23.44
CAC HEC EA . 6.07 -38.52 -24.00
CBC HEC EA . 5.42 -39.56 -23.46
ND HEC EA . 8.89 -33.88 -22.86
C1D HEC EA . 7.59 -34.30 -23.06
C2D HEC EA . 6.74 -33.14 -22.87
C3D HEC EA . 7.50 -32.08 -22.58
C4D HEC EA . 8.88 -32.52 -22.57
CMD HEC EA . 5.20 -33.17 -23.00
CAD HEC EA . 7.05 -30.62 -22.32
CBD HEC EA . 6.41 -30.49 -20.93
CGD HEC EA . 7.46 -30.43 -19.86
O1D HEC EA . 8.59 -29.96 -20.17
O2D HEC EA . 7.15 -30.83 -18.69
FE HEC FA . -2.85 -28.50 -37.37
CHA HEC FA . -6.31 -27.69 -37.27
CHB HEC FA . -2.74 -27.66 -40.58
CHC HEC FA . 0.55 -29.01 -37.31
CHD HEC FA . -3.18 -29.89 -34.29
NA HEC FA . -4.26 -27.78 -38.63
C1A HEC FA . -5.62 -27.60 -38.47
C2A HEC FA . -6.20 -27.26 -39.74
C3A HEC FA . -5.21 -27.27 -40.65
C4A HEC FA . -3.97 -27.58 -39.97
CMA HEC FA . -5.33 -26.98 -42.16
CAA HEC FA . -7.70 -27.00 -39.99
CBA HEC FA . -8.05 -25.52 -40.06
CGA HEC FA . -7.81 -24.83 -38.72
O1A HEC FA . -7.01 -23.88 -38.63
O2A HEC FA . -8.48 -25.22 -37.71
NB HEC FA . -1.35 -28.41 -38.73
C1B HEC FA . -1.53 -27.94 -40.00
C2B HEC FA . -0.23 -27.78 -40.62
C3B HEC FA . 0.70 -28.17 -39.71
C4B HEC FA . 0.00 -28.56 -38.50
CMB HEC FA . 0.00 -27.29 -42.07
CAB HEC FA . 2.24 -28.20 -39.89
CBB HEC FA . 2.90 -27.07 -40.19
NC HEC FA . -1.54 -29.22 -36.00
C1C HEC FA . -0.20 -29.49 -36.24
C2C HEC FA . 0.29 -30.34 -35.16
C3C HEC FA . -0.76 -30.61 -34.36
C4C HEC FA . -1.92 -29.88 -34.86
CMC HEC FA . 1.72 -30.89 -35.01
CAC HEC FA . -0.77 -31.44 -33.06
CBC HEC FA . 0.05 -31.04 -32.09
ND HEC FA . -4.49 -28.75 -36.05
C1D HEC FA . -4.34 -29.33 -34.80
C2D HEC FA . -5.62 -29.23 -34.13
C3D HEC FA . -6.49 -28.63 -34.95
C4D HEC FA . -5.79 -28.31 -36.18
CMD HEC FA . -5.93 -29.77 -32.72
CAD HEC FA . -7.97 -28.34 -34.66
CBD HEC FA . -8.79 -29.49 -35.21
CGD HEC FA . -10.24 -29.14 -35.08
O1D HEC FA . -10.55 -28.11 -34.43
O2D HEC FA . -11.09 -29.87 -35.67
FE HEC GA . 3.32 -29.70 -26.50
CHA HEC GA . 5.73 -27.66 -25.21
CHB HEC GA . 0.93 -27.68 -25.30
CHC HEC GA . 1.11 -31.38 -28.45
CHD HEC GA . 5.54 -32.28 -26.76
NA HEC GA . 3.33 -27.99 -25.40
C1A HEC GA . 4.44 -27.25 -25.03
C2A HEC GA . 3.99 -25.99 -24.44
C3A HEC GA . 2.66 -26.00 -24.46
C4A HEC GA . 2.21 -27.25 -25.06
CMA HEC GA . 1.75 -24.86 -23.93
CAA HEC GA . 4.90 -24.86 -23.89
CBA HEC GA . 5.08 -23.74 -24.92
CGA HEC GA . 5.73 -22.55 -24.23
O1A HEC GA . 6.60 -22.82 -23.36
O2A HEC GA . 5.38 -21.36 -24.50
NB HEC GA . 1.38 -29.54 -26.83
C1B HEC GA . 0.54 -28.63 -26.22
C2B HEC GA . -0.81 -28.89 -26.71
C3B HEC GA . -0.76 -29.93 -27.56
C4B HEC GA . 0.62 -30.35 -27.67
CMB HEC GA . -2.08 -28.12 -26.24
CAB HEC GA . -1.92 -30.59 -28.33
CBB HEC GA . -2.78 -29.90 -29.07
NC HEC GA . 3.31 -31.55 -27.40
C1C HEC GA . 2.32 -32.01 -28.25
C2C HEC GA . 2.80 -33.21 -28.90
C3C HEC GA . 4.03 -33.47 -28.39
C4C HEC GA . 4.38 -32.42 -27.47
CMC HEC GA . 2.00 -34.05 -29.92
CAC HEC GA . 4.96 -34.65 -28.78
CBC HEC GA . 5.18 -34.87 -30.07
ND HEC GA . 5.26 -29.92 -26.07
C1D HEC GA . 6.01 -31.07 -26.25
C2D HEC GA . 7.37 -30.77 -25.80
C3D HEC GA . 7.42 -29.50 -25.38
C4D HEC GA . 6.10 -28.95 -25.53
CMD HEC GA . 8.56 -31.75 -25.82
CAD HEC GA . 8.67 -28.79 -24.81
CBD HEC GA . 9.54 -28.24 -25.94
CGD HEC GA . 10.83 -27.63 -25.42
O1D HEC GA . 11.02 -27.44 -24.18
O2D HEC GA . 11.69 -27.35 -26.29
FE HEC HA . -3.05 -25.99 -20.46
CHA HEC HA . -0.64 -24.43 -18.70
CHB HEC HA . -0.80 -28.23 -21.73
CHC HEC HA . -5.63 -28.03 -21.23
CHD HEC HA . -5.22 -23.36 -19.91
NA HEC HA . -1.07 -26.32 -20.18
C1A HEC HA . -0.22 -25.41 -19.57
C2A HEC HA . 1.15 -25.70 -19.99
C3A HEC HA . 1.07 -26.75 -20.82
C4A HEC HA . -0.31 -27.17 -20.97
CMA HEC HA . 2.27 -27.43 -21.53
CAA HEC HA . 2.45 -24.94 -19.61
CBA HEC HA . 2.44 -23.58 -20.34
CGA HEC HA . 3.82 -22.98 -20.57
O1A HEC HA . 3.90 -21.88 -21.20
O2A HEC HA . 4.84 -23.56 -20.13
NB HEC HA . -3.19 -27.82 -21.38
C1B HEC HA . -2.13 -28.62 -21.77
C2B HEC HA . -2.69 -29.90 -22.17
C3B HEC HA . -4.03 -29.83 -22.08
C4B HEC HA . -4.37 -28.53 -21.53
CMB HEC HA . -1.88 -31.09 -22.72
CAB HEC HA . -5.07 -30.94 -22.33
CBB HEC HA . -4.89 -32.13 -21.73
NC HEC HA . -5.08 -25.74 -20.51
C1C HEC HA . -5.95 -26.72 -20.92
C2C HEC HA . -7.26 -26.12 -21.00
C3C HEC HA . -7.15 -24.81 -20.66
C4C HEC HA . -5.77 -24.56 -20.33
CMC HEC HA . -8.53 -26.87 -21.46
CAC HEC HA . -8.27 -23.74 -20.56
CBC HEC HA . -9.42 -23.99 -19.91
ND HEC HA . -2.95 -24.21 -19.47
C1D HEC HA . -3.96 -23.26 -19.35
C2D HEC HA . -3.44 -22.17 -18.54
C3D HEC HA . -2.17 -22.47 -18.21
C4D HEC HA . -1.84 -23.76 -18.78
CMD HEC HA . -4.24 -20.90 -18.16
CAD HEC HA . -1.25 -21.59 -17.34
CBD HEC HA . -0.31 -20.77 -18.22
CGD HEC HA . 0.57 -19.86 -17.41
O1D HEC HA . 0.65 -20.00 -16.17
O2D HEC HA . 1.24 -19.00 -18.03
FE HEC IA . -13.22 -21.44 -18.57
CHA HEC IA . -14.87 -22.05 -15.61
CHB HEC IA . -11.01 -19.42 -16.83
CHC HEC IA . -11.26 -21.32 -21.28
CHD HEC IA . -15.79 -22.74 -20.32
NA HEC IA . -13.02 -20.78 -16.59
C1A HEC IA . -13.73 -21.28 -15.51
C2A HEC IA . -13.05 -20.83 -14.29
C3A HEC IA . -12.00 -20.11 -14.65
C4A HEC IA . -11.96 -20.06 -16.09
CMA HEC IA . -11.00 -19.45 -13.67
CAA HEC IA . -13.39 -21.11 -12.82
CBA HEC IA . -13.35 -22.64 -12.67
CGA HEC IA . -11.95 -23.19 -12.52
O1A HEC IA . -11.80 -24.42 -12.26
O2A HEC IA . -10.99 -22.41 -12.66
NB HEC IA . -11.47 -20.53 -18.99
C1B HEC IA . -10.71 -19.77 -18.13
C2B HEC IA . -9.50 -19.39 -18.80
C3B HEC IA . -9.56 -19.87 -20.07
C4B HEC IA . -10.80 -20.63 -20.18
CMB HEC IA . -8.42 -18.50 -18.12
CAB HEC IA . -8.49 -19.76 -21.17
CBB HEC IA . -7.20 -20.02 -20.86
NC HEC IA . -13.47 -21.97 -20.44
C1C HEC IA . -12.55 -21.79 -21.45
C2C HEC IA . -13.18 -22.16 -22.70
C3C HEC IA . -14.45 -22.55 -22.43
C4C HEC IA . -14.63 -22.44 -20.99
CMC HEC IA . -12.47 -22.10 -24.06
CAC HEC IA . -15.58 -23.06 -23.36
CBC HEC IA . -15.33 -23.81 -24.43
ND HEC IA . -15.01 -22.19 -18.05
C1D HEC IA . -15.90 -22.75 -18.95
C2D HEC IA . -16.97 -23.36 -18.21
C3D HEC IA . -16.73 -23.16 -16.89
C4D HEC IA . -15.49 -22.44 -16.78
CMD HEC IA . -18.17 -24.06 -18.88
CAD HEC IA . -17.56 -23.62 -15.68
CBD HEC IA . -18.34 -22.41 -15.20
CGD HEC IA . -19.47 -22.26 -16.20
O1D HEC IA . -20.15 -23.29 -16.45
O2D HEC IA . -19.68 -21.14 -16.73
S SO4 JA . 10.48 -35.55 -19.38
O1 SO4 JA . 10.24 -34.50 -20.36
O2 SO4 JA . 9.91 -35.08 -18.11
O3 SO4 JA . 11.92 -35.82 -19.27
O4 SO4 JA . 9.83 -36.76 -19.87
FE HEC KA . -25.97 -19.05 16.20
CHA HEC KA . -26.95 -21.46 13.97
CHB HEC KA . -27.17 -20.93 18.79
CHC HEC KA . -24.34 -16.96 18.54
CHD HEC KA . -25.23 -16.88 13.71
NA HEC KA . -26.87 -20.89 16.35
C1A HEC KA . -27.25 -21.70 15.30
C2A HEC KA . -28.00 -22.84 15.84
C3A HEC KA . -28.06 -22.68 17.18
C4A HEC KA . -27.35 -21.45 17.52
CMA HEC KA . -28.73 -23.59 18.21
CAA HEC KA . -28.63 -23.95 15.00
CBA HEC KA . -27.54 -24.92 14.53
CGA HEC KA . -27.18 -25.83 15.68
O1A HEC KA . -28.01 -26.70 16.03
O2A HEC KA . -26.05 -25.66 16.23
NB HEC KA . -25.81 -18.92 18.30
C1B HEC KA . -26.35 -19.87 19.16
C2B HEC KA . -25.91 -19.58 20.49
C3B HEC KA . -25.12 -18.47 20.47
C4B HEC KA . -25.04 -18.04 19.07
CMB HEC KA . -26.31 -20.42 21.73
CAB HEC KA . -24.44 -17.80 21.66
CBB HEC KA . -23.11 -17.58 21.63
NC HEC KA . -24.91 -17.28 16.14
C1C HEC KA . -24.43 -16.54 17.20
C2C HEC KA . -24.04 -15.23 16.71
C3C HEC KA . -24.29 -15.19 15.37
C4C HEC KA . -24.84 -16.49 15.00
CMC HEC KA . -23.44 -14.10 17.58
CAC HEC KA . -24.05 -14.05 14.34
CBC HEC KA . -22.96 -13.26 14.29
ND HEC KA . -26.07 -19.15 14.21
C1D HEC KA . -25.69 -18.14 13.34
C2D HEC KA . -25.87 -18.68 11.98
C3D HEC KA . -26.34 -19.94 12.08
C4D HEC KA . -26.47 -20.26 13.46
CMD HEC KA . -25.57 -17.93 10.66
CAD HEC KA . -26.68 -20.92 10.95
CBD HEC KA . -25.41 -21.52 10.35
CGD HEC KA . -24.80 -22.61 11.21
O1D HEC KA . -25.51 -23.27 12.02
O2D HEC KA . -23.55 -22.81 11.13
FE HEC LA . -36.82 -9.33 1.36
CHA HEC LA . -36.06 -8.49 -1.90
CHB HEC LA . -40.02 -8.22 0.93
CHC HEC LA . -37.62 -10.54 4.49
CHD HEC LA . -33.46 -9.84 1.98
NA HEC LA . -37.87 -8.58 -0.24
C1A HEC LA . -37.32 -8.14 -1.43
C2A HEC LA . -38.28 -7.29 -2.09
C3A HEC LA . -39.38 -7.23 -1.29
C4A HEC LA . -39.14 -8.04 -0.11
CMA HEC LA . -40.68 -6.45 -1.55
CAA HEC LA . -37.99 -6.61 -3.46
CBA HEC LA . -38.72 -7.31 -4.62
CGA HEC LA . -38.33 -8.76 -4.81
O1A HEC LA . -37.18 -9.00 -5.28
O2A HEC LA . -39.18 -9.65 -4.52
NB HEC LA . -38.50 -9.35 2.50
C1B HEC LA . -39.73 -8.83 2.12
C2B HEC LA . -40.67 -9.08 3.20
C3B HEC LA . -40.02 -9.71 4.22
C4B HEC LA . -38.64 -9.92 3.78
CMB HEC LA . -42.17 -8.63 3.16
CAB HEC LA . -40.62 -10.19 5.51
CBB HEC LA . -41.66 -11.03 5.48
NC HEC LA . -35.74 -10.07 2.95
C1C HEC LA . -36.27 -10.48 4.15
C2C HEC LA . -35.18 -10.84 5.02
C3C HEC LA . -34.01 -10.63 4.33
C4C HEC LA . -34.37 -10.16 3.00
CMC HEC LA . -35.30 -11.34 6.48
CAC HEC LA . -32.57 -10.83 4.81
CBC HEC LA . -32.09 -11.96 5.33
ND HEC LA . -35.06 -9.17 0.24
C1D HEC LA . -33.78 -9.51 0.67
C2D HEC LA . -32.90 -9.43 -0.49
C3D HEC LA . -33.64 -9.05 -1.56
C4D HEC LA . -35.00 -8.88 -1.12
CMD HEC LA . -31.39 -9.71 -0.54
CAD HEC LA . -33.15 -8.81 -2.99
CBD HEC LA . -32.82 -7.31 -3.12
CGD HEC LA . -32.47 -6.92 -4.53
O1D HEC LA . -32.25 -7.83 -5.38
O2D HEC LA . -32.40 -5.69 -4.82
FE HEC MA . -29.38 -17.41 7.22
CHA HEC MA . -30.07 -20.67 8.12
CHB HEC MA . -28.58 -18.43 4.05
CHC HEC MA . -29.50 -14.19 6.25
CHD HEC MA . -29.11 -16.51 10.49
NA HEC MA . -29.30 -19.26 6.26
C1A HEC MA . -29.69 -20.48 6.80
C2A HEC MA . -29.66 -21.46 5.72
C3A HEC MA . -29.24 -20.84 4.61
C4A HEC MA . -29.02 -19.43 4.91
CMA HEC MA . -29.04 -21.53 3.24
CAA HEC MA . -29.99 -22.97 5.80
CBA HEC MA . -31.44 -23.20 5.39
CGA HEC MA . -31.72 -24.68 5.18
O1A HEC MA . -31.04 -25.45 5.89
O2A HEC MA . -32.52 -25.09 4.30
NB HEC MA . -29.10 -16.48 5.43
C1B HEC MA . -28.76 -17.06 4.22
C2B HEC MA . -28.65 -15.99 3.24
C3B HEC MA . -28.86 -14.82 3.87
C4B HEC MA . -29.18 -15.11 5.25
CMB HEC MA . -28.27 -16.16 1.75
CAB HEC MA . -28.91 -13.39 3.28
CBB HEC MA . -29.73 -13.14 2.26
NC HEC MA . -29.29 -15.64 8.22
C1C HEC MA . -29.41 -14.40 7.62
C2C HEC MA . -29.44 -13.40 8.66
C3C HEC MA . -29.30 -14.04 9.84
C4C HEC MA . -29.23 -15.46 9.58
CMC HEC MA . -29.55 -11.88 8.41
CAC HEC MA . -29.28 -13.38 11.24
CBC HEC MA . -30.27 -12.56 11.55
ND HEC MA . -29.57 -18.42 9.01
C1D HEC MA . -29.40 -17.84 10.25
C2D HEC MA . -29.57 -18.91 11.23
C3D HEC MA . -29.83 -20.07 10.59
C4D HEC MA . -29.84 -19.77 9.16
CMD HEC MA . -29.46 -18.73 12.77
CAD HEC MA . -30.09 -21.46 11.23
CBD HEC MA . -31.58 -21.55 11.59
CGD HEC MA . -32.00 -22.84 12.27
O1D HEC MA . -31.19 -23.82 12.29
O2D HEC MA . -33.16 -22.88 12.77
FE HEC NA . -24.20 -20.52 -0.19
CHA HEC NA . -24.31 -23.75 1.04
CHB HEC NA . -24.89 -19.32 2.96
CHC HEC NA . -23.10 -17.47 -1.16
CHD HEC NA . -23.98 -21.74 -3.36
NA HEC NA . -24.44 -21.39 1.70
C1A HEC NA . -24.64 -22.74 1.91
C2A HEC NA . -25.28 -22.91 3.20
C3A HEC NA . -25.44 -21.70 3.73
C4A HEC NA . -24.91 -20.71 2.80
CMA HEC NA . -26.06 -21.44 5.10
CAA HEC NA . -25.73 -24.24 3.85
CBA HEC NA . -26.97 -24.73 3.09
CGA HEC NA . -27.82 -25.70 3.89
O1A HEC NA . -28.89 -26.14 3.38
O2A HEC NA . -27.41 -26.06 5.04
NB HEC NA . -24.07 -18.71 0.73
C1B HEC NA . -24.32 -18.45 2.07
C2B HEC NA . -23.90 -17.10 2.34
C3B HEC NA . -23.42 -16.58 1.19
C4B HEC NA . -23.52 -17.60 0.14
CMB HEC NA . -24.01 -16.39 3.70
CAB HEC NA . -22.81 -15.17 0.96
CBB HEC NA . -21.84 -14.75 1.79
NC HEC NA . -23.58 -19.75 -1.96
C1C HEC NA . -23.29 -18.42 -2.18
C2C HEC NA . -23.24 -18.21 -3.61
C3C HEC NA . -23.50 -19.38 -4.21
C4C HEC NA . -23.71 -20.39 -3.18
CMC HEC NA . -22.96 -16.86 -4.31
CAC HEC NA . -23.54 -19.68 -5.74
CBC HEC NA . -22.59 -19.25 -6.57
ND HEC NA . -24.15 -22.41 -1.01
C1D HEC NA . -24.05 -22.70 -2.36
C2D HEC NA . -24.04 -24.14 -2.49
C3D HEC NA . -24.12 -24.69 -1.28
C4D HEC NA . -24.21 -23.62 -0.32
CMD HEC NA . -23.93 -24.96 -3.81
CAD HEC NA . -24.14 -26.19 -0.94
CBD HEC NA . -25.56 -26.66 -0.66
CGD HEC NA . -25.53 -28.16 -0.40
O1D HEC NA . -24.41 -28.70 -0.29
O2D HEC NA . -26.60 -28.81 -0.31
FE HEC OA . -21.54 -20.14 -11.19
CHA HEC OA . -18.25 -20.33 -12.09
CHB HEC OA . -21.62 -23.53 -10.81
CHC HEC OA . -24.43 -19.84 -9.53
CHD HEC OA . -21.81 -17.05 -12.53
NA HEC OA . -20.18 -21.68 -11.48
C1A HEC OA . -18.84 -21.53 -11.72
C2A HEC OA . -18.20 -22.82 -11.51
C3A HEC OA . -19.13 -23.71 -11.18
C4A HEC OA . -20.40 -23.00 -11.14
CMA HEC OA . -18.90 -25.21 -10.87
CAA HEC OA . -16.70 -23.15 -11.67
CBA HEC OA . -15.89 -22.32 -10.69
CGA HEC OA . -15.76 -23.01 -9.38
O1A HEC OA . -14.93 -22.57 -8.54
O2A HEC OA . -16.44 -24.03 -9.21
NB HEC OA . -22.83 -21.45 -10.36
C1B HEC OA . -22.62 -22.80 -10.21
C2B HEC OA . -23.63 -23.33 -9.32
C3B HEC OA . -24.45 -22.31 -8.97
C4B HEC OA . -23.94 -21.11 -9.62
CMB HEC OA . -23.76 -24.80 -8.89
CAB HEC OA . -25.66 -22.37 -8.01
CBB HEC OA . -25.57 -23.02 -6.84
NC HEC OA . -22.86 -18.68 -11.03
C1C HEC OA . -24.05 -18.77 -10.33
C2C HEC OA . -24.81 -17.56 -10.57
C3C HEC OA . -24.09 -16.79 -11.43
C4C HEC OA . -22.85 -17.48 -11.72
CMC HEC OA . -26.20 -17.28 -9.97
CAC HEC OA . -24.50 -15.38 -11.99
CBC HEC OA . -25.13 -14.46 -11.25
ND HEC OA . -20.26 -18.91 -12.15
C1D HEC OA . -20.58 -17.66 -12.64
C2D HEC OA . -19.38 -17.10 -13.25
C3D HEC OA . -18.39 -18.01 -13.10
C4D HEC OA . -18.92 -19.17 -12.42
CMD HEC OA . -19.30 -15.71 -13.91
CAD HEC OA . -16.93 -17.88 -13.61
CBD HEC OA . -16.76 -18.81 -14.82
CGD HEC OA . -17.50 -18.17 -15.98
O1D HEC OA . -17.32 -16.94 -16.24
O2D HEC OA . -18.28 -18.90 -16.65
S SO4 PA . -23.04 -20.81 16.54
O1 SO4 PA . -23.39 -21.03 17.95
O2 SO4 PA . -22.39 -19.51 16.42
O3 SO4 PA . -24.23 -20.85 15.71
O4 SO4 PA . -22.10 -21.83 16.04
#